data_8HF0
#
_entry.id   8HF0
#
_cell.length_a   1.00
_cell.length_b   1.00
_cell.length_c   1.00
_cell.angle_alpha   90.00
_cell.angle_beta   90.00
_cell.angle_gamma   90.00
#
_symmetry.space_group_name_H-M   'P 1'
#
loop_
_entity.id
_entity.type
_entity.pdbx_description
1 polymer 'Dicer-2, isoform A'
2 polymer 'Loquacious, isoform D'
3 polymer LD06392p
4 polymer 'RNA (52-MER)'
#
loop_
_entity_poly.entity_id
_entity_poly.type
_entity_poly.pdbx_seq_one_letter_code
_entity_poly.pdbx_strand_id
1 'polypeptide(L)'
;MEDVEIKPRGYQLRLVDHLTKSNGIVYLPTGSGKTFVAILVLKRFSQDFDKPIESGGKRALFMCNTVELARQQAMAVRRC
TNFKVGFYVGEQGVDDWTRGMWSDEIKKNQVLVGTAQVFLDMVTQTYVALSSLSVVIIDECHHGTGHHPFREFMRLFTIA
NQTKLPRVVGLTGVLIKGNEITNVATKLKELEITYRGNIITVSDTKEMENVMLYATKPTEVMVSFPHQEQVLTVTRLISA
EIEKFYVSLDLMNIGVQPIRRSKSLQCLRDPSKKSFVKQLFNDFLYQMKEYGIYAASIAIISLIVEFDIKRRQAETLSVK
LMHRTALTLCEKIRHLLVQKLQDMTYDDDDDNVNTEEVIMNFSTPKVQRFLMSLKVSFADKDPKDICCLVFVERRYTCKC
IYGLLLNYIQSTPELRNVLTPQFMVGRNNISPDFESVLERKWQKSAIQQFRDGNANLMICSSVLEEGIDVQACNHVFILD
PVKTFNMYVQSKGRARTTEAKFVLFTADKEREKTIQQIYQYRKAHNDIAEYLKDRVLEKTEPELYEIKGHFQDDIDPFTN
ENGAVLLPNNALAILHRYCQTIPTDAFGFVIPWFHVLQEDERDRIFGVSAKGKHVISINMPVNCMLRDTIYSDPMDNVKT
AKISAAFKACKVLYSLGELNERFVPKTLKERVASIADVHFEHWNKYGDSVTATVNKADKSKDRTYKTECPLEFYDALPRV
GEICYAYEIFLEPQFESCEYTEHMYLNLQTPRNYAILLRNKLPRLAEMPLFSNQGKLHVRVANAPLEVIIQNSEQLELLH
QFHGMVFRDILKIWHPFFVLDRRSKENSYLVVPLILGAGEQKCFDWELMTNFRRLPQSHGSNVQQREQQPAPRPEDFEGK
IVTQWYANYDKPMLVTKVHRELTPLSYMEKNQQDKTYYEFTMSKYGNRIGDVVHKDKFMIEVRDLTEQLTFYVHNRGKFN
AKSKAKMKVILIPELCFNFNFPGDLWLKLIFLPSILNRMYFLLHAEALRKRFNTYLNLHLLPFNGTDYMPRPLEIDYSLK
RNVDPLGNVIPTEDIEEPKSLLEPMPTKSIEASVANLEITEFENPWQKYMEPVDLSRNLLSTYPVELDYYYHFSVGNVCE
MNEMDFEDKEYWAKNQFHMPTGNIYGNRTPAKTNANVPALMPSKPTVRGKVKPLLILQKTVSKEHITPAEQGEFLAAITA
SSAADVFDMERLEILGNSFLKLSATLYLASKYSDWNEGTLTEVKSKLVSNRNLLFCLIDADIPKTLNTIQFTPRYTWLPP
GISLPHNVLALWRENPEFAKIIGPHNLRDLALGDEESLVKGNCSDINYNRFVEGCRANGQSFYAGADFSSEVNFCVGLVT
IPNKVIADTLEALLGVIVKNYGLQHAFKMLEYFKICRADIDKPLTQLLNLELGGKKMRANVNTTEIDGFLINHYYLEKNL
GYTFKDRRYLLQALTHPSYPTNRITGSYQELEFIGNAILDFLISAYIFENNTKMNPGALTDLRSALVNNTTLACICVRHR
LHFFILAENAKLSEIISKFVNFQESQGHRVTNYVRILLEEADVQPTPLDLDDELDMTELPHANKCISQEAEKGVPPKGEF
NMSTNVDVPKALGDVLEALIAAVYLDCRDLQRTWEVIFNLFEPELQEFTRKVPINHIRQLVEHKHAKPVFSSPIVEGETV
MVSCQFTCMEKTIKVYGFGSNKDQAKLSAAKHALQQLSKCDA
;
A,D
2 'polypeptide(L)'
;MDQENFHGSSLPQQLQNLHIQPQQASPNPVQTGFAPRRHYNNLVGLGNGNAVSGSPVKGAPLGQRHVKLKKEKISAQVAQ
LSQPGQLQLSDVGDPALAGGSGLQGGVGLMGVILPSDEALKFVSETDANGLAMKTPVSILQELLSRRGITPGYELVQIEG
AIHEPTFRFRVSFKDKDTPFTAMGAGRSKKEAKHAAARALIDKLIGAQLPESPSSSAGPSVTGLTVAGSGGDGNANATGG
GDASDKTVGNPIGWLQEMCMQRRWPPPSYETETEVGLPHERLFTIACSILNYREMGKGKSKKIAKRLAAHRMWMRLQETP
IDSGKISDSICGELEGEVSIIQDIDRYEQVSKDFEFIKI
;
B
3 'polypeptide(L)'
;MDNKSAVSALQEFCARTQINLPTYSFIPGEDGGYVCKVELLEIEALGNGRSKRDAKHLAASNILRKIQLLPGIHGLMKDS
TVGDLDEELTNLNRDMVKELRDYCVRREMPLPCIEVVQQSGTPSAPEFVACCSVASIVRYGKSDKKKDARQRAAIEMLAL
ISSNSDNLRPDQMQVASTSKLKVVDMEESMEELEALRRKKFTTYWELKEAGSVDHTGMRLCDRHNYFKNFYPTLKKEAIE
AINSDEYESSKDKAMDVMSSLKITPKISEVESSSLVPLLSVELNCAFDVVLMAKETDIYDHIIDYFRTMLI
;
C,E
4 'polyribonucleotide' GAGACUUGGGCAAUGUGACUGCUGAUCAGCAGUCACAUUGCCCAAGUCUCUU P,N
#
loop_
_chem_comp.id
_chem_comp.type
_chem_comp.name
_chem_comp.formula
A RNA linking ADENOSINE-5'-MONOPHOSPHATE 'C10 H14 N5 O7 P'
C RNA linking CYTIDINE-5'-MONOPHOSPHATE 'C9 H14 N3 O8 P'
G RNA linking GUANOSINE-5'-MONOPHOSPHATE 'C10 H14 N5 O8 P'
U RNA linking URIDINE-5'-MONOPHOSPHATE 'C9 H13 N2 O9 P'
#
# COMPACT_ATOMS: atom_id res chain seq x y z
N GLU A 2 -30.29 44.44 10.92
CA GLU A 2 -29.73 43.60 9.86
C GLU A 2 -28.77 42.56 10.44
N ASP A 3 -29.26 41.34 10.61
CA ASP A 3 -28.48 40.24 11.16
C ASP A 3 -28.61 39.02 10.27
N VAL A 4 -27.55 38.19 10.27
CA VAL A 4 -27.63 36.90 9.58
C VAL A 4 -28.71 36.04 10.21
N GLU A 5 -28.78 36.05 11.54
CA GLU A 5 -29.87 35.37 12.26
C GLU A 5 -31.10 36.26 12.24
N ILE A 6 -32.20 35.74 11.69
CA ILE A 6 -33.44 36.52 11.63
C ILE A 6 -34.01 36.69 13.04
N LYS A 7 -34.38 37.92 13.37
CA LYS A 7 -34.83 38.31 14.70
C LYS A 7 -36.33 38.09 14.85
N PRO A 8 -36.77 37.36 15.87
CA PRO A 8 -38.21 37.20 16.10
C PRO A 8 -38.86 38.53 16.46
N ARG A 9 -39.97 38.83 15.80
CA ARG A 9 -40.67 40.09 16.02
C ARG A 9 -41.61 39.99 17.22
N GLY A 10 -42.08 41.16 17.67
CA GLY A 10 -42.97 41.19 18.82
C GLY A 10 -44.28 40.48 18.55
N TYR A 11 -44.90 40.75 17.40
CA TYR A 11 -46.12 40.06 17.03
C TYR A 11 -45.88 38.59 16.79
N GLN A 12 -44.74 38.24 16.17
CA GLN A 12 -44.39 36.85 15.98
C GLN A 12 -44.22 36.13 17.32
N LEU A 13 -43.54 36.80 18.27
CA LEU A 13 -43.36 36.20 19.58
C LEU A 13 -44.69 36.07 20.32
N ARG A 14 -45.58 37.05 20.16
CA ARG A 14 -46.92 36.96 20.75
C ARG A 14 -47.68 35.77 20.20
N LEU A 15 -47.63 35.58 18.88
CA LEU A 15 -48.30 34.43 18.28
C LEU A 15 -47.69 33.12 18.75
N VAL A 16 -46.35 33.06 18.86
CA VAL A 16 -45.69 31.85 19.34
C VAL A 16 -46.11 31.54 20.76
N ASP A 17 -46.18 32.57 21.61
CA ASP A 17 -46.61 32.36 23.00
C ASP A 17 -48.05 31.89 23.05
N HIS A 18 -48.92 32.46 22.21
CA HIS A 18 -50.31 32.01 22.17
C HIS A 18 -50.40 30.54 21.75
N LEU A 19 -49.61 30.16 20.74
CA LEU A 19 -49.63 28.76 20.30
C LEU A 19 -49.05 27.83 21.35
N THR A 20 -48.07 28.30 22.12
CA THR A 20 -47.56 27.52 23.24
C THR A 20 -48.64 27.34 24.31
N LYS A 21 -49.41 28.39 24.56
CA LYS A 21 -50.50 28.28 25.53
C LYS A 21 -51.63 27.41 25.00
N SER A 22 -51.96 27.54 23.72
CA SER A 22 -53.05 26.77 23.12
C SER A 22 -52.82 26.63 21.63
N ASN A 23 -53.00 25.41 21.13
CA ASN A 23 -52.86 25.15 19.71
C ASN A 23 -54.00 25.81 18.92
N GLY A 24 -53.78 25.99 17.64
CA GLY A 24 -54.78 26.64 16.81
C GLY A 24 -54.28 26.83 15.39
N ILE A 25 -55.08 27.58 14.62
CA ILE A 25 -54.81 27.86 13.22
C ILE A 25 -54.19 29.24 13.10
N VAL A 26 -53.10 29.35 12.37
CA VAL A 26 -52.40 30.60 12.16
C VAL A 26 -52.70 31.08 10.75
N TYR A 27 -53.40 32.21 10.64
CA TYR A 27 -53.79 32.79 9.35
C TYR A 27 -52.95 34.05 9.13
N LEU A 28 -52.01 33.98 8.19
CA LEU A 28 -51.11 35.08 7.91
C LEU A 28 -50.98 35.30 6.41
N PRO A 29 -50.75 36.55 6.00
CA PRO A 29 -50.47 36.81 4.59
C PRO A 29 -49.12 36.24 4.17
N THR A 30 -48.87 36.30 2.87
CA THR A 30 -47.65 35.72 2.31
C THR A 30 -46.41 36.45 2.81
N GLY A 31 -45.34 35.70 3.01
CA GLY A 31 -44.09 36.28 3.43
C GLY A 31 -43.18 35.23 4.04
N SER A 32 -41.92 35.63 4.25
CA SER A 32 -40.97 34.74 4.92
C SER A 32 -41.29 34.61 6.39
N GLY A 33 -41.86 35.65 7.01
CA GLY A 33 -42.31 35.54 8.39
C GLY A 33 -43.41 34.52 8.58
N LYS A 34 -44.17 34.23 7.53
CA LYS A 34 -45.21 33.21 7.60
C LYS A 34 -44.63 31.86 8.00
N THR A 35 -43.45 31.52 7.48
CA THR A 35 -42.74 30.33 7.91
C THR A 35 -41.83 30.59 9.11
N PHE A 36 -41.39 31.83 9.30
CA PHE A 36 -40.54 32.16 10.44
C PHE A 36 -41.28 31.93 11.76
N VAL A 37 -42.57 32.26 11.80
CA VAL A 37 -43.34 32.02 13.02
C VAL A 37 -43.40 30.53 13.32
N ALA A 38 -43.58 29.69 12.29
CA ALA A 38 -43.58 28.26 12.50
C ALA A 38 -42.23 27.76 12.98
N ILE A 39 -41.14 28.31 12.41
CA ILE A 39 -39.80 27.92 12.84
C ILE A 39 -39.59 28.29 14.30
N LEU A 40 -40.06 29.47 14.71
CA LEU A 40 -39.94 29.88 16.10
C LEU A 40 -40.74 28.96 17.02
N VAL A 41 -41.95 28.58 16.61
CA VAL A 41 -42.75 27.67 17.43
C VAL A 41 -42.05 26.33 17.57
N LEU A 42 -41.48 25.82 16.47
CA LEU A 42 -40.74 24.56 16.54
C LEU A 42 -39.54 24.68 17.47
N LYS A 43 -38.82 25.80 17.40
CA LYS A 43 -37.67 26.01 18.29
C LYS A 43 -38.12 26.12 19.74
N ARG A 44 -39.34 26.58 19.98
CA ARG A 44 -39.84 26.73 21.35
C ARG A 44 -39.89 25.39 22.07
N PHE A 45 -40.35 24.34 21.39
CA PHE A 45 -40.50 23.02 21.99
C PHE A 45 -39.34 22.10 21.68
N SER A 46 -38.15 22.65 21.45
CA SER A 46 -36.97 21.88 21.09
C SER A 46 -36.20 21.33 22.30
N GLN A 47 -36.80 21.37 23.49
CA GLN A 47 -36.08 20.98 24.70
C GLN A 47 -35.74 19.49 24.70
N ASP A 48 -36.69 18.64 24.30
CA ASP A 48 -36.55 17.20 24.44
C ASP A 48 -35.98 16.52 23.20
N PHE A 49 -35.41 17.29 22.27
CA PHE A 49 -34.85 16.68 21.05
C PHE A 49 -33.63 15.82 21.36
N ASP A 50 -32.77 16.27 22.27
CA ASP A 50 -31.54 15.55 22.54
C ASP A 50 -31.76 14.22 23.27
N LYS A 51 -32.90 14.05 23.93
CA LYS A 51 -33.16 12.82 24.65
C LYS A 51 -33.57 11.71 23.70
N PRO A 52 -33.26 10.45 24.03
CA PRO A 52 -33.63 9.34 23.16
C PRO A 52 -35.15 9.12 23.15
N ILE A 53 -35.60 8.45 22.08
CA ILE A 53 -37.03 8.24 21.88
C ILE A 53 -37.61 7.40 23.01
N GLU A 54 -36.90 6.34 23.41
CA GLU A 54 -37.43 5.44 24.43
C GLU A 54 -37.61 6.16 25.77
N SER A 55 -36.71 7.08 26.11
CA SER A 55 -36.80 7.85 27.34
C SER A 55 -37.86 8.95 27.27
N GLY A 56 -38.71 8.94 26.25
CA GLY A 56 -39.72 9.97 26.09
C GLY A 56 -39.27 11.20 25.33
N GLY A 57 -38.09 11.16 24.71
CA GLY A 57 -37.61 12.29 23.95
C GLY A 57 -38.48 12.62 22.77
N LYS A 58 -39.18 13.75 22.84
CA LYS A 58 -40.11 14.11 21.80
C LYS A 58 -39.36 14.56 20.54
N ARG A 59 -40.10 14.63 19.43
CA ARG A 59 -39.56 15.04 18.15
C ARG A 59 -40.53 16.03 17.50
N ALA A 60 -40.05 16.69 16.45
CA ALA A 60 -40.83 17.67 15.70
C ALA A 60 -41.20 17.10 14.34
N LEU A 61 -42.46 17.28 13.96
CA LEU A 61 -42.98 16.80 12.69
C LEU A 61 -43.50 17.99 11.90
N PHE A 62 -43.03 18.13 10.67
CA PHE A 62 -43.48 19.18 9.76
C PHE A 62 -44.11 18.51 8.54
N MET A 63 -45.43 18.42 8.54
CA MET A 63 -46.16 17.74 7.48
C MET A 63 -46.60 18.76 6.44
N CYS A 64 -46.45 18.39 5.17
CA CYS A 64 -46.65 19.31 4.06
C CYS A 64 -47.56 18.71 3.01
N ASN A 65 -48.05 19.57 2.12
CA ASN A 65 -48.98 19.13 1.08
C ASN A 65 -48.25 18.60 -0.15
N THR A 66 -47.16 19.26 -0.56
CA THR A 66 -46.44 18.87 -1.76
C THR A 66 -44.98 18.62 -1.43
N VAL A 67 -44.28 17.97 -2.35
CA VAL A 67 -42.86 17.66 -2.14
C VAL A 67 -42.02 18.93 -2.21
N GLU A 68 -42.34 19.83 -3.13
CA GLU A 68 -41.51 21.02 -3.34
C GLU A 68 -41.54 21.95 -2.13
N LEU A 69 -42.73 22.27 -1.65
CA LEU A 69 -42.81 23.15 -0.48
C LEU A 69 -42.29 22.45 0.77
N ALA A 70 -42.41 21.12 0.82
CA ALA A 70 -41.80 20.37 1.91
C ALA A 70 -40.28 20.53 1.88
N ARG A 71 -39.68 20.47 0.69
CA ARG A 71 -38.26 20.70 0.56
C ARG A 71 -37.88 22.12 0.98
N GLN A 72 -38.70 23.09 0.59
CA GLN A 72 -38.45 24.48 0.97
C GLN A 72 -38.46 24.64 2.48
N GLN A 73 -39.47 24.07 3.15
CA GLN A 73 -39.55 24.18 4.60
C GLN A 73 -38.41 23.42 5.26
N ALA A 74 -38.01 22.27 4.71
CA ALA A 74 -36.90 21.51 5.29
C ALA A 74 -35.61 22.31 5.21
N MET A 75 -35.31 22.89 4.05
CA MET A 75 -34.08 23.68 3.94
C MET A 75 -34.16 24.94 4.79
N ALA A 76 -35.34 25.55 4.91
CA ALA A 76 -35.48 26.73 5.76
C ALA A 76 -35.20 26.40 7.22
N VAL A 77 -35.78 25.30 7.73
CA VAL A 77 -35.57 24.95 9.12
C VAL A 77 -34.16 24.42 9.34
N ARG A 78 -33.50 23.90 8.30
CA ARG A 78 -32.10 23.53 8.44
C ARG A 78 -31.20 24.76 8.50
N ARG A 79 -31.54 25.80 7.73
CA ARG A 79 -30.71 27.00 7.70
C ARG A 79 -30.96 27.91 8.90
N CYS A 80 -32.14 27.87 9.50
CA CYS A 80 -32.47 28.74 10.62
C CYS A 80 -32.29 28.07 11.98
N THR A 81 -32.07 26.77 12.03
CA THR A 81 -31.92 26.05 13.28
C THR A 81 -30.70 25.14 13.21
N ASN A 82 -30.14 24.84 14.38
CA ASN A 82 -29.04 23.91 14.51
C ASN A 82 -29.49 22.48 14.76
N PHE A 83 -30.80 22.26 14.88
CA PHE A 83 -31.31 20.91 15.15
C PHE A 83 -31.20 20.04 13.92
N LYS A 84 -31.10 18.73 14.14
CA LYS A 84 -31.01 17.77 13.05
C LYS A 84 -32.40 17.57 12.45
N VAL A 85 -32.52 17.79 11.14
CA VAL A 85 -33.80 17.71 10.44
C VAL A 85 -33.67 16.71 9.30
N GLY A 86 -34.73 15.93 9.10
CA GLY A 86 -34.75 14.93 8.04
C GLY A 86 -35.82 15.24 7.02
N PHE A 87 -35.60 14.78 5.79
CA PHE A 87 -36.51 15.00 4.67
C PHE A 87 -37.00 13.64 4.19
N TYR A 88 -38.32 13.49 4.05
CA TYR A 88 -38.92 12.18 3.76
C TYR A 88 -40.06 12.38 2.76
N VAL A 89 -39.83 11.97 1.51
CA VAL A 89 -40.87 11.92 0.50
C VAL A 89 -40.89 10.52 -0.10
N GLY A 90 -42.01 10.19 -0.74
CA GLY A 90 -42.21 8.84 -1.23
C GLY A 90 -41.18 8.42 -2.26
N GLU A 91 -40.72 9.36 -3.09
CA GLU A 91 -39.80 9.02 -4.16
C GLU A 91 -38.40 8.68 -3.68
N GLN A 92 -38.09 8.92 -2.40
CA GLN A 92 -36.77 8.61 -1.88
C GLN A 92 -36.59 7.15 -1.49
N GLY A 93 -37.64 6.34 -1.62
CA GLY A 93 -37.55 4.96 -1.17
C GLY A 93 -37.71 4.80 0.33
N VAL A 94 -38.58 5.60 0.94
CA VAL A 94 -38.75 5.55 2.39
C VAL A 94 -39.31 4.21 2.84
N ASP A 95 -40.19 3.61 2.04
CA ASP A 95 -40.94 2.46 2.51
C ASP A 95 -40.08 1.21 2.66
N ASP A 96 -39.04 1.05 1.83
CA ASP A 96 -38.21 -0.15 1.95
C ASP A 96 -37.32 -0.13 3.19
N TRP A 97 -37.42 0.92 4.01
CA TRP A 97 -36.65 1.04 5.23
C TRP A 97 -37.12 0.03 6.28
N THR A 98 -36.23 -0.29 7.21
CA THR A 98 -36.45 -1.32 8.21
C THR A 98 -36.58 -0.67 9.59
N ARG A 99 -37.42 -1.29 10.43
CA ARG A 99 -37.73 -0.79 11.77
C ARG A 99 -36.51 -0.31 12.54
N GLY A 100 -35.42 -1.07 12.50
CA GLY A 100 -34.20 -0.69 13.20
C GLY A 100 -33.61 0.63 12.74
N MET A 101 -33.25 0.72 11.46
CA MET A 101 -32.68 1.97 10.98
C MET A 101 -33.73 3.07 10.84
N TRP A 102 -35.00 2.71 10.70
CA TRP A 102 -36.05 3.73 10.79
C TRP A 102 -36.05 4.37 12.17
N SER A 103 -35.94 3.56 13.21
CA SER A 103 -35.88 4.09 14.57
C SER A 103 -34.60 4.89 14.80
N ASP A 104 -33.47 4.41 14.28
CA ASP A 104 -32.23 5.14 14.59
C ASP A 104 -32.11 6.41 13.77
N GLU A 105 -32.79 6.50 12.62
CA GLU A 105 -32.85 7.79 11.91
C GLU A 105 -33.82 8.74 12.59
N ILE A 106 -34.90 8.21 13.17
CA ILE A 106 -35.74 9.05 14.03
C ILE A 106 -34.91 9.60 15.19
N LYS A 107 -34.04 8.76 15.75
CA LYS A 107 -33.10 9.23 16.77
C LYS A 107 -32.18 10.31 16.21
N LYS A 108 -31.64 10.08 15.02
CA LYS A 108 -30.64 10.99 14.46
C LYS A 108 -31.26 12.34 14.11
N ASN A 109 -32.41 12.34 13.45
CA ASN A 109 -33.05 13.57 12.99
C ASN A 109 -34.06 14.01 14.04
N GLN A 110 -33.79 15.15 14.68
CA GLN A 110 -34.68 15.66 15.71
C GLN A 110 -35.95 16.27 15.13
N VAL A 111 -35.93 16.66 13.86
CA VAL A 111 -37.08 17.23 13.17
C VAL A 111 -37.32 16.45 11.89
N LEU A 112 -38.59 16.16 11.60
CA LEU A 112 -38.98 15.43 10.41
C LEU A 112 -39.88 16.29 9.54
N VAL A 113 -39.51 16.41 8.27
CA VAL A 113 -40.29 17.17 7.29
C VAL A 113 -40.58 16.26 6.10
N GLY A 114 -41.83 16.30 5.63
CA GLY A 114 -42.21 15.45 4.52
C GLY A 114 -43.68 15.64 4.19
N THR A 115 -44.11 14.89 3.17
CA THR A 115 -45.47 15.00 2.68
C THR A 115 -46.46 14.34 3.65
N ALA A 116 -47.74 14.60 3.42
CA ALA A 116 -48.78 14.15 4.34
C ALA A 116 -48.93 12.64 4.33
N GLN A 117 -48.96 12.03 3.14
CA GLN A 117 -49.21 10.60 3.04
C GLN A 117 -48.08 9.80 3.68
N VAL A 118 -46.83 10.24 3.50
CA VAL A 118 -45.69 9.51 4.05
C VAL A 118 -45.79 9.46 5.56
N PHE A 119 -46.07 10.60 6.20
CA PHE A 119 -46.18 10.62 7.65
C PHE A 119 -47.42 9.90 8.14
N LEU A 120 -48.51 9.95 7.37
CA LEU A 120 -49.70 9.18 7.74
C LEU A 120 -49.39 7.68 7.77
N ASP A 121 -48.70 7.19 6.73
CA ASP A 121 -48.30 5.79 6.72
C ASP A 121 -47.32 5.50 7.85
N MET A 122 -46.42 6.44 8.13
CA MET A 122 -45.42 6.24 9.18
C MET A 122 -46.09 6.10 10.55
N VAL A 123 -47.08 6.94 10.84
CA VAL A 123 -47.75 6.86 12.14
C VAL A 123 -48.68 5.66 12.21
N THR A 124 -49.32 5.28 11.09
CA THR A 124 -50.19 4.11 11.12
C THR A 124 -49.42 2.81 11.28
N GLN A 125 -48.14 2.81 10.92
CA GLN A 125 -47.29 1.62 11.01
C GLN A 125 -46.48 1.58 12.31
N THR A 126 -46.81 2.44 13.27
CA THR A 126 -46.21 2.46 14.61
C THR A 126 -44.72 2.72 14.60
N TYR A 127 -44.20 3.37 13.54
CA TYR A 127 -42.80 3.77 13.58
C TYR A 127 -42.56 4.90 14.57
N VAL A 128 -43.54 5.79 14.73
CA VAL A 128 -43.51 6.81 15.77
C VAL A 128 -44.87 6.83 16.46
N ALA A 129 -44.85 6.98 17.78
CA ALA A 129 -46.09 7.13 18.53
C ALA A 129 -46.49 8.59 18.58
N LEU A 130 -47.78 8.83 18.84
CA LEU A 130 -48.26 10.21 18.95
C LEU A 130 -47.59 10.91 20.13
N SER A 131 -47.37 10.20 21.24
CA SER A 131 -46.67 10.76 22.37
C SER A 131 -45.21 11.08 22.05
N SER A 132 -44.64 10.44 21.03
CA SER A 132 -43.24 10.66 20.66
C SER A 132 -43.02 11.97 19.92
N LEU A 133 -44.09 12.65 19.50
CA LEU A 133 -43.97 13.92 18.80
C LEU A 133 -44.25 15.08 19.75
N SER A 134 -43.72 16.26 19.39
CA SER A 134 -43.86 17.46 20.19
C SER A 134 -44.77 18.48 19.53
N VAL A 135 -44.51 18.84 18.29
CA VAL A 135 -45.35 19.76 17.53
C VAL A 135 -45.59 19.16 16.15
N VAL A 136 -46.83 19.22 15.69
CA VAL A 136 -47.22 18.75 14.37
C VAL A 136 -47.77 19.94 13.59
N ILE A 137 -46.97 20.45 12.68
CA ILE A 137 -47.32 21.64 11.90
C ILE A 137 -47.99 21.22 10.61
N ILE A 138 -49.12 21.85 10.31
CA ILE A 138 -49.85 21.62 9.08
C ILE A 138 -49.85 22.94 8.31
N ASP A 139 -48.87 23.10 7.42
CA ASP A 139 -48.89 24.24 6.51
C ASP A 139 -49.87 23.96 5.37
N GLU A 140 -50.33 25.04 4.74
CA GLU A 140 -51.48 24.99 3.85
C GLU A 140 -52.66 24.32 4.55
N CYS A 141 -53.05 24.92 5.66
CA CYS A 141 -54.15 24.41 6.49
C CYS A 141 -55.46 24.29 5.71
N HIS A 142 -55.61 25.05 4.63
CA HIS A 142 -56.84 25.00 3.84
C HIS A 142 -57.08 23.64 3.20
N HIS A 143 -56.05 22.80 3.12
CA HIS A 143 -56.16 21.50 2.45
C HIS A 143 -56.83 20.43 3.31
N GLY A 144 -57.49 20.79 4.39
CA GLY A 144 -58.13 19.80 5.26
C GLY A 144 -59.51 19.38 4.81
N THR A 145 -59.74 19.33 3.50
CA THR A 145 -61.06 19.01 2.98
C THR A 145 -61.27 17.51 2.84
N GLY A 146 -62.43 17.04 3.30
CA GLY A 146 -62.85 15.67 3.12
C GLY A 146 -61.89 14.61 3.61
N HIS A 147 -61.54 13.66 2.74
CA HIS A 147 -60.62 12.58 3.08
C HIS A 147 -59.18 12.91 2.72
N HIS A 148 -58.81 14.18 2.75
CA HIS A 148 -57.42 14.55 2.55
C HIS A 148 -56.58 14.00 3.69
N PRO A 149 -55.33 13.61 3.42
CA PRO A 149 -54.50 13.02 4.48
C PRO A 149 -54.40 13.83 5.76
N PHE A 150 -54.47 15.16 5.68
CA PHE A 150 -54.46 15.97 6.89
C PHE A 150 -55.63 15.60 7.80
N ARG A 151 -56.83 15.54 7.23
CA ARG A 151 -58.02 15.32 8.05
C ARG A 151 -58.02 13.93 8.68
N GLU A 152 -57.64 12.90 7.92
CA GLU A 152 -57.59 11.56 8.48
C GLU A 152 -56.47 11.43 9.51
N PHE A 153 -55.32 12.06 9.25
CA PHE A 153 -54.25 12.07 10.24
C PHE A 153 -54.73 12.66 11.56
N MET A 154 -55.43 13.79 11.49
CA MET A 154 -55.86 14.43 12.73
C MET A 154 -57.07 13.72 13.34
N ARG A 155 -57.82 12.96 12.54
CA ARG A 155 -58.78 12.02 13.10
C ARG A 155 -58.07 10.94 13.92
N LEU A 156 -56.89 10.52 13.46
CA LEU A 156 -56.15 9.48 14.16
C LEU A 156 -55.80 9.87 15.59
N PHE A 157 -55.80 11.17 15.90
CA PHE A 157 -55.54 11.61 17.27
C PHE A 157 -56.55 11.07 18.27
N THR A 158 -57.74 10.69 17.82
CA THR A 158 -58.78 10.20 18.72
C THR A 158 -58.42 8.88 19.37
N ILE A 159 -57.44 8.16 18.83
CA ILE A 159 -57.12 6.83 19.36
C ILE A 159 -56.27 6.95 20.63
N ALA A 160 -55.15 7.67 20.55
CA ALA A 160 -54.25 7.77 21.69
C ALA A 160 -54.84 8.68 22.76
N ASN A 161 -54.22 8.61 23.95
CA ASN A 161 -54.66 9.45 25.06
C ASN A 161 -54.48 10.92 24.71
N GLN A 162 -55.46 11.74 25.09
CA GLN A 162 -55.42 13.16 24.75
C GLN A 162 -54.27 13.88 25.44
N THR A 163 -53.83 13.38 26.60
CA THR A 163 -52.71 14.01 27.30
C THR A 163 -51.42 13.90 26.50
N LYS A 164 -51.26 12.82 25.73
CA LYS A 164 -50.04 12.60 24.97
C LYS A 164 -49.99 13.39 23.66
N LEU A 165 -51.10 14.00 23.25
CA LEU A 165 -51.18 14.59 21.93
C LEU A 165 -50.27 15.81 21.81
N PRO A 166 -49.51 15.93 20.72
CA PRO A 166 -48.65 17.10 20.53
C PRO A 166 -49.43 18.36 20.21
N ARG A 167 -48.72 19.48 20.06
CA ARG A 167 -49.34 20.74 19.68
C ARG A 167 -49.45 20.82 18.16
N VAL A 168 -50.66 21.10 17.67
CA VAL A 168 -50.89 21.26 16.24
C VAL A 168 -50.85 22.74 15.89
N VAL A 169 -50.30 23.05 14.73
CA VAL A 169 -50.16 24.42 14.26
C VAL A 169 -50.80 24.52 12.88
N GLY A 170 -51.86 25.31 12.77
CA GLY A 170 -52.55 25.47 11.51
C GLY A 170 -52.05 26.62 10.68
N LEU A 171 -50.85 26.49 10.13
CA LEU A 171 -50.29 27.54 9.28
C LEU A 171 -51.06 27.59 7.96
N THR A 172 -51.50 28.80 7.59
CA THR A 172 -52.25 28.98 6.35
C THR A 172 -52.11 30.41 5.87
N GLY A 173 -52.29 30.59 4.56
CA GLY A 173 -52.35 31.91 3.97
C GLY A 173 -53.75 32.25 3.51
N VAL A 174 -54.63 31.24 3.51
CA VAL A 174 -56.03 31.42 3.14
C VAL A 174 -56.84 30.38 3.89
N LEU A 175 -58.09 30.73 4.21
CA LEU A 175 -58.95 29.87 5.01
C LEU A 175 -59.97 29.12 4.16
N ILE A 176 -60.74 29.85 3.34
CA ILE A 176 -61.67 29.22 2.42
C ILE A 176 -60.91 28.45 1.36
N LYS A 177 -61.35 27.22 1.08
CA LYS A 177 -60.71 26.37 0.08
C LYS A 177 -61.48 26.34 -1.23
N GLY A 178 -62.78 26.08 -1.18
CA GLY A 178 -63.61 25.99 -2.37
C GLY A 178 -64.50 27.20 -2.55
N ASN A 179 -65.54 27.02 -3.37
CA ASN A 179 -66.57 28.04 -3.54
C ASN A 179 -67.65 27.92 -2.46
N GLU A 180 -67.20 27.97 -1.21
CA GLU A 180 -68.04 27.82 -0.03
C GLU A 180 -68.30 29.15 0.66
N ILE A 181 -68.47 30.21 -0.14
CA ILE A 181 -68.66 31.55 0.41
C ILE A 181 -69.92 31.61 1.27
N THR A 182 -70.97 30.90 0.86
CA THR A 182 -72.21 30.89 1.62
C THR A 182 -71.98 30.39 3.02
N ASN A 183 -72.20 31.27 4.00
CA ASN A 183 -72.03 30.95 5.43
C ASN A 183 -70.60 30.49 5.72
N VAL A 184 -69.66 31.41 5.53
CA VAL A 184 -68.25 31.15 5.82
C VAL A 184 -68.06 30.74 7.27
N ALA A 185 -68.92 31.26 8.16
CA ALA A 185 -68.75 31.00 9.59
C ALA A 185 -68.80 29.51 9.90
N THR A 186 -69.79 28.80 9.34
CA THR A 186 -69.90 27.38 9.65
C THR A 186 -68.78 26.57 9.01
N LYS A 187 -68.29 26.99 7.84
CA LYS A 187 -67.15 26.30 7.24
C LYS A 187 -65.90 26.44 8.10
N LEU A 188 -65.64 27.64 8.60
CA LEU A 188 -64.48 27.81 9.47
C LEU A 188 -64.69 27.14 10.82
N LYS A 189 -65.94 27.05 11.30
CA LYS A 189 -66.20 26.29 12.51
C LYS A 189 -65.87 24.81 12.30
N GLU A 190 -66.27 24.26 11.16
CA GLU A 190 -65.90 22.88 10.84
C GLU A 190 -64.39 22.73 10.74
N LEU A 191 -63.72 23.70 10.13
CA LEU A 191 -62.26 23.64 10.01
C LEU A 191 -61.58 23.67 11.37
N GLU A 192 -62.08 24.51 12.28
CA GLU A 192 -61.48 24.63 13.60
C GLU A 192 -61.98 23.58 14.58
N ILE A 193 -62.93 22.74 14.17
CA ILE A 193 -63.19 21.50 14.91
C ILE A 193 -62.34 20.36 14.39
N THR A 194 -62.16 20.28 13.06
CA THR A 194 -61.22 19.32 12.50
C THR A 194 -59.83 19.53 13.07
N TYR A 195 -59.33 20.76 13.01
CA TYR A 195 -58.18 21.14 13.79
C TYR A 195 -58.60 21.34 15.24
N ARG A 196 -57.66 21.15 16.15
CA ARG A 196 -57.96 21.18 17.57
C ARG A 196 -57.68 22.53 18.22
N GLY A 197 -57.84 23.61 17.47
CA GLY A 197 -57.66 24.94 18.02
C GLY A 197 -58.29 25.99 17.13
N ASN A 198 -58.57 27.15 17.72
CA ASN A 198 -59.21 28.23 16.99
C ASN A 198 -58.18 28.99 16.14
N ILE A 199 -58.70 29.84 15.27
CA ILE A 199 -57.88 30.62 14.35
C ILE A 199 -57.41 31.89 15.04
N ILE A 200 -56.15 32.25 14.81
CA ILE A 200 -55.60 33.50 15.31
C ILE A 200 -55.01 34.27 14.13
N THR A 201 -55.23 35.58 14.12
CA THR A 201 -54.82 36.42 13.00
C THR A 201 -54.64 37.86 13.51
N VAL A 202 -54.42 38.78 12.59
CA VAL A 202 -54.18 40.18 12.94
C VAL A 202 -55.51 40.89 13.16
N SER A 203 -55.55 41.70 14.21
CA SER A 203 -56.75 42.49 14.52
C SER A 203 -56.44 43.97 14.70
N ASP A 204 -55.31 44.31 15.30
CA ASP A 204 -54.98 45.69 15.59
C ASP A 204 -54.35 46.37 14.38
N THR A 205 -54.49 47.69 14.32
CA THR A 205 -53.98 48.44 13.16
C THR A 205 -52.47 48.34 13.05
N LYS A 206 -51.76 48.65 14.14
CA LYS A 206 -50.30 48.55 14.09
C LYS A 206 -49.86 47.10 13.92
N GLU A 207 -50.68 46.15 14.34
CA GLU A 207 -50.41 44.75 14.02
C GLU A 207 -50.46 44.51 12.52
N MET A 208 -51.46 45.07 11.85
CA MET A 208 -51.54 44.93 10.40
C MET A 208 -50.35 45.61 9.71
N GLU A 209 -49.94 46.77 10.22
CA GLU A 209 -48.77 47.43 9.64
C GLU A 209 -47.51 46.60 9.85
N ASN A 210 -47.35 46.00 11.03
CA ASN A 210 -46.20 45.16 11.31
C ASN A 210 -46.18 43.94 10.39
N VAL A 211 -47.37 43.41 10.06
CA VAL A 211 -47.44 42.35 9.07
C VAL A 211 -47.06 42.90 7.68
N MET A 212 -47.50 44.13 7.38
CA MET A 212 -47.11 44.77 6.13
C MET A 212 -45.61 45.03 6.06
N LEU A 213 -44.90 44.97 7.19
CA LEU A 213 -43.44 44.98 7.14
C LEU A 213 -42.90 43.83 6.31
N TYR A 214 -43.64 42.71 6.27
CA TYR A 214 -43.35 41.60 5.36
C TYR A 214 -44.32 41.54 4.18
N ALA A 215 -45.62 41.55 4.46
CA ALA A 215 -46.62 41.38 3.42
C ALA A 215 -46.91 42.71 2.73
N THR A 216 -47.65 42.62 1.61
CA THR A 216 -48.04 43.79 0.84
C THR A 216 -49.51 43.65 0.45
N LYS A 217 -50.04 44.72 -0.16
CA LYS A 217 -51.43 44.77 -0.61
C LYS A 217 -51.47 45.23 -2.06
N PRO A 218 -51.16 44.34 -3.00
CA PRO A 218 -51.13 44.74 -4.41
C PRO A 218 -52.51 45.09 -4.94
N THR A 219 -52.53 45.98 -5.93
CA THR A 219 -53.75 46.37 -6.60
C THR A 219 -54.08 45.40 -7.73
N GLU A 220 -55.28 45.53 -8.28
CA GLU A 220 -55.75 44.70 -9.36
C GLU A 220 -56.39 45.55 -10.45
N VAL A 221 -56.18 45.15 -11.70
CA VAL A 221 -56.67 45.88 -12.86
C VAL A 221 -57.40 44.91 -13.77
N MET A 222 -58.53 45.34 -14.32
CA MET A 222 -59.30 44.53 -15.25
C MET A 222 -58.94 44.92 -16.68
N VAL A 223 -58.65 43.92 -17.51
CA VAL A 223 -58.43 44.11 -18.93
C VAL A 223 -59.40 43.20 -19.68
N SER A 224 -60.14 43.77 -20.62
CA SER A 224 -61.24 43.07 -21.27
C SER A 224 -61.07 43.12 -22.77
N PHE A 225 -61.58 42.09 -23.44
CA PHE A 225 -61.40 41.91 -24.88
C PHE A 225 -62.71 41.49 -25.50
N PRO A 226 -62.93 41.83 -26.78
CA PRO A 226 -64.16 41.41 -27.46
C PRO A 226 -64.10 39.94 -27.85
N HIS A 227 -65.27 39.40 -28.15
CA HIS A 227 -65.39 38.02 -28.60
C HIS A 227 -66.41 37.94 -29.73
N GLN A 228 -66.22 36.96 -30.61
CA GLN A 228 -67.11 36.75 -31.74
C GLN A 228 -67.16 35.26 -32.04
N GLU A 229 -68.33 34.81 -32.53
CA GLU A 229 -68.60 33.38 -32.67
C GLU A 229 -68.29 32.82 -34.05
N GLN A 230 -67.97 33.66 -35.04
CA GLN A 230 -67.66 33.16 -36.36
C GLN A 230 -66.31 32.45 -36.35
N VAL A 231 -66.21 31.40 -37.18
CA VAL A 231 -64.99 30.60 -37.27
C VAL A 231 -64.64 30.40 -38.74
N LEU A 232 -63.38 30.06 -38.97
CA LEU A 232 -62.85 29.89 -40.32
C LEU A 232 -63.25 28.54 -40.89
N THR A 233 -63.13 28.43 -42.22
CA THR A 233 -63.44 27.17 -42.90
C THR A 233 -62.47 26.06 -42.48
N VAL A 234 -61.19 26.41 -42.33
CA VAL A 234 -60.20 25.40 -41.96
C VAL A 234 -60.52 24.81 -40.60
N THR A 235 -61.05 25.62 -39.69
CA THR A 235 -61.48 25.09 -38.40
C THR A 235 -62.43 23.91 -38.59
N ARG A 236 -63.42 24.09 -39.46
CA ARG A 236 -64.38 23.03 -39.75
C ARG A 236 -63.72 21.86 -40.46
N LEU A 237 -62.74 22.14 -41.32
CA LEU A 237 -62.07 21.04 -42.04
C LEU A 237 -61.29 20.13 -41.10
N ILE A 238 -60.45 20.73 -40.24
CA ILE A 238 -59.76 19.94 -39.23
C ILE A 238 -60.75 19.28 -38.27
N SER A 239 -61.87 19.94 -37.95
CA SER A 239 -62.87 19.29 -37.11
C SER A 239 -63.41 18.02 -37.75
N ALA A 240 -63.77 18.10 -39.04
CA ALA A 240 -64.31 16.94 -39.73
C ALA A 240 -63.28 15.83 -39.84
N GLU A 241 -62.03 16.19 -40.14
CA GLU A 241 -60.98 15.18 -40.23
C GLU A 241 -60.76 14.50 -38.88
N ILE A 242 -60.77 15.27 -37.79
CA ILE A 242 -60.58 14.69 -36.47
C ILE A 242 -61.75 13.78 -36.11
N GLU A 243 -62.96 14.16 -36.51
CA GLU A 243 -64.10 13.28 -36.22
C GLU A 243 -64.03 11.98 -37.01
N LYS A 244 -63.61 12.04 -38.27
CA LYS A 244 -63.43 10.82 -39.04
C LYS A 244 -62.35 9.94 -38.42
N PHE A 245 -61.26 10.55 -37.96
CA PHE A 245 -60.22 9.78 -37.28
C PHE A 245 -60.73 9.19 -35.98
N TYR A 246 -61.59 9.92 -35.27
CA TYR A 246 -62.20 9.40 -34.05
C TYR A 246 -63.04 8.17 -34.35
N VAL A 247 -63.80 8.20 -35.44
CA VAL A 247 -64.58 7.03 -35.84
C VAL A 247 -63.65 5.86 -36.14
N SER A 248 -62.64 6.10 -36.98
CA SER A 248 -61.71 5.04 -37.34
C SER A 248 -60.94 4.51 -36.14
N LEU A 249 -60.80 5.31 -35.09
CA LEU A 249 -60.10 4.90 -33.87
C LEU A 249 -61.01 4.13 -32.91
N ASP A 250 -62.28 4.52 -32.82
CA ASP A 250 -63.23 3.71 -32.09
C ASP A 250 -63.40 2.35 -32.74
N LEU A 251 -63.22 2.28 -34.06
CA LEU A 251 -63.25 1.01 -34.77
C LEU A 251 -61.85 0.46 -35.03
N MET A 252 -60.85 0.95 -34.30
CA MET A 252 -59.48 0.47 -34.47
C MET A 252 -59.34 -0.99 -34.05
N ASN A 253 -59.94 -1.37 -32.91
CA ASN A 253 -59.89 -2.72 -32.39
C ASN A 253 -58.44 -3.17 -32.13
N ILE A 254 -57.82 -2.49 -31.18
CA ILE A 254 -56.54 -2.91 -30.63
C ILE A 254 -56.76 -4.17 -29.80
N GLY A 255 -55.68 -4.78 -29.32
CA GLY A 255 -55.78 -5.98 -28.52
C GLY A 255 -56.59 -5.84 -27.26
N VAL A 256 -56.78 -6.94 -26.52
CA VAL A 256 -57.62 -6.92 -25.34
C VAL A 256 -57.03 -6.00 -24.27
N GLN A 257 -57.90 -5.21 -23.65
CA GLN A 257 -57.50 -4.24 -22.65
C GLN A 257 -58.37 -4.38 -21.40
N PRO A 258 -57.86 -3.97 -20.24
CA PRO A 258 -58.69 -4.03 -19.02
C PRO A 258 -59.92 -3.14 -19.14
N ILE A 259 -60.98 -3.57 -18.47
CA ILE A 259 -62.24 -2.83 -18.52
C ILE A 259 -62.14 -1.59 -17.66
N ARG A 260 -62.42 -0.44 -18.26
CA ARG A 260 -62.44 0.84 -17.54
C ARG A 260 -63.87 1.30 -17.38
N ARG A 261 -64.24 1.65 -16.15
CA ARG A 261 -65.60 2.06 -15.83
C ARG A 261 -65.57 3.38 -15.06
N SER A 262 -66.76 3.94 -14.88
CA SER A 262 -66.89 5.23 -14.21
C SER A 262 -66.45 5.13 -12.75
N LYS A 263 -66.36 6.29 -12.10
CA LYS A 263 -66.01 6.33 -10.69
C LYS A 263 -67.05 5.59 -9.84
N SER A 264 -68.31 5.59 -10.28
CA SER A 264 -69.37 4.86 -9.61
C SER A 264 -69.61 3.49 -10.21
N LEU A 265 -68.80 3.07 -11.18
CA LEU A 265 -68.92 1.78 -11.84
C LEU A 265 -70.26 1.58 -12.52
N GLN A 266 -70.94 2.67 -12.88
CA GLN A 266 -72.25 2.59 -13.50
C GLN A 266 -72.18 2.42 -15.02
N CYS A 267 -71.19 3.04 -15.67
CA CYS A 267 -71.09 3.02 -17.12
C CYS A 267 -69.66 2.69 -17.53
N LEU A 268 -69.54 2.13 -18.72
CA LEU A 268 -68.24 1.73 -19.25
C LEU A 268 -67.49 2.94 -19.79
N ARG A 269 -66.20 2.73 -20.08
CA ARG A 269 -65.35 3.75 -20.66
C ARG A 269 -64.43 3.10 -21.69
N ASP A 270 -63.87 3.94 -22.57
CA ASP A 270 -62.94 3.46 -23.57
C ASP A 270 -61.62 3.06 -22.92
N PRO A 271 -60.85 2.19 -23.57
CA PRO A 271 -59.54 1.81 -23.03
C PRO A 271 -58.62 3.01 -22.90
N SER A 272 -57.68 2.91 -21.97
CA SER A 272 -56.80 4.04 -21.67
C SER A 272 -56.01 4.48 -22.90
N LYS A 273 -55.62 3.53 -23.75
CA LYS A 273 -54.85 3.88 -24.94
C LYS A 273 -55.67 4.75 -25.89
N LYS A 274 -56.95 4.43 -26.09
CA LYS A 274 -57.78 5.25 -26.96
C LYS A 274 -58.19 6.55 -26.28
N SER A 275 -58.48 6.48 -24.98
CA SER A 275 -58.86 7.69 -24.25
C SER A 275 -57.74 8.71 -24.22
N PHE A 276 -56.49 8.25 -24.18
CA PHE A 276 -55.36 9.17 -24.14
C PHE A 276 -55.28 10.02 -25.42
N VAL A 277 -55.36 9.36 -26.57
CA VAL A 277 -55.27 10.10 -27.83
C VAL A 277 -56.52 10.95 -28.05
N LYS A 278 -57.69 10.45 -27.63
CA LYS A 278 -58.89 11.28 -27.72
C LYS A 278 -58.75 12.53 -26.88
N GLN A 279 -58.19 12.39 -25.67
CA GLN A 279 -57.94 13.55 -24.81
C GLN A 279 -56.97 14.52 -25.48
N LEU A 280 -55.91 13.99 -26.10
CA LEU A 280 -54.94 14.85 -26.78
C LEU A 280 -55.63 15.68 -27.86
N PHE A 281 -56.42 15.03 -28.70
CA PHE A 281 -57.01 15.76 -29.83
C PHE A 281 -58.11 16.71 -29.37
N ASN A 282 -58.87 16.33 -28.35
CA ASN A 282 -59.87 17.25 -27.81
C ASN A 282 -59.22 18.49 -27.22
N ASP A 283 -58.13 18.31 -26.49
CA ASP A 283 -57.41 19.45 -25.95
C ASP A 283 -56.83 20.31 -27.06
N PHE A 284 -56.35 19.69 -28.14
CA PHE A 284 -55.85 20.47 -29.26
C PHE A 284 -56.96 21.32 -29.88
N LEU A 285 -58.16 20.74 -30.04
CA LEU A 285 -59.27 21.52 -30.57
C LEU A 285 -59.64 22.67 -29.63
N TYR A 286 -59.57 22.42 -28.31
CA TYR A 286 -59.83 23.48 -27.35
C TYR A 286 -58.84 24.63 -27.50
N GLN A 287 -57.54 24.28 -27.57
CA GLN A 287 -56.51 25.31 -27.77
C GLN A 287 -56.73 26.05 -29.08
N MET A 288 -57.08 25.31 -30.14
CA MET A 288 -57.36 25.91 -31.45
C MET A 288 -58.45 26.95 -31.35
N LYS A 289 -59.60 26.59 -30.77
CA LYS A 289 -60.70 27.52 -30.71
C LYS A 289 -60.46 28.64 -29.71
N GLU A 290 -59.54 28.45 -28.75
CA GLU A 290 -59.36 29.45 -27.72
C GLU A 290 -58.30 30.49 -28.06
N TYR A 291 -57.14 30.08 -28.59
CA TYR A 291 -56.00 30.98 -28.67
C TYR A 291 -55.53 31.29 -30.09
N GLY A 292 -56.27 30.87 -31.10
CA GLY A 292 -55.96 31.24 -32.47
C GLY A 292 -55.29 30.11 -33.25
N ILE A 293 -55.27 30.31 -34.57
CA ILE A 293 -54.80 29.26 -35.48
C ILE A 293 -53.28 29.13 -35.44
N TYR A 294 -52.57 30.24 -35.24
CA TYR A 294 -51.12 30.14 -35.05
C TYR A 294 -50.79 29.38 -33.76
N ALA A 295 -51.54 29.67 -32.69
CA ALA A 295 -51.45 28.87 -31.48
C ALA A 295 -51.78 27.42 -31.78
N ALA A 296 -52.72 27.19 -32.71
CA ALA A 296 -53.02 25.82 -33.13
C ALA A 296 -51.83 25.17 -33.81
N SER A 297 -51.09 25.94 -34.61
CA SER A 297 -49.89 25.40 -35.24
C SER A 297 -48.86 24.99 -34.20
N ILE A 298 -48.68 25.83 -33.17
CA ILE A 298 -47.73 25.48 -32.12
C ILE A 298 -48.21 24.25 -31.34
N ALA A 299 -49.51 24.17 -31.06
CA ALA A 299 -50.05 23.02 -30.35
C ALA A 299 -49.90 21.75 -31.17
N ILE A 300 -50.14 21.83 -32.48
CA ILE A 300 -49.98 20.65 -33.34
C ILE A 300 -48.52 20.24 -33.41
N ILE A 301 -47.60 21.21 -33.37
CA ILE A 301 -46.17 20.89 -33.30
C ILE A 301 -45.88 20.11 -32.02
N SER A 302 -46.45 20.54 -30.90
CA SER A 302 -46.27 19.81 -29.66
C SER A 302 -46.87 18.40 -29.75
N LEU A 303 -48.02 18.27 -30.40
CA LEU A 303 -48.61 16.95 -30.58
C LEU A 303 -47.72 16.05 -31.42
N ILE A 304 -46.95 16.64 -32.34
CA ILE A 304 -46.00 15.85 -33.13
C ILE A 304 -45.02 15.14 -32.22
N VAL A 305 -44.40 15.88 -31.29
CA VAL A 305 -43.40 15.25 -30.44
C VAL A 305 -44.06 14.30 -29.44
N GLU A 306 -45.27 14.63 -28.97
CA GLU A 306 -45.94 13.72 -28.05
C GLU A 306 -46.24 12.38 -28.73
N PHE A 307 -46.74 12.41 -29.97
CA PHE A 307 -47.00 11.17 -30.69
C PHE A 307 -45.71 10.46 -31.05
N ASP A 308 -44.65 11.21 -31.36
CA ASP A 308 -43.37 10.59 -31.66
C ASP A 308 -42.85 9.80 -30.48
N ILE A 309 -42.87 10.40 -29.28
CA ILE A 309 -42.35 9.69 -28.11
C ILE A 309 -43.26 8.51 -27.73
N LYS A 310 -44.57 8.69 -27.85
CA LYS A 310 -45.47 7.58 -27.52
C LYS A 310 -45.30 6.42 -28.49
N ARG A 311 -45.10 6.71 -29.77
CA ARG A 311 -44.81 5.67 -30.75
C ARG A 311 -43.48 5.00 -30.46
N ARG A 312 -42.47 5.78 -30.08
CA ARG A 312 -41.16 5.21 -29.79
C ARG A 312 -41.23 4.26 -28.61
N GLN A 313 -42.00 4.60 -27.57
CA GLN A 313 -42.08 3.77 -26.38
C GLN A 313 -43.16 2.71 -26.45
N ALA A 314 -44.02 2.72 -27.46
CA ALA A 314 -45.07 1.72 -27.55
C ALA A 314 -44.48 0.37 -27.96
N GLU A 315 -45.17 -0.70 -27.57
CA GLU A 315 -44.68 -2.06 -27.77
C GLU A 315 -45.60 -2.91 -28.64
N THR A 316 -46.91 -2.90 -28.36
CA THR A 316 -47.84 -3.67 -29.16
C THR A 316 -47.90 -3.14 -30.58
N LEU A 317 -47.89 -4.05 -31.56
CA LEU A 317 -47.87 -3.64 -32.96
C LEU A 317 -49.12 -2.84 -33.31
N SER A 318 -50.27 -3.23 -32.78
CA SER A 318 -51.50 -2.47 -33.02
C SER A 318 -51.37 -1.05 -32.47
N VAL A 319 -50.82 -0.90 -31.26
CA VAL A 319 -50.61 0.41 -30.69
C VAL A 319 -49.59 1.21 -31.50
N LYS A 320 -48.53 0.55 -31.96
CA LYS A 320 -47.57 1.19 -32.83
C LYS A 320 -48.26 1.77 -34.06
N LEU A 321 -49.07 0.95 -34.73
CA LEU A 321 -49.74 1.38 -35.95
C LEU A 321 -50.70 2.52 -35.66
N MET A 322 -51.45 2.44 -34.56
CA MET A 322 -52.40 3.49 -34.23
C MET A 322 -51.69 4.81 -33.97
N HIS A 323 -50.57 4.76 -33.24
CA HIS A 323 -49.79 5.98 -33.02
C HIS A 323 -49.25 6.53 -34.34
N ARG A 324 -48.81 5.65 -35.23
CA ARG A 324 -48.30 6.10 -36.53
C ARG A 324 -49.40 6.80 -37.33
N THR A 325 -50.61 6.25 -37.31
CA THR A 325 -51.72 6.89 -38.01
C THR A 325 -52.07 8.24 -37.39
N ALA A 326 -52.05 8.31 -36.06
CA ALA A 326 -52.32 9.57 -35.39
C ALA A 326 -51.29 10.63 -35.78
N LEU A 327 -50.01 10.24 -35.81
CA LEU A 327 -48.97 11.18 -36.20
C LEU A 327 -49.12 11.61 -37.65
N THR A 328 -49.46 10.67 -38.54
CA THR A 328 -49.64 11.02 -39.95
C THR A 328 -50.79 12.01 -40.13
N LEU A 329 -51.91 11.78 -39.44
CA LEU A 329 -53.01 12.72 -39.55
C LEU A 329 -52.68 14.05 -38.89
N CYS A 330 -51.86 14.02 -37.84
CA CYS A 330 -51.38 15.26 -37.24
C CYS A 330 -50.56 16.07 -38.24
N GLU A 331 -49.71 15.38 -39.01
CA GLU A 331 -48.96 16.05 -40.07
C GLU A 331 -49.89 16.62 -41.15
N LYS A 332 -50.91 15.86 -41.53
CA LYS A 332 -51.83 16.38 -42.55
C LYS A 332 -52.58 17.61 -42.06
N ILE A 333 -53.00 17.59 -40.80
CA ILE A 333 -53.71 18.73 -40.22
C ILE A 333 -52.79 19.94 -40.18
N ARG A 334 -51.54 19.72 -39.74
CA ARG A 334 -50.54 20.79 -39.75
C ARG A 334 -50.36 21.33 -41.16
N HIS A 335 -50.34 20.45 -42.16
CA HIS A 335 -50.11 20.89 -43.53
C HIS A 335 -51.24 21.75 -44.04
N LEU A 336 -52.48 21.34 -43.78
CA LEU A 336 -53.61 22.17 -44.19
C LEU A 336 -53.56 23.53 -43.50
N LEU A 337 -53.27 23.53 -42.20
CA LEU A 337 -53.20 24.77 -41.44
C LEU A 337 -52.14 25.70 -42.00
N VAL A 338 -50.92 25.19 -42.17
CA VAL A 338 -49.80 26.04 -42.59
C VAL A 338 -49.95 26.45 -44.05
N GLN A 339 -50.52 25.59 -44.90
CA GLN A 339 -50.75 25.97 -46.28
C GLN A 339 -51.79 27.08 -46.36
N LYS A 340 -52.81 27.04 -45.50
CA LYS A 340 -53.76 28.14 -45.44
C LYS A 340 -53.06 29.40 -44.93
N LEU A 341 -52.16 29.25 -43.97
CA LEU A 341 -51.44 30.40 -43.43
C LEU A 341 -50.54 31.04 -44.49
N GLN A 342 -49.86 30.22 -45.29
CA GLN A 342 -48.82 30.70 -46.19
C GLN A 342 -49.38 31.31 -47.47
N ASP A 343 -50.50 30.79 -47.99
CA ASP A 343 -51.09 31.43 -49.18
C ASP A 343 -51.51 32.85 -48.85
N MET A 344 -52.06 33.07 -47.66
CA MET A 344 -52.29 34.42 -47.18
C MET A 344 -50.97 35.12 -46.87
N THR A 345 -49.92 34.37 -46.54
CA THR A 345 -48.63 34.95 -46.21
C THR A 345 -47.81 35.17 -47.48
N TYR A 346 -48.42 35.85 -48.46
CA TYR A 346 -47.70 36.33 -49.63
C TYR A 346 -47.82 37.83 -49.84
N ASP A 347 -48.67 38.51 -49.07
CA ASP A 347 -48.74 39.97 -49.14
C ASP A 347 -47.42 40.60 -48.72
N ASP A 348 -46.79 40.05 -47.68
CA ASP A 348 -45.48 40.51 -47.23
C ASP A 348 -44.59 39.30 -46.99
N ASP A 349 -43.28 39.49 -47.20
CA ASP A 349 -42.32 38.40 -47.13
C ASP A 349 -41.31 38.53 -45.99
N ASP A 350 -41.30 39.64 -45.27
CA ASP A 350 -40.39 39.80 -44.14
C ASP A 350 -40.84 38.88 -43.00
N ASP A 351 -40.00 37.89 -42.67
CA ASP A 351 -40.41 36.87 -41.71
C ASP A 351 -40.74 37.47 -40.35
N ASN A 352 -40.06 38.54 -39.95
CA ASN A 352 -40.48 39.29 -38.77
C ASN A 352 -41.89 39.85 -38.96
N VAL A 353 -42.11 40.52 -40.08
CA VAL A 353 -43.43 41.09 -40.36
C VAL A 353 -44.45 40.00 -40.59
N ASN A 354 -44.06 38.90 -41.24
CA ASN A 354 -45.01 37.79 -41.40
C ASN A 354 -45.42 37.21 -40.06
N THR A 355 -44.45 36.99 -39.18
CA THR A 355 -44.76 36.44 -37.87
C THR A 355 -45.65 37.39 -37.08
N GLU A 356 -45.33 38.69 -37.10
CA GLU A 356 -46.16 39.65 -36.41
C GLU A 356 -47.57 39.69 -37.00
N GLU A 357 -47.68 39.67 -38.34
CA GLU A 357 -48.98 39.74 -38.98
C GLU A 357 -49.85 38.53 -38.64
N VAL A 358 -49.26 37.33 -38.66
CA VAL A 358 -50.04 36.14 -38.34
C VAL A 358 -50.37 36.11 -36.85
N ILE A 359 -49.47 36.59 -35.99
CA ILE A 359 -49.80 36.66 -34.57
C ILE A 359 -50.90 37.68 -34.33
N MET A 360 -50.97 38.71 -35.17
CA MET A 360 -52.00 39.73 -35.01
C MET A 360 -53.35 39.28 -35.58
N ASN A 361 -53.33 38.46 -36.63
CA ASN A 361 -54.52 38.16 -37.43
C ASN A 361 -54.84 36.68 -37.58
N PHE A 362 -53.93 35.77 -37.24
CA PHE A 362 -54.27 34.35 -37.06
C PHE A 362 -54.55 34.02 -35.61
N SER A 363 -55.03 34.98 -34.83
CA SER A 363 -55.17 34.76 -33.40
C SER A 363 -56.46 35.43 -32.91
N THR A 364 -57.03 34.83 -31.88
CA THR A 364 -58.24 35.35 -31.28
C THR A 364 -57.96 36.69 -30.61
N PRO A 365 -58.99 37.52 -30.43
CA PRO A 365 -58.79 38.80 -29.75
C PRO A 365 -58.22 38.66 -28.36
N LYS A 366 -58.45 37.52 -27.71
CA LYS A 366 -57.85 37.27 -26.40
C LYS A 366 -56.33 37.38 -26.46
N VAL A 367 -55.70 36.62 -27.37
CA VAL A 367 -54.25 36.65 -27.46
C VAL A 367 -53.78 38.00 -27.97
N GLN A 368 -54.54 38.63 -28.86
CA GLN A 368 -54.17 39.96 -29.33
C GLN A 368 -54.07 40.95 -28.18
N ARG A 369 -55.11 41.02 -27.34
CA ARG A 369 -55.07 41.92 -26.20
C ARG A 369 -53.99 41.50 -25.19
N PHE A 370 -53.75 40.20 -25.06
CA PHE A 370 -52.72 39.74 -24.14
C PHE A 370 -51.36 40.28 -24.58
N LEU A 371 -51.01 40.08 -25.85
CA LEU A 371 -49.73 40.55 -26.35
C LEU A 371 -49.66 42.06 -26.38
N MET A 372 -50.79 42.74 -26.60
CA MET A 372 -50.79 44.19 -26.53
C MET A 372 -50.50 44.67 -25.11
N SER A 373 -51.03 43.98 -24.11
CA SER A 373 -50.67 44.29 -22.73
C SER A 373 -49.18 44.07 -22.50
N LEU A 374 -48.62 43.00 -23.06
CA LEU A 374 -47.17 42.80 -22.99
C LEU A 374 -46.42 43.98 -23.58
N LYS A 375 -46.76 44.39 -24.80
CA LYS A 375 -45.98 45.42 -25.47
C LYS A 375 -46.11 46.77 -24.77
N VAL A 376 -47.33 47.11 -24.31
CA VAL A 376 -47.48 48.37 -23.60
C VAL A 376 -46.94 48.29 -22.18
N SER A 377 -46.69 47.10 -21.66
CA SER A 377 -46.14 46.96 -20.31
C SER A 377 -44.62 46.88 -20.30
N PHE A 378 -44.03 46.13 -21.23
CA PHE A 378 -42.61 45.81 -21.19
C PHE A 378 -41.88 46.25 -22.46
N ALA A 379 -42.37 47.30 -23.12
CA ALA A 379 -41.85 47.70 -24.43
C ALA A 379 -40.33 47.78 -24.45
N ASP A 380 -39.77 48.66 -23.62
CA ASP A 380 -38.31 48.82 -23.56
C ASP A 380 -37.84 48.97 -22.12
N LYS A 381 -38.52 48.35 -21.17
CA LYS A 381 -38.18 48.48 -19.77
C LYS A 381 -36.95 47.64 -19.44
N ASP A 382 -36.52 47.72 -18.19
CA ASP A 382 -35.39 46.94 -17.71
C ASP A 382 -35.80 45.47 -17.63
N PRO A 383 -35.10 44.55 -18.30
CA PRO A 383 -35.43 43.13 -18.15
C PRO A 383 -35.32 42.64 -16.72
N LYS A 384 -34.40 43.21 -15.93
CA LYS A 384 -34.32 42.87 -14.51
C LYS A 384 -35.54 43.39 -13.75
N ASP A 385 -36.07 44.55 -14.15
CA ASP A 385 -37.19 45.13 -13.43
C ASP A 385 -38.44 44.27 -13.56
N ILE A 386 -38.71 43.74 -14.75
CA ILE A 386 -39.95 43.00 -14.99
C ILE A 386 -39.80 41.58 -14.46
N CYS A 387 -40.84 41.11 -13.78
CA CYS A 387 -40.88 39.73 -13.26
C CYS A 387 -42.35 39.37 -13.08
N CYS A 388 -42.91 38.64 -14.04
CA CYS A 388 -44.35 38.44 -14.11
C CYS A 388 -44.69 36.97 -14.31
N LEU A 389 -45.90 36.62 -13.88
CA LEU A 389 -46.43 35.26 -14.01
C LEU A 389 -47.63 35.25 -14.94
N VAL A 390 -47.75 34.18 -15.73
CA VAL A 390 -48.89 33.96 -16.59
C VAL A 390 -49.61 32.71 -16.09
N PHE A 391 -50.88 32.86 -15.73
CA PHE A 391 -51.67 31.77 -15.18
C PHE A 391 -52.69 31.34 -16.22
N VAL A 392 -52.67 30.06 -16.57
CA VAL A 392 -53.55 29.51 -17.60
C VAL A 392 -54.25 28.27 -17.04
N GLU A 393 -55.25 27.80 -17.78
CA GLU A 393 -56.08 26.70 -17.30
C GLU A 393 -55.34 25.36 -17.42
N ARG A 394 -54.99 24.96 -18.63
CA ARG A 394 -54.55 23.61 -18.92
C ARG A 394 -53.04 23.52 -19.12
N ARG A 395 -52.53 22.29 -19.00
CA ARG A 395 -51.08 22.07 -19.10
C ARG A 395 -50.55 22.42 -20.48
N TYR A 396 -51.25 22.01 -21.54
CA TYR A 396 -50.74 22.25 -22.89
C TYR A 396 -50.82 23.72 -23.25
N THR A 397 -51.72 24.47 -22.60
CA THR A 397 -51.77 25.91 -22.79
C THR A 397 -50.45 26.54 -22.39
N CYS A 398 -49.76 25.96 -21.40
CA CYS A 398 -48.46 26.49 -21.00
C CYS A 398 -47.46 26.43 -22.15
N LYS A 399 -47.32 25.27 -22.79
CA LYS A 399 -46.41 25.15 -23.92
C LYS A 399 -46.86 26.03 -25.08
N CYS A 400 -48.16 26.04 -25.38
CA CYS A 400 -48.66 26.85 -26.47
C CYS A 400 -48.30 28.32 -26.29
N ILE A 401 -48.58 28.86 -25.10
CA ILE A 401 -48.30 30.25 -24.82
C ILE A 401 -46.79 30.50 -24.81
N TYR A 402 -46.03 29.56 -24.26
CA TYR A 402 -44.58 29.74 -24.19
C TYR A 402 -43.96 29.83 -25.59
N GLY A 403 -44.35 28.91 -26.47
CA GLY A 403 -43.83 28.95 -27.83
C GLY A 403 -44.30 30.19 -28.58
N LEU A 404 -45.57 30.55 -28.42
CA LEU A 404 -46.09 31.73 -29.11
C LEU A 404 -45.37 32.99 -28.64
N LEU A 405 -45.08 33.07 -27.34
CA LEU A 405 -44.41 34.24 -26.80
C LEU A 405 -42.94 34.28 -27.22
N LEU A 406 -42.28 33.12 -27.32
CA LEU A 406 -40.93 33.11 -27.88
C LEU A 406 -40.93 33.62 -29.32
N ASN A 407 -41.87 33.13 -30.13
CA ASN A 407 -41.92 33.55 -31.52
C ASN A 407 -42.32 35.01 -31.67
N TYR A 408 -43.09 35.55 -30.70
CA TYR A 408 -43.43 36.96 -30.77
C TYR A 408 -42.28 37.83 -30.28
N ILE A 409 -41.51 37.36 -29.29
CA ILE A 409 -40.31 38.08 -28.87
C ILE A 409 -39.32 38.19 -30.02
N GLN A 410 -39.10 37.08 -30.73
CA GLN A 410 -38.27 37.16 -31.93
C GLN A 410 -38.97 37.93 -33.05
N SER A 411 -40.29 38.11 -32.95
CA SER A 411 -41.05 38.92 -33.90
C SER A 411 -41.24 40.36 -33.43
N THR A 412 -40.63 40.75 -32.33
CA THR A 412 -40.71 42.13 -31.82
C THR A 412 -39.32 42.67 -31.55
N PRO A 413 -38.82 43.62 -32.36
CA PRO A 413 -37.49 44.20 -32.06
C PRO A 413 -37.43 44.91 -30.72
N GLU A 414 -38.53 45.50 -30.25
CA GLU A 414 -38.52 46.22 -28.99
C GLU A 414 -38.44 45.24 -27.81
N LEU A 415 -39.26 44.20 -27.84
CA LEU A 415 -39.27 43.16 -26.82
C LEU A 415 -38.21 42.09 -27.05
N ARG A 416 -37.30 42.33 -27.99
CA ARG A 416 -36.40 41.28 -28.46
C ARG A 416 -35.50 40.74 -27.35
N ASN A 417 -35.12 41.58 -26.39
CA ASN A 417 -34.14 41.18 -25.39
C ASN A 417 -34.57 41.49 -23.95
N VAL A 418 -35.86 41.76 -23.72
CA VAL A 418 -36.31 42.18 -22.40
C VAL A 418 -36.99 41.02 -21.68
N LEU A 419 -37.59 40.09 -22.44
CA LEU A 419 -38.46 39.06 -21.87
C LEU A 419 -37.84 37.69 -22.10
N THR A 420 -37.82 36.88 -21.04
CA THR A 420 -37.27 35.53 -21.08
C THR A 420 -38.34 34.56 -20.57
N PRO A 421 -39.15 34.01 -21.48
CA PRO A 421 -40.28 33.17 -21.04
C PRO A 421 -39.82 31.77 -20.61
N GLN A 422 -40.69 31.13 -19.83
CA GLN A 422 -40.46 29.78 -19.35
C GLN A 422 -41.78 29.19 -18.91
N PHE A 423 -41.89 27.86 -19.00
CA PHE A 423 -43.11 27.16 -18.59
C PHE A 423 -42.72 25.93 -17.78
N MET A 424 -43.64 25.50 -16.93
CA MET A 424 -43.55 24.19 -16.30
C MET A 424 -44.92 23.83 -15.75
N VAL A 425 -45.24 22.54 -15.79
CA VAL A 425 -46.53 22.03 -15.32
C VAL A 425 -46.28 20.95 -14.29
N GLY A 426 -47.31 20.67 -13.50
CA GLY A 426 -47.23 19.69 -12.44
C GLY A 426 -47.18 18.26 -12.93
N ARG A 427 -47.73 17.33 -12.13
CA ARG A 427 -47.71 15.93 -12.50
C ARG A 427 -48.48 15.70 -13.80
N ASN A 428 -48.36 14.48 -14.32
CA ASN A 428 -48.66 14.21 -15.73
C ASN A 428 -47.83 15.14 -16.61
N ASN A 429 -46.53 15.23 -16.28
CA ASN A 429 -45.63 16.14 -16.95
C ASN A 429 -45.49 15.78 -18.42
N ILE A 430 -45.24 16.80 -19.24
CA ILE A 430 -45.19 16.66 -20.69
C ILE A 430 -43.81 17.09 -21.15
N SER A 431 -43.30 16.41 -22.19
CA SER A 431 -41.95 16.62 -22.70
C SER A 431 -41.71 18.09 -23.01
N PRO A 432 -40.94 18.79 -22.18
CA PRO A 432 -40.83 20.26 -22.29
C PRO A 432 -39.94 20.69 -23.45
N ASP A 433 -40.44 20.48 -24.66
CA ASP A 433 -39.71 20.84 -25.87
C ASP A 433 -40.68 20.78 -27.05
N PHE A 434 -40.19 21.18 -28.23
CA PHE A 434 -40.91 21.05 -29.48
C PHE A 434 -40.13 20.30 -30.54
N GLU A 435 -38.93 19.81 -30.20
CA GLU A 435 -38.01 19.26 -31.19
C GLU A 435 -37.58 17.83 -30.91
N SER A 436 -38.21 17.16 -29.94
CA SER A 436 -37.83 15.79 -29.56
C SER A 436 -36.33 15.70 -29.29
N VAL A 437 -35.83 16.64 -28.51
CA VAL A 437 -34.40 16.68 -28.19
C VAL A 437 -34.13 15.56 -27.21
N LEU A 438 -33.59 14.45 -27.72
CA LEU A 438 -33.44 13.22 -26.94
C LEU A 438 -32.48 13.38 -25.76
N GLU A 439 -31.65 14.42 -25.76
CA GLU A 439 -30.76 14.66 -24.63
C GLU A 439 -30.53 16.15 -24.49
N ARG A 440 -30.64 16.64 -23.25
CA ARG A 440 -30.36 18.04 -22.94
C ARG A 440 -29.54 18.09 -21.66
N LYS A 441 -28.73 19.14 -21.54
CA LYS A 441 -27.83 19.29 -20.41
C LYS A 441 -28.21 20.45 -19.49
N TRP A 442 -29.25 21.21 -19.84
CA TRP A 442 -29.68 22.33 -19.01
C TRP A 442 -30.44 21.78 -17.81
N GLN A 443 -29.67 21.36 -16.80
CA GLN A 443 -30.23 20.68 -15.64
C GLN A 443 -30.95 21.62 -14.69
N LYS A 444 -30.80 22.92 -14.84
CA LYS A 444 -31.50 23.87 -13.97
C LYS A 444 -33.00 23.83 -14.26
N SER A 445 -33.80 23.65 -13.21
CA SER A 445 -35.24 23.58 -13.36
C SER A 445 -35.82 24.98 -13.59
N ALA A 446 -37.08 25.01 -14.03
CA ALA A 446 -37.75 26.27 -14.31
C ALA A 446 -37.89 27.11 -13.04
N ILE A 447 -38.21 26.47 -11.92
CA ILE A 447 -38.39 27.22 -10.68
C ILE A 447 -37.08 27.87 -10.25
N GLN A 448 -35.96 27.16 -10.39
CA GLN A 448 -34.67 27.75 -10.05
C GLN A 448 -34.33 28.91 -11.00
N GLN A 449 -34.65 28.75 -12.28
CA GLN A 449 -34.40 29.82 -13.24
C GLN A 449 -35.19 31.07 -12.88
N PHE A 450 -36.46 30.90 -12.49
CA PHE A 450 -37.25 32.05 -12.07
C PHE A 450 -36.72 32.64 -10.76
N ARG A 451 -36.29 31.78 -9.83
CA ARG A 451 -35.79 32.25 -8.55
C ARG A 451 -34.54 33.09 -8.70
N ASP A 452 -33.63 32.67 -9.57
CA ASP A 452 -32.38 33.37 -9.80
C ASP A 452 -32.50 34.51 -10.80
N GLY A 453 -33.69 34.76 -11.32
CA GLY A 453 -33.88 35.81 -12.30
C GLY A 453 -33.51 35.44 -13.71
N ASN A 454 -33.15 34.18 -13.96
CA ASN A 454 -32.82 33.76 -15.32
C ASN A 454 -34.00 33.92 -16.25
N ALA A 455 -35.18 33.51 -15.79
CA ALA A 455 -36.42 33.70 -16.52
C ALA A 455 -37.24 34.78 -15.82
N ASN A 456 -37.56 35.84 -16.55
CA ASN A 456 -38.37 36.92 -16.00
C ASN A 456 -39.87 36.71 -16.25
N LEU A 457 -40.24 35.64 -16.94
CA LEU A 457 -41.64 35.30 -17.16
C LEU A 457 -41.84 33.83 -16.83
N MET A 458 -42.86 33.52 -16.04
CA MET A 458 -43.18 32.15 -15.65
C MET A 458 -44.62 31.86 -16.07
N ILE A 459 -44.78 30.97 -17.05
CA ILE A 459 -46.10 30.54 -17.53
C ILE A 459 -46.41 29.19 -16.88
N CYS A 460 -47.57 29.11 -16.24
CA CYS A 460 -47.90 27.92 -15.46
C CYS A 460 -49.41 27.72 -15.44
N SER A 461 -49.81 26.46 -15.21
CA SER A 461 -51.21 26.10 -15.05
C SER A 461 -51.43 25.67 -13.60
N SER A 462 -51.67 26.65 -12.74
CA SER A 462 -52.04 26.42 -11.34
C SER A 462 -51.03 25.54 -10.61
N VAL A 463 -49.74 25.76 -10.88
CA VAL A 463 -48.70 25.02 -10.18
C VAL A 463 -47.82 25.99 -9.40
N LEU A 464 -47.72 27.23 -9.86
CA LEU A 464 -47.00 28.28 -9.15
C LEU A 464 -47.91 29.10 -8.24
N GLU A 465 -49.19 28.77 -8.16
CA GLU A 465 -50.16 29.59 -7.46
C GLU A 465 -50.07 29.47 -5.95
N GLU A 466 -49.52 28.36 -5.42
CA GLU A 466 -49.55 28.12 -3.99
C GLU A 466 -48.39 27.22 -3.61
N GLY A 467 -47.91 27.38 -2.38
CA GLY A 467 -46.88 26.50 -1.83
C GLY A 467 -45.47 26.73 -2.27
N ILE A 468 -45.26 26.94 -3.58
CA ILE A 468 -43.92 27.11 -4.11
C ILE A 468 -43.31 28.39 -3.53
N ASP A 469 -42.00 28.34 -3.29
CA ASP A 469 -41.27 29.49 -2.78
C ASP A 469 -40.76 30.33 -3.95
N VAL A 470 -41.29 31.55 -4.07
CA VAL A 470 -40.92 32.45 -5.15
C VAL A 470 -40.71 33.86 -4.58
N GLN A 471 -40.01 34.68 -5.34
CA GLN A 471 -39.78 36.06 -4.95
C GLN A 471 -41.07 36.87 -5.09
N ALA A 472 -41.01 38.13 -4.67
CA ALA A 472 -42.14 39.03 -4.79
C ALA A 472 -42.30 39.40 -6.26
N CYS A 473 -43.21 38.73 -6.95
CA CYS A 473 -43.37 38.91 -8.39
C CYS A 473 -43.86 40.32 -8.70
N ASN A 474 -43.32 40.90 -9.77
CA ASN A 474 -43.66 42.28 -10.11
C ASN A 474 -45.07 42.40 -10.70
N HIS A 475 -45.47 41.43 -11.52
CA HIS A 475 -46.78 41.46 -12.15
C HIS A 475 -47.35 40.05 -12.22
N VAL A 476 -48.66 39.96 -12.41
CA VAL A 476 -49.34 38.68 -12.60
C VAL A 476 -50.39 38.86 -13.69
N PHE A 477 -50.43 37.93 -14.65
CA PHE A 477 -51.44 37.90 -15.69
C PHE A 477 -52.31 36.66 -15.48
N ILE A 478 -53.59 36.87 -15.17
CA ILE A 478 -54.55 35.78 -15.04
C ILE A 478 -55.24 35.65 -16.40
N LEU A 479 -54.70 34.77 -17.24
CA LEU A 479 -55.21 34.64 -18.60
C LEU A 479 -56.65 34.13 -18.62
N ASP A 480 -56.93 33.07 -17.88
CA ASP A 480 -58.25 32.46 -17.84
C ASP A 480 -58.97 32.87 -16.56
N PRO A 481 -60.31 32.92 -16.60
CA PRO A 481 -61.05 33.37 -15.41
C PRO A 481 -60.80 32.47 -14.21
N VAL A 482 -60.79 33.08 -13.03
CA VAL A 482 -60.53 32.35 -11.79
C VAL A 482 -61.79 31.60 -11.38
N LYS A 483 -61.62 30.31 -11.06
CA LYS A 483 -62.77 29.48 -10.76
C LYS A 483 -63.13 29.47 -9.28
N THR A 484 -62.14 29.58 -8.40
CA THR A 484 -62.36 29.33 -6.98
C THR A 484 -61.81 30.48 -6.15
N PHE A 485 -62.44 30.72 -5.00
CA PHE A 485 -62.03 31.79 -4.09
C PHE A 485 -60.56 31.69 -3.72
N ASN A 486 -60.13 30.52 -3.24
CA ASN A 486 -58.75 30.39 -2.81
C ASN A 486 -57.79 30.58 -3.97
N MET A 487 -58.20 30.16 -5.18
CA MET A 487 -57.39 30.40 -6.37
C MET A 487 -57.18 31.89 -6.59
N TYR A 488 -58.25 32.67 -6.49
CA TYR A 488 -58.13 34.12 -6.65
C TYR A 488 -57.26 34.72 -5.57
N VAL A 489 -57.43 34.28 -4.32
CA VAL A 489 -56.66 34.85 -3.21
C VAL A 489 -55.18 34.59 -3.41
N GLN A 490 -54.81 33.34 -3.71
CA GLN A 490 -53.40 33.02 -3.87
C GLN A 490 -52.82 33.66 -5.13
N SER A 491 -53.60 33.73 -6.20
CA SER A 491 -53.12 34.40 -7.42
C SER A 491 -52.84 35.86 -7.16
N LYS A 492 -53.75 36.55 -6.46
CA LYS A 492 -53.50 37.94 -6.12
C LYS A 492 -52.35 38.09 -5.14
N GLY A 493 -52.11 37.06 -4.32
CA GLY A 493 -50.95 37.06 -3.45
C GLY A 493 -49.64 36.83 -4.18
N ARG A 494 -49.69 36.25 -5.38
CA ARG A 494 -48.45 36.03 -6.13
C ARG A 494 -47.80 37.35 -6.57
N ALA A 495 -48.60 38.39 -6.79
CA ALA A 495 -48.06 39.72 -7.13
C ALA A 495 -47.66 40.45 -5.84
N ARG A 496 -46.72 39.84 -5.12
CA ARG A 496 -46.43 40.27 -3.75
C ARG A 496 -45.75 41.63 -3.67
N THR A 497 -45.32 42.20 -4.78
CA THR A 497 -44.72 43.52 -4.71
C THR A 497 -45.82 44.60 -4.67
N THR A 498 -45.45 45.76 -4.14
CA THR A 498 -46.35 46.90 -4.11
C THR A 498 -46.49 47.51 -5.50
N GLU A 499 -47.56 48.29 -5.69
CA GLU A 499 -47.93 48.90 -6.97
C GLU A 499 -47.79 47.90 -8.14
N ALA A 500 -48.10 46.64 -7.86
CA ALA A 500 -48.01 45.60 -8.87
C ALA A 500 -49.16 45.72 -9.86
N LYS A 501 -49.05 44.95 -10.94
CA LYS A 501 -50.10 44.89 -11.96
C LYS A 501 -50.68 43.48 -11.96
N PHE A 502 -51.94 43.36 -11.55
CA PHE A 502 -52.64 42.08 -11.47
C PHE A 502 -53.83 42.14 -12.42
N VAL A 503 -53.74 41.39 -13.52
CA VAL A 503 -54.64 41.55 -14.66
C VAL A 503 -55.66 40.41 -14.67
N LEU A 504 -56.92 40.77 -14.85
CA LEU A 504 -58.01 39.81 -15.03
C LEU A 504 -58.48 39.90 -16.48
N PHE A 505 -58.10 38.93 -17.30
CA PHE A 505 -58.48 38.91 -18.70
C PHE A 505 -59.89 38.32 -18.82
N THR A 506 -60.85 39.15 -19.21
CA THR A 506 -62.24 38.73 -19.31
C THR A 506 -62.81 39.20 -20.65
N ALA A 507 -63.88 38.54 -21.07
CA ALA A 507 -64.57 38.92 -22.30
C ALA A 507 -65.42 40.16 -22.06
N ASP A 508 -65.50 41.01 -23.11
CA ASP A 508 -66.36 42.18 -23.04
C ASP A 508 -67.82 41.79 -22.83
N LYS A 509 -68.24 40.66 -23.38
CA LYS A 509 -69.63 40.22 -23.31
C LYS A 509 -69.96 39.49 -22.03
N GLU A 510 -68.96 39.23 -21.18
CA GLU A 510 -69.16 38.51 -19.92
C GLU A 510 -68.65 39.33 -18.73
N ARG A 511 -68.79 40.65 -18.81
CA ARG A 511 -68.30 41.51 -17.73
C ARG A 511 -69.12 41.35 -16.46
N GLU A 512 -70.44 41.22 -16.59
CA GLU A 512 -71.33 41.29 -15.44
C GLU A 512 -71.10 40.12 -14.49
N LYS A 513 -71.09 38.89 -15.02
CA LYS A 513 -70.93 37.72 -14.17
C LYS A 513 -69.57 37.74 -13.48
N THR A 514 -68.52 38.10 -14.22
CA THR A 514 -67.17 38.13 -13.63
C THR A 514 -67.06 39.18 -12.54
N ILE A 515 -67.61 40.38 -12.77
CA ILE A 515 -67.51 41.42 -11.75
C ILE A 515 -68.35 41.05 -10.53
N GLN A 516 -69.48 40.39 -10.72
CA GLN A 516 -70.24 39.94 -9.57
C GLN A 516 -69.48 38.87 -8.80
N GLN A 517 -68.76 38.00 -9.51
CA GLN A 517 -67.88 37.06 -8.84
C GLN A 517 -66.80 37.79 -8.04
N ILE A 518 -66.28 38.89 -8.60
CA ILE A 518 -65.23 39.64 -7.91
C ILE A 518 -65.76 40.25 -6.62
N TYR A 519 -66.95 40.86 -6.66
CA TYR A 519 -67.58 41.32 -5.42
C TYR A 519 -67.90 40.17 -4.48
N GLN A 520 -68.27 39.00 -5.00
CA GLN A 520 -68.52 37.86 -4.11
C GLN A 520 -67.25 37.47 -3.37
N TYR A 521 -66.12 37.42 -4.07
CA TYR A 521 -64.86 37.08 -3.41
C TYR A 521 -64.43 38.17 -2.43
N ARG A 522 -64.60 39.44 -2.80
CA ARG A 522 -64.24 40.51 -1.87
C ARG A 522 -65.13 40.49 -0.63
N LYS A 523 -66.42 40.21 -0.81
CA LYS A 523 -67.33 40.07 0.32
C LYS A 523 -66.93 38.90 1.20
N ALA A 524 -66.52 37.78 0.58
CA ALA A 524 -66.06 36.65 1.37
C ALA A 524 -64.83 36.99 2.19
N HIS A 525 -63.87 37.69 1.58
CA HIS A 525 -62.67 38.09 2.31
C HIS A 525 -63.01 39.02 3.47
N ASN A 526 -63.90 40.00 3.23
CA ASN A 526 -64.30 40.91 4.28
C ASN A 526 -65.04 40.18 5.40
N ASP A 527 -65.88 39.21 5.04
CA ASP A 527 -66.57 38.42 6.04
C ASP A 527 -65.59 37.61 6.87
N ILE A 528 -64.57 37.03 6.23
CA ILE A 528 -63.54 36.32 6.99
C ILE A 528 -62.85 37.25 7.97
N ALA A 529 -62.47 38.44 7.49
CA ALA A 529 -61.78 39.40 8.35
C ALA A 529 -62.64 39.78 9.55
N GLU A 530 -63.88 40.19 9.29
CA GLU A 530 -64.76 40.62 10.38
C GLU A 530 -65.11 39.47 11.32
N TYR A 531 -65.24 38.25 10.80
CA TYR A 531 -65.51 37.10 11.63
C TYR A 531 -64.33 36.83 12.57
N LEU A 532 -63.11 36.93 12.05
CA LEU A 532 -61.95 36.75 12.91
C LEU A 532 -61.76 37.91 13.88
N LYS A 533 -62.31 39.09 13.57
CA LYS A 533 -62.25 40.20 14.53
C LYS A 533 -63.26 40.01 15.66
N ASP A 534 -64.55 39.90 15.33
CA ASP A 534 -65.59 39.97 16.35
C ASP A 534 -65.87 38.63 17.02
N ARG A 535 -65.77 37.53 16.29
CA ARG A 535 -66.08 36.20 16.84
C ARG A 535 -64.82 35.64 17.46
N VAL A 536 -64.81 35.51 18.79
CA VAL A 536 -63.70 34.92 19.52
C VAL A 536 -64.22 34.38 20.84
N LEU A 537 -63.67 33.25 21.26
CA LEU A 537 -63.98 32.64 22.55
C LEU A 537 -62.69 32.18 23.20
N GLU A 538 -62.58 32.40 24.51
CA GLU A 538 -61.37 32.07 25.23
C GLU A 538 -61.17 30.56 25.40
N LYS A 539 -62.18 29.76 25.08
CA LYS A 539 -62.00 28.31 25.10
C LYS A 539 -60.92 27.88 24.12
N THR A 540 -61.01 28.36 22.87
CA THR A 540 -59.94 28.32 21.88
C THR A 540 -59.67 26.88 21.41
N GLU A 541 -60.31 25.90 22.04
CA GLU A 541 -60.12 24.51 21.69
C GLU A 541 -61.47 23.80 21.69
N PRO A 542 -61.67 22.83 20.80
CA PRO A 542 -62.94 22.12 20.75
C PRO A 542 -63.12 21.19 21.93
N GLU A 543 -64.39 20.91 22.25
CA GLU A 543 -64.71 19.96 23.30
C GLU A 543 -64.70 18.54 22.76
N LEU A 544 -64.71 17.57 23.69
CA LEU A 544 -64.59 16.17 23.29
C LEU A 544 -65.79 15.73 22.45
N TYR A 545 -67.00 16.16 22.83
CA TYR A 545 -68.18 15.70 22.12
C TYR A 545 -68.20 16.18 20.68
N GLU A 546 -67.82 17.43 20.44
CA GLU A 546 -67.77 17.92 19.06
C GLU A 546 -66.58 17.35 18.31
N ILE A 547 -65.47 17.09 19.01
CA ILE A 547 -64.32 16.44 18.37
C ILE A 547 -64.73 15.08 17.81
N LYS A 548 -65.44 14.29 18.63
CA LYS A 548 -65.87 12.98 18.15
C LYS A 548 -67.01 13.10 17.13
N GLY A 549 -67.87 14.12 17.27
CA GLY A 549 -68.95 14.28 16.32
C GLY A 549 -68.46 14.61 14.92
N HIS A 550 -67.36 15.37 14.82
CA HIS A 550 -66.83 15.70 13.51
C HIS A 550 -66.24 14.48 12.79
N PHE A 551 -65.98 13.38 13.49
CA PHE A 551 -65.35 12.22 12.87
C PHE A 551 -66.09 10.92 13.10
N GLN A 552 -67.20 10.91 13.85
CA GLN A 552 -67.93 9.68 14.09
C GLN A 552 -68.70 9.19 12.88
N ASP A 553 -68.80 10.00 11.82
CA ASP A 553 -69.61 9.63 10.67
C ASP A 553 -69.03 8.45 9.90
N ASP A 554 -67.71 8.45 9.68
CA ASP A 554 -67.09 7.45 8.84
C ASP A 554 -66.97 6.11 9.57
N ILE A 555 -66.64 5.07 8.81
CA ILE A 555 -66.49 3.74 9.37
C ILE A 555 -65.32 3.70 10.34
N ASP A 556 -65.52 3.03 11.47
CA ASP A 556 -64.48 2.96 12.49
C ASP A 556 -63.28 2.20 11.95
N PRO A 557 -62.07 2.71 12.12
CA PRO A 557 -60.88 1.95 11.74
C PRO A 557 -60.62 0.81 12.70
N PHE A 558 -59.92 -0.21 12.21
CA PHE A 558 -59.55 -1.36 13.02
C PHE A 558 -58.14 -1.19 13.53
N THR A 559 -57.95 -1.38 14.83
CA THR A 559 -56.65 -1.21 15.47
C THR A 559 -56.25 -2.50 16.16
N ASN A 560 -54.97 -2.83 16.04
CA ASN A 560 -54.42 -4.03 16.65
C ASN A 560 -53.79 -3.70 18.01
N GLU A 561 -53.59 -4.76 18.81
CA GLU A 561 -52.87 -4.59 20.06
C GLU A 561 -51.42 -4.20 19.85
N ASN A 562 -50.87 -4.47 18.66
CA ASN A 562 -49.54 -4.00 18.33
C ASN A 562 -49.50 -2.48 18.23
N GLY A 563 -50.63 -1.85 17.93
CA GLY A 563 -50.73 -0.41 17.85
C GLY A 563 -51.04 0.13 16.47
N ALA A 564 -50.93 -0.69 15.43
CA ALA A 564 -51.21 -0.22 14.08
C ALA A 564 -52.70 -0.01 13.89
N VAL A 565 -53.04 0.92 13.00
CA VAL A 565 -54.43 1.26 12.70
C VAL A 565 -54.66 1.16 11.21
N LEU A 566 -55.71 0.44 10.81
CA LEU A 566 -56.09 0.30 9.41
C LEU A 566 -57.09 1.39 9.08
N LEU A 567 -56.63 2.46 8.46
CA LEU A 567 -57.52 3.56 8.11
C LEU A 567 -58.47 3.13 7.00
N PRO A 568 -59.79 3.29 7.18
CA PRO A 568 -60.72 2.86 6.13
C PRO A 568 -60.49 3.56 4.80
N ASN A 569 -60.10 4.83 4.81
CA ASN A 569 -59.85 5.54 3.57
C ASN A 569 -58.57 5.10 2.89
N ASN A 570 -57.66 4.45 3.61
CA ASN A 570 -56.45 3.90 3.03
C ASN A 570 -56.57 2.41 2.72
N ALA A 571 -57.75 1.82 2.93
CA ALA A 571 -57.93 0.40 2.67
C ALA A 571 -57.73 0.09 1.19
N LEU A 572 -58.28 0.93 0.31
CA LEU A 572 -58.11 0.70 -1.12
C LEU A 572 -56.64 0.78 -1.52
N ALA A 573 -55.92 1.77 -1.00
CA ALA A 573 -54.51 1.89 -1.32
C ALA A 573 -53.72 0.69 -0.83
N ILE A 574 -54.00 0.23 0.39
CA ILE A 574 -53.29 -0.94 0.93
C ILE A 574 -53.59 -2.16 0.09
N LEU A 575 -54.86 -2.37 -0.26
CA LEU A 575 -55.25 -3.54 -1.04
C LEU A 575 -54.61 -3.52 -2.42
N HIS A 576 -54.61 -2.36 -3.08
CA HIS A 576 -54.02 -2.29 -4.41
C HIS A 576 -52.51 -2.40 -4.37
N ARG A 577 -51.87 -1.94 -3.29
CA ARG A 577 -50.46 -2.23 -3.10
C ARG A 577 -50.22 -3.72 -2.97
N TYR A 578 -51.07 -4.40 -2.20
CA TYR A 578 -50.92 -5.85 -2.04
C TYR A 578 -51.06 -6.56 -3.37
N CYS A 579 -52.05 -6.16 -4.19
CA CYS A 579 -52.23 -6.80 -5.49
C CYS A 579 -51.08 -6.49 -6.43
N GLN A 580 -50.39 -5.38 -6.21
CA GLN A 580 -49.21 -5.06 -7.01
C GLN A 580 -48.09 -6.06 -6.77
N THR A 581 -47.90 -6.48 -5.51
CA THR A 581 -46.78 -7.32 -5.14
C THR A 581 -47.01 -8.80 -5.45
N ILE A 582 -48.26 -9.23 -5.61
CA ILE A 582 -48.55 -10.66 -5.79
C ILE A 582 -47.88 -11.23 -7.04
N PRO A 583 -48.06 -10.65 -8.25
CA PRO A 583 -47.55 -11.33 -9.45
C PRO A 583 -46.03 -11.41 -9.47
N THR A 584 -45.55 -12.49 -10.07
CA THR A 584 -44.12 -12.69 -10.30
C THR A 584 -43.80 -12.72 -11.79
N ASP A 585 -44.57 -11.97 -12.57
CA ASP A 585 -44.43 -11.94 -14.02
C ASP A 585 -44.93 -10.60 -14.53
N ALA A 586 -44.23 -10.06 -15.53
CA ALA A 586 -44.62 -8.77 -16.09
C ALA A 586 -46.02 -8.82 -16.67
N PHE A 587 -46.41 -9.95 -17.26
CA PHE A 587 -47.73 -10.09 -17.86
C PHE A 587 -48.80 -10.56 -16.87
N GLY A 588 -48.41 -10.96 -15.67
CA GLY A 588 -49.34 -11.48 -14.69
C GLY A 588 -50.04 -10.47 -13.82
N PHE A 589 -49.72 -9.18 -13.96
CA PHE A 589 -50.33 -8.16 -13.11
C PHE A 589 -51.78 -7.94 -13.50
N VAL A 590 -52.66 -7.91 -12.50
CA VAL A 590 -54.07 -7.65 -12.73
C VAL A 590 -54.66 -7.04 -11.46
N ILE A 591 -55.55 -6.07 -11.62
CA ILE A 591 -56.19 -5.38 -10.50
C ILE A 591 -57.42 -6.16 -10.07
N PRO A 592 -57.91 -5.98 -8.84
CA PRO A 592 -59.12 -6.68 -8.42
C PRO A 592 -60.33 -6.27 -9.25
N TRP A 593 -61.25 -7.21 -9.42
CA TRP A 593 -62.47 -6.98 -10.20
C TRP A 593 -63.57 -6.55 -9.25
N PHE A 594 -63.78 -5.23 -9.13
CA PHE A 594 -64.90 -4.71 -8.38
C PHE A 594 -66.21 -4.94 -9.14
N HIS A 595 -67.30 -5.03 -8.40
CA HIS A 595 -68.60 -5.27 -9.02
C HIS A 595 -69.69 -4.70 -8.13
N VAL A 596 -70.75 -4.22 -8.78
CA VAL A 596 -71.93 -3.70 -8.09
C VAL A 596 -73.08 -4.67 -8.33
N LEU A 597 -73.67 -5.15 -7.25
CA LEU A 597 -74.74 -6.14 -7.36
C LEU A 597 -76.04 -5.48 -7.80
N GLN A 598 -76.75 -6.15 -8.70
CA GLN A 598 -78.03 -5.64 -9.15
C GLN A 598 -79.05 -5.76 -8.02
N GLU A 599 -80.14 -5.00 -8.15
CA GLU A 599 -81.12 -4.91 -7.07
C GLU A 599 -81.74 -6.27 -6.77
N ASP A 600 -82.07 -7.05 -7.80
CA ASP A 600 -82.56 -8.40 -7.57
C ASP A 600 -81.51 -9.26 -6.88
N GLU A 601 -80.26 -9.18 -7.34
CA GLU A 601 -79.17 -9.91 -6.70
C GLU A 601 -78.97 -9.42 -5.26
N ARG A 602 -78.98 -8.11 -5.06
CA ARG A 602 -78.80 -7.54 -3.73
C ARG A 602 -79.87 -8.04 -2.78
N ASP A 603 -81.13 -8.05 -3.22
CA ASP A 603 -82.21 -8.54 -2.39
C ASP A 603 -82.04 -10.03 -2.10
N ARG A 604 -81.86 -10.85 -3.14
CA ARG A 604 -81.77 -12.29 -2.91
C ARG A 604 -80.54 -12.69 -2.12
N ILE A 605 -79.55 -11.80 -1.97
CA ILE A 605 -78.39 -12.10 -1.14
C ILE A 605 -78.58 -11.59 0.28
N PHE A 606 -79.08 -10.37 0.47
CA PHE A 606 -79.08 -9.75 1.79
C PHE A 606 -80.48 -9.48 2.34
N GLY A 607 -81.50 -10.19 1.86
CA GLY A 607 -82.82 -9.92 2.38
C GLY A 607 -83.34 -8.58 1.91
N VAL A 608 -84.40 -8.12 2.58
CA VAL A 608 -84.94 -6.79 2.31
C VAL A 608 -84.21 -5.69 3.07
N SER A 609 -83.32 -6.06 3.99
CA SER A 609 -82.59 -5.07 4.77
C SER A 609 -81.64 -4.23 3.91
N ALA A 610 -81.25 -4.73 2.74
CA ALA A 610 -80.36 -4.02 1.85
C ALA A 610 -81.10 -3.05 0.93
N LYS A 611 -82.42 -2.96 1.03
CA LYS A 611 -83.19 -2.05 0.19
C LYS A 611 -82.77 -0.61 0.45
N GLY A 612 -82.56 0.14 -0.63
CA GLY A 612 -82.14 1.52 -0.53
C GLY A 612 -80.66 1.73 -0.27
N LYS A 613 -79.87 0.65 -0.20
CA LYS A 613 -78.45 0.75 0.07
C LYS A 613 -77.68 -0.01 -1.01
N HIS A 614 -76.45 0.46 -1.28
CA HIS A 614 -75.61 -0.15 -2.30
C HIS A 614 -74.71 -1.23 -1.70
N VAL A 615 -74.35 -2.20 -2.53
CA VAL A 615 -73.42 -3.26 -2.16
C VAL A 615 -72.41 -3.43 -3.28
N ILE A 616 -71.14 -3.60 -2.89
CA ILE A 616 -70.04 -3.75 -3.84
C ILE A 616 -69.29 -5.03 -3.51
N SER A 617 -69.20 -5.94 -4.47
CA SER A 617 -68.45 -7.17 -4.30
C SER A 617 -67.07 -7.03 -4.94
N ILE A 618 -66.11 -7.73 -4.36
CA ILE A 618 -64.73 -7.74 -4.85
C ILE A 618 -64.30 -9.19 -5.06
N ASN A 619 -63.72 -9.47 -6.22
CA ASN A 619 -63.17 -10.79 -6.52
C ASN A 619 -61.66 -10.64 -6.67
N MET A 620 -60.93 -11.36 -5.82
CA MET A 620 -59.49 -11.24 -5.77
C MET A 620 -58.92 -11.88 -7.04
N PRO A 621 -57.71 -11.51 -7.45
CA PRO A 621 -57.09 -12.20 -8.58
C PRO A 621 -56.83 -13.67 -8.27
N VAL A 622 -56.81 -14.48 -9.32
CA VAL A 622 -56.77 -15.93 -9.16
C VAL A 622 -55.50 -16.36 -8.43
N ASN A 623 -54.38 -15.69 -8.68
CA ASN A 623 -53.12 -16.09 -8.05
C ASN A 623 -53.13 -15.84 -6.55
N CYS A 624 -53.98 -14.95 -6.07
CA CYS A 624 -54.06 -14.69 -4.64
C CYS A 624 -54.76 -15.85 -3.92
N MET A 625 -54.47 -15.98 -2.63
CA MET A 625 -55.06 -17.06 -1.84
C MET A 625 -56.54 -16.80 -1.58
N LEU A 626 -56.95 -15.54 -1.51
CA LEU A 626 -58.35 -15.21 -1.29
C LEU A 626 -59.16 -15.44 -2.56
N ARG A 627 -60.26 -16.18 -2.43
CA ARG A 627 -61.17 -16.40 -3.55
C ARG A 627 -62.61 -16.43 -3.08
N ASP A 628 -62.94 -15.75 -1.99
CA ASP A 628 -64.22 -15.88 -1.32
C ASP A 628 -65.26 -14.86 -1.75
N THR A 629 -64.91 -13.95 -2.67
CA THR A 629 -65.83 -12.93 -3.16
C THR A 629 -66.44 -12.13 -2.01
N ILE A 630 -65.60 -11.32 -1.37
CA ILE A 630 -66.04 -10.52 -0.23
C ILE A 630 -67.18 -9.61 -0.66
N TYR A 631 -68.22 -9.54 0.17
CA TYR A 631 -69.37 -8.67 -0.06
C TYR A 631 -69.32 -7.51 0.93
N SER A 632 -69.48 -6.29 0.42
CA SER A 632 -69.47 -5.12 1.26
C SER A 632 -70.77 -5.01 2.06
N ASP A 633 -70.68 -4.32 3.20
CA ASP A 633 -71.87 -4.01 3.96
C ASP A 633 -72.75 -3.05 3.16
N PRO A 634 -74.07 -3.20 3.23
CA PRO A 634 -74.95 -2.24 2.53
C PRO A 634 -74.79 -0.84 3.11
N MET A 635 -74.49 0.12 2.23
CA MET A 635 -74.28 1.51 2.63
C MET A 635 -75.03 2.43 1.69
N ASP A 636 -75.07 3.71 2.07
CA ASP A 636 -75.93 4.67 1.38
C ASP A 636 -75.49 4.91 -0.06
N ASN A 637 -74.18 4.93 -0.31
CA ASN A 637 -73.68 5.34 -1.62
C ASN A 637 -72.59 4.38 -2.08
N VAL A 638 -72.21 4.52 -3.35
CA VAL A 638 -71.26 3.61 -3.96
C VAL A 638 -69.88 3.74 -3.31
N LYS A 639 -69.44 4.98 -3.05
CA LYS A 639 -68.11 5.17 -2.48
C LYS A 639 -68.00 4.56 -1.10
N THR A 640 -69.02 4.74 -0.26
CA THR A 640 -68.99 4.16 1.08
C THR A 640 -68.95 2.64 1.02
N ALA A 641 -69.75 2.04 0.14
CA ALA A 641 -69.75 0.59 0.01
C ALA A 641 -68.40 0.07 -0.49
N LYS A 642 -67.80 0.78 -1.45
CA LYS A 642 -66.50 0.38 -1.97
C LYS A 642 -65.44 0.46 -0.88
N ILE A 643 -65.46 1.53 -0.09
CA ILE A 643 -64.51 1.67 1.01
C ILE A 643 -64.72 0.55 2.04
N SER A 644 -65.98 0.23 2.33
CA SER A 644 -66.26 -0.84 3.28
C SER A 644 -65.77 -2.18 2.76
N ALA A 645 -65.95 -2.44 1.48
CA ALA A 645 -65.46 -3.68 0.89
C ALA A 645 -63.94 -3.77 1.00
N ALA A 646 -63.24 -2.67 0.68
CA ALA A 646 -61.80 -2.66 0.79
C ALA A 646 -61.35 -2.90 2.23
N PHE A 647 -62.03 -2.24 3.18
CA PHE A 647 -61.69 -2.39 4.59
C PHE A 647 -61.88 -3.82 5.07
N LYS A 648 -63.01 -4.42 4.71
CA LYS A 648 -63.28 -5.81 5.11
C LYS A 648 -62.28 -6.77 4.48
N ALA A 649 -61.95 -6.57 3.19
CA ALA A 649 -60.98 -7.43 2.54
C ALA A 649 -59.61 -7.30 3.19
N CYS A 650 -59.21 -6.08 3.55
CA CYS A 650 -57.94 -5.89 4.24
C CYS A 650 -57.95 -6.56 5.61
N LYS A 651 -59.07 -6.48 6.33
CA LYS A 651 -59.16 -7.17 7.61
C LYS A 651 -59.01 -8.68 7.43
N VAL A 652 -59.67 -9.24 6.41
CA VAL A 652 -59.55 -10.67 6.15
C VAL A 652 -58.11 -11.03 5.79
N LEU A 653 -57.47 -10.21 4.96
CA LEU A 653 -56.08 -10.50 4.58
C LEU A 653 -55.16 -10.46 5.79
N TYR A 654 -55.40 -9.51 6.71
CA TYR A 654 -54.62 -9.49 7.95
C TYR A 654 -54.87 -10.75 8.77
N SER A 655 -56.13 -11.18 8.86
CA SER A 655 -56.45 -12.36 9.66
C SER A 655 -55.76 -13.61 9.12
N LEU A 656 -55.73 -13.77 7.80
CA LEU A 656 -55.12 -14.93 7.17
C LEU A 656 -53.62 -14.79 6.99
N GLY A 657 -52.98 -13.88 7.71
CA GLY A 657 -51.53 -13.78 7.72
C GLY A 657 -50.91 -13.10 6.53
N GLU A 658 -51.70 -12.55 5.61
CA GLU A 658 -51.12 -11.87 4.46
C GLU A 658 -50.48 -10.54 4.86
N LEU A 659 -50.96 -9.93 5.94
CA LEU A 659 -50.43 -8.67 6.44
C LEU A 659 -49.66 -8.91 7.74
N ASN A 660 -48.60 -8.14 7.93
CA ASN A 660 -47.63 -8.36 9.01
C ASN A 660 -48.04 -7.69 10.32
N GLU A 661 -49.34 -7.45 10.52
CA GLU A 661 -49.88 -6.80 11.71
C GLU A 661 -49.54 -5.31 11.72
N ARG A 662 -48.70 -4.89 10.78
CA ARG A 662 -48.52 -3.48 10.48
C ARG A 662 -49.27 -3.08 9.21
N PHE A 663 -50.10 -3.99 8.70
CA PHE A 663 -51.02 -3.76 7.59
C PHE A 663 -50.33 -3.57 6.25
N VAL A 664 -49.03 -3.82 6.16
CA VAL A 664 -48.35 -3.86 4.88
C VAL A 664 -48.27 -5.32 4.44
N PRO A 665 -48.27 -5.61 3.13
CA PRO A 665 -48.15 -7.00 2.70
C PRO A 665 -46.82 -7.60 3.14
N LYS A 666 -46.86 -8.86 3.54
CA LYS A 666 -45.66 -9.54 4.03
C LYS A 666 -44.65 -9.70 2.89
N THR A 667 -43.40 -9.34 3.16
CA THR A 667 -42.34 -9.54 2.18
C THR A 667 -41.84 -10.97 2.25
N LEU A 668 -41.01 -11.33 1.27
CA LEU A 668 -40.43 -12.67 1.24
C LEU A 668 -39.54 -12.91 2.46
N LYS A 669 -38.81 -11.86 2.88
CA LYS A 669 -37.95 -11.99 4.05
C LYS A 669 -38.76 -12.35 5.29
N GLU A 670 -39.93 -11.75 5.45
CA GLU A 670 -40.76 -12.05 6.61
C GLU A 670 -41.21 -13.52 6.61
N ARG A 671 -41.61 -14.02 5.44
CA ARG A 671 -42.03 -15.42 5.36
C ARG A 671 -40.87 -16.36 5.69
N VAL A 672 -39.70 -16.12 5.09
CA VAL A 672 -38.58 -17.02 5.35
C VAL A 672 -38.12 -16.90 6.80
N ALA A 673 -38.23 -15.71 7.40
CA ALA A 673 -37.90 -15.59 8.82
C ALA A 673 -38.89 -16.35 9.69
N SER A 674 -40.18 -16.31 9.35
CA SER A 674 -41.17 -17.07 10.10
C SER A 674 -40.94 -18.57 9.95
N ILE A 675 -40.39 -19.00 8.82
CA ILE A 675 -40.12 -20.43 8.62
C ILE A 675 -38.77 -20.87 9.16
N ALA A 676 -37.84 -19.93 9.40
CA ALA A 676 -36.49 -20.26 9.81
C ALA A 676 -36.46 -21.19 11.01
N ASP A 677 -37.20 -20.85 12.08
CA ASP A 677 -37.18 -21.68 13.27
C ASP A 677 -37.74 -23.07 13.01
N VAL A 678 -38.75 -23.17 12.15
CA VAL A 678 -39.37 -24.47 11.88
C VAL A 678 -38.43 -25.36 11.08
N HIS A 679 -37.74 -24.79 10.08
CA HIS A 679 -36.99 -25.60 9.12
C HIS A 679 -35.49 -25.37 9.12
N PHE A 680 -35.00 -24.25 9.62
CA PHE A 680 -33.58 -23.93 9.55
C PHE A 680 -33.00 -23.66 10.94
N GLU A 681 -33.56 -24.32 11.96
CA GLU A 681 -33.13 -24.06 13.33
C GLU A 681 -31.71 -24.55 13.58
N HIS A 682 -31.30 -25.64 12.95
CA HIS A 682 -29.99 -26.23 13.25
C HIS A 682 -28.83 -25.35 12.84
N TRP A 683 -29.06 -24.29 12.06
CA TRP A 683 -28.01 -23.33 11.77
C TRP A 683 -27.52 -22.59 13.01
N ASN A 684 -28.29 -22.64 14.11
CA ASN A 684 -27.96 -21.86 15.29
C ASN A 684 -26.64 -22.30 15.91
N LYS A 685 -26.38 -23.61 15.96
CA LYS A 685 -25.20 -24.12 16.63
C LYS A 685 -23.91 -23.63 15.97
N TYR A 686 -23.98 -23.15 14.73
CA TYR A 686 -22.83 -22.60 14.03
C TYR A 686 -22.81 -21.09 14.03
N GLY A 687 -23.65 -20.45 14.84
CA GLY A 687 -23.72 -19.00 14.87
C GLY A 687 -24.24 -18.39 13.58
N ASP A 688 -25.26 -18.98 12.99
CA ASP A 688 -25.80 -18.51 11.74
C ASP A 688 -27.30 -18.74 11.69
N SER A 689 -27.96 -18.03 10.78
CA SER A 689 -29.37 -18.24 10.49
C SER A 689 -29.59 -18.10 9.00
N VAL A 690 -30.66 -18.72 8.51
CA VAL A 690 -30.95 -18.71 7.08
C VAL A 690 -31.22 -17.29 6.59
N THR A 691 -31.85 -16.46 7.42
CA THR A 691 -32.13 -15.08 7.07
C THR A 691 -30.93 -14.16 7.28
N ALA A 692 -29.91 -14.63 7.99
CA ALA A 692 -28.78 -13.78 8.31
C ALA A 692 -27.97 -13.41 7.07
N THR A 693 -27.44 -12.20 7.06
CA THR A 693 -26.55 -11.72 6.01
C THR A 693 -25.08 -11.90 6.36
N VAL A 694 -24.78 -12.53 7.50
CA VAL A 694 -23.40 -12.59 8.00
C VAL A 694 -22.53 -13.44 7.10
N ASN A 695 -23.07 -14.54 6.55
CA ASN A 695 -22.28 -15.50 5.79
C ASN A 695 -22.57 -15.43 4.29
N LYS A 696 -23.04 -14.27 3.80
CA LYS A 696 -23.28 -14.12 2.38
C LYS A 696 -21.97 -13.93 1.60
N ALA A 697 -21.01 -13.21 2.18
CA ALA A 697 -19.80 -12.88 1.45
C ALA A 697 -18.88 -14.09 1.30
N ASP A 698 -18.68 -14.85 2.38
CA ASP A 698 -17.75 -15.97 2.37
C ASP A 698 -18.42 -17.23 1.83
N LYS A 699 -18.86 -17.13 0.57
CA LYS A 699 -19.60 -18.21 -0.06
C LYS A 699 -18.72 -19.41 -0.36
N SER A 700 -17.53 -19.18 -0.94
CA SER A 700 -16.71 -20.24 -1.50
C SER A 700 -15.56 -20.63 -0.58
N LYS A 701 -15.72 -20.49 0.73
CA LYS A 701 -14.67 -20.88 1.65
C LYS A 701 -14.72 -22.38 1.92
N ASP A 702 -13.73 -22.86 2.66
CA ASP A 702 -13.64 -24.25 3.06
C ASP A 702 -13.39 -24.31 4.56
N ARG A 703 -13.43 -25.52 5.11
CA ARG A 703 -13.28 -25.72 6.54
C ARG A 703 -12.36 -26.90 6.80
N THR A 704 -11.74 -26.89 7.98
CA THR A 704 -10.86 -27.97 8.41
C THR A 704 -11.64 -28.95 9.28
N TYR A 705 -11.28 -30.23 9.18
CA TYR A 705 -12.01 -31.26 9.90
C TYR A 705 -11.05 -32.32 10.40
N LYS A 706 -11.35 -32.87 11.58
CA LYS A 706 -10.52 -33.89 12.18
C LYS A 706 -10.90 -35.25 11.62
N THR A 707 -9.99 -35.88 10.88
CA THR A 707 -10.23 -37.21 10.37
C THR A 707 -10.26 -38.22 11.51
N GLU A 708 -11.02 -39.29 11.31
CA GLU A 708 -11.10 -40.37 12.28
C GLU A 708 -11.01 -41.70 11.56
N CYS A 709 -10.29 -42.64 12.18
CA CYS A 709 -10.12 -43.97 11.62
C CYS A 709 -11.39 -44.79 11.77
N PRO A 710 -11.55 -45.84 10.97
CA PRO A 710 -12.65 -46.78 11.21
C PRO A 710 -12.48 -47.45 12.56
N LEU A 711 -13.62 -47.88 13.12
CA LEU A 711 -13.58 -48.50 14.45
C LEU A 711 -12.70 -49.73 14.47
N GLU A 712 -12.63 -50.46 13.36
CA GLU A 712 -11.77 -51.64 13.31
C GLU A 712 -10.31 -51.28 13.50
N PHE A 713 -9.87 -50.17 12.92
CA PHE A 713 -8.47 -49.75 13.00
C PHE A 713 -8.19 -48.92 14.25
N TYR A 714 -9.11 -48.87 15.19
CA TYR A 714 -8.90 -48.20 16.46
C TYR A 714 -8.69 -49.25 17.54
N ASP A 715 -7.63 -49.07 18.33
CA ASP A 715 -7.24 -50.06 19.34
C ASP A 715 -6.99 -51.43 18.71
N ALA A 716 -6.39 -51.43 17.52
CA ALA A 716 -6.11 -52.65 16.79
C ALA A 716 -4.73 -53.22 17.08
N LEU A 717 -3.95 -52.57 17.94
CA LEU A 717 -2.61 -53.04 18.24
C LEU A 717 -2.68 -54.38 18.95
N PRO A 718 -2.08 -55.44 18.40
CA PRO A 718 -2.12 -56.75 19.07
C PRO A 718 -1.46 -56.69 20.43
N ARG A 719 -1.99 -57.48 21.36
CA ARG A 719 -1.57 -57.43 22.75
C ARG A 719 -1.18 -58.82 23.22
N VAL A 720 -0.23 -58.86 24.16
CA VAL A 720 0.24 -60.12 24.72
C VAL A 720 -0.85 -60.75 25.55
N GLY A 721 -1.09 -62.04 25.34
CA GLY A 721 -2.15 -62.75 26.04
C GLY A 721 -3.53 -62.56 25.44
N GLU A 722 -3.62 -62.01 24.24
CA GLU A 722 -4.89 -61.79 23.57
C GLU A 722 -4.88 -62.43 22.20
N ILE A 723 -6.04 -62.86 21.75
CA ILE A 723 -6.19 -63.45 20.42
C ILE A 723 -6.13 -62.34 19.37
N CYS A 724 -5.36 -62.56 18.32
CA CYS A 724 -5.23 -61.60 17.24
C CYS A 724 -5.46 -62.30 15.91
N TYR A 725 -5.99 -61.55 14.94
CA TYR A 725 -6.42 -62.09 13.66
C TYR A 725 -5.55 -61.56 12.53
N ALA A 726 -5.16 -62.44 11.62
CA ALA A 726 -4.33 -62.09 10.48
C ALA A 726 -5.09 -62.36 9.19
N TYR A 727 -5.09 -61.39 8.29
CA TYR A 727 -5.78 -61.49 7.00
C TYR A 727 -4.76 -61.42 5.88
N GLU A 728 -4.56 -62.53 5.18
CA GLU A 728 -3.63 -62.55 4.06
C GLU A 728 -4.16 -61.71 2.91
N ILE A 729 -3.26 -60.96 2.26
CA ILE A 729 -3.59 -60.12 1.12
C ILE A 729 -3.05 -60.78 -0.13
N PHE A 730 -3.93 -61.09 -1.07
CA PHE A 730 -3.57 -61.77 -2.30
C PHE A 730 -3.55 -60.79 -3.46
N LEU A 731 -2.71 -61.06 -4.45
CA LEU A 731 -2.60 -60.24 -5.64
C LEU A 731 -2.58 -61.13 -6.87
N GLU A 732 -3.36 -60.75 -7.88
CA GLU A 732 -3.49 -61.53 -9.11
C GLU A 732 -3.21 -60.62 -10.30
N PRO A 733 -2.16 -60.89 -11.08
CA PRO A 733 -1.89 -60.06 -12.26
C PRO A 733 -2.87 -60.39 -13.38
N GLN A 734 -3.40 -59.33 -14.02
CA GLN A 734 -4.27 -59.51 -15.17
C GLN A 734 -3.51 -59.48 -16.49
N PHE A 735 -2.40 -58.75 -16.55
CA PHE A 735 -1.62 -58.65 -17.76
C PHE A 735 -0.92 -59.97 -18.07
N GLU A 736 -0.57 -60.15 -19.34
CA GLU A 736 0.09 -61.36 -19.79
C GLU A 736 1.58 -61.32 -19.44
N SER A 737 2.14 -62.50 -19.19
CA SER A 737 3.56 -62.61 -18.88
C SER A 737 4.37 -62.62 -20.17
N CYS A 738 5.27 -61.64 -20.30
CA CYS A 738 6.07 -61.50 -21.50
C CYS A 738 7.41 -60.87 -21.12
N GLU A 739 8.25 -60.64 -22.13
CA GLU A 739 9.59 -60.13 -21.90
C GLU A 739 9.58 -58.81 -21.13
N TYR A 740 8.51 -58.05 -21.22
CA TYR A 740 8.36 -56.82 -20.45
C TYR A 740 7.67 -57.04 -19.11
N THR A 741 7.14 -58.25 -18.85
CA THR A 741 6.24 -58.45 -17.72
C THR A 741 6.50 -59.68 -16.86
N GLU A 742 7.40 -60.59 -17.24
CA GLU A 742 7.55 -61.83 -16.47
C GLU A 742 7.99 -61.55 -15.04
N HIS A 743 8.93 -60.63 -14.85
CA HIS A 743 9.52 -60.42 -13.53
C HIS A 743 8.46 -59.97 -12.54
N MET A 744 7.41 -59.29 -13.01
CA MET A 744 6.31 -58.89 -12.14
C MET A 744 5.24 -59.98 -12.04
N TYR A 745 4.87 -60.58 -13.17
CA TYR A 745 3.83 -61.59 -13.19
C TYR A 745 4.18 -62.77 -12.30
N LEU A 746 5.30 -63.44 -12.60
CA LEU A 746 5.68 -64.63 -11.86
C LEU A 746 5.92 -64.32 -10.38
N ASN A 747 6.53 -63.17 -10.11
CA ASN A 747 6.80 -62.79 -8.72
C ASN A 747 5.50 -62.55 -7.95
N LEU A 748 4.52 -61.90 -8.59
CA LEU A 748 3.24 -61.68 -7.91
C LEU A 748 2.51 -62.99 -7.68
N GLN A 749 2.58 -63.92 -8.62
CA GLN A 749 1.93 -65.21 -8.43
C GLN A 749 2.65 -66.13 -7.45
N THR A 750 3.73 -65.66 -6.82
CA THR A 750 4.43 -66.49 -5.85
C THR A 750 3.55 -66.71 -4.62
N PRO A 751 3.65 -67.90 -4.00
CA PRO A 751 2.79 -68.19 -2.85
C PRO A 751 3.14 -67.38 -1.60
N ARG A 752 4.36 -66.85 -1.51
CA ARG A 752 4.73 -66.07 -0.33
C ARG A 752 4.05 -64.70 -0.37
N ASN A 753 3.39 -64.35 0.73
CA ASN A 753 2.63 -63.11 0.81
C ASN A 753 2.85 -62.51 2.21
N TYR A 754 2.04 -61.51 2.52
CA TYR A 754 2.01 -60.93 3.86
C TYR A 754 0.55 -60.79 4.29
N ALA A 755 0.36 -60.34 5.52
CA ALA A 755 -0.98 -60.26 6.08
C ALA A 755 -1.09 -59.03 6.97
N ILE A 756 -2.32 -58.63 7.24
CA ILE A 756 -2.61 -57.54 8.16
C ILE A 756 -3.10 -58.15 9.47
N LEU A 757 -2.59 -57.65 10.58
CA LEU A 757 -2.82 -58.24 11.90
C LEU A 757 -3.58 -57.27 12.78
N LEU A 758 -4.70 -57.73 13.34
CA LEU A 758 -5.55 -56.86 14.17
C LEU A 758 -6.09 -57.66 15.35
N ARG A 759 -6.46 -56.92 16.40
CA ARG A 759 -7.31 -57.48 17.43
C ARG A 759 -8.77 -57.53 16.99
N ASN A 760 -9.19 -56.56 16.17
CA ASN A 760 -10.58 -56.44 15.78
C ASN A 760 -10.84 -57.17 14.48
N LYS A 761 -11.86 -58.02 14.48
CA LYS A 761 -12.19 -58.79 13.28
C LYS A 761 -12.58 -57.87 12.13
N LEU A 762 -12.08 -58.17 10.96
CA LEU A 762 -12.47 -57.35 9.83
C LEU A 762 -13.74 -57.87 9.18
N PRO A 763 -14.56 -56.98 8.63
CA PRO A 763 -15.70 -57.43 7.83
C PRO A 763 -15.25 -57.95 6.47
N ARG A 764 -16.20 -58.33 5.62
CA ARG A 764 -15.84 -58.71 4.26
C ARG A 764 -15.51 -57.47 3.43
N LEU A 765 -14.55 -57.62 2.52
CA LEU A 765 -14.14 -56.54 1.63
C LEU A 765 -14.17 -57.00 0.19
N ALA A 766 -14.33 -56.03 -0.71
CA ALA A 766 -14.51 -56.28 -2.12
C ALA A 766 -13.17 -56.50 -2.82
N GLU A 767 -13.25 -57.12 -4.00
CA GLU A 767 -12.11 -57.21 -4.89
C GLU A 767 -11.66 -55.81 -5.27
N MET A 768 -10.37 -55.64 -5.51
CA MET A 768 -9.77 -54.32 -5.64
C MET A 768 -8.87 -54.28 -6.86
N PRO A 769 -9.04 -53.29 -7.74
CA PRO A 769 -8.14 -53.16 -8.90
C PRO A 769 -7.00 -52.18 -8.65
N LEU A 770 -5.84 -52.52 -9.20
CA LEU A 770 -4.68 -51.65 -9.18
C LEU A 770 -4.02 -51.67 -10.55
N PHE A 771 -3.25 -50.62 -10.84
CA PHE A 771 -2.67 -50.41 -12.16
C PHE A 771 -1.17 -50.23 -12.04
N SER A 772 -0.42 -51.31 -12.28
CA SER A 772 1.03 -51.25 -12.33
C SER A 772 1.48 -50.85 -13.73
N ASN A 773 2.79 -50.64 -13.87
CA ASN A 773 3.34 -50.32 -15.18
C ASN A 773 3.16 -51.47 -16.16
N GLN A 774 3.21 -52.71 -15.67
CA GLN A 774 3.02 -53.86 -16.55
C GLN A 774 1.57 -54.03 -16.98
N GLY A 775 0.62 -53.56 -16.19
CA GLY A 775 -0.78 -53.66 -16.54
C GLY A 775 -1.64 -53.66 -15.30
N LYS A 776 -2.92 -54.00 -15.51
CA LYS A 776 -3.88 -53.97 -14.43
C LYS A 776 -3.64 -55.11 -13.45
N LEU A 777 -3.90 -54.85 -12.18
CA LEU A 777 -3.63 -55.78 -11.09
C LEU A 777 -4.85 -55.87 -10.19
N HIS A 778 -5.16 -57.09 -9.74
CA HIS A 778 -6.31 -57.34 -8.88
C HIS A 778 -5.85 -57.69 -7.47
N VAL A 779 -6.52 -57.11 -6.48
CA VAL A 779 -6.16 -57.28 -5.07
C VAL A 779 -7.40 -57.72 -4.31
N ARG A 780 -7.23 -58.65 -3.38
CA ARG A 780 -8.32 -59.07 -2.51
C ARG A 780 -7.80 -59.24 -1.10
N VAL A 781 -8.72 -59.29 -0.15
CA VAL A 781 -8.41 -59.51 1.25
C VAL A 781 -9.06 -60.83 1.68
N ALA A 782 -8.33 -61.62 2.46
CA ALA A 782 -8.82 -62.93 2.87
C ALA A 782 -10.10 -62.79 3.69
N ASN A 783 -11.11 -63.58 3.32
CA ASN A 783 -12.34 -63.62 4.08
C ASN A 783 -12.22 -64.44 5.35
N ALA A 784 -11.23 -65.33 5.44
CA ALA A 784 -11.04 -66.19 6.59
C ALA A 784 -9.79 -65.75 7.34
N PRO A 785 -9.93 -65.08 8.49
CA PRO A 785 -8.74 -64.60 9.19
C PRO A 785 -7.91 -65.74 9.75
N LEU A 786 -6.60 -65.52 9.82
CA LEU A 786 -5.70 -66.42 10.53
C LEU A 786 -5.51 -65.92 11.95
N GLU A 787 -5.67 -66.82 12.91
CA GLU A 787 -5.75 -66.47 14.32
C GLU A 787 -4.57 -67.07 15.08
N VAL A 788 -3.85 -66.21 15.80
CA VAL A 788 -2.70 -66.61 16.61
C VAL A 788 -2.74 -65.84 17.91
N ILE A 789 -1.84 -66.22 18.82
CA ILE A 789 -1.77 -65.62 20.15
C ILE A 789 -0.34 -65.15 20.39
N ILE A 790 -0.20 -63.91 20.88
CA ILE A 790 1.09 -63.37 21.28
C ILE A 790 1.31 -63.65 22.75
N GLN A 791 2.46 -64.22 23.08
CA GLN A 791 2.72 -64.72 24.43
C GLN A 791 3.79 -63.98 25.20
N ASN A 792 4.66 -63.21 24.54
CA ASN A 792 5.70 -62.50 25.25
C ASN A 792 5.98 -61.17 24.56
N SER A 793 6.57 -60.25 25.32
CA SER A 793 6.79 -58.89 24.84
C SER A 793 7.78 -58.86 23.68
N GLU A 794 8.83 -59.67 23.74
CA GLU A 794 9.89 -59.58 22.74
C GLU A 794 9.40 -59.99 21.36
N GLN A 795 8.47 -60.94 21.28
CA GLN A 795 7.92 -61.31 19.98
C GLN A 795 7.14 -60.15 19.37
N LEU A 796 6.34 -59.46 20.18
CA LEU A 796 5.63 -58.28 19.71
C LEU A 796 6.61 -57.19 19.30
N GLU A 797 7.71 -57.04 20.04
CA GLU A 797 8.72 -56.05 19.68
C GLU A 797 9.35 -56.39 18.34
N LEU A 798 9.60 -57.67 18.09
CA LEU A 798 10.12 -58.08 16.80
C LEU A 798 9.14 -57.75 15.68
N LEU A 799 7.86 -58.05 15.89
CA LEU A 799 6.84 -57.72 14.90
C LEU A 799 6.81 -56.23 14.60
N HIS A 800 6.83 -55.42 15.66
CA HIS A 800 6.76 -53.97 15.49
C HIS A 800 8.03 -53.44 14.82
N GLN A 801 9.18 -54.04 15.12
CA GLN A 801 10.42 -53.63 14.48
C GLN A 801 10.37 -53.90 12.98
N PHE A 802 9.87 -55.07 12.59
CA PHE A 802 9.76 -55.35 11.15
C PHE A 802 8.76 -54.41 10.49
N HIS A 803 7.65 -54.13 11.17
CA HIS A 803 6.66 -53.21 10.64
C HIS A 803 7.26 -51.82 10.40
N GLY A 804 8.04 -51.33 11.37
CA GLY A 804 8.70 -50.05 11.19
C GLY A 804 9.74 -50.09 10.09
N MET A 805 10.49 -51.20 10.00
CA MET A 805 11.56 -51.32 9.02
C MET A 805 11.00 -51.24 7.61
N VAL A 806 9.85 -51.87 7.36
CA VAL A 806 9.31 -51.88 6.00
C VAL A 806 9.13 -50.46 5.50
N PHE A 807 8.45 -49.63 6.28
CA PHE A 807 8.22 -48.25 5.87
C PHE A 807 9.51 -47.43 5.87
N ARG A 808 10.39 -47.67 6.84
CA ARG A 808 11.59 -46.84 6.96
C ARG A 808 12.54 -47.07 5.79
N ASP A 809 12.68 -48.32 5.34
CA ASP A 809 13.70 -48.66 4.36
C ASP A 809 13.14 -49.14 3.04
N ILE A 810 12.23 -50.11 3.05
CA ILE A 810 11.79 -50.72 1.80
C ILE A 810 10.99 -49.72 0.98
N LEU A 811 10.05 -49.01 1.63
CA LEU A 811 9.24 -48.03 0.94
C LEU A 811 9.82 -46.62 1.03
N LYS A 812 10.71 -46.36 1.98
CA LYS A 812 11.29 -45.04 2.19
C LYS A 812 10.22 -43.97 2.38
N ILE A 813 9.14 -44.34 3.10
CA ILE A 813 8.15 -43.36 3.53
C ILE A 813 8.64 -42.60 4.77
N TRP A 814 9.80 -42.96 5.28
CA TRP A 814 10.28 -42.41 6.55
C TRP A 814 10.49 -40.90 6.46
N HIS A 815 10.26 -40.24 7.60
CA HIS A 815 10.60 -38.85 7.86
C HIS A 815 11.47 -38.79 9.11
N PRO A 816 12.28 -37.74 9.25
CA PRO A 816 13.15 -37.64 10.44
C PRO A 816 12.36 -37.62 11.74
N PHE A 817 11.13 -37.12 11.72
CA PHE A 817 10.29 -36.99 12.90
C PHE A 817 9.36 -38.18 13.12
N PHE A 818 9.52 -39.25 12.35
CA PHE A 818 8.68 -40.43 12.50
C PHE A 818 9.11 -41.27 13.70
N VAL A 819 8.14 -41.70 14.49
CA VAL A 819 8.36 -42.47 15.71
C VAL A 819 7.36 -43.60 15.78
N LEU A 820 7.82 -44.77 16.21
CA LEU A 820 6.93 -45.92 16.35
C LEU A 820 6.06 -45.75 17.58
N ASP A 821 4.82 -46.22 17.50
CA ASP A 821 3.81 -45.99 18.54
C ASP A 821 3.35 -47.31 19.13
N ARG A 822 3.09 -47.30 20.44
CA ARG A 822 2.54 -48.45 21.14
C ARG A 822 1.33 -48.10 21.99
N ARG A 823 0.74 -46.92 21.79
CA ARG A 823 -0.39 -46.48 22.61
C ARG A 823 -1.66 -47.26 22.34
N SER A 824 -1.71 -48.06 21.27
CA SER A 824 -2.93 -48.75 20.84
C SER A 824 -4.06 -47.75 20.61
N LYS A 825 -3.72 -46.57 20.10
CA LYS A 825 -4.68 -45.54 19.77
C LYS A 825 -5.09 -45.72 18.30
N GLU A 826 -5.69 -44.69 17.70
CA GLU A 826 -6.17 -44.80 16.34
C GLU A 826 -5.06 -45.23 15.38
N ASN A 827 -5.45 -45.97 14.34
CA ASN A 827 -4.56 -46.38 13.26
C ASN A 827 -3.36 -47.17 13.79
N SER A 828 -3.65 -48.21 14.58
CA SER A 828 -2.62 -48.97 15.27
C SER A 828 -2.56 -50.43 14.81
N TYR A 829 -2.99 -50.72 13.60
CA TYR A 829 -2.86 -52.08 13.11
C TYR A 829 -1.41 -52.37 12.69
N LEU A 830 -1.12 -53.65 12.48
CA LEU A 830 0.23 -54.10 12.21
C LEU A 830 0.28 -54.91 10.92
N VAL A 831 1.48 -55.02 10.36
CA VAL A 831 1.73 -55.79 9.14
C VAL A 831 2.77 -56.85 9.46
N VAL A 832 2.51 -58.08 9.03
CA VAL A 832 3.39 -59.20 9.30
C VAL A 832 3.64 -59.97 8.00
N PRO A 833 4.88 -60.32 7.69
CA PRO A 833 5.12 -61.22 6.56
C PRO A 833 4.62 -62.62 6.86
N LEU A 834 4.22 -63.32 5.81
CA LEU A 834 3.60 -64.64 5.95
C LEU A 834 4.37 -65.65 5.11
N ILE A 835 4.68 -66.79 5.72
CA ILE A 835 5.38 -67.87 5.05
C ILE A 835 4.56 -69.14 5.17
N LEU A 836 4.59 -69.96 4.12
CA LEU A 836 3.84 -71.21 4.13
C LEU A 836 4.32 -72.11 5.26
N GLY A 837 3.38 -72.70 5.98
CA GLY A 837 3.68 -73.65 7.03
C GLY A 837 3.64 -75.07 6.51
N ALA A 838 3.46 -76.01 7.44
CA ALA A 838 3.34 -77.41 7.06
C ALA A 838 2.04 -77.64 6.30
N GLY A 839 2.15 -78.31 5.16
CA GLY A 839 0.98 -78.56 4.34
C GLY A 839 0.38 -77.27 3.82
N GLU A 840 -0.94 -77.16 3.90
CA GLU A 840 -1.66 -75.99 3.41
C GLU A 840 -1.63 -74.83 4.39
N GLN A 841 -1.17 -75.04 5.61
CA GLN A 841 -1.15 -73.97 6.60
C GLN A 841 -0.09 -72.92 6.25
N LYS A 842 -0.33 -71.69 6.70
CA LYS A 842 0.60 -70.60 6.53
C LYS A 842 0.90 -70.00 7.90
N CYS A 843 2.14 -69.53 8.08
CA CYS A 843 2.61 -69.09 9.39
C CYS A 843 3.50 -67.87 9.21
N PHE A 844 3.94 -67.31 10.34
CA PHE A 844 4.78 -66.13 10.33
C PHE A 844 6.21 -66.48 9.93
N ASP A 845 6.85 -65.58 9.19
CA ASP A 845 8.23 -65.76 8.75
C ASP A 845 9.15 -65.20 9.83
N TRP A 846 9.38 -66.01 10.87
CA TRP A 846 10.12 -65.57 12.03
C TRP A 846 11.57 -65.25 11.69
N GLU A 847 12.23 -66.11 10.91
CA GLU A 847 13.62 -65.88 10.56
C GLU A 847 13.78 -64.62 9.73
N LEU A 848 12.83 -64.34 8.84
CA LEU A 848 12.91 -63.12 8.05
C LEU A 848 12.82 -61.88 8.93
N MET A 849 11.93 -61.90 9.92
CA MET A 849 11.78 -60.75 10.79
C MET A 849 12.99 -60.56 11.69
N THR A 850 13.55 -61.65 12.23
CA THR A 850 14.71 -61.48 13.10
C THR A 850 15.96 -61.14 12.33
N ASN A 851 16.04 -61.54 11.05
CA ASN A 851 17.21 -61.22 10.24
C ASN A 851 17.22 -59.76 9.80
N PHE A 852 16.05 -59.17 9.60
CA PHE A 852 15.96 -57.85 8.98
C PHE A 852 15.31 -56.81 9.88
N ARG A 853 15.74 -56.75 11.15
CA ARG A 853 15.28 -55.67 12.01
C ARG A 853 15.58 -54.31 11.40
N ARG A 854 16.67 -54.21 10.65
CA ARG A 854 16.95 -53.07 9.78
C ARG A 854 17.55 -53.59 8.49
N LEU A 855 17.39 -52.82 7.43
CA LEU A 855 18.07 -53.20 6.20
C LEU A 855 19.56 -52.87 6.32
N PRO A 856 20.44 -53.78 5.86
CA PRO A 856 21.87 -53.49 5.89
C PRO A 856 22.23 -52.43 4.85
N GLN A 857 23.10 -51.52 5.24
CA GLN A 857 23.56 -50.48 4.32
C GLN A 857 24.55 -51.08 3.32
N SER A 858 24.34 -50.80 2.04
CA SER A 858 25.29 -51.23 1.02
C SER A 858 26.59 -50.45 1.16
N HIS A 859 27.70 -51.13 0.88
CA HIS A 859 29.02 -50.54 1.01
C HIS A 859 29.92 -51.02 -0.12
N GLY A 860 30.92 -50.20 -0.45
CA GLY A 860 31.83 -50.53 -1.52
C GLY A 860 33.10 -51.20 -1.05
N SER A 861 33.17 -52.52 -1.18
CA SER A 861 34.35 -53.26 -0.77
C SER A 861 35.49 -53.05 -1.75
N ASN A 862 36.70 -52.87 -1.22
CA ASN A 862 37.88 -52.65 -2.04
C ASN A 862 38.50 -54.00 -2.44
N VAL A 863 39.61 -53.93 -3.19
CA VAL A 863 40.19 -55.12 -3.82
C VAL A 863 40.61 -56.13 -2.76
N GLN A 864 41.27 -55.66 -1.70
CA GLN A 864 41.63 -56.56 -0.60
C GLN A 864 40.37 -57.13 0.05
N GLN A 865 39.35 -56.29 0.23
CA GLN A 865 38.08 -56.77 0.77
C GLN A 865 37.44 -57.78 -0.17
N ARG A 866 37.58 -57.59 -1.48
CA ARG A 866 37.09 -58.58 -2.42
C ARG A 866 37.81 -59.92 -2.21
N GLU A 867 39.14 -59.86 -2.07
CA GLU A 867 39.91 -61.10 -1.94
C GLU A 867 39.59 -61.82 -0.65
N GLN A 868 39.46 -61.09 0.46
CA GLN A 868 39.20 -61.75 1.73
C GLN A 868 37.77 -62.26 1.81
N GLN A 869 36.84 -61.66 1.06
CA GLN A 869 35.47 -62.14 1.05
C GLN A 869 35.37 -63.45 0.27
N PRO A 870 34.40 -64.30 0.62
CA PRO A 870 34.23 -65.56 -0.12
C PRO A 870 33.68 -65.31 -1.51
N ALA A 871 33.82 -66.33 -2.36
CA ALA A 871 33.37 -66.25 -3.73
C ALA A 871 31.84 -66.16 -3.80
N PRO A 872 31.31 -65.45 -4.79
CA PRO A 872 29.85 -65.38 -4.95
C PRO A 872 29.27 -66.74 -5.34
N ARG A 873 28.04 -66.98 -4.89
CA ARG A 873 27.33 -68.22 -5.15
C ARG A 873 26.08 -67.94 -5.97
N PRO A 874 25.87 -68.66 -7.08
CA PRO A 874 24.69 -68.38 -7.90
C PRO A 874 23.37 -68.56 -7.17
N GLU A 875 23.29 -69.53 -6.26
CA GLU A 875 22.04 -69.76 -5.54
C GLU A 875 21.75 -68.66 -4.52
N ASP A 876 22.79 -68.05 -3.96
CA ASP A 876 22.58 -66.99 -2.98
C ASP A 876 22.07 -65.71 -3.63
N PHE A 877 22.20 -65.58 -4.95
CA PHE A 877 21.70 -64.41 -5.66
C PHE A 877 20.34 -64.62 -6.29
N GLU A 878 19.98 -65.86 -6.61
CA GLU A 878 18.73 -66.14 -7.31
C GLU A 878 17.54 -65.62 -6.53
N GLY A 879 16.81 -64.67 -7.12
CA GLY A 879 15.60 -64.14 -6.52
C GLY A 879 15.82 -63.13 -5.43
N LYS A 880 17.04 -62.70 -5.18
CA LYS A 880 17.34 -61.76 -4.11
C LYS A 880 17.39 -60.33 -4.65
N ILE A 881 17.30 -59.38 -3.72
CA ILE A 881 17.41 -57.96 -4.05
C ILE A 881 18.87 -57.55 -3.97
N VAL A 882 19.35 -56.85 -4.99
CA VAL A 882 20.73 -56.42 -5.08
C VAL A 882 20.78 -54.95 -5.45
N THR A 883 21.92 -54.32 -5.16
CA THR A 883 22.15 -52.94 -5.53
C THR A 883 23.62 -52.74 -5.84
N GLN A 884 23.92 -51.73 -6.65
CA GLN A 884 25.28 -51.42 -7.05
C GLN A 884 25.88 -50.44 -6.05
N TRP A 885 27.02 -50.80 -5.46
CA TRP A 885 27.69 -49.94 -4.50
C TRP A 885 28.76 -49.06 -5.11
N TYR A 886 29.03 -49.18 -6.41
CA TYR A 886 30.09 -48.37 -7.01
C TYR A 886 29.57 -47.06 -7.57
N ALA A 887 28.51 -47.11 -8.38
CA ALA A 887 27.98 -45.91 -8.99
C ALA A 887 27.04 -45.18 -8.02
N ASN A 888 26.62 -43.99 -8.43
CA ASN A 888 25.66 -43.21 -7.64
C ASN A 888 24.32 -43.92 -7.52
N TYR A 889 24.03 -44.86 -8.42
CA TYR A 889 22.78 -45.61 -8.41
C TYR A 889 22.83 -46.67 -7.31
N ASP A 890 22.45 -46.25 -6.10
CA ASP A 890 22.35 -47.14 -4.96
C ASP A 890 20.97 -47.76 -4.81
N LYS A 891 20.07 -47.48 -5.74
CA LYS A 891 18.71 -48.00 -5.63
C LYS A 891 18.68 -49.51 -5.88
N PRO A 892 17.80 -50.23 -5.19
CA PRO A 892 17.79 -51.69 -5.32
C PRO A 892 17.21 -52.14 -6.64
N MET A 893 17.44 -53.41 -6.95
CA MET A 893 16.86 -54.07 -8.12
C MET A 893 16.63 -55.54 -7.78
N LEU A 894 15.78 -56.18 -8.57
CA LEU A 894 15.51 -57.61 -8.44
C LEU A 894 16.17 -58.33 -9.61
N VAL A 895 17.07 -59.27 -9.29
CA VAL A 895 17.67 -60.12 -10.31
C VAL A 895 16.66 -61.18 -10.71
N THR A 896 16.31 -61.21 -12.00
CA THR A 896 15.34 -62.17 -12.48
C THR A 896 15.89 -63.60 -12.37
N LYS A 897 17.14 -63.79 -12.76
CA LYS A 897 17.77 -65.10 -12.72
C LYS A 897 19.26 -64.91 -12.90
N VAL A 898 20.02 -65.89 -12.42
CA VAL A 898 21.47 -65.88 -12.59
C VAL A 898 21.82 -66.51 -13.93
N HIS A 899 22.98 -66.13 -14.46
CA HIS A 899 23.50 -66.70 -15.70
C HIS A 899 24.83 -67.37 -15.36
N ARG A 900 24.75 -68.62 -14.91
CA ARG A 900 25.96 -69.36 -14.53
C ARG A 900 26.82 -69.70 -15.74
N GLU A 901 26.24 -69.76 -16.93
CA GLU A 901 26.98 -70.10 -18.14
C GLU A 901 27.78 -68.94 -18.71
N LEU A 902 27.51 -67.72 -18.26
CA LEU A 902 28.16 -66.54 -18.82
C LEU A 902 29.14 -65.98 -17.80
N THR A 903 30.32 -65.63 -18.28
CA THR A 903 31.45 -65.21 -17.46
C THR A 903 32.07 -63.99 -18.11
N PRO A 904 32.80 -63.17 -17.32
CA PRO A 904 33.52 -62.03 -17.94
C PRO A 904 34.43 -62.47 -19.07
N LEU A 905 34.85 -61.51 -19.89
CA LEU A 905 35.58 -61.71 -21.15
C LEU A 905 34.69 -62.23 -22.26
N SER A 906 33.43 -62.56 -21.97
CA SER A 906 32.50 -62.97 -23.01
C SER A 906 31.90 -61.75 -23.69
N TYR A 907 31.63 -61.89 -24.97
CA TYR A 907 31.11 -60.76 -25.74
C TYR A 907 29.65 -60.49 -25.39
N MET A 908 29.29 -59.21 -25.41
CA MET A 908 28.00 -58.76 -24.91
C MET A 908 26.87 -59.16 -25.83
N GLU A 909 25.68 -58.65 -25.51
CA GLU A 909 24.45 -59.06 -26.19
C GLU A 909 24.28 -58.33 -27.52
N LYS A 910 24.44 -57.01 -27.53
CA LYS A 910 24.03 -56.23 -28.68
C LYS A 910 24.90 -54.99 -28.82
N ASN A 911 24.89 -54.41 -30.02
CA ASN A 911 25.57 -53.17 -30.36
C ASN A 911 27.09 -53.29 -30.21
N GLN A 912 27.55 -53.36 -28.97
CA GLN A 912 28.98 -53.58 -28.70
C GLN A 912 29.30 -55.06 -28.62
N GLN A 913 28.87 -55.81 -29.63
CA GLN A 913 29.06 -57.25 -29.66
C GLN A 913 30.53 -57.64 -29.78
N ASP A 914 31.36 -56.75 -30.33
CA ASP A 914 32.80 -56.98 -30.34
C ASP A 914 33.45 -56.69 -28.99
N LYS A 915 32.71 -56.13 -28.04
CA LYS A 915 33.22 -55.80 -26.73
C LYS A 915 32.74 -56.81 -25.69
N THR A 916 33.49 -56.92 -24.61
CA THR A 916 33.21 -57.87 -23.54
C THR A 916 32.78 -57.15 -22.28
N TYR A 917 32.14 -57.90 -21.39
CA TYR A 917 31.60 -57.30 -20.16
C TYR A 917 32.72 -56.71 -19.31
N TYR A 918 33.79 -57.48 -19.10
CA TYR A 918 34.86 -57.04 -18.20
C TYR A 918 35.51 -55.75 -18.69
N GLU A 919 35.83 -55.69 -19.98
CA GLU A 919 36.50 -54.52 -20.51
C GLU A 919 35.62 -53.28 -20.40
N PHE A 920 34.32 -53.42 -20.67
CA PHE A 920 33.43 -52.27 -20.54
C PHE A 920 33.32 -51.85 -19.09
N THR A 921 33.23 -52.81 -18.17
CA THR A 921 33.14 -52.46 -16.75
C THR A 921 34.36 -51.67 -16.30
N MET A 922 35.55 -52.09 -16.70
CA MET A 922 36.73 -51.30 -16.37
C MET A 922 36.69 -49.93 -17.03
N SER A 923 36.46 -49.88 -18.35
CA SER A 923 36.47 -48.59 -19.04
C SER A 923 35.44 -47.64 -18.46
N LYS A 924 34.37 -48.16 -17.87
CA LYS A 924 33.32 -47.32 -17.30
C LYS A 924 33.66 -46.87 -15.88
N TYR A 925 34.13 -47.78 -15.03
CA TYR A 925 34.19 -47.49 -13.60
C TYR A 925 35.50 -47.97 -12.99
N GLY A 926 36.61 -47.84 -13.72
CA GLY A 926 37.89 -48.27 -13.17
C GLY A 926 38.31 -47.46 -11.96
N ASN A 927 38.06 -46.15 -11.99
CA ASN A 927 38.37 -45.31 -10.86
C ASN A 927 37.44 -45.52 -9.68
N ARG A 928 36.25 -46.08 -9.90
CA ARG A 928 35.37 -46.41 -8.77
C ARG A 928 35.70 -47.75 -8.16
N ILE A 929 35.83 -48.80 -9.00
CA ILE A 929 35.94 -50.15 -8.47
C ILE A 929 37.35 -50.48 -7.97
N GLY A 930 38.36 -49.77 -8.46
CA GLY A 930 39.73 -50.13 -8.12
C GLY A 930 40.24 -51.28 -8.96
N ASP A 931 39.72 -52.48 -8.71
CA ASP A 931 40.10 -53.65 -9.49
C ASP A 931 39.04 -54.74 -9.28
N VAL A 932 39.13 -55.77 -10.11
CA VAL A 932 38.18 -56.88 -10.10
C VAL A 932 38.85 -58.11 -9.55
N VAL A 933 38.17 -58.79 -8.62
CA VAL A 933 38.60 -60.07 -8.08
C VAL A 933 37.49 -61.07 -8.40
N HIS A 934 37.84 -62.36 -8.39
CA HIS A 934 36.93 -63.43 -8.79
C HIS A 934 36.57 -63.28 -10.26
N LYS A 935 37.62 -63.28 -11.10
CA LYS A 935 37.48 -62.94 -12.51
C LYS A 935 36.54 -63.90 -13.25
N ASP A 936 36.67 -65.19 -12.98
CA ASP A 936 36.01 -66.22 -13.77
C ASP A 936 34.64 -66.62 -13.23
N LYS A 937 34.08 -65.87 -12.29
CA LYS A 937 32.83 -66.26 -11.68
C LYS A 937 31.65 -65.95 -12.58
N PHE A 938 30.46 -66.38 -12.14
CA PHE A 938 29.23 -66.26 -12.91
C PHE A 938 28.72 -64.82 -12.91
N MET A 939 27.88 -64.52 -13.89
CA MET A 939 27.20 -63.24 -14.04
C MET A 939 25.71 -63.39 -13.76
N ILE A 940 25.03 -62.24 -13.65
CA ILE A 940 23.61 -62.18 -13.37
C ILE A 940 22.94 -61.22 -14.35
N GLU A 941 21.64 -61.41 -14.54
CA GLU A 941 20.81 -60.50 -15.32
C GLU A 941 19.73 -59.92 -14.43
N VAL A 942 19.67 -58.60 -14.34
CA VAL A 942 18.85 -57.92 -13.36
C VAL A 942 17.91 -56.94 -14.05
N ARG A 943 16.71 -56.77 -13.49
CA ARG A 943 15.75 -55.79 -13.98
C ARG A 943 15.35 -54.87 -12.83
N ASP A 944 14.86 -53.69 -13.20
CA ASP A 944 14.73 -52.57 -12.30
C ASP A 944 13.35 -52.62 -11.61
N LEU A 945 13.27 -51.97 -10.45
CA LEU A 945 12.04 -51.88 -9.67
C LEU A 945 11.51 -50.45 -9.71
N THR A 946 10.25 -50.30 -10.09
CA THR A 946 9.66 -48.97 -10.22
C THR A 946 9.57 -48.28 -8.86
N GLU A 947 9.63 -46.95 -8.88
CA GLU A 947 9.57 -46.16 -7.67
C GLU A 947 8.15 -45.74 -7.31
N GLN A 948 7.19 -45.95 -8.21
CA GLN A 948 5.82 -45.52 -7.98
C GLN A 948 5.24 -46.18 -6.72
N LEU A 949 4.31 -45.48 -6.08
CA LEU A 949 3.65 -46.01 -4.88
C LEU A 949 2.14 -45.95 -5.03
N THR A 950 1.64 -44.95 -5.74
CA THR A 950 0.20 -44.75 -5.94
C THR A 950 -0.16 -45.27 -7.33
N PHE A 951 -0.70 -46.48 -7.37
CA PHE A 951 -1.05 -47.14 -8.63
C PHE A 951 -2.54 -47.07 -8.93
N TYR A 952 -3.24 -46.09 -8.38
CA TYR A 952 -4.69 -46.00 -8.56
C TYR A 952 -5.03 -45.73 -10.03
N VAL A 953 -4.39 -44.74 -10.63
CA VAL A 953 -4.75 -44.27 -11.96
C VAL A 953 -3.86 -44.97 -12.99
N HIS A 954 -4.45 -45.34 -14.12
CA HIS A 954 -3.75 -46.09 -15.15
C HIS A 954 -2.69 -45.21 -15.79
N ASN A 955 -1.43 -45.42 -15.43
CA ASN A 955 -0.33 -44.79 -16.14
C ASN A 955 -0.22 -45.39 -17.54
N ARG A 956 0.00 -44.54 -18.53
CA ARG A 956 -0.05 -44.94 -19.92
C ARG A 956 1.09 -44.28 -20.69
N GLY A 957 1.58 -44.97 -21.70
CA GLY A 957 2.64 -44.45 -22.54
C GLY A 957 3.16 -45.51 -23.48
N LYS A 958 4.13 -45.09 -24.30
CA LYS A 958 4.79 -45.98 -25.25
C LYS A 958 5.95 -46.67 -24.53
N PHE A 959 5.64 -47.80 -23.88
CA PHE A 959 6.64 -48.50 -23.09
C PHE A 959 7.69 -49.21 -23.94
N ASN A 960 7.46 -49.34 -25.24
CA ASN A 960 8.38 -49.99 -26.19
C ASN A 960 8.95 -51.29 -25.60
N ALA A 961 8.04 -52.24 -25.39
CA ALA A 961 8.38 -53.48 -24.69
C ALA A 961 9.57 -54.19 -25.33
N LYS A 962 9.65 -54.18 -26.66
CA LYS A 962 10.76 -54.86 -27.33
C LYS A 962 12.10 -54.19 -27.00
N SER A 963 12.15 -52.85 -27.11
CA SER A 963 13.39 -52.15 -26.80
C SER A 963 13.68 -52.17 -25.31
N LYS A 964 12.64 -52.08 -24.47
CA LYS A 964 12.84 -52.12 -23.03
C LYS A 964 13.34 -53.50 -22.59
N ALA A 965 12.98 -54.55 -23.32
CA ALA A 965 13.53 -55.86 -23.06
C ALA A 965 14.95 -56.00 -23.61
N LYS A 966 15.24 -55.34 -24.74
CA LYS A 966 16.56 -55.46 -25.34
C LYS A 966 17.64 -54.77 -24.51
N MET A 967 17.28 -53.81 -23.65
CA MET A 967 18.25 -53.22 -22.74
C MET A 967 18.50 -54.16 -21.56
N LYS A 968 18.89 -55.39 -21.89
CA LYS A 968 19.11 -56.44 -20.90
C LYS A 968 20.29 -56.09 -19.99
N VAL A 969 19.99 -55.76 -18.73
CA VAL A 969 21.02 -55.31 -17.80
C VAL A 969 21.77 -56.52 -17.26
N ILE A 970 23.07 -56.57 -17.50
CA ILE A 970 23.95 -57.62 -17.00
C ILE A 970 24.93 -56.98 -16.04
N LEU A 971 25.08 -57.55 -14.85
CA LEU A 971 25.94 -57.00 -13.82
C LEU A 971 26.83 -58.08 -13.23
N ILE A 972 27.97 -57.65 -12.69
CA ILE A 972 28.92 -58.55 -12.04
C ILE A 972 28.53 -58.69 -10.57
N PRO A 973 28.37 -59.93 -10.07
CA PRO A 973 27.86 -60.10 -8.70
C PRO A 973 28.69 -59.40 -7.63
N GLU A 974 30.00 -59.61 -7.61
CA GLU A 974 30.79 -59.01 -6.54
C GLU A 974 30.88 -57.49 -6.66
N LEU A 975 30.47 -56.92 -7.79
CA LEU A 975 30.40 -55.47 -7.92
C LEU A 975 29.09 -54.89 -7.39
N CYS A 976 28.09 -55.71 -7.12
CA CYS A 976 26.80 -55.24 -6.63
C CYS A 976 26.51 -55.88 -5.28
N PHE A 977 26.14 -55.05 -4.31
CA PHE A 977 25.83 -55.55 -2.98
C PHE A 977 24.58 -56.44 -3.02
N ASN A 978 24.55 -57.43 -2.14
CA ASN A 978 23.49 -58.43 -2.11
C ASN A 978 22.73 -58.31 -0.79
N PHE A 979 21.42 -58.11 -0.91
CA PHE A 979 20.52 -58.23 0.24
C PHE A 979 19.98 -59.65 0.30
N ASN A 980 19.90 -60.20 1.51
CA ASN A 980 19.26 -61.49 1.68
C ASN A 980 17.74 -61.40 1.57
N PHE A 981 17.19 -60.21 1.47
CA PHE A 981 15.74 -60.04 1.39
C PHE A 981 15.23 -60.59 0.06
N PRO A 982 14.21 -61.45 0.08
CA PRO A 982 13.69 -61.99 -1.18
C PRO A 982 12.77 -60.99 -1.87
N GLY A 983 12.88 -60.95 -3.21
CA GLY A 983 12.05 -60.03 -3.98
C GLY A 983 10.60 -60.43 -4.07
N ASP A 984 10.30 -61.72 -3.88
CA ASP A 984 8.91 -62.16 -3.94
C ASP A 984 8.07 -61.53 -2.84
N LEU A 985 8.70 -60.97 -1.82
CA LEU A 985 8.01 -60.16 -0.84
C LEU A 985 8.17 -58.67 -1.08
N TRP A 986 9.25 -58.24 -1.73
CA TRP A 986 9.45 -56.82 -1.96
C TRP A 986 8.48 -56.28 -3.01
N LEU A 987 8.28 -57.03 -4.10
CA LEU A 987 7.34 -56.57 -5.12
C LEU A 987 5.89 -56.61 -4.65
N LYS A 988 5.61 -57.21 -3.50
CA LYS A 988 4.28 -57.12 -2.91
C LYS A 988 4.20 -56.12 -1.78
N LEU A 989 5.32 -55.85 -1.09
CA LEU A 989 5.37 -54.74 -0.15
C LEU A 989 5.35 -53.39 -0.87
N ILE A 990 5.75 -53.35 -2.14
CA ILE A 990 5.72 -52.09 -2.86
C ILE A 990 4.29 -51.59 -3.05
N PHE A 991 3.32 -52.49 -3.15
CA PHE A 991 1.92 -52.12 -3.32
C PHE A 991 1.20 -51.87 -2.01
N LEU A 992 1.90 -52.00 -0.88
CA LEU A 992 1.23 -51.91 0.42
C LEU A 992 0.56 -50.57 0.68
N PRO A 993 1.17 -49.41 0.41
CA PRO A 993 0.50 -48.15 0.79
C PRO A 993 -0.84 -47.93 0.10
N SER A 994 -0.92 -48.19 -1.20
CA SER A 994 -2.19 -48.01 -1.90
C SER A 994 -3.26 -48.92 -1.33
N ILE A 995 -2.92 -50.19 -1.09
CA ILE A 995 -3.88 -51.13 -0.55
C ILE A 995 -4.34 -50.70 0.84
N LEU A 996 -3.40 -50.24 1.67
CA LEU A 996 -3.76 -49.81 3.02
C LEU A 996 -4.71 -48.62 2.98
N ASN A 997 -4.44 -47.64 2.12
CA ASN A 997 -5.33 -46.49 2.05
C ASN A 997 -6.71 -46.87 1.52
N ARG A 998 -6.75 -47.70 0.47
CA ARG A 998 -8.02 -48.14 -0.07
C ARG A 998 -8.83 -48.91 0.96
N MET A 999 -8.16 -49.75 1.76
CA MET A 999 -8.86 -50.44 2.83
C MET A 999 -9.33 -49.48 3.90
N TYR A 1000 -8.51 -48.48 4.23
CA TYR A 1000 -8.91 -47.47 5.20
C TYR A 1000 -10.23 -46.83 4.82
N PHE A 1001 -10.42 -46.55 3.53
CA PHE A 1001 -11.68 -45.94 3.11
C PHE A 1001 -12.79 -46.93 2.85
N LEU A 1002 -12.48 -48.15 2.40
CA LEU A 1002 -13.50 -49.17 2.25
C LEU A 1002 -14.13 -49.53 3.59
N LEU A 1003 -13.36 -49.45 4.67
CA LEU A 1003 -13.94 -49.71 5.99
C LEU A 1003 -14.97 -48.67 6.35
N HIS A 1004 -14.71 -47.39 6.03
CA HIS A 1004 -15.72 -46.36 6.26
C HIS A 1004 -16.94 -46.60 5.38
N ALA A 1005 -16.72 -47.00 4.13
CA ALA A 1005 -17.86 -47.30 3.26
C ALA A 1005 -18.71 -48.43 3.83
N GLU A 1006 -18.06 -49.48 4.35
CA GLU A 1006 -18.79 -50.58 4.96
C GLU A 1006 -19.55 -50.13 6.20
N ALA A 1007 -18.93 -49.28 7.02
CA ALA A 1007 -19.60 -48.79 8.22
C ALA A 1007 -20.85 -47.99 7.85
N LEU A 1008 -20.74 -47.09 6.87
CA LEU A 1008 -21.90 -46.33 6.43
C LEU A 1008 -22.98 -47.23 5.86
N ARG A 1009 -22.59 -48.22 5.05
CA ARG A 1009 -23.55 -49.14 4.48
C ARG A 1009 -24.32 -49.87 5.57
N LYS A 1010 -23.61 -50.37 6.57
CA LYS A 1010 -24.27 -51.06 7.67
C LYS A 1010 -25.19 -50.13 8.46
N ARG A 1011 -24.75 -48.89 8.69
CA ARG A 1011 -25.57 -47.94 9.43
C ARG A 1011 -26.88 -47.68 8.71
N PHE A 1012 -26.81 -47.40 7.40
CA PHE A 1012 -28.03 -47.11 6.65
C PHE A 1012 -28.94 -48.33 6.54
N ASN A 1013 -28.37 -49.49 6.23
CA ASN A 1013 -29.21 -50.68 6.07
C ASN A 1013 -29.85 -51.09 7.40
N THR A 1014 -29.19 -50.80 8.52
CA THR A 1014 -29.85 -51.05 9.80
C THR A 1014 -30.91 -50.01 10.11
N TYR A 1015 -30.67 -48.75 9.75
CA TYR A 1015 -31.62 -47.69 10.05
C TYR A 1015 -32.93 -47.89 9.32
N LEU A 1016 -32.89 -48.25 8.05
CA LEU A 1016 -34.09 -48.44 7.24
C LEU A 1016 -34.79 -49.76 7.53
N ASN A 1017 -34.29 -50.55 8.47
CA ASN A 1017 -34.84 -51.87 8.78
C ASN A 1017 -34.82 -52.80 7.57
N LEU A 1018 -33.87 -52.58 6.67
CA LEU A 1018 -33.63 -53.45 5.53
C LEU A 1018 -32.49 -54.42 5.75
N HIS A 1019 -31.86 -54.39 6.92
CA HIS A 1019 -30.67 -55.20 7.15
C HIS A 1019 -30.99 -56.69 7.23
N LEU A 1020 -32.22 -57.05 7.63
CA LEU A 1020 -32.58 -58.45 7.75
C LEU A 1020 -32.71 -59.15 6.40
N LEU A 1021 -32.70 -58.41 5.29
CA LEU A 1021 -32.81 -59.03 3.99
C LEU A 1021 -31.55 -59.85 3.69
N PRO A 1022 -31.69 -60.90 2.87
CA PRO A 1022 -30.49 -61.62 2.43
C PRO A 1022 -29.50 -60.76 1.66
N PHE A 1023 -29.98 -59.71 1.00
CA PHE A 1023 -29.09 -58.81 0.29
C PHE A 1023 -28.16 -58.08 1.24
N ASN A 1024 -28.64 -57.72 2.43
CA ASN A 1024 -27.89 -56.90 3.37
C ASN A 1024 -27.57 -57.61 4.67
N GLY A 1025 -27.91 -58.87 4.82
CA GLY A 1025 -27.69 -59.60 6.05
C GLY A 1025 -26.27 -60.09 6.19
N THR A 1026 -26.09 -61.08 7.06
CA THR A 1026 -24.77 -61.66 7.28
C THR A 1026 -24.19 -62.29 6.03
N ASP A 1027 -25.03 -62.63 5.06
CA ASP A 1027 -24.59 -63.18 3.79
C ASP A 1027 -24.13 -62.10 2.82
N TYR A 1028 -23.85 -60.89 3.32
CA TYR A 1028 -23.45 -59.77 2.48
C TYR A 1028 -22.20 -60.11 1.70
N MET A 1029 -22.33 -60.24 0.37
CA MET A 1029 -21.20 -60.53 -0.49
C MET A 1029 -20.77 -59.25 -1.18
N PRO A 1030 -19.60 -58.70 -0.85
CA PRO A 1030 -19.15 -57.48 -1.52
C PRO A 1030 -18.92 -57.73 -3.00
N ARG A 1031 -19.13 -56.69 -3.79
CA ARG A 1031 -18.93 -56.76 -5.23
C ARG A 1031 -17.69 -55.98 -5.62
N PRO A 1032 -16.91 -56.49 -6.58
CA PRO A 1032 -15.68 -55.78 -6.96
C PRO A 1032 -15.96 -54.36 -7.40
N LEU A 1033 -15.06 -53.44 -7.03
CA LEU A 1033 -15.22 -52.04 -7.37
C LEU A 1033 -15.30 -51.87 -8.89
N GLU A 1034 -16.36 -51.20 -9.33
CA GLU A 1034 -16.58 -51.00 -10.77
C GLU A 1034 -15.70 -49.86 -11.25
N ILE A 1035 -14.89 -50.13 -12.27
CA ILE A 1035 -14.06 -49.09 -12.87
C ILE A 1035 -14.94 -48.16 -13.67
N ASP A 1036 -14.67 -46.86 -13.57
CA ASP A 1036 -15.48 -45.83 -14.24
C ASP A 1036 -14.76 -45.42 -15.52
N TYR A 1037 -14.97 -46.19 -16.59
CA TYR A 1037 -14.41 -45.84 -17.89
C TYR A 1037 -14.99 -44.55 -18.45
N SER A 1038 -16.13 -44.09 -17.92
CA SER A 1038 -16.74 -42.87 -18.42
C SER A 1038 -15.82 -41.67 -18.21
N LEU A 1039 -15.17 -41.59 -17.06
CA LEU A 1039 -14.28 -40.47 -16.77
C LEU A 1039 -13.12 -40.44 -17.77
N LYS A 1040 -12.71 -39.22 -18.15
CA LYS A 1040 -11.71 -39.08 -19.20
C LYS A 1040 -10.34 -39.56 -18.75
N ARG A 1041 -10.04 -39.44 -17.46
CA ARG A 1041 -8.71 -39.78 -16.96
C ARG A 1041 -8.42 -41.28 -16.94
N ASN A 1042 -9.25 -42.13 -17.55
CA ASN A 1042 -8.98 -43.56 -17.60
C ASN A 1042 -8.87 -44.06 -19.04
N GLY A 1169 -44.22 -46.73 -29.99
CA GLY A 1169 -43.27 -47.63 -29.35
C GLY A 1169 -43.41 -47.67 -27.85
N LYS A 1170 -43.14 -48.85 -27.28
CA LYS A 1170 -43.24 -49.04 -25.84
C LYS A 1170 -41.99 -48.49 -25.15
N VAL A 1171 -42.18 -47.49 -24.30
CA VAL A 1171 -41.07 -46.92 -23.55
C VAL A 1171 -40.56 -47.93 -22.53
N LYS A 1172 -39.25 -47.95 -22.34
CA LYS A 1172 -38.66 -48.85 -21.35
C LYS A 1172 -38.93 -48.31 -19.95
N PRO A 1173 -39.55 -49.08 -19.07
CA PRO A 1173 -39.81 -48.58 -17.71
C PRO A 1173 -38.51 -48.29 -16.96
N LEU A 1174 -38.53 -47.25 -16.15
CA LEU A 1174 -37.37 -46.89 -15.36
C LEU A 1174 -37.13 -47.90 -14.25
N LEU A 1175 -35.86 -48.21 -14.00
CA LEU A 1175 -35.52 -49.15 -12.95
C LEU A 1175 -35.90 -48.60 -11.58
N ILE A 1176 -35.70 -47.30 -11.36
CA ILE A 1176 -35.96 -46.71 -10.06
C ILE A 1176 -37.44 -46.81 -9.72
N LEU A 1177 -38.31 -46.49 -10.68
CA LEU A 1177 -39.74 -46.64 -10.45
C LEU A 1177 -40.12 -48.09 -10.24
N GLN A 1178 -39.50 -48.99 -11.01
CA GLN A 1178 -39.82 -50.42 -10.89
C GLN A 1178 -39.51 -50.94 -9.50
N LYS A 1179 -38.35 -50.58 -8.95
CA LYS A 1179 -38.05 -51.01 -7.59
C LYS A 1179 -38.72 -50.16 -6.53
N THR A 1180 -39.26 -49.00 -6.91
CA THR A 1180 -40.05 -48.21 -5.97
C THR A 1180 -41.42 -48.85 -5.75
N VAL A 1181 -42.07 -49.28 -6.83
CA VAL A 1181 -43.40 -49.87 -6.70
C VAL A 1181 -43.33 -51.28 -6.13
N SER A 1182 -42.38 -52.09 -6.60
CA SER A 1182 -42.25 -53.48 -6.17
C SER A 1182 -41.11 -53.64 -5.18
N LYS A 1183 -41.09 -54.80 -4.53
CA LYS A 1183 -40.05 -55.13 -3.57
C LYS A 1183 -39.11 -56.22 -4.09
N GLU A 1184 -39.45 -56.86 -5.20
CA GLU A 1184 -38.65 -57.95 -5.73
C GLU A 1184 -37.52 -57.47 -6.63
N HIS A 1185 -37.52 -56.20 -7.03
CA HIS A 1185 -36.44 -55.62 -7.79
C HIS A 1185 -35.43 -54.89 -6.90
N ILE A 1186 -35.58 -54.99 -5.58
CA ILE A 1186 -34.66 -54.32 -4.68
C ILE A 1186 -33.25 -54.88 -4.86
N THR A 1187 -32.25 -54.00 -4.80
CA THR A 1187 -30.86 -54.40 -4.88
C THR A 1187 -30.12 -53.88 -3.66
N PRO A 1188 -29.12 -54.61 -3.18
CA PRO A 1188 -28.40 -54.16 -1.99
C PRO A 1188 -27.57 -52.91 -2.25
N ALA A 1189 -27.39 -52.13 -1.19
CA ALA A 1189 -26.51 -50.97 -1.27
C ALA A 1189 -25.07 -51.44 -1.31
N GLU A 1190 -24.40 -51.23 -2.44
CA GLU A 1190 -23.08 -51.79 -2.64
C GLU A 1190 -22.03 -51.04 -1.82
N GLN A 1191 -21.04 -51.81 -1.35
CA GLN A 1191 -19.90 -51.21 -0.67
C GLN A 1191 -19.10 -50.30 -1.60
N GLY A 1192 -18.89 -50.75 -2.83
CA GLY A 1192 -18.15 -49.94 -3.78
C GLY A 1192 -18.89 -48.66 -4.14
N GLU A 1193 -20.22 -48.72 -4.21
CA GLU A 1193 -21.00 -47.52 -4.47
C GLU A 1193 -20.85 -46.52 -3.34
N PHE A 1194 -20.88 -46.97 -2.10
CA PHE A 1194 -20.65 -46.07 -0.97
C PHE A 1194 -19.25 -45.47 -1.03
N LEU A 1195 -18.25 -46.29 -1.35
CA LEU A 1195 -16.89 -45.77 -1.45
C LEU A 1195 -16.79 -44.71 -2.53
N ALA A 1196 -17.44 -44.94 -3.68
CA ALA A 1196 -17.46 -43.94 -4.73
C ALA A 1196 -18.17 -42.68 -4.28
N ALA A 1197 -19.22 -42.82 -3.48
CA ALA A 1197 -19.90 -41.66 -2.92
C ALA A 1197 -19.03 -40.91 -1.92
N ILE A 1198 -18.06 -41.59 -1.32
CA ILE A 1198 -17.15 -40.91 -0.39
C ILE A 1198 -15.95 -40.29 -1.14
N THR A 1199 -15.49 -40.93 -2.21
CA THR A 1199 -14.30 -40.50 -2.92
C THR A 1199 -14.62 -39.25 -3.74
N ALA A 1200 -14.12 -38.10 -3.27
CA ALA A 1200 -14.29 -36.86 -4.01
C ALA A 1200 -13.46 -36.89 -5.28
N SER A 1201 -13.77 -35.96 -6.19
CA SER A 1201 -13.02 -35.86 -7.43
C SER A 1201 -11.63 -35.28 -7.23
N SER A 1202 -11.38 -34.63 -6.09
CA SER A 1202 -10.05 -34.09 -5.83
C SER A 1202 -9.02 -35.20 -5.73
N ALA A 1203 -9.36 -36.29 -5.05
CA ALA A 1203 -8.48 -37.46 -5.03
C ALA A 1203 -8.37 -38.06 -6.42
N ALA A 1204 -7.21 -38.63 -6.71
CA ALA A 1204 -6.91 -39.16 -8.04
C ALA A 1204 -7.48 -40.55 -8.27
N ASP A 1205 -8.43 -40.99 -7.46
CA ASP A 1205 -8.96 -42.34 -7.57
C ASP A 1205 -9.70 -42.52 -8.90
N VAL A 1206 -9.84 -43.79 -9.30
CA VAL A 1206 -10.40 -44.12 -10.61
C VAL A 1206 -11.90 -43.89 -10.70
N PHE A 1207 -12.59 -43.68 -9.57
CA PHE A 1207 -14.01 -43.41 -9.57
C PHE A 1207 -14.32 -42.24 -8.65
N ASP A 1208 -15.42 -41.54 -8.96
CA ASP A 1208 -15.83 -40.36 -8.22
C ASP A 1208 -17.34 -40.38 -7.98
N MET A 1209 -17.76 -39.47 -7.11
CA MET A 1209 -19.15 -39.35 -6.68
C MET A 1209 -20.03 -38.54 -7.61
N GLU A 1210 -19.47 -37.95 -8.68
CA GLU A 1210 -20.21 -36.98 -9.49
C GLU A 1210 -21.46 -37.60 -10.11
N ARG A 1211 -21.32 -38.78 -10.72
CA ARG A 1211 -22.46 -39.38 -11.41
C ARG A 1211 -23.59 -39.69 -10.45
N LEU A 1212 -23.26 -40.20 -9.26
CA LEU A 1212 -24.28 -40.39 -8.23
C LEU A 1212 -24.77 -39.05 -7.72
N GLU A 1213 -23.90 -38.05 -7.72
CA GLU A 1213 -24.26 -36.72 -7.23
C GLU A 1213 -25.38 -36.11 -8.06
N ILE A 1214 -25.36 -36.29 -9.38
CA ILE A 1214 -26.44 -35.76 -10.22
C ILE A 1214 -27.80 -36.33 -9.80
N LEU A 1215 -27.88 -37.66 -9.68
CA LEU A 1215 -29.14 -38.29 -9.34
C LEU A 1215 -29.58 -37.92 -7.93
N GLY A 1216 -28.63 -37.86 -7.00
CA GLY A 1216 -28.95 -37.38 -5.67
C GLY A 1216 -29.51 -35.97 -5.68
N ASN A 1217 -28.94 -35.11 -6.53
CA ASN A 1217 -29.42 -33.74 -6.64
C ASN A 1217 -30.86 -33.70 -7.11
N SER A 1218 -31.16 -34.44 -8.18
CA SER A 1218 -32.53 -34.42 -8.68
C SER A 1218 -33.50 -34.98 -7.65
N PHE A 1219 -33.12 -36.08 -6.98
CA PHE A 1219 -34.01 -36.64 -5.97
C PHE A 1219 -34.25 -35.67 -4.83
N LEU A 1220 -33.17 -35.04 -4.33
CA LEU A 1220 -33.33 -34.10 -3.23
C LEU A 1220 -34.22 -32.94 -3.64
N LYS A 1221 -34.03 -32.42 -4.85
CA LYS A 1221 -34.87 -31.33 -5.33
C LYS A 1221 -36.34 -31.74 -5.38
N LEU A 1222 -36.61 -32.93 -5.94
CA LEU A 1222 -37.98 -33.39 -6.04
C LEU A 1222 -38.62 -33.58 -4.67
N SER A 1223 -37.87 -34.17 -3.74
CA SER A 1223 -38.43 -34.44 -2.42
C SER A 1223 -38.69 -33.13 -1.66
N ALA A 1224 -37.77 -32.18 -1.76
CA ALA A 1224 -38.01 -30.89 -1.12
C ALA A 1224 -39.24 -30.20 -1.72
N THR A 1225 -39.38 -30.27 -3.05
CA THR A 1225 -40.53 -29.66 -3.69
C THR A 1225 -41.83 -30.28 -3.21
N LEU A 1226 -41.89 -31.61 -3.17
CA LEU A 1226 -43.11 -32.28 -2.75
C LEU A 1226 -43.42 -32.00 -1.28
N TYR A 1227 -42.40 -31.98 -0.43
CA TYR A 1227 -42.62 -31.69 0.98
C TYR A 1227 -43.17 -30.28 1.16
N LEU A 1228 -42.58 -29.30 0.47
CA LEU A 1228 -43.07 -27.94 0.60
C LEU A 1228 -44.49 -27.81 0.06
N ALA A 1229 -44.79 -28.47 -1.06
CA ALA A 1229 -46.14 -28.41 -1.60
C ALA A 1229 -47.15 -29.02 -0.65
N SER A 1230 -46.79 -30.12 0.01
CA SER A 1230 -47.70 -30.73 0.97
C SER A 1230 -47.81 -29.94 2.27
N LYS A 1231 -46.81 -29.14 2.60
CA LYS A 1231 -46.82 -28.41 3.86
C LYS A 1231 -47.45 -27.04 3.76
N TYR A 1232 -47.31 -26.36 2.62
CA TYR A 1232 -47.67 -24.96 2.48
C TYR A 1232 -48.47 -24.72 1.20
N SER A 1233 -49.52 -25.52 1.00
CA SER A 1233 -50.34 -25.38 -0.20
C SER A 1233 -51.00 -24.02 -0.31
N ASP A 1234 -51.17 -23.30 0.80
CA ASP A 1234 -51.84 -22.01 0.80
C ASP A 1234 -50.88 -20.83 0.55
N TRP A 1235 -49.80 -21.06 -0.16
CA TRP A 1235 -48.82 -20.01 -0.47
C TRP A 1235 -48.76 -19.78 -1.97
N ASN A 1236 -48.00 -18.75 -2.36
CA ASN A 1236 -47.73 -18.49 -3.76
C ASN A 1236 -46.44 -19.20 -4.18
N GLU A 1237 -46.20 -19.23 -5.49
CA GLU A 1237 -45.04 -19.96 -5.99
C GLU A 1237 -43.73 -19.29 -5.60
N GLY A 1238 -43.73 -17.96 -5.40
CA GLY A 1238 -42.48 -17.27 -5.11
C GLY A 1238 -41.84 -17.72 -3.81
N THR A 1239 -42.63 -17.76 -2.74
CA THR A 1239 -42.09 -18.17 -1.45
C THR A 1239 -41.75 -19.65 -1.42
N LEU A 1240 -42.52 -20.48 -2.14
CA LEU A 1240 -42.17 -21.90 -2.23
C LEU A 1240 -40.84 -22.09 -2.94
N THR A 1241 -40.62 -21.36 -4.03
CA THR A 1241 -39.36 -21.43 -4.75
C THR A 1241 -38.21 -20.93 -3.88
N GLU A 1242 -38.43 -19.86 -3.13
CA GLU A 1242 -37.37 -19.34 -2.26
C GLU A 1242 -37.00 -20.35 -1.19
N VAL A 1243 -38.00 -20.94 -0.53
CA VAL A 1243 -37.72 -21.90 0.52
C VAL A 1243 -37.07 -23.15 -0.06
N LYS A 1244 -37.50 -23.57 -1.25
CA LYS A 1244 -36.88 -24.72 -1.91
C LYS A 1244 -35.42 -24.44 -2.23
N SER A 1245 -35.12 -23.25 -2.74
CA SER A 1245 -33.73 -22.89 -3.01
C SER A 1245 -32.92 -22.80 -1.72
N LYS A 1246 -33.57 -22.47 -0.61
CA LYS A 1246 -32.86 -22.42 0.66
C LYS A 1246 -32.58 -23.81 1.20
N LEU A 1247 -33.52 -24.74 1.03
CA LEU A 1247 -33.34 -26.09 1.56
C LEU A 1247 -32.22 -26.83 0.84
N VAL A 1248 -32.15 -26.73 -0.49
CA VAL A 1248 -31.17 -27.47 -1.26
C VAL A 1248 -29.92 -26.63 -1.44
N SER A 1249 -29.81 -25.55 -0.67
CA SER A 1249 -28.61 -24.74 -0.70
C SER A 1249 -27.43 -25.51 -0.15
N ASN A 1250 -26.24 -25.21 -0.69
CA ASN A 1250 -25.03 -25.92 -0.25
C ASN A 1250 -24.76 -25.68 1.22
N ARG A 1251 -25.02 -24.47 1.71
CA ARG A 1251 -24.80 -24.18 3.12
C ARG A 1251 -25.70 -25.03 4.01
N ASN A 1252 -26.98 -25.16 3.64
CA ASN A 1252 -27.89 -25.98 4.43
C ASN A 1252 -27.46 -27.45 4.42
N LEU A 1253 -27.08 -27.96 3.25
CA LEU A 1253 -26.62 -29.34 3.17
C LEU A 1253 -25.38 -29.55 4.02
N LEU A 1254 -24.44 -28.60 3.98
CA LEU A 1254 -23.25 -28.70 4.81
C LEU A 1254 -23.61 -28.72 6.29
N PHE A 1255 -24.51 -27.85 6.72
CA PHE A 1255 -24.86 -27.79 8.13
C PHE A 1255 -25.61 -29.03 8.58
N CYS A 1256 -26.42 -29.61 7.70
CA CYS A 1256 -27.16 -30.82 8.04
C CYS A 1256 -26.33 -32.09 7.83
N LEU A 1257 -25.13 -31.96 7.26
CA LEU A 1257 -24.20 -33.07 7.19
C LEU A 1257 -23.14 -33.07 8.28
N ILE A 1258 -22.73 -31.88 8.75
CA ILE A 1258 -21.69 -31.81 9.78
C ILE A 1258 -22.15 -32.54 11.04
N ASP A 1259 -23.41 -32.36 11.42
CA ASP A 1259 -23.96 -32.98 12.60
C ASP A 1259 -24.18 -34.49 12.44
N ALA A 1260 -24.02 -35.02 11.24
CA ALA A 1260 -24.13 -36.45 11.00
C ALA A 1260 -22.78 -37.17 11.04
N ASP A 1261 -21.70 -36.46 11.35
CA ASP A 1261 -20.36 -37.00 11.50
C ASP A 1261 -19.79 -37.57 10.20
N ILE A 1262 -20.49 -37.39 9.08
CA ILE A 1262 -19.97 -37.90 7.80
C ILE A 1262 -18.65 -37.27 7.40
N PRO A 1263 -18.45 -35.94 7.47
CA PRO A 1263 -17.25 -35.36 6.85
C PRO A 1263 -15.94 -35.80 7.48
N LYS A 1264 -15.96 -36.33 8.70
CA LYS A 1264 -14.72 -36.79 9.32
C LYS A 1264 -14.18 -38.07 8.69
N THR A 1265 -14.87 -38.63 7.69
CA THR A 1265 -14.44 -39.87 7.05
C THR A 1265 -14.35 -39.75 5.53
N LEU A 1266 -14.33 -38.53 5.00
CA LEU A 1266 -14.34 -38.33 3.56
C LEU A 1266 -12.96 -38.56 2.95
N ASN A 1267 -12.96 -38.86 1.65
CA ASN A 1267 -11.75 -39.09 0.86
C ASN A 1267 -11.61 -37.94 -0.13
N THR A 1268 -10.78 -36.96 0.21
CA THR A 1268 -10.56 -35.81 -0.66
C THR A 1268 -9.12 -35.68 -1.12
N ILE A 1269 -8.17 -35.70 -0.19
CA ILE A 1269 -6.78 -35.41 -0.53
C ILE A 1269 -6.19 -36.52 -1.37
N GLN A 1270 -5.45 -36.13 -2.41
CA GLN A 1270 -4.77 -37.10 -3.26
C GLN A 1270 -3.72 -37.85 -2.46
N PHE A 1271 -3.53 -39.13 -2.80
CA PHE A 1271 -2.65 -40.00 -2.04
C PHE A 1271 -1.21 -39.80 -2.51
N THR A 1272 -0.41 -39.13 -1.67
CA THR A 1272 1.03 -38.98 -1.87
C THR A 1272 1.71 -39.58 -0.65
N PRO A 1273 1.96 -40.88 -0.64
CA PRO A 1273 2.41 -41.53 0.60
C PRO A 1273 3.73 -41.04 1.12
N ARG A 1274 4.65 -40.63 0.24
CA ARG A 1274 6.00 -40.30 0.68
C ARG A 1274 6.03 -39.01 1.48
N TYR A 1275 5.15 -38.05 1.17
CA TYR A 1275 5.29 -36.70 1.69
C TYR A 1275 4.17 -36.28 2.64
N THR A 1276 2.97 -36.81 2.48
CA THR A 1276 1.82 -36.33 3.25
C THR A 1276 1.06 -37.42 3.97
N TRP A 1277 1.45 -38.69 3.84
CA TRP A 1277 0.74 -39.77 4.50
C TRP A 1277 1.36 -40.08 5.85
N LEU A 1278 0.58 -40.75 6.70
CA LEU A 1278 1.04 -41.20 8.01
C LEU A 1278 0.77 -42.69 8.11
N PRO A 1279 1.79 -43.53 7.91
CA PRO A 1279 1.60 -44.98 7.98
C PRO A 1279 1.11 -45.41 9.35
N PRO A 1280 0.48 -46.58 9.45
CA PRO A 1280 -0.19 -46.97 10.70
C PRO A 1280 0.70 -47.03 11.92
N GLY A 1281 1.72 -47.89 11.90
CA GLY A 1281 2.54 -48.08 13.08
C GLY A 1281 3.34 -46.88 13.51
N ILE A 1282 3.41 -45.87 12.65
CA ILE A 1282 4.23 -44.68 12.89
C ILE A 1282 3.33 -43.56 13.41
N SER A 1283 3.87 -42.75 14.32
CA SER A 1283 3.17 -41.57 14.80
C SER A 1283 4.19 -40.54 15.23
N LEU A 1284 3.70 -39.33 15.51
CA LEU A 1284 4.54 -38.32 16.12
C LEU A 1284 4.85 -38.70 17.56
N PRO A 1285 5.92 -38.16 18.13
CA PRO A 1285 6.22 -38.42 19.54
C PRO A 1285 5.05 -38.02 20.43
N HIS A 1286 4.84 -38.80 21.49
CA HIS A 1286 3.66 -38.59 22.32
C HIS A 1286 3.71 -37.27 23.07
N ASN A 1287 4.90 -36.86 23.52
CA ASN A 1287 5.03 -35.58 24.21
C ASN A 1287 4.70 -34.42 23.28
N VAL A 1288 5.23 -34.45 22.05
CA VAL A 1288 4.96 -33.34 21.13
C VAL A 1288 3.50 -33.38 20.68
N LEU A 1289 2.90 -34.56 20.58
CA LEU A 1289 1.48 -34.64 20.28
C LEU A 1289 0.64 -34.04 21.40
N ALA A 1290 0.99 -34.32 22.65
CA ALA A 1290 0.28 -33.73 23.78
C ALA A 1290 0.42 -32.21 23.76
N LEU A 1291 1.63 -31.72 23.48
CA LEU A 1291 1.83 -30.27 23.36
C LEU A 1291 0.99 -29.70 22.23
N TRP A 1292 0.94 -30.40 21.09
CA TRP A 1292 0.21 -29.91 19.92
C TRP A 1292 -1.28 -29.83 20.19
N ARG A 1293 -1.84 -30.84 20.87
CA ARG A 1293 -3.28 -30.87 21.07
C ARG A 1293 -3.73 -30.02 22.26
N GLU A 1294 -2.86 -29.81 23.25
CA GLU A 1294 -3.24 -29.07 24.45
C GLU A 1294 -2.94 -27.59 24.38
N ASN A 1295 -2.19 -27.13 23.37
CA ASN A 1295 -1.78 -25.74 23.26
C ASN A 1295 -2.10 -25.23 21.87
N PRO A 1296 -3.38 -24.92 21.60
CA PRO A 1296 -3.77 -24.52 20.24
C PRO A 1296 -3.08 -23.27 19.74
N GLU A 1297 -2.88 -22.27 20.60
CA GLU A 1297 -2.23 -21.04 20.15
C GLU A 1297 -0.77 -21.29 19.77
N PHE A 1298 -0.07 -22.13 20.54
CA PHE A 1298 1.27 -22.55 20.16
C PHE A 1298 1.22 -23.56 19.01
N ALA A 1299 0.10 -24.27 18.87
CA ALA A 1299 -0.04 -25.22 17.78
C ALA A 1299 -0.08 -24.52 16.43
N LYS A 1300 -0.75 -23.36 16.36
CA LYS A 1300 -0.98 -22.68 15.09
C LYS A 1300 0.30 -22.15 14.46
N ILE A 1301 1.40 -22.06 15.21
CA ILE A 1301 2.65 -21.53 14.70
C ILE A 1301 3.68 -22.61 14.42
N ILE A 1302 3.32 -23.87 14.59
CA ILE A 1302 4.25 -24.97 14.35
C ILE A 1302 4.38 -25.19 12.85
N GLY A 1303 5.62 -25.20 12.36
CA GLY A 1303 5.87 -25.38 10.95
C GLY A 1303 6.55 -26.70 10.64
N PRO A 1304 6.48 -27.13 9.38
CA PRO A 1304 7.14 -28.38 9.01
C PRO A 1304 8.64 -28.35 9.20
N HIS A 1305 9.27 -27.18 9.05
CA HIS A 1305 10.71 -27.06 9.24
C HIS A 1305 11.11 -27.47 10.65
N ASN A 1306 10.31 -27.08 11.65
CA ASN A 1306 10.61 -27.46 13.03
C ASN A 1306 10.56 -28.97 13.21
N LEU A 1307 9.70 -29.66 12.46
CA LEU A 1307 9.70 -31.11 12.50
C LEU A 1307 10.94 -31.70 11.82
N ARG A 1308 11.45 -31.03 10.79
CA ARG A 1308 12.66 -31.50 10.12
C ARG A 1308 13.86 -31.44 11.05
N ASP A 1309 13.86 -30.52 12.01
CA ASP A 1309 14.96 -30.44 12.96
C ASP A 1309 15.00 -31.64 13.89
N LEU A 1310 13.85 -32.28 14.12
CA LEU A 1310 13.74 -33.36 15.10
C LEU A 1310 14.23 -34.67 14.47
N ALA A 1311 15.53 -34.70 14.21
CA ALA A 1311 16.19 -35.91 13.69
C ALA A 1311 16.46 -36.83 14.87
N LEU A 1312 15.40 -37.50 15.31
CA LEU A 1312 15.48 -38.36 16.48
C LEU A 1312 16.34 -39.59 16.20
N GLY A 1313 17.01 -40.07 17.23
CA GLY A 1313 17.88 -41.22 17.12
C GLY A 1313 17.11 -42.53 17.15
N ASP A 1314 17.87 -43.62 17.08
CA ASP A 1314 17.26 -44.95 17.10
C ASP A 1314 16.51 -45.19 18.39
N GLU A 1315 17.10 -44.84 19.53
CA GLU A 1315 16.47 -45.08 20.81
C GLU A 1315 15.13 -44.35 20.90
N GLU A 1316 15.14 -43.04 20.63
CA GLU A 1316 13.92 -42.24 20.72
C GLU A 1316 12.85 -42.76 19.78
N SER A 1317 13.23 -43.12 18.55
CA SER A 1317 12.25 -43.54 17.56
C SER A 1317 11.65 -44.90 17.89
N LEU A 1318 12.47 -45.83 18.37
CA LEU A 1318 12.03 -47.22 18.50
C LEU A 1318 11.58 -47.59 19.91
N VAL A 1319 12.38 -47.29 20.92
CA VAL A 1319 12.14 -47.81 22.27
C VAL A 1319 11.36 -46.82 23.12
N LYS A 1320 11.84 -45.59 23.23
CA LYS A 1320 11.21 -44.64 24.15
C LYS A 1320 9.86 -44.15 23.63
N GLY A 1321 9.73 -44.01 22.31
CA GLY A 1321 8.49 -43.55 21.73
C GLY A 1321 8.31 -42.04 21.66
N ASN A 1322 9.28 -41.27 22.15
CA ASN A 1322 9.20 -39.82 22.05
C ASN A 1322 10.61 -39.24 22.15
N CYS A 1323 10.73 -37.98 21.77
CA CYS A 1323 12.02 -37.30 21.79
C CYS A 1323 12.47 -37.07 23.22
N SER A 1324 13.78 -36.90 23.38
CA SER A 1324 14.37 -36.68 24.70
C SER A 1324 13.96 -35.32 25.25
N ASP A 1325 14.27 -35.12 26.54
CA ASP A 1325 13.94 -33.85 27.18
C ASP A 1325 14.66 -32.70 26.51
N ILE A 1326 15.95 -32.88 26.20
CA ILE A 1326 16.72 -31.82 25.56
C ILE A 1326 16.17 -31.55 24.16
N ASN A 1327 15.77 -32.60 23.44
CA ASN A 1327 15.16 -32.41 22.13
C ASN A 1327 13.82 -31.71 22.26
N TYR A 1328 13.05 -32.04 23.30
CA TYR A 1328 11.76 -31.37 23.50
C TYR A 1328 11.96 -29.88 23.76
N ASN A 1329 12.92 -29.53 24.62
CA ASN A 1329 13.18 -28.12 24.88
C ASN A 1329 13.71 -27.41 23.64
N ARG A 1330 14.57 -28.09 22.87
CA ARG A 1330 15.04 -27.50 21.61
C ARG A 1330 13.88 -27.24 20.67
N PHE A 1331 12.94 -28.18 20.58
CA PHE A 1331 11.78 -28.00 19.71
C PHE A 1331 10.93 -26.82 20.17
N VAL A 1332 10.64 -26.74 21.47
CA VAL A 1332 9.76 -25.67 21.93
C VAL A 1332 10.42 -24.31 21.74
N GLU A 1333 11.74 -24.22 21.99
CA GLU A 1333 12.42 -22.94 21.81
C GLU A 1333 12.53 -22.60 20.33
N GLY A 1334 12.78 -23.60 19.47
CA GLY A 1334 12.83 -23.35 18.04
C GLY A 1334 11.50 -22.88 17.50
N CYS A 1335 10.40 -23.45 18.00
CA CYS A 1335 9.09 -22.99 17.56
C CYS A 1335 8.76 -21.62 18.13
N ARG A 1336 9.22 -21.31 19.35
CA ARG A 1336 9.04 -19.98 19.89
C ARG A 1336 9.74 -18.93 19.04
N ALA A 1337 10.96 -19.24 18.58
CA ALA A 1337 11.63 -18.36 17.62
C ALA A 1337 10.93 -18.38 16.27
N ASN A 1338 10.35 -19.52 15.89
CA ASN A 1338 9.62 -19.64 14.64
C ASN A 1338 8.45 -18.65 14.61
N GLY A 1339 7.76 -18.49 15.74
CA GLY A 1339 6.68 -17.54 15.83
C GLY A 1339 7.08 -16.09 15.68
N GLN A 1340 8.39 -15.80 15.72
CA GLN A 1340 8.88 -14.43 15.62
C GLN A 1340 9.87 -14.20 14.50
N SER A 1341 10.46 -15.25 13.93
CA SER A 1341 11.37 -15.10 12.79
C SER A 1341 10.55 -14.86 11.52
N PHE A 1342 11.23 -14.88 10.38
CA PHE A 1342 10.61 -14.72 9.06
C PHE A 1342 9.33 -15.53 8.92
N TYR A 1343 9.29 -16.71 9.54
CA TYR A 1343 8.13 -17.59 9.46
C TYR A 1343 6.87 -16.98 10.08
N ALA A 1344 7.03 -15.91 10.87
CA ALA A 1344 5.87 -15.26 11.47
C ALA A 1344 5.00 -14.63 10.40
N GLY A 1345 3.69 -14.63 10.64
CA GLY A 1345 2.73 -14.14 9.67
C GLY A 1345 2.32 -15.15 8.63
N ALA A 1346 2.90 -16.35 8.64
CA ALA A 1346 2.54 -17.40 7.70
C ALA A 1346 1.64 -18.42 8.38
N ASP A 1347 1.06 -19.29 7.57
CA ASP A 1347 0.22 -20.39 8.04
C ASP A 1347 0.82 -21.69 7.54
N PHE A 1348 1.20 -22.57 8.47
CA PHE A 1348 1.80 -23.85 8.12
C PHE A 1348 0.80 -25.01 8.16
N SER A 1349 -0.46 -24.73 8.44
CA SER A 1349 -1.44 -25.81 8.64
C SER A 1349 -1.56 -26.69 7.41
N SER A 1350 -1.39 -26.13 6.22
CA SER A 1350 -1.55 -26.90 4.98
C SER A 1350 -0.56 -28.04 4.88
N GLU A 1351 0.55 -28.00 5.62
CA GLU A 1351 1.55 -29.06 5.58
C GLU A 1351 1.60 -29.92 6.83
N VAL A 1352 1.24 -29.38 8.00
CA VAL A 1352 1.30 -30.15 9.24
C VAL A 1352 -0.07 -30.62 9.70
N ASN A 1353 -1.13 -30.37 8.93
CA ASN A 1353 -2.46 -30.78 9.35
C ASN A 1353 -2.58 -32.31 9.39
N PHE A 1354 -1.91 -33.00 8.46
CA PHE A 1354 -2.04 -34.45 8.39
C PHE A 1354 -1.44 -35.13 9.63
N CYS A 1355 -0.48 -34.49 10.29
CA CYS A 1355 0.16 -35.10 11.45
C CYS A 1355 -0.84 -35.34 12.57
N VAL A 1356 -1.69 -34.34 12.85
CA VAL A 1356 -2.68 -34.46 13.90
C VAL A 1356 -4.02 -34.97 13.39
N GLY A 1357 -4.16 -35.19 12.09
CA GLY A 1357 -5.39 -35.72 11.53
C GLY A 1357 -6.36 -34.70 11.00
N LEU A 1358 -5.96 -33.45 10.85
CA LEU A 1358 -6.83 -32.42 10.29
C LEU A 1358 -6.70 -32.37 8.77
N VAL A 1359 -7.82 -32.08 8.11
CA VAL A 1359 -7.86 -31.95 6.65
C VAL A 1359 -8.84 -30.85 6.30
N THR A 1360 -8.59 -30.18 5.18
CA THR A 1360 -9.44 -29.10 4.70
C THR A 1360 -10.25 -29.58 3.50
N ILE A 1361 -11.56 -29.39 3.55
CA ILE A 1361 -12.46 -29.85 2.50
C ILE A 1361 -13.31 -28.69 2.01
N PRO A 1362 -13.45 -28.51 0.70
CA PRO A 1362 -14.32 -27.44 0.20
C PRO A 1362 -15.79 -27.72 0.53
N ASN A 1363 -16.56 -26.64 0.63
CA ASN A 1363 -17.97 -26.76 0.97
C ASN A 1363 -18.74 -27.49 -0.13
N LYS A 1364 -18.36 -27.26 -1.39
CA LYS A 1364 -19.00 -27.93 -2.51
C LYS A 1364 -18.90 -29.45 -2.36
N VAL A 1365 -17.71 -29.94 -2.01
CA VAL A 1365 -17.52 -31.38 -1.85
C VAL A 1365 -18.36 -31.92 -0.70
N ILE A 1366 -18.46 -31.15 0.39
CA ILE A 1366 -19.25 -31.60 1.53
C ILE A 1366 -20.73 -31.69 1.16
N ALA A 1367 -21.23 -30.76 0.36
CA ALA A 1367 -22.61 -30.88 -0.11
C ALA A 1367 -22.76 -32.06 -1.06
N ASP A 1368 -21.83 -32.21 -1.98
CA ASP A 1368 -21.94 -33.25 -3.01
C ASP A 1368 -21.87 -34.64 -2.41
N THR A 1369 -21.11 -34.84 -1.33
CA THR A 1369 -21.07 -36.18 -0.74
C THR A 1369 -22.41 -36.57 -0.13
N LEU A 1370 -23.05 -35.65 0.59
CA LEU A 1370 -24.39 -35.91 1.09
C LEU A 1370 -25.36 -36.20 -0.05
N GLU A 1371 -25.30 -35.38 -1.09
CA GLU A 1371 -26.25 -35.53 -2.18
C GLU A 1371 -26.03 -36.84 -2.91
N ALA A 1372 -24.76 -37.23 -3.10
CA ALA A 1372 -24.45 -38.53 -3.69
C ALA A 1372 -24.87 -39.68 -2.79
N LEU A 1373 -24.85 -39.49 -1.46
CA LEU A 1373 -25.40 -40.50 -0.58
C LEU A 1373 -26.89 -40.69 -0.83
N LEU A 1374 -27.61 -39.58 -0.97
CA LEU A 1374 -29.01 -39.70 -1.36
C LEU A 1374 -29.16 -40.43 -2.69
N GLY A 1375 -28.27 -40.15 -3.63
CA GLY A 1375 -28.26 -40.85 -4.90
C GLY A 1375 -28.06 -42.35 -4.78
N VAL A 1376 -27.06 -42.77 -4.02
CA VAL A 1376 -26.77 -44.20 -3.89
C VAL A 1376 -27.88 -44.91 -3.16
N ILE A 1377 -28.52 -44.26 -2.19
CA ILE A 1377 -29.63 -44.91 -1.49
C ILE A 1377 -30.84 -45.03 -2.41
N VAL A 1378 -31.11 -43.99 -3.22
CA VAL A 1378 -32.21 -44.06 -4.17
C VAL A 1378 -31.98 -45.20 -5.14
N LYS A 1379 -30.78 -45.26 -5.74
CA LYS A 1379 -30.49 -46.18 -6.84
C LYS A 1379 -30.78 -47.62 -6.46
N ASN A 1380 -30.76 -47.94 -5.17
CA ASN A 1380 -30.94 -49.31 -4.73
C ASN A 1380 -32.25 -49.57 -4.01
N TYR A 1381 -32.80 -48.59 -3.27
CA TYR A 1381 -33.98 -48.86 -2.45
C TYR A 1381 -35.17 -47.99 -2.81
N GLY A 1382 -35.17 -47.33 -3.96
CA GLY A 1382 -36.38 -46.64 -4.39
C GLY A 1382 -36.79 -45.45 -3.55
N LEU A 1383 -37.70 -44.65 -4.09
CA LEU A 1383 -38.08 -43.39 -3.46
C LEU A 1383 -38.77 -43.63 -2.11
N GLN A 1384 -39.56 -44.68 -2.00
CA GLN A 1384 -40.29 -44.96 -0.76
C GLN A 1384 -39.34 -44.99 0.43
N HIS A 1385 -38.27 -45.76 0.33
CA HIS A 1385 -37.28 -45.81 1.40
C HIS A 1385 -36.39 -44.58 1.40
N ALA A 1386 -36.07 -44.03 0.23
CA ALA A 1386 -35.14 -42.91 0.17
C ALA A 1386 -35.69 -41.67 0.85
N PHE A 1387 -37.02 -41.55 0.95
CA PHE A 1387 -37.61 -40.39 1.62
C PHE A 1387 -37.15 -40.27 3.08
N LYS A 1388 -36.89 -41.41 3.74
CA LYS A 1388 -36.69 -41.39 5.18
C LYS A 1388 -35.36 -40.75 5.57
N MET A 1389 -34.33 -40.86 4.73
CA MET A 1389 -33.06 -40.29 5.14
C MET A 1389 -33.10 -38.77 5.20
N LEU A 1390 -34.06 -38.13 4.54
CA LEU A 1390 -34.18 -36.68 4.68
C LEU A 1390 -34.50 -36.29 6.12
N GLU A 1391 -35.47 -36.96 6.73
CA GLU A 1391 -35.71 -36.72 8.15
C GLU A 1391 -34.58 -37.30 9.00
N TYR A 1392 -33.90 -38.34 8.50
CA TYR A 1392 -32.69 -38.79 9.18
C TYR A 1392 -31.62 -37.71 9.15
N PHE A 1393 -31.44 -37.05 8.00
CA PHE A 1393 -30.50 -35.94 7.89
C PHE A 1393 -31.07 -34.64 8.42
N LYS A 1394 -32.30 -34.66 8.93
CA LYS A 1394 -32.99 -33.48 9.45
C LYS A 1394 -33.15 -32.40 8.38
N ILE A 1395 -33.26 -32.82 7.12
CA ILE A 1395 -33.59 -31.88 6.06
C ILE A 1395 -34.98 -31.30 6.28
N CYS A 1396 -35.94 -32.17 6.58
CA CYS A 1396 -37.31 -31.77 6.86
C CYS A 1396 -37.63 -32.07 8.32
N ARG A 1397 -38.88 -31.81 8.70
CA ARG A 1397 -39.37 -32.07 10.05
C ARG A 1397 -40.60 -32.94 9.96
N ALA A 1398 -40.57 -34.08 10.64
CA ALA A 1398 -41.65 -35.05 10.54
C ALA A 1398 -42.89 -34.56 11.26
N ASP A 1399 -44.05 -34.90 10.71
CA ASP A 1399 -45.34 -34.63 11.31
C ASP A 1399 -46.03 -35.95 11.64
N ILE A 1400 -46.83 -35.94 12.69
CA ILE A 1400 -47.52 -37.16 13.11
C ILE A 1400 -48.47 -37.64 12.03
N ASP A 1401 -49.21 -36.71 11.42
CA ASP A 1401 -50.19 -37.08 10.40
C ASP A 1401 -49.57 -37.41 9.06
N LYS A 1402 -48.36 -36.91 8.79
CA LYS A 1402 -47.73 -37.04 7.47
C LYS A 1402 -46.33 -37.60 7.61
N PRO A 1403 -46.21 -38.93 7.72
CA PRO A 1403 -44.89 -39.54 7.62
C PRO A 1403 -44.31 -39.34 6.22
N LEU A 1404 -42.97 -39.19 6.18
CA LEU A 1404 -42.33 -38.75 4.94
C LEU A 1404 -42.48 -39.77 3.82
N THR A 1405 -42.55 -41.06 4.15
CA THR A 1405 -42.67 -42.07 3.10
C THR A 1405 -43.99 -41.98 2.35
N GLN A 1406 -45.00 -41.35 2.95
CA GLN A 1406 -46.28 -41.14 2.28
C GLN A 1406 -46.32 -39.87 1.45
N LEU A 1407 -45.22 -39.12 1.38
CA LEU A 1407 -45.23 -37.83 0.69
C LEU A 1407 -45.58 -37.97 -0.78
N LEU A 1408 -45.37 -39.14 -1.37
CA LEU A 1408 -45.83 -39.37 -2.73
C LEU A 1408 -47.35 -39.24 -2.84
N ASN A 1409 -48.07 -39.45 -1.74
CA ASN A 1409 -49.51 -39.22 -1.69
C ASN A 1409 -49.80 -37.74 -1.41
N LEU A 1410 -49.33 -36.90 -2.32
CA LEU A 1410 -49.48 -35.45 -2.20
C LEU A 1410 -50.92 -35.05 -2.46
N GLU A 1411 -51.60 -34.56 -1.43
CA GLU A 1411 -52.97 -34.08 -1.57
C GLU A 1411 -52.95 -32.60 -1.92
N LEU A 1412 -53.71 -32.23 -2.95
CA LEU A 1412 -53.86 -30.83 -3.33
C LEU A 1412 -54.91 -30.18 -2.42
N GLY A 1413 -54.53 -30.04 -1.15
CA GLY A 1413 -55.45 -29.56 -0.14
C GLY A 1413 -55.69 -28.06 -0.21
N GLY A 1414 -56.61 -27.61 0.64
CA GLY A 1414 -56.98 -26.21 0.69
C GLY A 1414 -58.20 -25.88 -0.15
N LYS A 1415 -58.73 -24.69 0.08
CA LYS A 1415 -59.87 -24.19 -0.68
C LYS A 1415 -59.49 -23.44 -1.94
N LYS A 1416 -58.19 -23.37 -2.25
CA LYS A 1416 -57.79 -22.85 -3.56
C LYS A 1416 -58.23 -23.77 -4.68
N MET A 1417 -58.63 -25.00 -4.37
CA MET A 1417 -59.09 -25.96 -5.35
C MET A 1417 -60.43 -26.53 -4.89
N ARG A 1418 -61.36 -26.70 -5.83
CA ARG A 1418 -62.71 -27.14 -5.51
C ARG A 1418 -63.11 -28.25 -6.49
N ALA A 1419 -63.27 -29.46 -5.96
CA ALA A 1419 -63.65 -30.62 -6.78
C ALA A 1419 -65.16 -30.79 -6.94
N ASN A 1420 -65.96 -29.93 -6.31
CA ASN A 1420 -67.41 -30.05 -6.37
C ASN A 1420 -68.00 -29.60 -7.69
N VAL A 1421 -67.21 -28.94 -8.55
CA VAL A 1421 -67.73 -28.36 -9.78
C VAL A 1421 -68.14 -29.47 -10.75
N ASN A 1422 -69.29 -29.30 -11.39
CA ASN A 1422 -69.73 -30.23 -12.41
C ASN A 1422 -68.86 -30.13 -13.66
N THR A 1423 -68.77 -31.25 -14.39
CA THR A 1423 -67.84 -31.32 -15.51
C THR A 1423 -68.20 -30.36 -16.63
N THR A 1424 -69.49 -30.03 -16.78
CA THR A 1424 -69.90 -29.13 -17.86
C THR A 1424 -69.31 -27.74 -17.69
N GLU A 1425 -69.15 -27.28 -16.44
CA GLU A 1425 -68.55 -25.96 -16.22
C GLU A 1425 -67.11 -25.93 -16.71
N ILE A 1426 -66.34 -26.97 -16.42
CA ILE A 1426 -64.97 -27.05 -16.93
C ILE A 1426 -64.97 -27.16 -18.45
N ASP A 1427 -65.85 -28.00 -18.99
CA ASP A 1427 -65.90 -28.17 -20.44
C ASP A 1427 -66.29 -26.88 -21.16
N GLY A 1428 -67.00 -25.97 -20.47
CA GLY A 1428 -67.26 -24.67 -21.05
C GLY A 1428 -65.98 -23.91 -21.34
N PHE A 1429 -65.02 -23.95 -20.40
CA PHE A 1429 -63.69 -23.41 -20.69
C PHE A 1429 -62.95 -24.28 -21.68
N LEU A 1430 -63.06 -25.60 -21.53
CA LEU A 1430 -62.24 -26.55 -22.29
C LEU A 1430 -62.94 -26.91 -23.59
N ILE A 1431 -62.84 -26.02 -24.56
CA ILE A 1431 -63.28 -26.33 -25.92
C ILE A 1431 -62.19 -27.13 -26.61
N ASN A 1432 -62.60 -27.96 -27.58
CA ASN A 1432 -61.69 -28.86 -28.30
C ASN A 1432 -60.92 -29.74 -27.32
N HIS A 1433 -61.62 -30.24 -26.31
CA HIS A 1433 -60.98 -31.06 -25.27
C HIS A 1433 -60.37 -32.32 -25.86
N TYR A 1434 -61.13 -33.02 -26.71
CA TYR A 1434 -60.66 -34.27 -27.28
C TYR A 1434 -59.42 -34.07 -28.13
N TYR A 1435 -59.38 -32.96 -28.89
CA TYR A 1435 -58.20 -32.66 -29.70
C TYR A 1435 -56.97 -32.44 -28.83
N LEU A 1436 -57.12 -31.75 -27.70
CA LEU A 1436 -56.01 -31.54 -26.79
C LEU A 1436 -55.53 -32.85 -26.18
N GLU A 1437 -56.46 -33.69 -25.73
CA GLU A 1437 -56.08 -34.98 -25.18
C GLU A 1437 -55.38 -35.85 -26.22
N LYS A 1438 -55.85 -35.79 -27.48
CA LYS A 1438 -55.21 -36.55 -28.54
C LYS A 1438 -53.78 -36.08 -28.77
N ASN A 1439 -53.56 -34.76 -28.79
CA ASN A 1439 -52.20 -34.28 -29.03
C ASN A 1439 -51.29 -34.55 -27.84
N LEU A 1440 -51.82 -34.42 -26.62
CA LEU A 1440 -51.01 -34.70 -25.43
C LEU A 1440 -50.67 -36.18 -25.29
N GLY A 1441 -51.48 -37.07 -25.83
CA GLY A 1441 -51.25 -38.49 -25.67
C GLY A 1441 -51.80 -39.09 -24.40
N TYR A 1442 -52.40 -38.28 -23.53
CA TYR A 1442 -53.03 -38.77 -22.30
C TYR A 1442 -54.47 -38.30 -22.25
N THR A 1443 -55.33 -39.10 -21.63
CA THR A 1443 -56.74 -38.78 -21.47
C THR A 1443 -57.03 -38.63 -19.99
N PHE A 1444 -57.49 -37.45 -19.59
CA PHE A 1444 -57.76 -37.19 -18.19
C PHE A 1444 -59.06 -37.86 -17.75
N LYS A 1445 -59.14 -38.13 -16.45
CA LYS A 1445 -60.38 -38.58 -15.82
C LYS A 1445 -60.87 -37.61 -14.76
N ASP A 1446 -60.18 -36.49 -14.56
CA ASP A 1446 -60.65 -35.42 -13.69
C ASP A 1446 -60.14 -34.12 -14.29
N ARG A 1447 -60.99 -33.46 -15.09
CA ARG A 1447 -60.53 -32.38 -15.97
C ARG A 1447 -60.19 -31.10 -15.23
N ARG A 1448 -60.56 -30.98 -13.95
CA ARG A 1448 -60.32 -29.73 -13.23
C ARG A 1448 -58.83 -29.41 -13.12
N TYR A 1449 -57.98 -30.43 -13.00
CA TYR A 1449 -56.54 -30.18 -12.96
C TYR A 1449 -56.06 -29.58 -14.27
N LEU A 1450 -56.61 -30.03 -15.40
CA LEU A 1450 -56.26 -29.44 -16.68
C LEU A 1450 -56.64 -27.98 -16.73
N LEU A 1451 -57.80 -27.63 -16.18
CA LEU A 1451 -58.22 -26.24 -16.13
C LEU A 1451 -57.29 -25.41 -15.26
N GLN A 1452 -56.84 -25.96 -14.13
CA GLN A 1452 -55.86 -25.25 -13.33
C GLN A 1452 -54.56 -25.04 -14.08
N ALA A 1453 -54.14 -26.05 -14.85
CA ALA A 1453 -52.87 -25.95 -15.55
C ALA A 1453 -52.95 -24.98 -16.72
N LEU A 1454 -54.12 -24.81 -17.33
CA LEU A 1454 -54.24 -23.95 -18.50
C LEU A 1454 -54.57 -22.51 -18.17
N THR A 1455 -54.88 -22.17 -16.93
CA THR A 1455 -55.30 -20.82 -16.59
C THR A 1455 -54.07 -19.97 -16.24
N HIS A 1456 -53.69 -19.09 -17.16
CA HIS A 1456 -52.65 -18.11 -16.88
C HIS A 1456 -53.16 -17.12 -15.83
N PRO A 1457 -52.30 -16.65 -14.93
CA PRO A 1457 -52.79 -15.80 -13.82
C PRO A 1457 -53.47 -14.52 -14.26
N SER A 1458 -53.21 -14.04 -15.48
CA SER A 1458 -53.89 -12.86 -15.97
C SER A 1458 -55.35 -13.13 -16.34
N TYR A 1459 -55.74 -14.38 -16.44
CA TYR A 1459 -57.10 -14.72 -16.81
C TYR A 1459 -58.03 -14.53 -15.62
N PRO A 1460 -59.00 -13.61 -15.69
CA PRO A 1460 -59.78 -13.27 -14.49
C PRO A 1460 -61.08 -14.05 -14.31
N THR A 1461 -61.62 -14.63 -15.38
CA THR A 1461 -62.97 -15.18 -15.33
C THR A 1461 -63.01 -16.64 -14.91
N ASN A 1462 -61.94 -17.15 -14.30
CA ASN A 1462 -61.92 -18.48 -13.70
C ASN A 1462 -62.01 -18.33 -12.19
N ARG A 1463 -62.99 -18.99 -11.58
CA ARG A 1463 -63.26 -18.82 -10.16
C ARG A 1463 -63.28 -20.14 -9.39
N ILE A 1464 -62.85 -21.23 -9.99
CA ILE A 1464 -62.90 -22.54 -9.35
C ILE A 1464 -61.52 -23.14 -9.09
N THR A 1465 -60.46 -22.60 -9.69
CA THR A 1465 -59.11 -23.12 -9.50
C THR A 1465 -58.14 -21.95 -9.35
N GLY A 1466 -56.96 -22.26 -8.83
CA GLY A 1466 -55.88 -21.30 -8.83
C GLY A 1466 -55.16 -21.28 -10.17
N SER A 1467 -54.14 -20.44 -10.25
CA SER A 1467 -53.36 -20.33 -11.48
C SER A 1467 -52.51 -21.58 -11.67
N TYR A 1468 -51.78 -21.62 -12.78
CA TYR A 1468 -50.93 -22.77 -13.05
C TYR A 1468 -49.63 -22.74 -12.26
N GLN A 1469 -49.36 -21.67 -11.52
CA GLN A 1469 -48.10 -21.57 -10.79
C GLN A 1469 -47.93 -22.71 -9.81
N GLU A 1470 -48.99 -23.04 -9.07
CA GLU A 1470 -48.91 -24.11 -8.09
C GLU A 1470 -48.56 -25.43 -8.75
N LEU A 1471 -49.24 -25.77 -9.85
CA LEU A 1471 -48.96 -27.03 -10.51
C LEU A 1471 -47.61 -27.00 -11.22
N GLU A 1472 -47.23 -25.86 -11.79
CA GLU A 1472 -45.93 -25.76 -12.44
C GLU A 1472 -44.80 -25.99 -11.45
N PHE A 1473 -44.98 -25.54 -10.21
CA PHE A 1473 -43.94 -25.73 -9.20
C PHE A 1473 -43.65 -27.21 -8.98
N ILE A 1474 -44.70 -28.03 -8.88
CA ILE A 1474 -44.50 -29.47 -8.71
C ILE A 1474 -44.00 -30.10 -10.01
N GLY A 1475 -44.55 -29.68 -11.14
CA GLY A 1475 -44.18 -30.27 -12.41
C GLY A 1475 -42.72 -30.09 -12.76
N ASN A 1476 -42.15 -28.95 -12.38
CA ASN A 1476 -40.73 -28.73 -12.63
C ASN A 1476 -39.89 -29.82 -11.97
N ALA A 1477 -40.12 -30.05 -10.68
CA ALA A 1477 -39.37 -31.09 -9.98
C ALA A 1477 -39.64 -32.46 -10.57
N ILE A 1478 -40.90 -32.77 -10.88
CA ILE A 1478 -41.23 -34.10 -11.40
C ILE A 1478 -40.49 -34.35 -12.70
N LEU A 1479 -40.60 -33.42 -13.65
CA LEU A 1479 -39.96 -33.59 -14.95
C LEU A 1479 -38.45 -33.66 -14.81
N ASP A 1480 -37.87 -32.78 -14.00
CA ASP A 1480 -36.42 -32.79 -13.82
C ASP A 1480 -35.95 -34.12 -13.26
N PHE A 1481 -36.64 -34.64 -12.24
CA PHE A 1481 -36.22 -35.89 -11.62
C PHE A 1481 -36.33 -37.05 -12.59
N LEU A 1482 -37.45 -37.13 -13.33
CA LEU A 1482 -37.60 -38.25 -14.25
C LEU A 1482 -36.57 -38.19 -15.37
N ILE A 1483 -36.32 -36.99 -15.91
CA ILE A 1483 -35.32 -36.86 -16.97
C ILE A 1483 -33.94 -37.26 -16.45
N SER A 1484 -33.59 -36.81 -15.25
CA SER A 1484 -32.29 -37.16 -14.69
C SER A 1484 -32.18 -38.67 -14.48
N ALA A 1485 -33.23 -39.30 -13.97
CA ALA A 1485 -33.19 -40.74 -13.78
C ALA A 1485 -32.99 -41.48 -15.09
N TYR A 1486 -33.70 -41.05 -16.14
CA TYR A 1486 -33.55 -41.72 -17.43
C TYR A 1486 -32.14 -41.55 -17.99
N ILE A 1487 -31.61 -40.33 -17.94
CA ILE A 1487 -30.28 -40.12 -18.50
C ILE A 1487 -29.22 -40.84 -17.68
N PHE A 1488 -29.41 -40.91 -16.36
CA PHE A 1488 -28.49 -41.68 -15.52
C PHE A 1488 -28.51 -43.15 -15.90
N GLU A 1489 -29.69 -43.71 -16.13
CA GLU A 1489 -29.77 -45.13 -16.48
C GLU A 1489 -29.19 -45.40 -17.86
N ASN A 1490 -29.46 -44.53 -18.83
CA ASN A 1490 -29.19 -44.85 -20.22
C ASN A 1490 -27.95 -44.18 -20.80
N ASN A 1491 -27.20 -43.41 -20.02
CA ASN A 1491 -26.03 -42.70 -20.54
C ASN A 1491 -24.85 -42.84 -19.58
N THR A 1492 -24.56 -44.07 -19.17
CA THR A 1492 -23.39 -44.29 -18.32
C THR A 1492 -22.08 -44.12 -19.09
N LYS A 1493 -22.10 -44.27 -20.41
CA LYS A 1493 -20.88 -44.10 -21.20
C LYS A 1493 -20.34 -42.69 -21.11
N MET A 1494 -21.22 -41.70 -21.24
CA MET A 1494 -20.81 -40.31 -21.34
C MET A 1494 -20.63 -39.69 -19.95
N ASN A 1495 -19.58 -38.87 -19.81
CA ASN A 1495 -19.03 -38.53 -18.51
C ASN A 1495 -19.92 -37.55 -17.73
N PRO A 1496 -19.73 -37.45 -16.41
CA PRO A 1496 -20.65 -36.66 -15.59
C PRO A 1496 -20.78 -35.19 -15.97
N GLY A 1497 -19.70 -34.53 -16.37
CA GLY A 1497 -19.83 -33.12 -16.73
C GLY A 1497 -20.73 -32.90 -17.92
N ALA A 1498 -20.51 -33.67 -18.99
CA ALA A 1498 -21.42 -33.62 -20.11
C ALA A 1498 -22.80 -34.13 -19.73
N LEU A 1499 -22.88 -35.04 -18.74
CA LEU A 1499 -24.17 -35.54 -18.31
C LEU A 1499 -25.01 -34.43 -17.71
N THR A 1500 -24.43 -33.64 -16.81
CA THR A 1500 -25.19 -32.54 -16.23
C THR A 1500 -25.43 -31.44 -17.26
N ASP A 1501 -24.52 -31.29 -18.23
CA ASP A 1501 -24.79 -30.36 -19.32
C ASP A 1501 -26.02 -30.78 -20.11
N LEU A 1502 -26.13 -32.07 -20.42
CA LEU A 1502 -27.32 -32.58 -21.11
C LEU A 1502 -28.56 -32.40 -20.26
N ARG A 1503 -28.46 -32.67 -18.96
CA ARG A 1503 -29.61 -32.50 -18.08
C ARG A 1503 -30.10 -31.07 -18.10
N SER A 1504 -29.18 -30.10 -17.97
CA SER A 1504 -29.58 -28.70 -17.99
C SER A 1504 -30.15 -28.30 -19.34
N ALA A 1505 -29.53 -28.75 -20.44
CA ALA A 1505 -29.98 -28.36 -21.76
C ALA A 1505 -31.37 -28.90 -22.05
N LEU A 1506 -31.66 -30.11 -21.59
CA LEU A 1506 -32.94 -30.74 -21.90
C LEU A 1506 -34.09 -30.16 -21.08
N VAL A 1507 -33.81 -29.80 -19.81
CA VAL A 1507 -34.88 -29.37 -18.91
C VAL A 1507 -35.14 -27.87 -18.98
N ASN A 1508 -34.31 -27.11 -19.68
CA ASN A 1508 -34.42 -25.66 -19.66
C ASN A 1508 -35.75 -25.19 -20.23
N ASN A 1509 -36.02 -23.89 -20.04
CA ASN A 1509 -37.31 -23.33 -20.42
C ASN A 1509 -37.55 -23.45 -21.92
N THR A 1510 -36.52 -23.17 -22.73
CA THR A 1510 -36.74 -23.06 -24.17
C THR A 1510 -37.08 -24.41 -24.79
N THR A 1511 -36.52 -25.51 -24.28
CA THR A 1511 -36.88 -26.83 -24.80
C THR A 1511 -38.34 -27.14 -24.51
N LEU A 1512 -38.81 -26.83 -23.30
CA LEU A 1512 -40.21 -27.04 -22.98
C LEU A 1512 -41.11 -26.17 -23.84
N ALA A 1513 -40.69 -24.94 -24.11
CA ALA A 1513 -41.48 -24.06 -24.97
C ALA A 1513 -41.58 -24.62 -26.38
N CYS A 1514 -40.47 -25.12 -26.91
CA CYS A 1514 -40.51 -25.69 -28.26
C CYS A 1514 -41.38 -26.93 -28.30
N ILE A 1515 -41.34 -27.74 -27.24
CA ILE A 1515 -42.23 -28.91 -27.17
C ILE A 1515 -43.68 -28.45 -27.15
N CYS A 1516 -44.00 -27.43 -26.36
CA CYS A 1516 -45.37 -26.94 -26.28
C CYS A 1516 -45.85 -26.44 -27.64
N VAL A 1517 -45.00 -25.72 -28.36
CA VAL A 1517 -45.37 -25.26 -29.70
C VAL A 1517 -45.60 -26.44 -30.63
N ARG A 1518 -44.69 -27.41 -30.61
CA ARG A 1518 -44.74 -28.49 -31.59
C ARG A 1518 -46.01 -29.32 -31.47
N HIS A 1519 -46.60 -29.38 -30.29
CA HIS A 1519 -47.80 -30.18 -30.05
C HIS A 1519 -49.08 -29.35 -30.07
N ARG A 1520 -49.00 -28.08 -30.51
CA ARG A 1520 -50.16 -27.20 -30.62
C ARG A 1520 -50.88 -27.04 -29.29
N LEU A 1521 -50.13 -27.14 -28.18
CA LEU A 1521 -50.70 -26.94 -26.86
C LEU A 1521 -50.97 -25.47 -26.56
N HIS A 1522 -50.30 -24.56 -27.27
CA HIS A 1522 -50.40 -23.14 -26.94
C HIS A 1522 -51.80 -22.58 -27.16
N PHE A 1523 -52.57 -23.17 -28.08
CA PHE A 1523 -53.92 -22.67 -28.35
C PHE A 1523 -54.79 -22.72 -27.10
N PHE A 1524 -54.58 -23.72 -26.24
CA PHE A 1524 -55.47 -23.97 -25.12
C PHE A 1524 -55.09 -23.20 -23.86
N ILE A 1525 -54.10 -22.32 -23.93
CA ILE A 1525 -53.73 -21.52 -22.78
C ILE A 1525 -54.78 -20.43 -22.58
N LEU A 1526 -55.36 -20.38 -21.39
CA LEU A 1526 -56.36 -19.38 -21.05
C LEU A 1526 -55.65 -18.15 -20.49
N ALA A 1527 -55.58 -17.09 -21.29
CA ALA A 1527 -54.87 -15.88 -20.87
C ALA A 1527 -55.53 -14.68 -21.51
N GLU A 1528 -55.43 -13.54 -20.82
CA GLU A 1528 -55.95 -12.26 -21.30
C GLU A 1528 -54.85 -11.21 -21.14
N ASN A 1529 -53.99 -11.11 -22.15
CA ASN A 1529 -52.89 -10.14 -22.14
C ASN A 1529 -52.41 -9.95 -23.55
N ALA A 1530 -52.38 -8.70 -24.03
CA ALA A 1530 -51.99 -8.44 -25.40
C ALA A 1530 -50.52 -8.79 -25.64
N LYS A 1531 -49.64 -8.42 -24.70
CA LYS A 1531 -48.22 -8.65 -24.88
C LYS A 1531 -47.90 -10.13 -24.97
N LEU A 1532 -48.44 -10.91 -24.02
CA LEU A 1532 -48.16 -12.34 -24.00
C LEU A 1532 -48.69 -13.03 -25.25
N SER A 1533 -49.90 -12.68 -25.68
CA SER A 1533 -50.46 -13.27 -26.89
C SER A 1533 -49.63 -12.90 -28.11
N GLU A 1534 -49.18 -11.65 -28.19
CA GLU A 1534 -48.35 -11.23 -29.32
C GLU A 1534 -47.04 -12.00 -29.36
N ILE A 1535 -46.39 -12.14 -28.19
CA ILE A 1535 -45.12 -12.87 -28.15
C ILE A 1535 -45.34 -14.33 -28.52
N ILE A 1536 -46.43 -14.93 -28.03
CA ILE A 1536 -46.72 -16.32 -28.36
C ILE A 1536 -46.93 -16.49 -29.85
N SER A 1537 -47.68 -15.58 -30.47
CA SER A 1537 -47.91 -15.66 -31.91
C SER A 1537 -46.62 -15.52 -32.70
N LYS A 1538 -45.78 -14.56 -32.31
CA LYS A 1538 -44.50 -14.39 -33.00
C LYS A 1538 -43.62 -15.62 -32.86
N PHE A 1539 -43.57 -16.18 -31.65
CA PHE A 1539 -42.72 -17.35 -31.42
C PHE A 1539 -43.22 -18.57 -32.17
N VAL A 1540 -44.54 -18.79 -32.20
CA VAL A 1540 -45.06 -19.94 -32.92
C VAL A 1540 -44.86 -19.77 -34.42
N ASN A 1541 -44.97 -18.54 -34.94
CA ASN A 1541 -44.66 -18.31 -36.35
C ASN A 1541 -43.20 -18.61 -36.64
N PHE A 1542 -42.30 -18.19 -35.75
CA PHE A 1542 -40.89 -18.48 -35.94
C PHE A 1542 -40.63 -19.99 -35.92
N GLN A 1543 -41.24 -20.70 -34.98
CA GLN A 1543 -41.07 -22.15 -34.91
C GLN A 1543 -41.60 -22.83 -36.17
N GLU A 1544 -42.75 -22.38 -36.67
CA GLU A 1544 -43.28 -22.93 -37.91
C GLU A 1544 -42.31 -22.67 -39.06
N SER A 1545 -41.71 -21.48 -39.10
CA SER A 1545 -40.69 -21.20 -40.09
C SER A 1545 -39.48 -22.12 -39.94
N GLN A 1546 -39.20 -22.57 -38.72
CA GLN A 1546 -38.09 -23.46 -38.46
C GLN A 1546 -38.48 -24.94 -38.49
N GLY A 1547 -39.74 -25.26 -38.73
CA GLY A 1547 -40.16 -26.65 -38.72
C GLY A 1547 -40.23 -27.28 -37.35
N HIS A 1548 -40.33 -26.47 -36.30
CA HIS A 1548 -40.48 -26.90 -34.92
C HIS A 1548 -39.27 -27.66 -34.39
N ARG A 1549 -38.16 -27.68 -35.13
CA ARG A 1549 -36.93 -28.25 -34.61
C ARG A 1549 -36.33 -27.33 -33.55
N VAL A 1550 -35.58 -27.92 -32.63
CA VAL A 1550 -34.92 -27.16 -31.57
C VAL A 1550 -33.56 -26.74 -32.11
N THR A 1551 -33.54 -25.62 -32.81
CA THR A 1551 -32.30 -25.04 -33.33
C THR A 1551 -31.91 -23.84 -32.48
N ASN A 1552 -30.85 -23.15 -32.90
CA ASN A 1552 -30.49 -21.91 -32.24
C ASN A 1552 -31.61 -20.88 -32.40
N TYR A 1553 -31.99 -20.25 -31.29
CA TYR A 1553 -33.11 -19.32 -31.28
C TYR A 1553 -32.60 -17.92 -31.63
N VAL A 1554 -32.32 -17.74 -32.92
CA VAL A 1554 -31.83 -16.47 -33.45
C VAL A 1554 -32.45 -16.22 -34.81
N ARG A 1555 -32.77 -14.96 -35.09
CA ARG A 1555 -33.26 -14.54 -36.39
C ARG A 1555 -32.21 -13.63 -37.02
N ILE A 1556 -31.87 -13.90 -38.28
CA ILE A 1556 -30.92 -13.09 -39.02
C ILE A 1556 -31.70 -12.11 -39.88
N LEU A 1557 -31.33 -10.84 -39.81
CA LEU A 1557 -32.09 -9.79 -40.46
C LEU A 1557 -31.58 -9.49 -41.87
N LEU A 1558 -30.27 -9.41 -42.05
CA LEU A 1558 -29.69 -9.14 -43.35
C LEU A 1558 -28.51 -10.09 -43.57
N GLU A 1559 -28.32 -10.50 -44.82
CA GLU A 1559 -27.30 -11.47 -45.20
C GLU A 1559 -27.47 -12.77 -44.42
N VAL A 1594 -36.92 -16.11 -46.55
CA VAL A 1594 -35.52 -15.92 -46.87
C VAL A 1594 -35.07 -14.50 -46.54
N PRO A 1595 -33.96 -14.38 -45.82
CA PRO A 1595 -33.43 -13.06 -45.49
C PRO A 1595 -33.04 -12.30 -46.74
N PRO A 1596 -33.25 -10.99 -46.76
CA PRO A 1596 -32.88 -10.21 -47.95
C PRO A 1596 -31.38 -10.09 -48.09
N LYS A 1597 -30.93 -9.95 -49.34
CA LYS A 1597 -29.53 -9.67 -49.60
C LYS A 1597 -29.19 -8.23 -49.21
N GLY A 1598 -27.95 -8.04 -48.76
CA GLY A 1598 -27.48 -6.72 -48.40
C GLY A 1598 -25.98 -6.65 -48.41
N GLU A 1599 -25.39 -6.00 -47.41
CA GLU A 1599 -23.95 -5.97 -47.29
C GLU A 1599 -23.45 -6.28 -45.88
N PHE A 1600 -24.31 -6.29 -44.87
CA PHE A 1600 -23.89 -6.46 -43.49
C PHE A 1600 -24.67 -7.61 -42.87
N ASN A 1601 -23.96 -8.53 -42.22
CA ASN A 1601 -24.60 -9.64 -41.54
C ASN A 1601 -25.07 -9.17 -40.16
N MET A 1602 -26.39 -9.18 -39.96
CA MET A 1602 -26.96 -8.73 -38.71
C MET A 1602 -27.93 -9.79 -38.18
N SER A 1603 -27.98 -9.93 -36.86
CA SER A 1603 -28.78 -10.96 -36.23
C SER A 1603 -29.23 -10.49 -34.85
N THR A 1604 -30.29 -11.12 -34.36
CA THR A 1604 -30.82 -10.82 -33.04
C THR A 1604 -31.50 -12.07 -32.49
N ASN A 1605 -31.32 -12.33 -31.19
CA ASN A 1605 -31.91 -13.50 -30.57
C ASN A 1605 -33.43 -13.42 -30.55
N VAL A 1606 -34.07 -14.57 -30.65
CA VAL A 1606 -35.53 -14.66 -30.63
C VAL A 1606 -36.00 -14.72 -29.18
N ASP A 1607 -37.05 -13.95 -28.87
CA ASP A 1607 -37.58 -13.92 -27.52
C ASP A 1607 -38.52 -15.11 -27.30
N VAL A 1608 -38.32 -15.81 -26.19
CA VAL A 1608 -39.06 -17.02 -25.86
C VAL A 1608 -40.00 -16.71 -24.69
N PRO A 1609 -41.28 -17.07 -24.77
CA PRO A 1609 -42.20 -16.80 -23.65
C PRO A 1609 -42.09 -17.89 -22.59
N LYS A 1610 -41.91 -17.47 -21.34
CA LYS A 1610 -41.85 -18.41 -20.24
C LYS A 1610 -43.17 -19.14 -20.05
N ALA A 1611 -44.27 -18.55 -20.53
CA ALA A 1611 -45.60 -19.13 -20.30
C ALA A 1611 -45.73 -20.50 -20.93
N LEU A 1612 -45.16 -20.69 -22.12
CA LEU A 1612 -45.29 -21.98 -22.81
C LEU A 1612 -44.65 -23.10 -21.99
N GLY A 1613 -43.40 -22.89 -21.55
CA GLY A 1613 -42.75 -23.89 -20.74
C GLY A 1613 -43.45 -24.11 -19.42
N ASP A 1614 -43.88 -23.03 -18.76
CA ASP A 1614 -44.54 -23.18 -17.47
C ASP A 1614 -45.84 -23.95 -17.59
N VAL A 1615 -46.63 -23.67 -18.63
CA VAL A 1615 -47.90 -24.38 -18.78
C VAL A 1615 -47.64 -25.84 -19.11
N LEU A 1616 -46.59 -26.14 -19.89
CA LEU A 1616 -46.28 -27.54 -20.15
C LEU A 1616 -45.89 -28.28 -18.87
N GLU A 1617 -45.08 -27.64 -18.03
CA GLU A 1617 -44.67 -28.28 -16.77
C GLU A 1617 -45.86 -28.47 -15.85
N ALA A 1618 -46.74 -27.47 -15.75
CA ALA A 1618 -47.95 -27.61 -14.95
C ALA A 1618 -48.85 -28.70 -15.51
N LEU A 1619 -48.90 -28.85 -16.82
CA LEU A 1619 -49.68 -29.93 -17.42
C LEU A 1619 -49.11 -31.30 -17.04
N ILE A 1620 -47.78 -31.42 -17.01
CA ILE A 1620 -47.16 -32.66 -16.58
C ILE A 1620 -47.55 -32.97 -15.13
N ALA A 1621 -47.48 -31.95 -14.27
CA ALA A 1621 -47.87 -32.16 -12.88
C ALA A 1621 -49.33 -32.55 -12.76
N ALA A 1622 -50.19 -31.95 -13.60
CA ALA A 1622 -51.60 -32.31 -13.59
C ALA A 1622 -51.80 -33.77 -14.00
N VAL A 1623 -51.04 -34.22 -15.00
CA VAL A 1623 -51.11 -35.63 -15.38
C VAL A 1623 -50.72 -36.52 -14.21
N TYR A 1624 -49.65 -36.16 -13.51
CA TYR A 1624 -49.25 -36.93 -12.34
C TYR A 1624 -50.36 -36.97 -11.30
N LEU A 1625 -50.90 -35.81 -10.95
CA LEU A 1625 -51.93 -35.76 -9.90
C LEU A 1625 -53.19 -36.51 -10.31
N ASP A 1626 -53.49 -36.55 -11.61
CA ASP A 1626 -54.67 -37.28 -12.06
C ASP A 1626 -54.43 -38.79 -12.03
N CYS A 1627 -53.24 -39.23 -12.42
CA CYS A 1627 -52.99 -40.67 -12.55
C CYS A 1627 -52.37 -41.30 -11.31
N ARG A 1628 -51.44 -40.60 -10.66
CA ARG A 1628 -50.65 -41.08 -9.52
C ARG A 1628 -49.69 -42.20 -9.90
N ASP A 1629 -49.68 -42.64 -11.15
CA ASP A 1629 -48.73 -43.65 -11.63
C ASP A 1629 -47.56 -42.90 -12.25
N LEU A 1630 -46.43 -42.86 -11.54
CA LEU A 1630 -45.26 -42.17 -12.07
C LEU A 1630 -44.81 -42.75 -13.40
N GLN A 1631 -45.04 -44.05 -13.61
CA GLN A 1631 -44.71 -44.65 -14.88
C GLN A 1631 -45.56 -44.09 -16.01
N ARG A 1632 -46.83 -43.81 -15.74
CA ARG A 1632 -47.69 -43.17 -16.75
C ARG A 1632 -47.17 -41.78 -17.10
N THR A 1633 -46.78 -41.01 -16.09
CA THR A 1633 -46.21 -39.70 -16.35
C THR A 1633 -44.95 -39.80 -17.17
N TRP A 1634 -44.10 -40.79 -16.87
CA TRP A 1634 -42.91 -40.98 -17.67
C TRP A 1634 -43.24 -41.38 -19.10
N GLU A 1635 -44.29 -42.19 -19.28
CA GLU A 1635 -44.72 -42.55 -20.63
C GLU A 1635 -45.06 -41.29 -21.42
N VAL A 1636 -45.85 -40.40 -20.82
CA VAL A 1636 -46.24 -39.17 -21.50
C VAL A 1636 -45.01 -38.31 -21.78
N ILE A 1637 -44.12 -38.17 -20.81
CA ILE A 1637 -42.95 -37.32 -20.97
C ILE A 1637 -42.05 -37.85 -22.07
N PHE A 1638 -41.83 -39.16 -22.12
CA PHE A 1638 -41.01 -39.73 -23.17
C PHE A 1638 -41.67 -39.56 -24.53
N ASN A 1639 -42.99 -39.77 -24.60
CA ASN A 1639 -43.67 -39.55 -25.87
C ASN A 1639 -43.51 -38.12 -26.35
N LEU A 1640 -43.46 -37.16 -25.43
CA LEU A 1640 -43.26 -35.77 -25.83
C LEU A 1640 -41.81 -35.53 -26.25
N PHE A 1641 -40.85 -36.03 -25.49
CA PHE A 1641 -39.44 -35.64 -25.62
C PHE A 1641 -38.62 -36.56 -26.51
N GLU A 1642 -39.21 -37.61 -27.07
CA GLU A 1642 -38.43 -38.60 -27.81
C GLU A 1642 -37.57 -38.03 -28.93
N PRO A 1643 -38.05 -37.16 -29.82
CA PRO A 1643 -37.15 -36.65 -30.86
C PRO A 1643 -35.99 -35.85 -30.31
N GLU A 1644 -36.25 -34.96 -29.34
CA GLU A 1644 -35.17 -34.19 -28.76
C GLU A 1644 -34.27 -35.04 -27.87
N LEU A 1645 -34.82 -36.09 -27.26
CA LEU A 1645 -33.97 -37.05 -26.55
C LEU A 1645 -33.01 -37.73 -27.51
N GLN A 1646 -33.51 -38.16 -28.66
CA GLN A 1646 -32.65 -38.82 -29.65
C GLN A 1646 -31.62 -37.86 -30.22
N GLU A 1647 -32.00 -36.59 -30.44
CA GLU A 1647 -31.07 -35.65 -31.05
C GLU A 1647 -30.01 -35.17 -30.06
N PHE A 1648 -30.41 -34.88 -28.82
CA PHE A 1648 -29.49 -34.27 -27.86
C PHE A 1648 -28.35 -35.21 -27.49
N THR A 1649 -28.64 -36.51 -27.39
CA THR A 1649 -27.61 -37.47 -27.03
C THR A 1649 -26.48 -37.48 -28.05
N ARG A 1650 -26.78 -37.22 -29.32
CA ARG A 1650 -25.74 -37.16 -30.34
C ARG A 1650 -24.93 -35.87 -30.27
N LYS A 1651 -25.53 -34.77 -29.81
CA LYS A 1651 -24.83 -33.49 -29.73
C LYS A 1651 -25.42 -32.72 -28.56
N VAL A 1652 -24.75 -32.80 -27.40
CA VAL A 1652 -25.23 -32.15 -26.19
C VAL A 1652 -25.14 -30.64 -26.35
N PRO A 1653 -26.25 -29.91 -26.19
CA PRO A 1653 -26.19 -28.45 -26.30
C PRO A 1653 -25.47 -27.83 -25.11
N ILE A 1654 -24.70 -26.79 -25.39
CA ILE A 1654 -24.00 -25.99 -24.39
C ILE A 1654 -24.24 -24.54 -24.77
N ASN A 1655 -24.08 -23.64 -23.80
CA ASN A 1655 -24.27 -22.23 -24.08
C ASN A 1655 -23.39 -21.79 -25.25
N HIS A 1656 -23.98 -20.98 -26.14
CA HIS A 1656 -23.41 -20.81 -27.46
C HIS A 1656 -22.07 -20.08 -27.45
N ILE A 1657 -21.83 -19.23 -26.45
CA ILE A 1657 -20.55 -18.55 -26.34
C ILE A 1657 -19.43 -19.58 -26.21
N ARG A 1658 -19.58 -20.52 -25.27
CA ARG A 1658 -18.58 -21.57 -25.11
C ARG A 1658 -18.58 -22.49 -26.32
N GLN A 1659 -19.75 -22.78 -26.88
CA GLN A 1659 -19.82 -23.66 -28.04
C GLN A 1659 -19.03 -23.12 -29.22
N LEU A 1660 -18.94 -21.80 -29.34
CA LEU A 1660 -18.12 -21.19 -30.37
C LEU A 1660 -16.66 -21.06 -29.95
N VAL A 1661 -16.41 -20.72 -28.68
CA VAL A 1661 -15.04 -20.61 -28.20
C VAL A 1661 -14.35 -21.96 -28.26
N GLU A 1662 -15.03 -23.01 -27.80
CA GLU A 1662 -14.46 -24.36 -27.77
C GLU A 1662 -14.37 -24.97 -29.16
N HIS A 1663 -14.94 -24.34 -30.18
CA HIS A 1663 -14.94 -24.91 -31.52
C HIS A 1663 -13.51 -25.11 -32.02
N LYS A 1664 -13.33 -26.19 -32.79
CA LYS A 1664 -12.00 -26.60 -33.23
C LYS A 1664 -11.34 -25.55 -34.13
N HIS A 1665 -12.10 -25.02 -35.08
CA HIS A 1665 -11.50 -24.23 -36.16
C HIS A 1665 -12.07 -22.82 -36.28
N ALA A 1666 -13.11 -22.47 -35.52
CA ALA A 1666 -13.72 -21.15 -35.66
C ALA A 1666 -12.76 -20.05 -35.23
N LYS A 1667 -12.17 -20.19 -34.03
CA LYS A 1667 -11.28 -19.20 -33.44
C LYS A 1667 -11.93 -17.81 -33.44
N PRO A 1668 -12.95 -17.60 -32.62
CA PRO A 1668 -13.68 -16.32 -32.67
C PRO A 1668 -12.97 -15.21 -31.94
N VAL A 1669 -13.24 -13.98 -32.39
CA VAL A 1669 -12.84 -12.77 -31.69
C VAL A 1669 -14.06 -11.88 -31.55
N PHE A 1670 -14.29 -11.36 -30.35
CA PHE A 1670 -15.47 -10.57 -30.04
C PHE A 1670 -15.09 -9.12 -29.78
N SER A 1671 -15.79 -8.20 -30.42
CA SER A 1671 -15.55 -6.78 -30.24
C SER A 1671 -16.18 -6.29 -28.94
N SER A 1672 -15.77 -5.10 -28.52
CA SER A 1672 -16.36 -4.47 -27.36
C SER A 1672 -17.78 -4.01 -27.68
N PRO A 1673 -18.68 -4.01 -26.69
CA PRO A 1673 -20.06 -3.61 -26.97
C PRO A 1673 -20.16 -2.11 -27.25
N ILE A 1674 -20.80 -1.79 -28.37
CA ILE A 1674 -21.05 -0.40 -28.77
C ILE A 1674 -22.48 -0.06 -28.43
N VAL A 1675 -22.69 1.08 -27.79
CA VAL A 1675 -24.01 1.50 -27.32
C VAL A 1675 -24.46 2.70 -28.15
N GLU A 1676 -25.67 2.63 -28.69
CA GLU A 1676 -26.29 3.73 -29.41
C GLU A 1676 -27.76 3.73 -29.04
N GLY A 1677 -28.20 4.76 -28.34
CA GLY A 1677 -29.52 4.69 -27.72
C GLY A 1677 -29.51 3.62 -26.65
N GLU A 1678 -30.41 2.66 -26.75
CA GLU A 1678 -30.45 1.55 -25.81
C GLU A 1678 -30.10 0.21 -26.44
N THR A 1679 -30.03 0.12 -27.77
CA THR A 1679 -29.57 -1.10 -28.41
C THR A 1679 -28.05 -1.19 -28.30
N VAL A 1680 -27.56 -2.41 -28.09
CA VAL A 1680 -26.14 -2.66 -27.89
C VAL A 1680 -25.63 -3.54 -29.02
N MET A 1681 -24.51 -3.13 -29.62
CA MET A 1681 -23.93 -3.81 -30.77
C MET A 1681 -22.64 -4.52 -30.37
N VAL A 1682 -22.54 -5.79 -30.72
CA VAL A 1682 -21.32 -6.57 -30.54
C VAL A 1682 -21.04 -7.31 -31.84
N SER A 1683 -19.79 -7.22 -32.31
CA SER A 1683 -19.38 -7.89 -33.53
C SER A 1683 -18.49 -9.08 -33.20
N CYS A 1684 -18.55 -10.10 -34.05
CA CYS A 1684 -17.70 -11.28 -33.92
C CYS A 1684 -17.12 -11.62 -35.28
N GLN A 1685 -15.83 -11.89 -35.32
CA GLN A 1685 -15.14 -12.27 -36.53
C GLN A 1685 -14.50 -13.64 -36.33
N PHE A 1686 -14.61 -14.49 -37.35
CA PHE A 1686 -14.11 -15.85 -37.28
C PHE A 1686 -13.79 -16.34 -38.68
N THR A 1687 -12.76 -17.16 -38.78
CA THR A 1687 -12.47 -17.82 -40.04
C THR A 1687 -13.47 -18.94 -40.29
N CYS A 1688 -13.78 -19.17 -41.56
CA CYS A 1688 -14.79 -20.16 -41.93
C CYS A 1688 -14.53 -20.61 -43.34
N MET A 1689 -14.13 -21.87 -43.50
CA MET A 1689 -13.85 -22.46 -44.81
C MET A 1689 -12.84 -21.63 -45.59
N GLU A 1690 -11.73 -21.30 -44.91
CA GLU A 1690 -10.64 -20.49 -45.43
C GLU A 1690 -11.07 -19.07 -45.78
N LYS A 1691 -12.30 -18.69 -45.44
CA LYS A 1691 -12.81 -17.34 -45.64
C LYS A 1691 -13.09 -16.69 -44.30
N THR A 1692 -12.68 -15.42 -44.16
CA THR A 1692 -13.02 -14.68 -42.96
C THR A 1692 -14.45 -14.16 -43.05
N ILE A 1693 -15.16 -14.21 -41.93
CA ILE A 1693 -16.55 -13.79 -41.85
C ILE A 1693 -16.73 -12.96 -40.60
N LYS A 1694 -17.43 -11.84 -40.73
CA LYS A 1694 -17.74 -10.96 -39.62
C LYS A 1694 -19.25 -10.79 -39.51
N VAL A 1695 -19.79 -11.00 -38.31
CA VAL A 1695 -21.21 -10.89 -38.06
C VAL A 1695 -21.42 -9.93 -36.90
N TYR A 1696 -22.55 -9.22 -36.95
CA TYR A 1696 -22.85 -8.16 -35.99
C TYR A 1696 -24.12 -8.53 -35.24
N GLY A 1697 -24.05 -8.51 -33.91
CA GLY A 1697 -25.16 -8.88 -33.05
C GLY A 1697 -25.70 -7.68 -32.30
N PHE A 1698 -27.02 -7.59 -32.20
CA PHE A 1698 -27.70 -6.49 -31.52
C PHE A 1698 -28.63 -7.04 -30.44
N GLY A 1699 -28.71 -6.32 -29.32
CA GLY A 1699 -29.58 -6.72 -28.24
C GLY A 1699 -29.77 -5.57 -27.28
N SER A 1700 -30.66 -5.79 -26.30
CA SER A 1700 -30.96 -4.77 -25.30
C SER A 1700 -29.81 -4.54 -24.35
N ASN A 1701 -28.80 -5.41 -24.35
CA ASN A 1701 -27.63 -5.25 -23.49
C ASN A 1701 -26.51 -6.10 -24.09
N LYS A 1702 -25.32 -6.00 -23.48
CA LYS A 1702 -24.12 -6.57 -24.09
C LYS A 1702 -24.22 -8.08 -24.23
N ASP A 1703 -24.71 -8.76 -23.19
CA ASP A 1703 -24.70 -10.22 -23.21
C ASP A 1703 -25.65 -10.78 -24.26
N GLN A 1704 -26.83 -10.18 -24.40
CA GLN A 1704 -27.76 -10.65 -25.43
C GLN A 1704 -27.18 -10.43 -26.83
N ALA A 1705 -26.49 -9.31 -27.02
CA ALA A 1705 -25.83 -9.07 -28.31
C ALA A 1705 -24.77 -10.11 -28.58
N LYS A 1706 -23.97 -10.45 -27.57
CA LYS A 1706 -22.95 -11.49 -27.74
C LYS A 1706 -23.59 -12.83 -28.05
N LEU A 1707 -24.69 -13.17 -27.37
CA LEU A 1707 -25.40 -14.40 -27.66
C LEU A 1707 -25.91 -14.42 -29.10
N SER A 1708 -26.48 -13.31 -29.57
CA SER A 1708 -26.97 -13.28 -30.94
C SER A 1708 -25.83 -13.41 -31.95
N ALA A 1709 -24.70 -12.75 -31.69
CA ALA A 1709 -23.56 -12.88 -32.59
C ALA A 1709 -23.05 -14.32 -32.62
N ALA A 1710 -22.94 -14.94 -31.45
CA ALA A 1710 -22.47 -16.32 -31.39
C ALA A 1710 -23.45 -17.26 -32.09
N LYS A 1711 -24.76 -17.05 -31.91
CA LYS A 1711 -25.74 -17.90 -32.57
C LYS A 1711 -25.66 -17.76 -34.09
N HIS A 1712 -25.51 -16.53 -34.57
CA HIS A 1712 -25.35 -16.33 -36.02
C HIS A 1712 -24.08 -17.00 -36.51
N ALA A 1713 -23.00 -16.91 -35.74
CA ALA A 1713 -21.75 -17.55 -36.13
C ALA A 1713 -21.93 -19.07 -36.22
N LEU A 1714 -22.62 -19.66 -35.24
CA LEU A 1714 -22.83 -21.10 -35.26
C LEU A 1714 -23.70 -21.51 -36.44
N GLN A 1715 -24.73 -20.73 -36.74
CA GLN A 1715 -25.54 -21.02 -37.92
C GLN A 1715 -24.69 -20.97 -39.19
N GLN A 1716 -23.84 -19.96 -39.30
CA GLN A 1716 -22.99 -19.82 -40.48
C GLN A 1716 -22.05 -21.01 -40.62
N LEU A 1717 -21.41 -21.41 -39.53
CA LEU A 1717 -20.50 -22.55 -39.58
C LEU A 1717 -21.24 -23.85 -39.93
N SER A 1718 -22.40 -24.06 -39.30
CA SER A 1718 -23.15 -25.29 -39.54
C SER A 1718 -23.59 -25.40 -40.99
N LYS A 1719 -24.04 -24.29 -41.59
CA LYS A 1719 -24.40 -24.34 -43.00
C LYS A 1719 -23.20 -24.35 -43.93
N CYS A 1720 -22.05 -23.82 -43.49
CA CYS A 1720 -20.86 -23.83 -44.31
C CYS A 1720 -20.15 -25.17 -44.29
N ASP A 1721 -20.45 -26.03 -43.33
CA ASP A 1721 -19.90 -27.39 -43.37
C ASP A 1721 -20.32 -28.14 -44.61
N ALA A 1722 -21.43 -27.75 -45.23
CA ALA A 1722 -21.89 -28.36 -46.47
C ALA A 1722 -21.76 -27.37 -47.63
N ILE B 344 -65.41 35.50 -44.12
CA ILE B 344 -64.56 35.97 -43.04
C ILE B 344 -63.08 35.98 -43.47
N ASP B 345 -62.44 34.81 -43.40
CA ASP B 345 -61.07 34.58 -43.87
C ASP B 345 -60.02 35.26 -43.01
N ARG B 346 -60.44 36.08 -42.05
CA ARG B 346 -59.43 36.79 -41.28
C ARG B 346 -59.94 36.82 -39.85
N TYR B 347 -59.03 36.99 -38.88
CA TYR B 347 -59.48 37.37 -37.54
C TYR B 347 -59.69 38.87 -37.48
N GLU B 348 -60.88 39.27 -37.01
CA GLU B 348 -61.22 40.69 -36.93
C GLU B 348 -60.30 41.41 -35.96
N GLN B 349 -59.80 42.57 -36.37
CA GLN B 349 -58.85 43.31 -35.58
C GLN B 349 -59.53 44.04 -34.43
N VAL B 350 -58.70 44.53 -33.50
CA VAL B 350 -59.16 45.24 -32.32
C VAL B 350 -58.46 46.59 -32.27
N SER B 351 -58.89 47.42 -31.31
CA SER B 351 -58.30 48.73 -31.15
C SER B 351 -56.86 48.64 -30.68
N LYS B 352 -56.08 49.67 -31.01
CA LYS B 352 -54.68 49.75 -30.62
C LYS B 352 -54.46 50.48 -29.31
N ASP B 353 -55.52 50.89 -28.62
CA ASP B 353 -55.38 51.79 -27.48
C ASP B 353 -56.29 51.40 -26.32
N PHE B 354 -56.37 50.11 -26.01
CA PHE B 354 -57.08 49.70 -24.81
C PHE B 354 -56.28 50.10 -23.58
N GLU B 355 -56.94 50.05 -22.42
CA GLU B 355 -56.37 50.57 -21.19
C GLU B 355 -56.48 49.55 -20.07
N PHE B 356 -55.77 49.82 -18.98
CA PHE B 356 -55.83 49.02 -17.76
C PHE B 356 -56.76 49.72 -16.78
N ILE B 357 -57.86 49.06 -16.44
CA ILE B 357 -58.95 49.68 -15.69
C ILE B 357 -58.88 49.21 -14.24
N LYS B 358 -58.89 50.17 -13.32
CA LYS B 358 -59.01 49.85 -11.91
C LYS B 358 -60.33 49.14 -11.66
N ILE B 359 -60.28 48.01 -10.98
CA ILE B 359 -61.47 47.20 -10.80
C ILE B 359 -61.70 46.87 -9.33
N MET C 186 -1.94 1.08 -46.03
CA MET C 186 -3.09 1.86 -46.44
C MET C 186 -3.63 2.68 -45.28
N GLU C 187 -4.35 3.75 -45.58
CA GLU C 187 -4.87 4.66 -44.57
C GLU C 187 -6.34 4.93 -44.84
N GLU C 188 -7.10 5.10 -43.75
CA GLU C 188 -8.53 5.39 -43.84
C GLU C 188 -8.85 6.64 -43.03
N SER C 189 -9.74 7.47 -43.56
CA SER C 189 -10.06 8.75 -42.94
C SER C 189 -11.05 8.57 -41.79
N MET C 190 -11.07 9.57 -40.89
CA MET C 190 -11.80 9.44 -39.63
C MET C 190 -13.30 9.63 -39.80
N GLU C 191 -13.71 10.50 -40.73
CA GLU C 191 -15.14 10.81 -40.85
C GLU C 191 -15.91 9.71 -41.60
N GLU C 192 -15.31 9.15 -42.66
CA GLU C 192 -16.01 8.20 -43.50
C GLU C 192 -16.41 6.96 -42.73
N LEU C 193 -15.73 6.68 -41.63
CA LEU C 193 -15.99 5.56 -40.74
C LEU C 193 -17.08 5.85 -39.70
N GLU C 194 -17.17 7.08 -39.20
CA GLU C 194 -18.32 7.43 -38.38
C GLU C 194 -19.59 7.41 -39.21
N ALA C 195 -19.51 7.88 -40.45
CA ALA C 195 -20.64 7.77 -41.36
C ALA C 195 -21.06 6.33 -41.57
N LEU C 196 -20.15 5.37 -41.35
CA LEU C 196 -20.48 3.95 -41.50
C LEU C 196 -21.02 3.34 -40.21
N ARG C 197 -20.51 3.75 -39.05
CA ARG C 197 -21.09 3.26 -37.80
C ARG C 197 -22.53 3.72 -37.65
N ARG C 198 -22.80 4.99 -37.97
CA ARG C 198 -24.18 5.45 -37.94
C ARG C 198 -25.03 4.70 -38.96
N LYS C 199 -24.47 4.36 -40.11
CA LYS C 199 -25.21 3.59 -41.09
C LYS C 199 -25.55 2.20 -40.54
N LYS C 200 -24.59 1.57 -39.88
CA LYS C 200 -24.82 0.32 -39.17
C LYS C 200 -26.07 0.42 -38.29
N PHE C 201 -26.03 1.36 -37.34
CA PHE C 201 -27.11 1.42 -36.36
C PHE C 201 -28.44 1.81 -37.00
N THR C 202 -28.43 2.74 -37.96
CA THR C 202 -29.66 3.13 -38.63
C THR C 202 -30.26 1.95 -39.39
N THR C 203 -29.42 1.16 -40.06
CA THR C 203 -29.91 -0.01 -40.77
C THR C 203 -30.52 -1.01 -39.82
N TYR C 204 -29.88 -1.25 -38.66
CA TYR C 204 -30.49 -2.16 -37.71
C TYR C 204 -31.84 -1.64 -37.22
N TRP C 205 -31.90 -0.35 -36.86
CA TRP C 205 -33.17 0.24 -36.44
C TRP C 205 -34.25 0.03 -37.50
N GLU C 206 -33.90 0.27 -38.76
CA GLU C 206 -34.91 0.19 -39.81
C GLU C 206 -35.38 -1.24 -40.03
N LEU C 207 -34.45 -2.19 -40.13
CA LEU C 207 -34.86 -3.57 -40.37
C LEU C 207 -35.63 -4.14 -39.17
N LYS C 208 -35.34 -3.65 -37.96
CA LYS C 208 -35.95 -4.24 -36.78
C LYS C 208 -37.46 -4.02 -36.75
N GLU C 209 -37.91 -2.79 -37.04
CA GLU C 209 -39.32 -2.45 -36.94
C GLU C 209 -39.95 -2.16 -38.30
N ALA C 210 -39.14 -2.01 -39.35
CA ALA C 210 -39.60 -1.68 -40.71
C ALA C 210 -40.18 -0.26 -40.80
N GLY C 211 -39.55 0.70 -40.14
CA GLY C 211 -39.92 2.09 -40.28
C GLY C 211 -39.46 2.88 -39.06
N SER C 212 -40.06 4.05 -38.90
CA SER C 212 -39.85 4.91 -37.72
C SER C 212 -38.39 5.31 -37.53
N VAL C 213 -37.64 5.44 -38.62
CA VAL C 213 -36.29 5.99 -38.55
C VAL C 213 -36.18 7.08 -39.61
N ASP C 214 -35.71 8.25 -39.20
CA ASP C 214 -35.80 9.45 -40.01
C ASP C 214 -34.70 9.43 -41.06
N HIS C 215 -35.06 9.21 -42.32
CA HIS C 215 -34.12 9.28 -43.42
C HIS C 215 -34.08 10.65 -44.08
N THR C 216 -35.04 11.53 -43.79
CA THR C 216 -34.90 12.93 -44.17
C THR C 216 -33.75 13.57 -43.41
N GLY C 217 -33.65 13.29 -42.11
CA GLY C 217 -32.54 13.76 -41.31
C GLY C 217 -32.51 15.27 -41.12
N MET C 218 -33.55 15.95 -41.59
CA MET C 218 -33.60 17.39 -41.60
C MET C 218 -34.36 17.90 -40.36
N ARG C 219 -34.67 19.20 -40.37
CA ARG C 219 -35.22 19.87 -39.19
C ARG C 219 -36.51 19.18 -38.75
N LEU C 220 -36.60 18.88 -37.45
CA LEU C 220 -37.65 17.99 -36.98
C LEU C 220 -39.04 18.60 -37.15
N CYS C 221 -39.18 19.90 -36.93
CA CYS C 221 -40.39 20.60 -37.31
C CYS C 221 -40.58 20.56 -38.83
N ASP C 222 -39.52 20.90 -39.57
CA ASP C 222 -39.62 21.20 -40.98
C ASP C 222 -39.81 19.98 -41.88
N ARG C 223 -39.75 18.75 -41.35
CA ARG C 223 -39.96 17.61 -42.26
C ARG C 223 -41.39 17.55 -42.76
N HIS C 224 -42.28 18.33 -42.15
CA HIS C 224 -43.65 18.47 -42.65
C HIS C 224 -43.72 18.95 -44.09
N ASN C 225 -42.73 19.73 -44.52
CA ASN C 225 -42.66 20.25 -45.88
C ASN C 225 -41.98 19.29 -46.85
N TYR C 226 -41.77 18.04 -46.44
CA TYR C 226 -41.01 17.08 -47.26
C TYR C 226 -41.68 16.87 -48.61
N PHE C 227 -42.99 16.66 -48.62
CA PHE C 227 -43.70 16.45 -49.87
C PHE C 227 -43.70 17.71 -50.74
N LYS C 228 -43.69 18.88 -50.12
CA LYS C 228 -43.69 20.13 -50.88
C LYS C 228 -42.38 20.33 -51.62
N ASN C 229 -41.30 19.71 -51.15
CA ASN C 229 -39.97 19.96 -51.68
C ASN C 229 -39.55 18.97 -52.75
N PHE C 230 -40.46 18.14 -53.24
CA PHE C 230 -40.11 17.19 -54.30
C PHE C 230 -39.74 17.93 -55.58
N TYR C 231 -39.16 17.16 -56.51
CA TYR C 231 -38.67 17.72 -57.76
C TYR C 231 -39.84 18.22 -58.60
N PRO C 232 -39.66 19.34 -59.31
CA PRO C 232 -40.81 19.98 -60.00
C PRO C 232 -41.48 19.11 -61.04
N THR C 233 -40.76 18.27 -61.78
CA THR C 233 -41.42 17.49 -62.83
C THR C 233 -42.26 16.37 -62.25
N LEU C 234 -41.76 15.70 -61.20
CA LEU C 234 -42.54 14.67 -60.54
C LEU C 234 -43.79 15.27 -59.91
N LYS C 235 -43.65 16.43 -59.24
CA LYS C 235 -44.81 17.09 -58.66
C LYS C 235 -45.79 17.54 -59.74
N LYS C 236 -45.26 17.98 -60.89
CA LYS C 236 -46.12 18.42 -61.98
C LYS C 236 -46.97 17.27 -62.50
N GLU C 237 -46.33 16.13 -62.78
CA GLU C 237 -47.10 14.99 -63.29
C GLU C 237 -48.04 14.43 -62.21
N ALA C 238 -47.63 14.48 -60.94
CA ALA C 238 -48.52 14.07 -59.87
C ALA C 238 -49.75 14.96 -59.78
N ILE C 239 -49.57 16.27 -59.93
CA ILE C 239 -50.71 17.18 -59.92
C ILE C 239 -51.59 16.95 -61.14
N GLU C 240 -50.98 16.72 -62.30
CA GLU C 240 -51.74 16.41 -63.50
C GLU C 240 -52.62 15.18 -63.29
N ALA C 241 -52.07 14.15 -62.64
CA ALA C 241 -52.85 12.93 -62.41
C ALA C 241 -53.89 13.13 -61.30
N ILE C 242 -53.56 13.94 -60.28
CA ILE C 242 -54.49 14.15 -59.17
C ILE C 242 -55.67 15.00 -59.60
N ASN C 243 -55.50 15.85 -60.61
CA ASN C 243 -56.59 16.59 -61.20
C ASN C 243 -57.15 15.92 -62.44
N SER C 244 -56.62 14.74 -62.81
CA SER C 244 -57.08 14.02 -63.97
C SER C 244 -58.43 13.37 -63.72
N ASP C 245 -59.18 13.17 -64.80
CA ASP C 245 -60.43 12.41 -64.75
C ASP C 245 -60.50 11.33 -65.82
N GLU C 246 -59.50 11.24 -66.69
CA GLU C 246 -59.51 10.22 -67.74
C GLU C 246 -59.44 8.82 -67.15
N TYR C 247 -58.78 8.67 -66.00
CA TYR C 247 -58.73 7.38 -65.32
C TYR C 247 -60.13 7.03 -64.82
N GLU C 248 -60.69 5.93 -65.32
CA GLU C 248 -62.10 5.63 -65.08
C GLU C 248 -62.41 5.36 -63.62
N SER C 249 -61.38 5.08 -62.80
CA SER C 249 -61.55 4.90 -61.38
C SER C 249 -60.48 5.71 -60.66
N SER C 250 -60.78 6.12 -59.44
CA SER C 250 -59.80 6.89 -58.68
C SER C 250 -58.72 6.00 -58.04
N LYS C 251 -58.90 4.69 -58.06
CA LYS C 251 -57.87 3.79 -57.54
C LYS C 251 -56.58 3.89 -58.34
N ASP C 252 -56.63 3.53 -59.63
CA ASP C 252 -55.44 3.66 -60.46
C ASP C 252 -55.04 5.11 -60.65
N LYS C 253 -55.98 6.05 -60.47
CA LYS C 253 -55.61 7.46 -60.37
C LYS C 253 -54.63 7.69 -59.23
N ALA C 254 -54.97 7.19 -58.04
CA ALA C 254 -54.08 7.32 -56.89
C ALA C 254 -52.77 6.60 -57.14
N MET C 255 -52.83 5.42 -57.76
CA MET C 255 -51.60 4.71 -58.10
C MET C 255 -50.71 5.53 -59.03
N ASP C 256 -51.30 6.18 -60.03
CA ASP C 256 -50.49 7.01 -60.92
C ASP C 256 -49.89 8.20 -60.17
N VAL C 257 -50.69 8.84 -59.30
CA VAL C 257 -50.21 10.00 -58.57
C VAL C 257 -49.02 9.61 -57.68
N MET C 258 -49.16 8.50 -56.96
CA MET C 258 -48.09 8.05 -56.08
C MET C 258 -46.88 7.53 -56.86
N SER C 259 -47.11 6.82 -57.96
CA SER C 259 -46.02 6.31 -58.77
C SER C 259 -45.25 7.45 -59.45
N SER C 260 -45.89 8.60 -59.62
CA SER C 260 -45.15 9.79 -60.03
C SER C 260 -44.04 10.12 -59.04
N LEU C 261 -44.21 9.73 -57.78
CA LEU C 261 -43.22 9.97 -56.74
C LEU C 261 -42.50 8.69 -56.30
N LYS C 262 -42.61 7.60 -57.07
CA LYS C 262 -41.92 6.34 -56.80
C LYS C 262 -42.35 5.73 -55.46
N ILE C 263 -43.55 6.04 -55.01
CA ILE C 263 -44.08 5.51 -53.75
C ILE C 263 -44.35 4.01 -53.89
N THR C 264 -44.40 3.32 -52.75
CA THR C 264 -44.67 1.87 -52.72
C THR C 264 -45.68 1.54 -51.62
N PRO C 265 -46.89 1.12 -52.01
CA PRO C 265 -47.96 0.98 -51.03
C PRO C 265 -47.95 -0.41 -50.40
N LYS C 266 -48.24 -0.47 -49.11
CA LYS C 266 -48.57 -1.72 -48.42
C LYS C 266 -50.01 -1.61 -47.95
N ILE C 267 -50.95 -1.92 -48.83
CA ILE C 267 -52.35 -1.98 -48.43
C ILE C 267 -52.60 -3.28 -47.66
N SER C 268 -53.12 -3.17 -46.44
CA SER C 268 -53.31 -4.34 -45.61
C SER C 268 -54.56 -4.16 -44.77
N GLU C 269 -55.20 -5.28 -44.44
CA GLU C 269 -56.36 -5.27 -43.58
C GLU C 269 -55.92 -5.20 -42.12
N VAL C 270 -56.68 -4.45 -41.32
CA VAL C 270 -56.46 -4.33 -39.88
C VAL C 270 -57.68 -4.87 -39.17
N GLU C 271 -57.46 -5.73 -38.18
CA GLU C 271 -58.56 -6.35 -37.47
C GLU C 271 -59.42 -5.30 -36.79
N SER C 272 -60.73 -5.37 -37.02
CA SER C 272 -61.64 -4.35 -36.52
C SER C 272 -63.02 -4.95 -36.30
N SER C 273 -63.79 -4.30 -35.43
CA SER C 273 -65.18 -4.68 -35.22
C SER C 273 -66.08 -4.27 -36.37
N SER C 274 -65.58 -3.45 -37.29
CA SER C 274 -66.38 -3.01 -38.43
C SER C 274 -66.75 -4.19 -39.31
N LEU C 275 -68.01 -4.21 -39.75
CA LEU C 275 -68.44 -5.21 -40.72
C LEU C 275 -67.68 -5.06 -42.03
N VAL C 276 -67.69 -3.85 -42.59
CA VAL C 276 -66.84 -3.53 -43.74
C VAL C 276 -65.39 -3.47 -43.26
N PRO C 277 -64.46 -4.18 -43.91
CA PRO C 277 -63.10 -4.28 -43.37
C PRO C 277 -62.42 -2.93 -43.24
N LEU C 278 -61.66 -2.78 -42.16
CA LEU C 278 -60.83 -1.60 -41.96
C LEU C 278 -59.48 -1.81 -42.63
N LEU C 279 -59.08 -0.86 -43.47
CA LEU C 279 -57.91 -1.03 -44.33
C LEU C 279 -56.79 -0.09 -43.93
N SER C 280 -55.56 -0.57 -44.09
CA SER C 280 -54.36 0.19 -43.83
C SER C 280 -53.56 0.35 -45.11
N VAL C 281 -52.90 1.50 -45.26
CA VAL C 281 -51.96 1.72 -46.35
C VAL C 281 -50.75 2.47 -45.80
N GLU C 282 -49.55 2.00 -46.14
CA GLU C 282 -48.32 2.69 -45.83
C GLU C 282 -47.61 3.02 -47.14
N LEU C 283 -47.25 4.29 -47.31
CA LEU C 283 -46.72 4.76 -48.59
C LEU C 283 -45.21 4.60 -48.71
N ASN C 284 -44.49 4.72 -47.61
CA ASN C 284 -43.03 4.68 -47.55
C ASN C 284 -42.40 5.86 -48.28
N CYS C 285 -41.37 6.42 -47.66
CA CYS C 285 -40.64 7.59 -48.13
C CYS C 285 -39.31 7.61 -47.40
N ALA C 286 -38.63 8.76 -47.41
CA ALA C 286 -37.69 9.01 -46.32
C ALA C 286 -38.42 9.40 -45.01
N PHE C 287 -39.74 9.27 -45.09
CA PHE C 287 -40.67 9.66 -44.04
C PHE C 287 -41.74 8.58 -43.91
N ASP C 288 -42.38 8.55 -42.75
CA ASP C 288 -43.33 7.50 -42.40
C ASP C 288 -44.75 8.06 -42.45
N VAL C 289 -45.60 7.46 -43.30
CA VAL C 289 -46.97 7.89 -43.49
C VAL C 289 -47.89 6.68 -43.64
N VAL C 290 -48.80 6.50 -42.68
CA VAL C 290 -49.78 5.42 -42.72
C VAL C 290 -51.17 6.00 -42.47
N LEU C 291 -52.14 5.54 -43.25
CA LEU C 291 -53.48 6.11 -43.28
C LEU C 291 -54.53 5.06 -42.99
N MET C 292 -55.57 5.44 -42.25
CA MET C 292 -56.69 4.56 -41.92
C MET C 292 -57.94 5.01 -42.67
N ALA C 293 -58.62 4.06 -43.29
CA ALA C 293 -59.93 4.25 -43.90
C ALA C 293 -60.45 2.89 -44.34
N LYS C 294 -61.66 2.88 -44.88
CA LYS C 294 -62.20 1.66 -45.45
C LYS C 294 -61.62 1.41 -46.84
N GLU C 295 -61.71 0.16 -47.30
CA GLU C 295 -61.33 -0.15 -48.67
C GLU C 295 -62.14 0.63 -49.68
N THR C 296 -63.32 1.10 -49.30
CA THR C 296 -64.17 1.86 -50.20
C THR C 296 -63.72 3.30 -50.37
N ASP C 297 -62.90 3.82 -49.44
CA ASP C 297 -62.50 5.22 -49.50
C ASP C 297 -61.05 5.48 -49.11
N ILE C 298 -60.25 4.45 -48.82
CA ILE C 298 -58.86 4.70 -48.44
C ILE C 298 -58.08 5.30 -49.60
N TYR C 299 -58.41 4.88 -50.83
CA TYR C 299 -57.80 5.48 -52.01
C TYR C 299 -58.20 6.95 -52.15
N ASP C 300 -59.46 7.28 -51.86
CA ASP C 300 -59.85 8.69 -51.79
C ASP C 300 -59.15 9.39 -50.63
N HIS C 301 -59.01 8.69 -49.50
CA HIS C 301 -58.38 9.29 -48.33
C HIS C 301 -56.90 9.54 -48.51
N ILE C 302 -56.26 8.89 -49.49
CA ILE C 302 -54.89 9.24 -49.84
C ILE C 302 -54.84 10.20 -51.02
N ILE C 303 -55.84 10.16 -51.92
CA ILE C 303 -55.91 11.14 -53.00
C ILE C 303 -56.02 12.55 -52.45
N ASP C 304 -56.95 12.75 -51.50
CA ASP C 304 -57.05 14.07 -50.90
C ASP C 304 -55.85 14.38 -50.00
N TYR C 305 -55.15 13.34 -49.52
CA TYR C 305 -53.91 13.57 -48.79
C TYR C 305 -52.87 14.21 -49.70
N PHE C 306 -52.62 13.60 -50.85
CA PHE C 306 -51.71 14.18 -51.83
C PHE C 306 -52.19 15.55 -52.30
N ARG C 307 -53.51 15.71 -52.44
CA ARG C 307 -54.06 17.01 -52.81
C ARG C 307 -53.68 18.07 -51.79
N THR C 308 -53.78 17.73 -50.50
CA THR C 308 -53.33 18.64 -49.46
C THR C 308 -51.83 18.90 -49.55
N MET C 309 -51.04 17.84 -49.80
CA MET C 309 -49.59 17.96 -49.72
C MET C 309 -49.03 18.91 -50.78
N LEU C 310 -49.48 18.76 -52.03
CA LEU C 310 -48.82 19.43 -53.15
C LEU C 310 -49.44 20.77 -53.52
N ILE C 311 -50.73 20.96 -53.24
CA ILE C 311 -51.39 22.22 -53.59
C ILE C 311 -50.91 23.31 -52.63
N GLU D 2 7.68 41.90 -35.88
CA GLU D 2 8.90 41.36 -36.48
C GLU D 2 10.12 41.67 -35.62
N ASP D 3 10.23 40.98 -34.49
CA ASP D 3 11.32 41.21 -33.55
C ASP D 3 11.84 39.87 -33.04
N VAL D 4 13.07 39.89 -32.54
CA VAL D 4 13.55 38.75 -31.76
C VAL D 4 12.69 38.59 -30.51
N GLU D 5 12.37 39.70 -29.85
CA GLU D 5 11.30 39.75 -28.86
C GLU D 5 9.98 40.00 -29.58
N ILE D 6 9.53 38.95 -30.28
CA ILE D 6 8.38 39.05 -31.18
C ILE D 6 7.21 39.71 -30.48
N LYS D 7 6.55 40.62 -31.19
CA LYS D 7 5.50 41.43 -30.59
C LYS D 7 4.29 40.57 -30.22
N PRO D 8 3.55 40.96 -29.18
CA PRO D 8 2.33 40.21 -28.84
C PRO D 8 1.30 40.30 -29.94
N ARG D 9 0.47 39.26 -30.04
CA ARG D 9 -0.45 39.08 -31.16
C ARG D 9 -1.88 39.25 -30.66
N GLY D 10 -2.48 40.39 -30.99
CA GLY D 10 -3.91 40.59 -30.84
C GLY D 10 -4.51 40.23 -29.49
N TYR D 11 -5.29 39.14 -29.49
CA TYR D 11 -6.04 38.72 -28.31
C TYR D 11 -5.19 38.59 -27.06
N GLN D 12 -3.88 38.39 -27.22
CA GLN D 12 -2.99 38.32 -26.06
C GLN D 12 -3.04 39.62 -25.26
N LEU D 13 -3.16 40.75 -25.95
CA LEU D 13 -3.23 42.04 -25.25
C LEU D 13 -4.47 42.12 -24.38
N ARG D 14 -5.62 41.74 -24.93
CA ARG D 14 -6.85 41.76 -24.14
C ARG D 14 -6.75 40.78 -22.99
N LEU D 15 -6.18 39.60 -23.22
CA LEU D 15 -6.07 38.61 -22.16
C LEU D 15 -5.20 39.11 -21.01
N VAL D 16 -4.04 39.69 -21.33
CA VAL D 16 -3.15 40.17 -20.26
C VAL D 16 -3.76 41.38 -19.56
N ASP D 17 -4.44 42.26 -20.30
CA ASP D 17 -5.06 43.41 -19.69
C ASP D 17 -6.22 43.01 -18.77
N HIS D 18 -6.92 41.92 -19.09
CA HIS D 18 -7.93 41.42 -18.18
C HIS D 18 -7.30 40.73 -16.97
N LEU D 19 -6.23 39.99 -17.19
CA LEU D 19 -5.59 39.26 -16.10
C LEU D 19 -4.98 40.21 -15.07
N THR D 20 -4.39 41.31 -15.53
CA THR D 20 -3.77 42.23 -14.58
C THR D 20 -4.78 42.91 -13.68
N LYS D 21 -6.08 42.85 -14.02
CA LYS D 21 -7.12 43.39 -13.16
C LYS D 21 -7.66 42.35 -12.18
N SER D 22 -7.74 41.09 -12.59
CA SER D 22 -8.38 40.08 -11.77
C SER D 22 -7.84 38.70 -12.11
N ASN D 23 -8.05 37.77 -11.19
CA ASN D 23 -7.60 36.39 -11.38
C ASN D 23 -8.44 35.69 -12.45
N GLY D 24 -7.94 34.57 -12.93
CA GLY D 24 -8.68 33.78 -13.89
C GLY D 24 -7.84 32.67 -14.46
N ILE D 25 -8.45 31.94 -15.40
CA ILE D 25 -7.80 30.86 -16.13
C ILE D 25 -7.85 31.22 -17.60
N VAL D 26 -6.68 31.24 -18.25
CA VAL D 26 -6.58 31.61 -19.66
C VAL D 26 -6.67 30.32 -20.48
N TYR D 27 -7.89 29.99 -20.90
CA TYR D 27 -8.13 28.78 -21.68
C TYR D 27 -7.95 29.09 -23.16
N LEU D 28 -6.81 28.69 -23.71
CA LEU D 28 -6.48 28.86 -25.11
C LEU D 28 -6.06 27.52 -25.68
N PRO D 29 -6.19 27.33 -26.99
CA PRO D 29 -5.73 26.07 -27.60
C PRO D 29 -4.23 25.87 -27.46
N THR D 30 -3.74 24.73 -27.95
CA THR D 30 -2.36 24.35 -27.74
C THR D 30 -1.39 25.33 -28.43
N GLY D 31 -0.24 25.53 -27.82
CA GLY D 31 0.81 26.32 -28.41
C GLY D 31 1.63 27.02 -27.35
N SER D 32 2.61 27.79 -27.84
CA SER D 32 3.44 28.64 -26.98
C SER D 32 2.80 29.99 -26.73
N GLY D 33 1.63 30.27 -27.32
CA GLY D 33 0.93 31.51 -27.02
C GLY D 33 0.52 31.61 -25.56
N LYS D 34 0.21 30.47 -24.94
CA LYS D 34 -0.13 30.45 -23.53
C LYS D 34 1.02 31.00 -22.69
N THR D 35 2.22 30.45 -22.89
CA THR D 35 3.37 30.93 -22.13
C THR D 35 3.80 32.32 -22.58
N PHE D 36 3.46 32.72 -23.81
CA PHE D 36 3.69 34.10 -24.23
C PHE D 36 2.85 35.07 -23.40
N VAL D 37 1.56 34.75 -23.24
CA VAL D 37 0.68 35.53 -22.37
C VAL D 37 1.22 35.53 -20.95
N ALA D 38 1.72 34.38 -20.49
CA ALA D 38 2.30 34.32 -19.15
C ALA D 38 3.52 35.24 -19.04
N ILE D 39 4.32 35.32 -20.09
CA ILE D 39 5.49 36.19 -20.08
C ILE D 39 5.07 37.65 -19.95
N LEU D 40 4.06 38.06 -20.72
CA LEU D 40 3.57 39.44 -20.60
C LEU D 40 2.95 39.71 -19.23
N VAL D 41 2.24 38.73 -18.67
CA VAL D 41 1.68 38.91 -17.32
C VAL D 41 2.81 39.10 -16.31
N LEU D 42 3.87 38.31 -16.44
CA LEU D 42 5.03 38.47 -15.59
C LEU D 42 5.63 39.87 -15.75
N LYS D 43 5.77 40.32 -17.00
CA LYS D 43 6.35 41.63 -17.26
C LYS D 43 5.52 42.74 -16.64
N ARG D 44 4.19 42.59 -16.67
CA ARG D 44 3.31 43.62 -16.13
C ARG D 44 3.52 43.81 -14.64
N PHE D 45 3.85 42.75 -13.90
CA PHE D 45 3.98 42.79 -12.46
C PHE D 45 5.42 42.86 -12.00
N SER D 46 6.32 43.39 -12.83
CA SER D 46 7.76 43.37 -12.58
C SER D 46 8.26 44.57 -11.77
N GLN D 47 7.36 45.41 -11.27
CA GLN D 47 7.81 46.63 -10.59
C GLN D 47 8.54 46.33 -9.28
N ASP D 48 8.03 45.38 -8.50
CA ASP D 48 8.52 45.15 -7.16
C ASP D 48 9.64 44.11 -7.10
N PHE D 49 10.21 43.73 -8.25
CA PHE D 49 11.22 42.68 -8.26
C PHE D 49 12.58 43.16 -7.76
N ASP D 50 12.93 44.42 -8.02
CA ASP D 50 14.28 44.88 -7.71
C ASP D 50 14.48 45.09 -6.21
N LYS D 51 13.49 45.63 -5.53
CA LYS D 51 13.65 45.97 -4.11
C LYS D 51 13.77 44.69 -3.27
N PRO D 52 14.55 44.75 -2.19
CA PRO D 52 14.80 43.54 -1.40
C PRO D 52 13.55 43.07 -0.66
N ILE D 53 13.61 41.80 -0.25
CA ILE D 53 12.47 41.17 0.40
C ILE D 53 12.15 41.87 1.73
N GLU D 54 13.19 42.22 2.48
CA GLU D 54 12.97 42.88 3.77
C GLU D 54 12.29 44.23 3.62
N SER D 55 12.40 44.86 2.46
CA SER D 55 11.69 46.10 2.16
C SER D 55 10.36 45.85 1.44
N GLY D 56 9.82 44.65 1.55
CA GLY D 56 8.58 44.31 0.86
C GLY D 56 8.75 43.80 -0.54
N GLY D 57 9.95 43.35 -0.92
CA GLY D 57 10.15 42.89 -2.28
C GLY D 57 9.31 41.68 -2.62
N LYS D 58 8.91 41.60 -3.88
CA LYS D 58 8.03 40.54 -4.36
C LYS D 58 8.71 39.77 -5.48
N ARG D 59 8.35 38.50 -5.60
CA ARG D 59 8.88 37.61 -6.62
C ARG D 59 7.71 36.98 -7.38
N ALA D 60 8.05 36.22 -8.42
CA ALA D 60 7.05 35.60 -9.28
C ALA D 60 7.32 34.11 -9.39
N LEU D 61 6.31 33.30 -9.13
CA LEU D 61 6.40 31.85 -9.29
C LEU D 61 5.90 31.47 -10.67
N PHE D 62 6.37 30.32 -11.15
CA PHE D 62 5.91 29.75 -12.42
C PHE D 62 5.90 28.24 -12.23
N MET D 63 4.78 27.71 -11.77
CA MET D 63 4.71 26.30 -11.41
C MET D 63 4.50 25.43 -12.65
N CYS D 64 4.88 24.16 -12.51
CA CYS D 64 4.72 23.18 -13.58
C CYS D 64 4.55 21.81 -12.95
N ASN D 65 4.10 20.86 -13.77
CA ASN D 65 3.86 19.51 -13.29
C ASN D 65 4.99 18.53 -13.62
N THR D 66 5.75 18.77 -14.69
CA THR D 66 6.82 17.87 -15.09
C THR D 66 8.12 18.66 -15.19
N VAL D 67 9.24 17.95 -15.01
CA VAL D 67 10.54 18.60 -14.95
C VAL D 67 10.94 19.17 -16.31
N GLU D 68 10.73 18.41 -17.39
CA GLU D 68 11.12 18.90 -18.70
C GLU D 68 10.31 20.13 -19.11
N LEU D 69 9.00 20.11 -18.85
CA LEU D 69 8.19 21.28 -19.15
C LEU D 69 8.64 22.48 -18.35
N ALA D 70 8.95 22.28 -17.07
CA ALA D 70 9.44 23.37 -16.24
C ALA D 70 10.74 23.94 -16.79
N ARG D 71 11.66 23.07 -17.22
CA ARG D 71 12.92 23.54 -17.79
C ARG D 71 12.70 24.33 -19.07
N GLN D 72 11.82 23.84 -19.94
CA GLN D 72 11.56 24.55 -21.20
C GLN D 72 10.94 25.91 -20.95
N GLN D 73 9.97 25.99 -20.02
CA GLN D 73 9.38 27.28 -19.71
C GLN D 73 10.39 28.21 -19.05
N ALA D 74 11.28 27.68 -18.22
CA ALA D 74 12.32 28.51 -17.64
C ALA D 74 13.21 29.10 -18.72
N MET D 75 13.59 28.28 -19.71
CA MET D 75 14.40 28.78 -20.81
C MET D 75 13.64 29.83 -21.61
N ALA D 76 12.34 29.62 -21.83
CA ALA D 76 11.55 30.59 -22.57
C ALA D 76 11.48 31.93 -21.84
N VAL D 77 11.25 31.91 -20.54
CA VAL D 77 11.22 33.14 -19.76
C VAL D 77 12.59 33.80 -19.78
N ARG D 78 13.65 33.00 -19.71
CA ARG D 78 15.00 33.56 -19.71
C ARG D 78 15.30 34.26 -21.04
N ARG D 79 14.87 33.68 -22.15
CA ARG D 79 15.14 34.32 -23.44
C ARG D 79 14.22 35.51 -23.69
N CYS D 80 12.98 35.47 -23.22
CA CYS D 80 12.02 36.53 -23.54
C CYS D 80 12.06 37.69 -22.56
N THR D 81 12.80 37.59 -21.46
CA THR D 81 12.91 38.67 -20.50
C THR D 81 14.38 38.85 -20.10
N ASN D 82 14.66 39.99 -19.48
CA ASN D 82 16.00 40.29 -18.99
C ASN D 82 16.23 39.77 -17.58
N PHE D 83 15.23 39.14 -16.97
CA PHE D 83 15.33 38.73 -15.58
C PHE D 83 16.21 37.49 -15.44
N LYS D 84 16.87 37.38 -14.28
CA LYS D 84 17.66 36.21 -13.95
C LYS D 84 16.76 35.23 -13.21
N VAL D 85 16.17 34.32 -13.97
CA VAL D 85 15.18 33.40 -13.42
C VAL D 85 15.87 32.23 -12.75
N GLY D 86 15.26 31.73 -11.68
CA GLY D 86 15.74 30.55 -10.99
C GLY D 86 15.23 29.27 -11.61
N PHE D 87 15.68 28.15 -11.07
CA PHE D 87 15.26 26.83 -11.53
C PHE D 87 15.39 25.87 -10.37
N TYR D 88 14.31 25.16 -10.04
CA TYR D 88 14.24 24.37 -8.82
C TYR D 88 13.47 23.08 -9.11
N VAL D 89 14.20 21.97 -9.24
CA VAL D 89 13.61 20.65 -9.41
C VAL D 89 14.31 19.68 -8.48
N GLY D 90 13.63 18.56 -8.21
CA GLY D 90 14.18 17.58 -7.31
C GLY D 90 15.23 16.66 -7.90
N GLU D 91 15.47 16.75 -9.22
CA GLU D 91 16.45 15.87 -9.85
C GLU D 91 17.85 16.14 -9.31
N GLN D 92 18.28 17.40 -9.33
CA GLN D 92 19.60 17.74 -8.79
C GLN D 92 19.57 17.85 -7.27
N GLY D 93 18.41 18.13 -6.68
CA GLY D 93 18.31 18.28 -5.25
C GLY D 93 18.28 19.73 -4.80
N VAL D 94 17.21 20.10 -4.11
CA VAL D 94 17.05 21.47 -3.60
C VAL D 94 16.98 21.52 -2.08
N ASP D 95 16.79 20.37 -1.41
CA ASP D 95 16.65 20.37 0.05
C ASP D 95 17.84 21.00 0.74
N ASP D 96 19.05 20.82 0.19
CA ASP D 96 20.24 21.43 0.77
C ASP D 96 20.32 22.93 0.52
N TRP D 97 19.44 23.48 -0.32
CA TRP D 97 19.30 24.93 -0.47
C TRP D 97 18.52 25.49 0.72
N THR D 98 19.19 25.49 1.89
CA THR D 98 18.54 25.69 3.18
C THR D 98 18.04 27.13 3.35
N ARG D 99 17.41 27.37 4.51
CA ARG D 99 16.68 28.60 4.80
C ARG D 99 17.45 29.88 4.48
N GLY D 100 18.63 30.05 5.07
CA GLY D 100 19.41 31.24 4.79
C GLY D 100 19.75 31.38 3.33
N MET D 101 20.02 30.26 2.67
CA MET D 101 20.31 30.35 1.26
C MET D 101 19.06 30.22 0.39
N TRP D 102 17.92 29.77 0.94
CA TRP D 102 16.66 30.16 0.31
C TRP D 102 16.56 31.66 0.23
N SER D 103 16.89 32.35 1.33
CA SER D 103 16.78 33.79 1.38
C SER D 103 17.72 34.46 0.38
N ASP D 104 18.97 34.01 0.32
CA ASP D 104 19.87 34.66 -0.64
C ASP D 104 19.53 34.26 -2.07
N GLU D 105 18.91 33.09 -2.28
CA GLU D 105 18.45 32.73 -3.62
C GLU D 105 17.30 33.63 -4.07
N ILE D 106 16.29 33.80 -3.21
CA ILE D 106 15.18 34.67 -3.58
C ILE D 106 15.64 36.12 -3.69
N LYS D 107 16.69 36.49 -2.96
CA LYS D 107 17.31 37.79 -3.16
C LYS D 107 18.09 37.85 -4.47
N LYS D 108 18.52 36.69 -4.98
CA LYS D 108 19.28 36.62 -6.22
C LYS D 108 18.39 36.56 -7.46
N ASN D 109 17.28 35.82 -7.39
CA ASN D 109 16.43 35.58 -8.55
C ASN D 109 15.10 36.29 -8.40
N GLN D 110 14.53 36.72 -9.53
CA GLN D 110 13.22 37.36 -9.53
C GLN D 110 12.10 36.37 -9.82
N VAL D 111 12.31 35.46 -10.77
CA VAL D 111 11.29 34.51 -11.20
C VAL D 111 11.78 33.11 -10.87
N LEU D 112 10.90 32.30 -10.28
CA LEU D 112 11.21 30.92 -9.92
C LEU D 112 10.37 30.00 -10.78
N VAL D 113 11.03 29.22 -11.64
CA VAL D 113 10.37 28.28 -12.54
C VAL D 113 10.76 26.88 -12.12
N GLY D 114 9.79 26.07 -11.75
CA GLY D 114 10.09 24.73 -11.28
C GLY D 114 8.84 23.94 -11.02
N THR D 115 9.05 22.68 -10.65
CA THR D 115 7.96 21.73 -10.47
C THR D 115 7.16 22.07 -9.21
N ALA D 116 5.91 21.62 -9.19
CA ALA D 116 4.96 22.05 -8.16
C ALA D 116 5.42 21.69 -6.75
N GLN D 117 5.92 20.46 -6.57
CA GLN D 117 6.17 19.97 -5.21
C GLN D 117 7.25 20.77 -4.51
N VAL D 118 8.27 21.21 -5.24
CA VAL D 118 9.34 22.00 -4.62
C VAL D 118 8.78 23.29 -4.04
N PHE D 119 7.98 24.01 -4.83
CA PHE D 119 7.40 25.26 -4.37
C PHE D 119 6.41 25.03 -3.25
N LEU D 120 5.63 23.94 -3.34
CA LEU D 120 4.69 23.64 -2.27
C LEU D 120 5.42 23.41 -0.95
N ASP D 121 6.50 22.63 -0.98
CA ASP D 121 7.29 22.41 0.22
C ASP D 121 7.92 23.71 0.72
N MET D 122 8.37 24.55 -0.20
CA MET D 122 8.93 25.84 0.18
C MET D 122 7.92 26.69 0.94
N VAL D 123 6.70 26.79 0.41
CA VAL D 123 5.71 27.69 1.00
C VAL D 123 5.19 27.11 2.31
N THR D 124 4.96 25.79 2.37
CA THR D 124 4.46 25.20 3.60
C THR D 124 5.45 25.38 4.75
N GLN D 125 6.74 25.20 4.47
CA GLN D 125 7.76 25.46 5.48
C GLN D 125 7.99 26.96 5.69
N THR D 126 7.38 27.81 4.86
CA THR D 126 7.36 29.25 5.06
C THR D 126 8.76 29.85 5.01
N TYR D 127 9.54 29.46 4.00
CA TYR D 127 10.73 30.24 3.67
C TYR D 127 10.33 31.60 3.11
N VAL D 128 9.31 31.63 2.26
CA VAL D 128 8.79 32.85 1.68
C VAL D 128 7.31 32.96 2.01
N ALA D 129 6.86 34.17 2.33
CA ALA D 129 5.46 34.40 2.57
C ALA D 129 4.72 34.58 1.26
N LEU D 130 3.40 34.34 1.29
CA LEU D 130 2.60 34.57 0.10
C LEU D 130 2.56 36.04 -0.28
N SER D 131 2.54 36.92 0.73
CA SER D 131 2.59 38.35 0.47
C SER D 131 3.89 38.76 -0.24
N SER D 132 4.94 37.96 -0.11
CA SER D 132 6.20 38.22 -0.81
C SER D 132 6.15 37.83 -2.28
N LEU D 133 4.99 37.45 -2.79
CA LEU D 133 4.82 37.14 -4.20
C LEU D 133 3.83 38.11 -4.82
N SER D 134 4.08 38.49 -6.08
CA SER D 134 3.14 39.33 -6.80
C SER D 134 2.17 38.51 -7.63
N VAL D 135 2.66 37.47 -8.31
CA VAL D 135 1.83 36.61 -9.14
C VAL D 135 2.19 35.16 -8.86
N VAL D 136 1.29 34.26 -9.27
CA VAL D 136 1.53 32.82 -9.22
C VAL D 136 0.94 32.25 -10.51
N ILE D 137 1.80 31.83 -11.43
CA ILE D 137 1.37 31.28 -12.71
C ILE D 137 1.52 29.77 -12.66
N ILE D 138 0.47 29.06 -13.03
CA ILE D 138 0.41 27.60 -12.95
C ILE D 138 0.15 27.07 -14.34
N ASP D 139 1.16 26.47 -14.96
CA ASP D 139 0.98 25.83 -16.25
C ASP D 139 0.29 24.49 -16.07
N GLU D 140 -0.51 24.12 -17.07
CA GLU D 140 -1.32 22.90 -17.03
C GLU D 140 -2.14 22.84 -15.74
N CYS D 141 -2.99 23.85 -15.57
CA CYS D 141 -3.79 23.98 -14.37
C CYS D 141 -4.92 22.96 -14.30
N HIS D 142 -5.17 22.22 -15.37
CA HIS D 142 -6.25 21.23 -15.35
C HIS D 142 -5.97 20.06 -14.42
N HIS D 143 -4.75 19.93 -13.91
CA HIS D 143 -4.42 18.89 -12.94
C HIS D 143 -4.81 19.26 -11.51
N GLY D 144 -5.27 20.49 -11.28
CA GLY D 144 -5.57 20.93 -9.93
C GLY D 144 -6.87 20.39 -9.37
N THR D 145 -6.91 19.10 -9.07
CA THR D 145 -8.09 18.47 -8.50
C THR D 145 -7.67 17.54 -7.37
N GLY D 146 -8.60 17.30 -6.45
CA GLY D 146 -8.32 16.39 -5.34
C GLY D 146 -7.24 16.96 -4.43
N HIS D 147 -6.23 16.14 -4.15
CA HIS D 147 -5.10 16.54 -3.33
C HIS D 147 -3.84 16.79 -4.16
N HIS D 148 -3.99 17.08 -5.44
CA HIS D 148 -2.86 17.38 -6.29
C HIS D 148 -2.17 18.64 -5.78
N PRO D 149 -0.85 18.75 -5.95
CA PRO D 149 -0.13 19.90 -5.39
C PRO D 149 -0.67 21.26 -5.82
N PHE D 150 -1.28 21.37 -7.00
CA PHE D 150 -1.89 22.64 -7.37
C PHE D 150 -3.05 22.99 -6.45
N ARG D 151 -3.97 22.05 -6.25
CA ARG D 151 -5.10 22.31 -5.36
C ARG D 151 -4.62 22.44 -3.92
N GLU D 152 -3.57 21.72 -3.53
CA GLU D 152 -3.02 21.88 -2.20
C GLU D 152 -2.46 23.28 -2.00
N PHE D 153 -1.77 23.80 -3.01
CA PHE D 153 -1.25 25.17 -2.95
C PHE D 153 -2.39 26.17 -2.84
N MET D 154 -3.45 25.98 -3.62
CA MET D 154 -4.56 26.92 -3.57
C MET D 154 -5.32 26.82 -2.24
N ARG D 155 -5.36 25.62 -1.65
CA ARG D 155 -5.85 25.50 -0.28
C ARG D 155 -4.98 26.31 0.68
N LEU D 156 -3.66 26.20 0.51
CA LEU D 156 -2.74 26.95 1.37
C LEU D 156 -2.98 28.45 1.23
N PHE D 157 -3.44 28.89 0.05
CA PHE D 157 -3.74 30.30 -0.14
C PHE D 157 -4.74 30.82 0.89
N THR D 158 -5.81 30.06 1.16
CA THR D 158 -6.86 30.57 2.03
C THR D 158 -6.42 30.71 3.47
N ILE D 159 -5.33 30.06 3.87
CA ILE D 159 -4.86 30.16 5.24
C ILE D 159 -4.30 31.55 5.52
N ALA D 160 -3.53 32.09 4.58
CA ALA D 160 -2.94 33.40 4.75
C ALA D 160 -4.00 34.50 4.66
N ASN D 161 -3.56 35.73 4.90
CA ASN D 161 -4.47 36.87 4.80
C ASN D 161 -4.98 37.01 3.38
N GLN D 162 -6.30 37.18 3.25
CA GLN D 162 -6.91 37.22 1.93
C GLN D 162 -6.50 38.47 1.15
N THR D 163 -6.21 39.57 1.84
CA THR D 163 -5.85 40.81 1.16
C THR D 163 -4.44 40.76 0.57
N LYS D 164 -3.61 39.82 1.01
CA LYS D 164 -2.22 39.75 0.57
C LYS D 164 -1.99 38.67 -0.48
N LEU D 165 -3.05 38.05 -0.99
CA LEU D 165 -2.89 36.97 -1.95
C LEU D 165 -2.44 37.50 -3.30
N PRO D 166 -1.46 36.86 -3.94
CA PRO D 166 -1.02 37.30 -5.26
C PRO D 166 -2.03 36.94 -6.34
N ARG D 167 -1.85 37.57 -7.49
CA ARG D 167 -2.68 37.27 -8.66
C ARG D 167 -2.36 35.86 -9.16
N VAL D 168 -3.40 35.08 -9.42
CA VAL D 168 -3.26 33.70 -9.87
C VAL D 168 -3.70 33.63 -11.33
N VAL D 169 -2.83 33.10 -12.18
CA VAL D 169 -3.07 33.01 -13.62
C VAL D 169 -2.84 31.57 -14.03
N GLY D 170 -3.90 30.78 -14.09
CA GLY D 170 -3.78 29.41 -14.55
C GLY D 170 -3.72 29.35 -16.07
N LEU D 171 -2.91 28.42 -16.57
CA LEU D 171 -2.75 28.21 -18.00
C LEU D 171 -3.10 26.77 -18.33
N THR D 172 -3.83 26.58 -19.43
CA THR D 172 -4.22 25.25 -19.85
C THR D 172 -4.68 25.27 -21.29
N GLY D 173 -4.52 24.15 -21.97
CA GLY D 173 -5.12 23.88 -23.26
C GLY D 173 -6.31 22.96 -23.19
N VAL D 174 -6.63 22.45 -21.99
CA VAL D 174 -7.76 21.56 -21.79
C VAL D 174 -8.28 21.81 -20.37
N LEU D 175 -9.60 21.68 -20.20
CA LEU D 175 -10.22 21.94 -18.92
C LEU D 175 -10.70 20.70 -18.20
N ILE D 176 -10.85 19.58 -18.90
CA ILE D 176 -11.37 18.35 -18.31
C ILE D 176 -10.19 17.43 -17.99
N LYS D 177 -10.18 16.91 -16.76
CA LYS D 177 -9.07 16.05 -16.34
C LYS D 177 -9.25 14.62 -16.81
N GLY D 178 -10.32 13.96 -16.36
CA GLY D 178 -10.55 12.56 -16.64
C GLY D 178 -11.47 12.32 -17.82
N ASN D 179 -12.13 11.16 -17.80
CA ASN D 179 -13.06 10.78 -18.84
C ASN D 179 -14.50 11.19 -18.51
N GLU D 180 -14.72 11.90 -17.41
CA GLU D 180 -16.05 12.40 -17.06
C GLU D 180 -16.37 13.66 -17.86
N ILE D 181 -16.31 13.52 -19.18
CA ILE D 181 -16.49 14.67 -20.07
C ILE D 181 -17.94 15.14 -20.08
N THR D 182 -18.89 14.32 -19.65
CA THR D 182 -20.25 14.78 -19.50
C THR D 182 -20.36 15.70 -18.29
N ASN D 183 -21.36 16.59 -18.34
CA ASN D 183 -21.61 17.57 -17.28
C ASN D 183 -20.35 18.41 -17.04
N VAL D 184 -19.95 19.14 -18.08
CA VAL D 184 -18.73 19.91 -18.03
C VAL D 184 -18.88 21.13 -17.12
N ALA D 185 -20.12 21.60 -16.92
CA ALA D 185 -20.33 22.82 -16.14
C ALA D 185 -19.90 22.63 -14.69
N THR D 186 -20.22 21.48 -14.09
CA THR D 186 -19.78 21.23 -12.72
C THR D 186 -18.28 21.21 -12.62
N LYS D 187 -17.61 20.63 -13.62
CA LYS D 187 -16.15 20.63 -13.64
C LYS D 187 -15.59 22.04 -13.70
N LEU D 188 -16.20 22.90 -14.52
CA LEU D 188 -15.73 24.28 -14.59
C LEU D 188 -15.94 25.03 -13.29
N LYS D 189 -17.09 24.85 -12.64
CA LYS D 189 -17.29 25.48 -11.34
C LYS D 189 -16.29 24.98 -10.31
N GLU D 190 -16.01 23.68 -10.31
CA GLU D 190 -14.99 23.16 -9.39
C GLU D 190 -13.64 23.78 -9.67
N LEU D 191 -13.25 23.88 -10.94
CA LEU D 191 -11.95 24.46 -11.28
C LEU D 191 -11.87 25.93 -10.89
N GLU D 192 -12.92 26.70 -11.17
CA GLU D 192 -12.94 28.11 -10.86
C GLU D 192 -13.16 28.39 -9.38
N ILE D 193 -13.52 27.37 -8.60
CA ILE D 193 -13.46 27.51 -7.14
C ILE D 193 -12.07 27.17 -6.63
N THR D 194 -11.42 26.16 -7.21
CA THR D 194 -10.05 25.84 -6.85
C THR D 194 -9.13 27.02 -7.13
N TYR D 195 -8.99 27.38 -8.40
CA TYR D 195 -8.29 28.61 -8.76
C TYR D 195 -9.23 29.79 -8.56
N ARG D 196 -8.74 30.83 -7.90
CA ARG D 196 -9.62 31.91 -7.47
C ARG D 196 -9.94 32.87 -8.59
N GLY D 197 -10.43 32.35 -9.72
CA GLY D 197 -10.82 33.17 -10.85
C GLY D 197 -11.65 32.41 -11.85
N ASN D 198 -12.47 33.12 -12.62
CA ASN D 198 -13.30 32.49 -13.63
C ASN D 198 -12.61 32.49 -14.98
N ILE D 199 -12.92 31.48 -15.79
CA ILE D 199 -12.21 31.25 -17.03
C ILE D 199 -12.46 32.38 -18.02
N ILE D 200 -11.39 32.85 -18.65
CA ILE D 200 -11.47 33.79 -19.76
C ILE D 200 -10.99 33.09 -21.02
N THR D 201 -11.51 33.53 -22.16
CA THR D 201 -11.17 32.89 -23.43
C THR D 201 -11.50 33.84 -24.57
N VAL D 202 -10.88 33.58 -25.72
CA VAL D 202 -11.21 34.34 -26.92
C VAL D 202 -12.59 33.97 -27.40
N SER D 203 -13.35 34.97 -27.87
CA SER D 203 -14.72 34.77 -28.30
C SER D 203 -15.06 35.40 -29.63
N ASP D 204 -14.33 36.41 -30.09
CA ASP D 204 -14.63 37.06 -31.35
C ASP D 204 -14.36 36.12 -32.51
N THR D 205 -15.20 36.21 -33.55
CA THR D 205 -14.94 35.48 -34.79
C THR D 205 -13.63 35.93 -35.41
N LYS D 206 -13.32 37.22 -35.31
CA LYS D 206 -12.00 37.70 -35.70
C LYS D 206 -10.93 37.05 -34.84
N GLU D 207 -11.18 36.95 -33.54
CA GLU D 207 -10.26 36.21 -32.68
C GLU D 207 -10.21 34.74 -33.06
N MET D 208 -11.34 34.17 -33.46
CA MET D 208 -11.36 32.78 -33.93
C MET D 208 -10.41 32.60 -35.11
N GLU D 209 -10.54 33.45 -36.12
CA GLU D 209 -9.69 33.34 -37.30
C GLU D 209 -8.25 33.81 -37.05
N ASN D 210 -8.00 34.47 -35.92
CA ASN D 210 -6.64 34.82 -35.55
C ASN D 210 -5.96 33.71 -34.75
N VAL D 211 -6.72 32.91 -34.01
CA VAL D 211 -6.15 31.86 -33.17
C VAL D 211 -5.37 30.85 -33.99
N MET D 212 -5.73 30.67 -35.26
CA MET D 212 -5.05 29.70 -36.12
C MET D 212 -3.56 30.00 -36.29
N LEU D 213 -3.07 31.11 -35.76
CA LEU D 213 -1.66 31.46 -35.93
C LEU D 213 -0.75 30.43 -35.29
N TYR D 214 -1.10 29.96 -34.09
CA TYR D 214 -0.31 28.93 -33.42
C TYR D 214 -1.10 27.69 -33.03
N ALA D 215 -2.42 27.75 -33.03
CA ALA D 215 -3.26 26.63 -32.64
C ALA D 215 -3.48 25.64 -33.78
N THR D 216 -2.59 25.61 -34.75
CA THR D 216 -2.72 24.72 -35.91
C THR D 216 -3.00 23.30 -35.48
N LYS D 217 -4.17 22.80 -35.86
CA LYS D 217 -4.55 21.44 -35.53
C LYS D 217 -4.12 20.47 -36.62
N PRO D 218 -3.72 19.26 -36.26
CA PRO D 218 -3.31 18.27 -37.27
C PRO D 218 -4.47 17.42 -37.74
N THR D 219 -4.38 17.01 -39.00
CA THR D 219 -5.34 16.03 -39.50
C THR D 219 -5.07 14.69 -38.82
N GLU D 220 -6.10 14.12 -38.21
CA GLU D 220 -5.97 12.91 -37.43
C GLU D 220 -6.54 11.72 -38.21
N VAL D 221 -5.75 10.65 -38.28
CA VAL D 221 -6.07 9.49 -39.10
C VAL D 221 -5.90 8.24 -38.27
N MET D 222 -6.51 7.15 -38.72
CA MET D 222 -6.56 5.90 -37.96
C MET D 222 -6.05 4.74 -38.81
N VAL D 223 -5.18 3.92 -38.22
CA VAL D 223 -4.67 2.71 -38.86
C VAL D 223 -5.22 1.50 -38.12
N SER D 224 -5.85 0.59 -38.87
CA SER D 224 -6.38 -0.65 -38.31
C SER D 224 -5.44 -1.79 -38.64
N PHE D 225 -5.30 -2.74 -37.71
CA PHE D 225 -4.46 -3.89 -37.93
C PHE D 225 -5.23 -5.17 -37.66
N PRO D 226 -4.88 -6.25 -38.36
CA PRO D 226 -5.67 -7.49 -38.24
C PRO D 226 -5.43 -8.22 -36.94
N HIS D 227 -6.16 -7.82 -35.91
CA HIS D 227 -6.01 -8.44 -34.60
C HIS D 227 -6.25 -9.94 -34.67
N GLN D 228 -5.34 -10.71 -34.06
CA GLN D 228 -5.44 -12.15 -34.02
C GLN D 228 -4.71 -12.65 -32.78
N GLU D 229 -5.27 -13.68 -32.15
CA GLU D 229 -4.70 -14.23 -30.92
C GLU D 229 -3.72 -15.37 -31.16
N GLN D 230 -3.59 -15.84 -32.40
CA GLN D 230 -2.71 -16.98 -32.66
C GLN D 230 -1.26 -16.59 -32.44
N VAL D 231 -0.54 -17.42 -31.70
CA VAL D 231 0.87 -17.20 -31.39
C VAL D 231 1.54 -18.56 -31.28
N LEU D 232 2.84 -18.59 -31.56
CA LEU D 232 3.58 -19.84 -31.54
C LEU D 232 3.74 -20.34 -30.11
N THR D 233 4.05 -21.63 -30.00
CA THR D 233 4.06 -22.30 -28.70
C THR D 233 5.14 -21.75 -27.77
N VAL D 234 6.18 -21.11 -28.31
CA VAL D 234 7.29 -20.69 -27.46
C VAL D 234 6.82 -19.72 -26.39
N THR D 235 5.87 -18.83 -26.71
CA THR D 235 5.37 -17.91 -25.69
C THR D 235 4.73 -18.68 -24.54
N ARG D 236 3.98 -19.73 -24.86
CA ARG D 236 3.42 -20.58 -23.81
C ARG D 236 4.52 -21.26 -23.01
N LEU D 237 5.60 -21.67 -23.66
CA LEU D 237 6.70 -22.30 -22.94
C LEU D 237 7.33 -21.33 -21.93
N ILE D 238 7.65 -20.11 -22.36
CA ILE D 238 8.16 -19.12 -21.41
C ILE D 238 7.15 -18.84 -20.31
N SER D 239 5.86 -18.80 -20.65
CA SER D 239 4.85 -18.60 -19.60
C SER D 239 4.92 -19.71 -18.55
N ALA D 240 5.04 -20.95 -19.00
CA ALA D 240 5.14 -22.08 -18.07
C ALA D 240 6.37 -21.96 -17.19
N GLU D 241 7.53 -21.63 -17.78
CA GLU D 241 8.74 -21.47 -16.99
C GLU D 241 8.59 -20.37 -15.96
N ILE D 242 8.01 -19.23 -16.35
CA ILE D 242 7.87 -18.12 -15.41
C ILE D 242 6.93 -18.48 -14.27
N GLU D 243 5.80 -19.13 -14.57
CA GLU D 243 4.89 -19.49 -13.49
C GLU D 243 5.51 -20.54 -12.55
N LYS D 244 6.27 -21.49 -13.11
CA LYS D 244 6.98 -22.44 -12.25
C LYS D 244 8.00 -21.72 -11.36
N PHE D 245 8.71 -20.75 -11.92
CA PHE D 245 9.66 -20.01 -11.10
C PHE D 245 8.96 -19.20 -10.04
N TYR D 246 7.78 -18.64 -10.35
CA TYR D 246 7.02 -17.92 -9.35
C TYR D 246 6.62 -18.82 -8.19
N VAL D 247 6.09 -20.01 -8.51
CA VAL D 247 5.63 -20.88 -7.44
C VAL D 247 6.82 -21.40 -6.63
N SER D 248 7.97 -21.60 -7.28
CA SER D 248 9.18 -21.95 -6.53
C SER D 248 9.62 -20.79 -5.63
N LEU D 249 9.62 -19.58 -6.18
CA LEU D 249 10.16 -18.42 -5.48
C LEU D 249 9.32 -18.04 -4.27
N ASP D 250 8.01 -18.30 -4.32
CA ASP D 250 7.17 -17.98 -3.18
C ASP D 250 7.61 -18.74 -1.93
N LEU D 251 8.33 -19.84 -2.10
CA LEU D 251 8.83 -20.66 -1.01
C LEU D 251 10.29 -20.39 -0.66
N MET D 252 10.87 -19.29 -1.16
CA MET D 252 12.31 -19.05 -1.03
C MET D 252 12.79 -18.98 0.41
N ASN D 253 11.96 -18.48 1.33
CA ASN D 253 12.35 -18.27 2.73
C ASN D 253 13.63 -17.44 2.83
N ILE D 254 13.55 -16.23 2.27
CA ILE D 254 14.55 -15.22 2.59
C ILE D 254 14.45 -14.85 4.07
N GLY D 255 15.50 -14.24 4.59
CA GLY D 255 15.51 -13.82 5.97
C GLY D 255 14.41 -12.80 6.27
N VAL D 256 14.39 -12.35 7.52
CA VAL D 256 13.34 -11.44 7.96
C VAL D 256 13.34 -10.18 7.11
N GLN D 257 12.15 -9.74 6.72
CA GLN D 257 11.99 -8.62 5.80
C GLN D 257 10.85 -7.74 6.28
N PRO D 258 10.84 -6.47 5.87
CA PRO D 258 9.72 -5.58 6.24
C PRO D 258 8.39 -6.09 5.72
N ILE D 259 7.36 -5.99 6.56
CA ILE D 259 6.02 -6.42 6.17
C ILE D 259 5.43 -5.41 5.19
N ARG D 260 4.87 -5.91 4.10
CA ARG D 260 4.26 -5.08 3.07
C ARG D 260 2.78 -5.42 2.97
N ARG D 261 1.94 -4.37 2.95
CA ARG D 261 0.50 -4.54 2.90
C ARG D 261 -0.08 -3.58 1.86
N SER D 262 -1.36 -3.77 1.57
CA SER D 262 -2.03 -3.00 0.54
C SER D 262 -2.23 -1.55 0.99
N LYS D 263 -2.89 -0.76 0.13
CA LYS D 263 -3.06 0.66 0.41
C LYS D 263 -3.87 0.90 1.67
N SER D 264 -4.95 0.14 1.87
CA SER D 264 -5.79 0.29 3.05
C SER D 264 -5.46 -0.74 4.13
N LEU D 265 -4.39 -1.52 3.94
CA LEU D 265 -3.79 -2.33 5.01
C LEU D 265 -4.72 -3.44 5.50
N GLN D 266 -5.24 -4.23 4.56
CA GLN D 266 -5.91 -5.47 4.94
C GLN D 266 -5.33 -6.63 4.15
N CYS D 267 -4.87 -6.37 2.93
CA CYS D 267 -4.30 -7.40 2.09
C CYS D 267 -2.78 -7.39 2.19
N LEU D 268 -2.20 -8.58 2.34
CA LEU D 268 -0.76 -8.71 2.49
C LEU D 268 -0.09 -8.72 1.12
N ARG D 269 1.17 -8.30 1.10
CA ARG D 269 1.96 -8.27 -0.12
C ARG D 269 3.30 -8.95 0.12
N ASP D 270 3.89 -9.43 -0.97
CA ASP D 270 5.18 -10.10 -0.88
C ASP D 270 6.27 -9.09 -0.54
N PRO D 271 7.35 -9.54 0.11
CA PRO D 271 8.48 -8.65 0.37
C PRO D 271 8.98 -7.96 -0.89
N SER D 272 9.62 -6.81 -0.69
CA SER D 272 9.96 -5.92 -1.80
C SER D 272 10.77 -6.62 -2.88
N LYS D 273 11.70 -7.50 -2.49
CA LYS D 273 12.56 -8.15 -3.48
C LYS D 273 11.75 -9.12 -4.35
N LYS D 274 10.94 -9.97 -3.72
CA LYS D 274 10.10 -10.89 -4.47
C LYS D 274 9.15 -10.12 -5.38
N SER D 275 8.54 -9.05 -4.85
CA SER D 275 7.64 -8.24 -5.65
C SER D 275 8.36 -7.62 -6.84
N PHE D 276 9.61 -7.18 -6.64
CA PHE D 276 10.38 -6.57 -7.71
C PHE D 276 10.69 -7.58 -8.81
N VAL D 277 11.10 -8.79 -8.44
CA VAL D 277 11.38 -9.82 -9.43
C VAL D 277 10.11 -10.17 -10.21
N LYS D 278 9.00 -10.33 -9.47
CA LYS D 278 7.72 -10.63 -10.13
C LYS D 278 7.31 -9.51 -11.07
N GLN D 279 7.52 -8.25 -10.65
CA GLN D 279 7.19 -7.12 -11.50
C GLN D 279 7.99 -7.15 -12.80
N LEU D 280 9.30 -7.43 -12.70
CA LEU D 280 10.12 -7.50 -13.90
C LEU D 280 9.62 -8.59 -14.85
N PHE D 281 9.34 -9.77 -14.29
CA PHE D 281 8.90 -10.87 -15.16
C PHE D 281 7.54 -10.59 -15.77
N ASN D 282 6.63 -9.98 -15.01
CA ASN D 282 5.32 -9.62 -15.55
C ASN D 282 5.44 -8.59 -16.65
N ASP D 283 6.33 -7.61 -16.48
CA ASP D 283 6.53 -6.62 -17.53
C ASP D 283 7.08 -7.27 -18.80
N PHE D 284 8.01 -8.21 -18.64
CA PHE D 284 8.52 -8.92 -19.81
C PHE D 284 7.41 -9.71 -20.50
N LEU D 285 6.56 -10.37 -19.71
CA LEU D 285 5.44 -11.10 -20.30
C LEU D 285 4.50 -10.17 -21.06
N TYR D 286 4.25 -8.98 -20.49
CA TYR D 286 3.41 -8.01 -21.17
C TYR D 286 4.04 -7.57 -22.49
N GLN D 287 5.35 -7.32 -22.48
CA GLN D 287 6.05 -6.94 -23.70
C GLN D 287 5.91 -8.03 -24.76
N MET D 288 6.15 -9.27 -24.37
CA MET D 288 6.06 -10.38 -25.31
C MET D 288 4.65 -10.54 -25.86
N LYS D 289 3.63 -10.41 -25.00
CA LYS D 289 2.26 -10.55 -25.45
C LYS D 289 1.86 -9.44 -26.40
N GLU D 290 2.29 -8.20 -26.11
CA GLU D 290 1.77 -7.06 -26.88
C GLU D 290 2.53 -6.88 -28.19
N TYR D 291 3.86 -6.84 -28.14
CA TYR D 291 4.62 -6.33 -29.29
C TYR D 291 5.27 -7.41 -30.13
N GLY D 292 5.47 -8.61 -29.61
CA GLY D 292 5.94 -9.72 -30.40
C GLY D 292 7.14 -10.41 -29.79
N ILE D 293 7.61 -11.43 -30.50
CA ILE D 293 8.73 -12.24 -30.01
C ILE D 293 10.03 -11.45 -30.06
N TYR D 294 10.25 -10.68 -31.13
CA TYR D 294 11.48 -9.91 -31.24
C TYR D 294 11.56 -8.86 -30.14
N ALA D 295 10.42 -8.24 -29.81
CA ALA D 295 10.39 -7.30 -28.70
C ALA D 295 10.77 -7.97 -27.39
N ALA D 296 10.28 -9.19 -27.17
CA ALA D 296 10.66 -9.94 -25.99
C ALA D 296 12.15 -10.27 -25.99
N SER D 297 12.68 -10.58 -27.18
CA SER D 297 14.11 -10.89 -27.30
C SER D 297 14.95 -9.69 -26.93
N ILE D 298 14.49 -8.49 -27.27
CA ILE D 298 15.20 -7.28 -26.84
C ILE D 298 15.05 -7.06 -25.34
N ALA D 299 13.83 -7.23 -24.82
CA ALA D 299 13.57 -6.89 -23.42
C ALA D 299 14.29 -7.84 -22.46
N ILE D 300 14.45 -9.10 -22.86
CA ILE D 300 15.11 -10.05 -21.97
C ILE D 300 16.55 -9.66 -21.74
N ILE D 301 17.18 -8.95 -22.68
CA ILE D 301 18.53 -8.44 -22.46
C ILE D 301 18.54 -7.44 -21.30
N SER D 302 17.54 -6.56 -21.26
CA SER D 302 17.44 -5.62 -20.16
C SER D 302 17.21 -6.34 -18.85
N LEU D 303 16.36 -7.38 -18.85
CA LEU D 303 16.17 -8.16 -17.62
C LEU D 303 17.46 -8.84 -17.18
N ILE D 304 18.22 -9.38 -18.14
CA ILE D 304 19.49 -10.01 -17.81
C ILE D 304 20.44 -9.00 -17.19
N VAL D 305 20.51 -7.80 -17.76
CA VAL D 305 21.37 -6.76 -17.20
C VAL D 305 20.94 -6.42 -15.79
N GLU D 306 19.64 -6.26 -15.57
CA GLU D 306 19.14 -5.92 -14.24
C GLU D 306 19.52 -6.99 -13.22
N PHE D 307 19.28 -8.26 -13.54
CA PHE D 307 19.58 -9.32 -12.59
C PHE D 307 21.07 -9.53 -12.40
N ASP D 308 21.88 -9.31 -13.43
CA ASP D 308 23.33 -9.40 -13.27
C ASP D 308 23.83 -8.29 -12.34
N ILE D 309 23.31 -7.08 -12.52
CA ILE D 309 23.66 -5.97 -11.64
C ILE D 309 23.25 -6.30 -10.21
N LYS D 310 22.05 -6.87 -10.04
CA LYS D 310 21.61 -7.25 -8.69
C LYS D 310 22.52 -8.31 -8.09
N ARG D 311 22.92 -9.31 -8.89
CA ARG D 311 23.78 -10.36 -8.38
C ARG D 311 25.12 -9.81 -7.92
N ARG D 312 25.71 -8.90 -8.70
CA ARG D 312 26.93 -8.24 -8.24
C ARG D 312 26.67 -7.43 -6.98
N GLN D 313 25.54 -6.74 -6.94
CA GLN D 313 25.22 -5.83 -5.85
C GLN D 313 24.74 -6.56 -4.59
N ALA D 314 24.14 -7.74 -4.76
CA ALA D 314 23.49 -8.43 -3.64
C ALA D 314 24.49 -8.72 -2.52
N GLU D 315 23.94 -8.97 -1.33
CA GLU D 315 24.75 -9.02 -0.12
C GLU D 315 24.48 -10.28 0.71
N THR D 316 23.29 -10.86 0.56
CA THR D 316 22.89 -12.00 1.37
C THR D 316 22.79 -13.24 0.50
N LEU D 317 23.24 -14.37 1.02
CA LEU D 317 23.31 -15.59 0.24
C LEU D 317 21.94 -16.00 -0.30
N SER D 318 20.90 -15.82 0.51
CA SER D 318 19.56 -16.15 0.04
C SER D 318 19.15 -15.25 -1.12
N VAL D 319 19.33 -13.94 -0.97
CA VAL D 319 19.01 -13.00 -2.02
C VAL D 319 19.89 -13.26 -3.25
N LYS D 320 21.16 -13.56 -3.01
CA LYS D 320 22.06 -13.87 -4.11
C LYS D 320 21.57 -15.08 -4.90
N LEU D 321 21.13 -16.12 -4.20
CA LEU D 321 20.60 -17.30 -4.87
C LEU D 321 19.32 -16.98 -5.65
N MET D 322 18.44 -16.17 -5.05
CA MET D 322 17.25 -15.73 -5.78
C MET D 322 17.61 -15.09 -7.10
N HIS D 323 18.55 -14.13 -7.06
CA HIS D 323 18.90 -13.41 -8.28
C HIS D 323 19.66 -14.29 -9.26
N ARG D 324 20.49 -15.22 -8.76
CA ARG D 324 21.17 -16.14 -9.66
C ARG D 324 20.17 -17.01 -10.41
N THR D 325 19.17 -17.53 -9.71
CA THR D 325 18.15 -18.35 -10.36
C THR D 325 17.35 -17.52 -11.37
N ALA D 326 17.02 -16.28 -11.00
CA ALA D 326 16.32 -15.41 -11.93
C ALA D 326 17.14 -15.17 -13.18
N LEU D 327 18.44 -14.90 -13.02
CA LEU D 327 19.30 -14.68 -14.18
C LEU D 327 19.39 -15.93 -15.05
N THR D 328 19.47 -17.10 -14.43
CA THR D 328 19.51 -18.34 -15.19
C THR D 328 18.24 -18.52 -16.01
N LEU D 329 17.09 -18.29 -15.39
CA LEU D 329 15.82 -18.40 -16.11
C LEU D 329 15.76 -17.40 -17.25
N CYS D 330 16.20 -16.16 -17.00
CA CYS D 330 16.16 -15.14 -18.04
C CYS D 330 17.05 -15.51 -19.22
N GLU D 331 18.23 -16.07 -18.95
CA GLU D 331 19.11 -16.41 -20.06
C GLU D 331 18.63 -17.67 -20.78
N LYS D 332 17.97 -18.58 -20.08
CA LYS D 332 17.29 -19.69 -20.76
C LYS D 332 16.22 -19.17 -21.71
N ILE D 333 15.42 -18.20 -21.25
CA ILE D 333 14.38 -17.61 -22.08
C ILE D 333 15.02 -16.91 -23.28
N ARG D 334 16.12 -16.20 -23.05
CA ARG D 334 16.83 -15.54 -24.14
C ARG D 334 17.28 -16.55 -25.18
N HIS D 335 17.87 -17.66 -24.74
CA HIS D 335 18.33 -18.67 -25.68
C HIS D 335 17.16 -19.26 -26.46
N LEU D 336 16.04 -19.53 -25.77
CA LEU D 336 14.88 -20.09 -26.45
C LEU D 336 14.36 -19.16 -27.53
N LEU D 337 14.23 -17.87 -27.20
CA LEU D 337 13.75 -16.90 -28.18
C LEU D 337 14.72 -16.76 -29.34
N VAL D 338 16.03 -16.73 -29.05
CA VAL D 338 17.01 -16.57 -30.11
C VAL D 338 16.98 -17.76 -31.05
N GLN D 339 16.92 -18.97 -30.51
CA GLN D 339 16.90 -20.15 -31.37
C GLN D 339 15.60 -20.21 -32.16
N LYS D 340 14.49 -19.76 -31.57
CA LYS D 340 13.24 -19.70 -32.34
C LYS D 340 13.36 -18.71 -33.49
N LEU D 341 13.99 -17.55 -33.25
CA LEU D 341 14.21 -16.59 -34.31
C LEU D 341 15.09 -17.16 -35.41
N GLN D 342 16.11 -17.93 -35.01
CA GLN D 342 16.92 -18.63 -36.00
C GLN D 342 16.15 -19.72 -36.73
N ASP D 343 15.02 -20.16 -36.18
CA ASP D 343 14.24 -21.22 -36.81
C ASP D 343 13.39 -20.73 -37.97
N MET D 344 13.69 -19.55 -38.51
CA MET D 344 13.08 -19.08 -39.74
C MET D 344 14.10 -18.63 -40.78
N THR D 345 15.38 -18.53 -40.42
CA THR D 345 16.41 -18.02 -41.31
C THR D 345 16.75 -18.99 -42.44
N TYR D 346 16.01 -20.08 -42.62
CA TYR D 346 16.26 -20.96 -43.76
C TYR D 346 15.98 -20.29 -45.10
N ASP D 347 15.21 -19.21 -45.12
CA ASP D 347 15.06 -18.42 -46.33
C ASP D 347 16.41 -17.86 -46.78
N ASP D 348 17.18 -17.33 -45.83
CA ASP D 348 18.56 -16.92 -46.07
C ASP D 348 19.28 -16.73 -44.74
N ASP D 349 20.42 -17.41 -44.56
CA ASP D 349 21.13 -17.35 -43.29
C ASP D 349 21.84 -16.02 -43.07
N ASP D 350 21.91 -15.15 -44.08
CA ASP D 350 22.55 -13.85 -43.92
C ASP D 350 21.79 -13.03 -42.88
N ASP D 351 22.54 -12.40 -41.97
CA ASP D 351 21.94 -11.83 -40.77
C ASP D 351 21.31 -10.45 -41.00
N ASN D 352 21.53 -9.82 -42.16
CA ASN D 352 20.94 -8.51 -42.39
C ASN D 352 19.49 -8.63 -42.88
N VAL D 353 19.28 -9.35 -43.98
CA VAL D 353 17.92 -9.67 -44.39
C VAL D 353 17.21 -10.45 -43.30
N ASN D 354 17.96 -11.24 -42.53
CA ASN D 354 17.43 -11.85 -41.32
C ASN D 354 16.88 -10.77 -40.38
N THR D 355 17.76 -9.92 -39.85
CA THR D 355 17.34 -8.88 -38.92
C THR D 355 16.20 -8.03 -39.45
N GLU D 356 16.01 -7.99 -40.77
CA GLU D 356 14.80 -7.37 -41.31
C GLU D 356 13.57 -8.27 -41.16
N GLU D 357 13.63 -9.47 -41.73
CA GLU D 357 12.44 -10.30 -41.85
C GLU D 357 12.01 -10.89 -40.51
N VAL D 358 12.96 -11.14 -39.60
CA VAL D 358 12.59 -11.64 -38.28
C VAL D 358 11.83 -10.58 -37.50
N ILE D 359 12.22 -9.31 -37.65
CA ILE D 359 11.45 -8.23 -37.04
C ILE D 359 10.08 -8.13 -37.70
N MET D 360 10.03 -8.28 -39.03
CA MET D 360 8.76 -8.20 -39.73
C MET D 360 7.80 -9.29 -39.28
N ASN D 361 8.30 -10.51 -39.11
CA ASN D 361 7.43 -11.65 -38.87
C ASN D 361 7.14 -11.85 -37.39
N PHE D 362 8.15 -11.74 -36.53
CA PHE D 362 8.03 -12.10 -35.13
C PHE D 362 7.59 -10.94 -34.26
N SER D 363 6.89 -9.97 -34.82
CA SER D 363 6.24 -8.92 -34.06
C SER D 363 4.75 -8.97 -34.34
N THR D 364 3.96 -8.57 -33.34
CA THR D 364 2.51 -8.60 -33.49
C THR D 364 2.08 -7.65 -34.61
N PRO D 365 0.92 -7.90 -35.22
CA PRO D 365 0.51 -7.07 -36.37
C PRO D 365 0.45 -5.59 -36.05
N LYS D 366 0.26 -5.23 -34.78
CA LYS D 366 0.39 -3.84 -34.37
C LYS D 366 1.75 -3.27 -34.78
N VAL D 367 2.83 -3.93 -34.34
CA VAL D 367 4.16 -3.47 -34.67
C VAL D 367 4.43 -3.58 -36.16
N GLN D 368 3.89 -4.62 -36.81
CA GLN D 368 4.10 -4.78 -38.24
C GLN D 368 3.50 -3.63 -39.04
N ARG D 369 2.25 -3.27 -38.73
CA ARG D 369 1.63 -2.13 -39.38
C ARG D 369 2.37 -0.85 -39.06
N PHE D 370 2.83 -0.70 -37.82
CA PHE D 370 3.62 0.47 -37.43
C PHE D 370 4.86 0.60 -38.31
N LEU D 371 5.59 -0.51 -38.48
CA LEU D 371 6.81 -0.48 -39.27
C LEU D 371 6.52 -0.19 -40.74
N MET D 372 5.49 -0.83 -41.31
CA MET D 372 5.22 -0.60 -42.73
C MET D 372 4.73 0.82 -42.96
N SER D 373 3.96 1.38 -42.03
CA SER D 373 3.56 2.78 -42.16
C SER D 373 4.76 3.71 -42.09
N LEU D 374 5.71 3.43 -41.19
CA LEU D 374 6.92 4.24 -41.15
C LEU D 374 7.71 4.13 -42.45
N LYS D 375 7.80 2.92 -43.00
CA LYS D 375 8.55 2.74 -44.24
C LYS D 375 7.90 3.50 -45.39
N VAL D 376 6.58 3.39 -45.54
CA VAL D 376 5.93 4.06 -46.66
C VAL D 376 5.93 5.57 -46.45
N SER D 377 5.90 6.04 -45.20
CA SER D 377 5.87 7.47 -44.95
C SER D 377 7.23 8.12 -45.21
N PHE D 378 8.31 7.39 -44.94
CA PHE D 378 9.66 7.94 -45.02
C PHE D 378 10.55 7.09 -45.91
N ALA D 379 10.04 6.68 -47.07
CA ALA D 379 10.79 5.79 -47.95
C ALA D 379 12.10 6.44 -48.40
N ASP D 380 12.03 7.65 -48.93
CA ASP D 380 13.21 8.35 -49.43
C ASP D 380 13.15 9.83 -49.07
N LYS D 381 12.75 10.13 -47.85
CA LYS D 381 12.63 11.51 -47.41
C LYS D 381 13.97 12.01 -46.85
N ASP D 382 14.01 13.31 -46.57
CA ASP D 382 15.20 13.95 -46.03
C ASP D 382 15.17 13.94 -44.51
N PRO D 383 16.29 13.59 -43.88
CA PRO D 383 16.31 13.53 -42.41
C PRO D 383 15.96 14.84 -41.73
N LYS D 384 16.34 15.98 -42.33
CA LYS D 384 16.01 17.27 -41.76
C LYS D 384 14.61 17.74 -42.14
N ASP D 385 13.96 17.07 -43.09
CA ASP D 385 12.62 17.44 -43.51
C ASP D 385 11.53 16.78 -42.68
N ILE D 386 11.88 15.87 -41.77
CA ILE D 386 10.90 15.15 -40.98
C ILE D 386 11.28 15.24 -39.51
N CYS D 387 10.27 15.13 -38.65
CA CYS D 387 10.46 15.15 -37.21
C CYS D 387 9.18 14.63 -36.58
N CYS D 388 9.26 13.52 -35.86
CA CYS D 388 8.05 12.84 -35.41
C CYS D 388 8.24 12.28 -34.01
N LEU D 389 7.11 12.05 -33.34
CA LEU D 389 7.06 11.43 -32.03
C LEU D 389 6.32 10.10 -32.11
N VAL D 390 6.60 9.24 -31.13
CA VAL D 390 5.88 7.99 -30.94
C VAL D 390 5.56 7.88 -29.46
N PHE D 391 4.29 7.64 -29.14
CA PHE D 391 3.84 7.56 -27.76
C PHE D 391 3.54 6.13 -27.38
N VAL D 392 4.08 5.69 -26.25
CA VAL D 392 3.78 4.39 -25.68
C VAL D 392 3.56 4.59 -24.18
N GLU D 393 2.94 3.60 -23.55
CA GLU D 393 2.53 3.79 -22.15
C GLU D 393 3.61 3.39 -21.15
N ARG D 394 4.14 2.19 -21.28
CA ARG D 394 5.04 1.65 -20.25
C ARG D 394 6.47 2.08 -20.48
N ARG D 395 7.23 2.19 -19.38
CA ARG D 395 8.61 2.64 -19.46
C ARG D 395 9.47 1.67 -20.26
N TYR D 396 9.44 0.40 -19.88
CA TYR D 396 10.29 -0.59 -20.55
C TYR D 396 9.93 -0.72 -22.02
N THR D 397 8.68 -0.38 -22.37
CA THR D 397 8.27 -0.39 -23.77
C THR D 397 9.09 0.60 -24.58
N CYS D 398 9.43 1.75 -23.99
CA CYS D 398 10.25 2.73 -24.70
C CYS D 398 11.60 2.14 -25.08
N LYS D 399 12.30 1.55 -24.12
CA LYS D 399 13.60 0.95 -24.39
C LYS D 399 13.49 -0.19 -25.40
N CYS D 400 12.49 -1.04 -25.22
CA CYS D 400 12.34 -2.19 -26.11
C CYS D 400 12.10 -1.75 -27.55
N ILE D 401 11.15 -0.84 -27.76
CA ILE D 401 10.87 -0.39 -29.11
C ILE D 401 12.03 0.43 -29.66
N TYR D 402 12.78 1.12 -28.79
CA TYR D 402 13.96 1.84 -29.26
C TYR D 402 14.98 0.87 -29.85
N GLY D 403 15.23 -0.23 -29.14
CA GLY D 403 16.15 -1.24 -29.68
C GLY D 403 15.64 -1.87 -30.97
N LEU D 404 14.34 -2.19 -31.00
CA LEU D 404 13.76 -2.77 -32.20
C LEU D 404 13.88 -1.81 -33.38
N LEU D 405 13.62 -0.52 -33.15
CA LEU D 405 13.71 0.46 -34.21
C LEU D 405 15.14 0.64 -34.68
N LEU D 406 16.10 0.64 -33.75
CA LEU D 406 17.50 0.68 -34.14
C LEU D 406 17.83 -0.45 -35.10
N ASN D 407 17.48 -1.68 -34.70
CA ASN D 407 17.82 -2.83 -35.53
C ASN D 407 17.10 -2.77 -36.89
N TYR D 408 15.82 -2.41 -36.89
CA TYR D 408 15.06 -2.38 -38.13
C TYR D 408 15.59 -1.31 -39.08
N ILE D 409 15.90 -0.13 -38.55
CA ILE D 409 16.45 0.94 -39.37
C ILE D 409 17.79 0.51 -39.95
N GLN D 410 18.65 -0.08 -39.11
CA GLN D 410 19.96 -0.49 -39.60
C GLN D 410 19.86 -1.59 -40.64
N SER D 411 18.81 -2.43 -40.58
CA SER D 411 18.68 -3.50 -41.56
C SER D 411 18.22 -2.96 -42.91
N THR D 412 17.25 -2.04 -42.91
CA THR D 412 16.70 -1.55 -44.16
C THR D 412 17.67 -0.58 -44.84
N PRO D 413 17.70 -0.57 -46.17
CA PRO D 413 18.58 0.38 -46.88
C PRO D 413 17.96 1.76 -47.01
N GLU D 414 16.63 1.83 -47.03
CA GLU D 414 15.95 3.12 -47.18
C GLU D 414 16.02 3.93 -45.90
N LEU D 415 15.50 3.37 -44.81
CA LEU D 415 15.44 4.10 -43.55
C LEU D 415 16.79 4.29 -42.89
N ARG D 416 17.84 3.68 -43.43
CA ARG D 416 19.15 3.69 -42.78
C ARG D 416 19.63 5.11 -42.49
N ASN D 417 19.51 6.00 -43.47
CA ASN D 417 20.05 7.35 -43.34
C ASN D 417 19.04 8.35 -42.80
N VAL D 418 17.79 8.25 -43.24
CA VAL D 418 16.80 9.29 -42.94
C VAL D 418 16.42 9.29 -41.47
N LEU D 419 16.32 8.11 -40.85
CA LEU D 419 15.80 7.98 -39.50
C LEU D 419 16.93 7.96 -38.47
N THR D 420 16.61 8.46 -37.28
CA THR D 420 17.55 8.45 -36.16
C THR D 420 16.74 8.44 -34.88
N PRO D 421 16.53 7.27 -34.28
CA PRO D 421 15.64 7.17 -33.12
C PRO D 421 16.29 7.68 -31.83
N GLN D 422 15.43 8.02 -30.89
CA GLN D 422 15.84 8.40 -29.54
C GLN D 422 14.62 8.21 -28.64
N PHE D 423 14.87 7.96 -27.36
CA PHE D 423 13.80 7.58 -26.45
C PHE D 423 13.92 8.31 -25.12
N MET D 424 12.80 8.36 -24.39
CA MET D 424 12.75 8.94 -23.05
C MET D 424 11.64 8.34 -22.23
N VAL D 425 11.89 8.23 -20.92
CA VAL D 425 10.87 8.01 -19.91
C VAL D 425 11.04 9.08 -18.84
N GLY D 426 10.29 8.95 -17.75
CA GLY D 426 10.48 9.86 -16.62
C GLY D 426 11.83 9.69 -15.97
N ARG D 427 11.99 10.16 -14.74
CA ARG D 427 13.26 9.94 -14.05
C ARG D 427 13.32 8.48 -13.61
N ASN D 428 14.28 8.16 -12.73
CA ASN D 428 14.70 6.79 -12.52
C ASN D 428 15.15 6.22 -13.85
N ASN D 429 15.85 7.05 -14.61
CA ASN D 429 16.14 6.85 -16.02
C ASN D 429 16.82 5.52 -16.24
N ILE D 430 16.12 4.60 -16.91
CA ILE D 430 16.69 3.29 -17.18
C ILE D 430 17.92 3.44 -18.07
N SER D 431 18.86 2.51 -17.93
CA SER D 431 20.08 2.57 -18.69
C SER D 431 19.76 2.45 -20.17
N PRO D 432 20.22 3.37 -21.02
CA PRO D 432 19.88 3.30 -22.44
C PRO D 432 20.70 2.29 -23.22
N ASP D 433 21.54 1.49 -22.55
CA ASP D 433 22.41 0.53 -23.20
C ASP D 433 22.01 -0.88 -22.81
N PHE D 434 22.34 -1.83 -23.67
CA PHE D 434 22.07 -3.24 -23.45
C PHE D 434 23.32 -4.04 -23.11
N GLU D 435 24.49 -3.40 -23.11
CA GLU D 435 25.76 -4.10 -22.95
C GLU D 435 26.14 -4.37 -21.50
N SER D 436 25.40 -3.80 -20.54
CA SER D 436 25.71 -3.95 -19.11
C SER D 436 27.08 -3.42 -18.76
N VAL D 437 27.51 -2.35 -19.44
CA VAL D 437 28.81 -1.74 -19.16
C VAL D 437 28.68 -0.83 -17.94
N LEU D 438 29.73 -0.80 -17.13
CA LEU D 438 29.68 -0.11 -15.84
C LEU D 438 29.55 1.40 -15.98
N GLU D 439 29.97 1.98 -17.09
CA GLU D 439 30.01 3.44 -17.22
C GLU D 439 29.61 3.86 -18.63
N ARG D 440 28.91 4.99 -18.70
CA ARG D 440 28.57 5.65 -19.96
C ARG D 440 29.02 7.10 -19.88
N LYS D 441 29.80 7.54 -20.87
CA LYS D 441 30.36 8.88 -20.84
C LYS D 441 29.39 9.95 -21.35
N TRP D 442 28.31 9.55 -22.02
CA TRP D 442 27.44 10.52 -22.67
C TRP D 442 26.76 11.41 -21.64
N GLN D 443 26.63 12.70 -21.99
CA GLN D 443 26.01 13.69 -21.12
C GLN D 443 24.93 14.52 -21.80
N LYS D 444 24.87 14.56 -23.13
CA LYS D 444 23.88 15.38 -23.81
C LYS D 444 22.48 14.79 -23.63
N SER D 445 21.51 15.66 -23.35
CA SER D 445 20.14 15.23 -23.12
C SER D 445 19.49 14.81 -24.43
N ALA D 446 18.50 13.91 -24.32
CA ALA D 446 17.77 13.46 -25.49
C ALA D 446 16.92 14.58 -26.10
N ILE D 447 16.36 15.44 -25.25
CA ILE D 447 15.48 16.50 -25.75
C ILE D 447 16.27 17.46 -26.62
N GLN D 448 17.50 17.78 -26.20
CA GLN D 448 18.34 18.66 -27.00
C GLN D 448 18.66 18.03 -28.35
N GLN D 449 18.96 16.73 -28.35
CA GLN D 449 19.21 16.04 -29.61
C GLN D 449 17.99 16.09 -30.52
N PHE D 450 16.80 15.97 -29.93
CA PHE D 450 15.57 16.02 -30.71
C PHE D 450 15.34 17.42 -31.28
N ARG D 451 15.47 18.45 -30.45
CA ARG D 451 15.18 19.80 -30.89
C ARG D 451 16.20 20.29 -31.91
N ASP D 452 17.47 19.92 -31.73
CA ASP D 452 18.53 20.36 -32.61
C ASP D 452 18.52 19.64 -33.96
N GLY D 453 17.68 18.63 -34.13
CA GLY D 453 17.66 17.84 -35.34
C GLY D 453 18.61 16.67 -35.36
N ASN D 454 19.31 16.40 -34.26
CA ASN D 454 20.18 15.23 -34.20
C ASN D 454 19.36 13.94 -34.29
N ALA D 455 18.26 13.88 -33.53
CA ALA D 455 17.35 12.74 -33.55
C ALA D 455 15.99 13.23 -34.02
N ASN D 456 15.45 12.60 -35.06
CA ASN D 456 14.20 13.02 -35.66
C ASN D 456 13.08 11.98 -35.47
N LEU D 457 13.21 11.10 -34.48
CA LEU D 457 12.19 10.09 -34.21
C LEU D 457 12.24 9.80 -32.72
N MET D 458 11.37 10.45 -31.96
CA MET D 458 11.44 10.45 -30.51
C MET D 458 10.44 9.44 -29.95
N ILE D 459 10.92 8.50 -29.16
CA ILE D 459 10.06 7.63 -28.38
C ILE D 459 9.83 8.28 -27.03
N CYS D 460 8.57 8.37 -26.62
CA CYS D 460 8.23 9.07 -25.38
C CYS D 460 7.07 8.36 -24.71
N SER D 461 6.93 8.60 -23.41
CA SER D 461 5.89 7.96 -22.60
C SER D 461 5.34 8.97 -21.61
N SER D 462 4.16 9.51 -21.90
CA SER D 462 3.37 10.30 -20.96
C SER D 462 4.13 11.48 -20.36
N VAL D 463 5.26 11.85 -20.95
CA VAL D 463 6.05 13.00 -20.49
C VAL D 463 6.11 14.08 -21.56
N LEU D 464 6.38 13.69 -22.81
CA LEU D 464 6.38 14.63 -23.92
C LEU D 464 4.98 15.03 -24.36
N GLU D 465 3.95 14.55 -23.65
CA GLU D 465 2.57 14.85 -24.03
C GLU D 465 2.13 16.26 -23.63
N GLU D 466 2.60 16.78 -22.50
CA GLU D 466 2.03 17.98 -21.89
C GLU D 466 2.86 19.21 -22.25
N GLY D 467 2.36 19.98 -23.21
CA GLY D 467 2.82 21.35 -23.44
C GLY D 467 4.26 21.48 -23.86
N ILE D 468 4.90 20.39 -24.28
CA ILE D 468 6.30 20.44 -24.64
C ILE D 468 6.44 21.14 -25.99
N ASP D 469 6.97 22.36 -25.98
CA ASP D 469 7.25 23.07 -27.21
C ASP D 469 8.43 22.43 -27.93
N VAL D 470 8.27 22.19 -29.23
CA VAL D 470 9.29 21.56 -30.05
C VAL D 470 9.29 22.21 -31.43
N GLN D 471 10.25 21.80 -32.24
CA GLN D 471 10.25 22.16 -33.65
C GLN D 471 8.97 21.65 -34.30
N ALA D 472 8.68 22.18 -35.49
CA ALA D 472 7.46 21.81 -36.20
C ALA D 472 7.46 20.32 -36.51
N CYS D 473 6.68 19.55 -35.76
CA CYS D 473 6.64 18.10 -35.89
C CYS D 473 5.62 17.70 -36.95
N ASN D 474 6.11 17.10 -38.04
CA ASN D 474 5.22 16.79 -39.15
C ASN D 474 4.32 15.59 -38.86
N HIS D 475 4.75 14.68 -37.99
CA HIS D 475 3.96 13.49 -37.69
C HIS D 475 3.98 13.21 -36.20
N VAL D 476 2.88 12.65 -35.71
CA VAL D 476 2.78 12.15 -34.35
C VAL D 476 2.06 10.80 -34.39
N PHE D 477 2.66 9.79 -33.76
CA PHE D 477 2.09 8.45 -33.71
C PHE D 477 1.71 8.11 -32.28
N ILE D 478 0.47 7.68 -32.09
CA ILE D 478 0.00 7.20 -30.80
C ILE D 478 -0.08 5.68 -30.90
N LEU D 479 0.96 5.00 -30.43
CA LEU D 479 1.04 3.56 -30.64
C LEU D 479 0.12 2.80 -29.71
N ASP D 480 -0.04 3.25 -28.49
CA ASP D 480 -0.98 2.57 -27.60
C ASP D 480 -2.32 3.31 -27.59
N PRO D 481 -3.42 2.61 -27.31
CA PRO D 481 -4.72 3.27 -27.35
C PRO D 481 -4.83 4.40 -26.32
N VAL D 482 -5.54 5.46 -26.71
CA VAL D 482 -5.69 6.62 -25.84
C VAL D 482 -6.63 6.28 -24.69
N LYS D 483 -6.27 6.72 -23.49
CA LYS D 483 -7.01 6.38 -22.29
C LYS D 483 -7.91 7.50 -21.78
N THR D 484 -7.48 8.76 -21.87
CA THR D 484 -8.16 9.86 -21.21
C THR D 484 -8.33 11.02 -22.17
N PHE D 485 -9.35 11.84 -21.91
CA PHE D 485 -9.67 12.96 -22.78
C PHE D 485 -8.48 13.92 -22.92
N ASN D 486 -7.90 14.34 -21.81
CA ASN D 486 -6.78 15.27 -21.87
C ASN D 486 -5.58 14.66 -22.57
N MET D 487 -5.40 13.34 -22.43
CA MET D 487 -4.31 12.69 -23.16
C MET D 487 -4.49 12.83 -24.66
N TYR D 488 -5.72 12.58 -25.14
CA TYR D 488 -6.01 12.75 -26.56
C TYR D 488 -5.79 14.21 -26.99
N VAL D 489 -6.30 15.14 -26.20
CA VAL D 489 -6.22 16.55 -26.59
C VAL D 489 -4.77 16.99 -26.71
N GLN D 490 -3.96 16.70 -25.68
CA GLN D 490 -2.58 17.17 -25.70
C GLN D 490 -1.75 16.41 -26.73
N SER D 491 -2.01 15.10 -26.90
CA SER D 491 -1.28 14.35 -27.91
C SER D 491 -1.56 14.88 -29.30
N LYS D 492 -2.81 15.25 -29.58
CA LYS D 492 -3.10 15.89 -30.85
C LYS D 492 -2.42 17.26 -30.94
N GLY D 493 -2.38 17.98 -29.82
CA GLY D 493 -1.78 19.31 -29.81
C GLY D 493 -0.28 19.33 -30.01
N ARG D 494 0.41 18.23 -29.73
CA ARG D 494 1.86 18.21 -29.89
C ARG D 494 2.28 18.36 -31.34
N ALA D 495 1.41 18.06 -32.30
CA ALA D 495 1.76 18.12 -33.73
C ALA D 495 1.62 19.57 -34.21
N ARG D 496 2.56 20.39 -33.76
CA ARG D 496 2.50 21.84 -34.01
C ARG D 496 3.20 22.18 -35.31
N THR D 497 2.46 21.98 -36.42
CA THR D 497 2.90 22.45 -37.72
C THR D 497 1.73 22.38 -38.69
N THR D 498 1.91 23.05 -39.83
CA THR D 498 0.95 22.93 -40.92
C THR D 498 1.12 21.58 -41.59
N GLU D 499 -0.02 20.96 -41.96
CA GLU D 499 -0.03 19.63 -42.57
C GLU D 499 0.63 18.60 -41.65
N ALA D 500 0.35 18.71 -40.35
CA ALA D 500 0.80 17.71 -39.40
C ALA D 500 -0.10 16.49 -39.45
N LYS D 501 0.51 15.32 -39.43
CA LYS D 501 -0.22 14.06 -39.51
C LYS D 501 -0.26 13.41 -38.13
N PHE D 502 -1.46 13.15 -37.63
CA PHE D 502 -1.66 12.51 -36.34
C PHE D 502 -2.28 11.15 -36.57
N VAL D 503 -1.58 10.10 -36.16
CA VAL D 503 -1.93 8.72 -36.51
C VAL D 503 -2.31 7.97 -35.25
N LEU D 504 -3.42 7.24 -35.31
CA LEU D 504 -3.86 6.35 -34.25
C LEU D 504 -3.83 4.91 -34.73
N PHE D 505 -3.34 4.02 -33.88
CA PHE D 505 -3.30 2.59 -34.17
C PHE D 505 -4.33 1.89 -33.32
N THR D 506 -5.31 1.25 -33.97
CA THR D 506 -6.39 0.59 -33.27
C THR D 506 -6.64 -0.78 -33.85
N ALA D 507 -7.03 -1.72 -32.99
CA ALA D 507 -7.37 -3.06 -33.40
C ALA D 507 -8.72 -3.08 -34.11
N ASP D 508 -8.92 -4.11 -34.94
CA ASP D 508 -10.19 -4.26 -35.62
C ASP D 508 -11.32 -4.46 -34.62
N LYS D 509 -11.09 -5.27 -33.57
CA LYS D 509 -12.11 -5.53 -32.58
C LYS D 509 -12.35 -4.36 -31.63
N GLU D 510 -11.44 -3.38 -31.60
CA GLU D 510 -11.60 -2.20 -30.76
C GLU D 510 -11.88 -0.94 -31.56
N ARG D 511 -12.00 -1.06 -32.89
CA ARG D 511 -12.11 0.11 -33.73
C ARG D 511 -13.34 0.93 -33.37
N GLU D 512 -14.50 0.29 -33.31
CA GLU D 512 -15.76 1.01 -33.09
C GLU D 512 -15.81 1.66 -31.72
N LYS D 513 -15.31 0.95 -30.70
CA LYS D 513 -15.25 1.56 -29.37
C LYS D 513 -14.33 2.78 -29.38
N THR D 514 -13.18 2.68 -30.04
CA THR D 514 -12.30 3.84 -30.14
C THR D 514 -12.98 4.98 -30.88
N ILE D 515 -13.75 4.66 -31.92
CA ILE D 515 -14.42 5.69 -32.70
C ILE D 515 -15.45 6.42 -31.85
N GLN D 516 -16.25 5.67 -31.10
CA GLN D 516 -17.24 6.29 -30.23
C GLN D 516 -16.55 7.15 -29.18
N GLN D 517 -15.44 6.67 -28.62
CA GLN D 517 -14.71 7.47 -27.64
C GLN D 517 -14.17 8.76 -28.26
N ILE D 518 -13.61 8.67 -29.46
CA ILE D 518 -13.02 9.85 -30.10
C ILE D 518 -14.08 10.88 -30.43
N TYR D 519 -15.22 10.43 -30.97
CA TYR D 519 -16.28 11.39 -31.29
C TYR D 519 -16.96 11.93 -30.03
N GLN D 520 -17.01 11.15 -28.96
CA GLN D 520 -17.46 11.69 -27.69
C GLN D 520 -16.51 12.77 -27.19
N TYR D 521 -15.20 12.56 -27.38
CA TYR D 521 -14.22 13.58 -27.02
C TYR D 521 -14.40 14.83 -27.85
N ARG D 522 -14.62 14.68 -29.16
CA ARG D 522 -14.83 15.84 -30.02
C ARG D 522 -16.10 16.58 -29.64
N LYS D 523 -17.16 15.85 -29.31
CA LYS D 523 -18.39 16.49 -28.86
C LYS D 523 -18.17 17.25 -27.57
N ALA D 524 -17.37 16.68 -26.65
CA ALA D 524 -17.06 17.39 -25.42
C ALA D 524 -16.28 18.67 -25.71
N HIS D 525 -15.31 18.60 -26.63
CA HIS D 525 -14.55 19.80 -26.98
C HIS D 525 -15.46 20.87 -27.57
N ASN D 526 -16.35 20.48 -28.49
CA ASN D 526 -17.26 21.43 -29.10
C ASN D 526 -18.20 22.02 -28.06
N ASP D 527 -18.69 21.20 -27.14
CA ASP D 527 -19.66 21.71 -26.17
C ASP D 527 -19.00 22.63 -25.14
N ILE D 528 -17.76 22.35 -24.74
CA ILE D 528 -17.09 23.25 -23.82
C ILE D 528 -16.76 24.57 -24.52
N ALA D 529 -16.36 24.51 -25.79
CA ALA D 529 -16.14 25.75 -26.53
C ALA D 529 -17.43 26.55 -26.65
N GLU D 530 -18.54 25.88 -26.94
CA GLU D 530 -19.83 26.56 -27.04
C GLU D 530 -20.25 27.14 -25.70
N TYR D 531 -19.98 26.43 -24.61
CA TYR D 531 -20.32 26.93 -23.28
C TYR D 531 -19.55 28.21 -22.96
N LEU D 532 -18.25 28.23 -23.28
CA LEU D 532 -17.49 29.45 -23.07
C LEU D 532 -17.93 30.56 -24.03
N LYS D 533 -18.41 30.19 -25.21
CA LYS D 533 -18.94 31.19 -26.14
C LYS D 533 -20.23 31.81 -25.62
N ASP D 534 -21.05 31.02 -24.95
CA ASP D 534 -22.41 31.42 -24.57
C ASP D 534 -22.49 32.05 -23.19
N ARG D 535 -21.76 31.52 -22.22
CA ARG D 535 -21.95 31.94 -20.83
C ARG D 535 -21.59 33.41 -20.65
N VAL D 536 -22.33 34.08 -19.78
CA VAL D 536 -22.03 35.44 -19.35
C VAL D 536 -22.12 35.48 -17.83
N LEU D 537 -21.08 36.02 -17.19
CA LEU D 537 -21.02 36.08 -15.74
C LEU D 537 -20.67 37.49 -15.30
N GLU D 538 -21.10 37.84 -14.10
CA GLU D 538 -21.01 39.22 -13.62
C GLU D 538 -19.74 39.51 -12.83
N LYS D 539 -19.37 38.63 -11.90
CA LYS D 539 -18.28 38.94 -10.98
C LYS D 539 -16.91 38.56 -11.52
N THR D 540 -16.83 37.57 -12.41
CA THR D 540 -15.59 37.05 -12.98
C THR D 540 -14.66 36.43 -11.95
N GLU D 541 -15.11 36.30 -10.70
CA GLU D 541 -14.35 35.65 -9.65
C GLU D 541 -15.29 34.82 -8.78
N PRO D 542 -14.77 33.77 -8.14
CA PRO D 542 -15.60 32.99 -7.21
C PRO D 542 -15.89 33.80 -5.94
N GLU D 543 -16.87 33.31 -5.19
CA GLU D 543 -17.31 33.94 -3.95
C GLU D 543 -16.65 33.29 -2.75
N LEU D 544 -16.66 34.03 -1.64
CA LEU D 544 -16.09 33.50 -0.40
C LEU D 544 -16.89 32.31 0.12
N TYR D 545 -18.21 32.38 0.02
CA TYR D 545 -19.05 31.31 0.55
C TYR D 545 -18.76 29.98 -0.13
N GLU D 546 -18.74 29.97 -1.47
CA GLU D 546 -18.52 28.74 -2.21
C GLU D 546 -17.11 28.20 -1.97
N ILE D 547 -16.12 29.09 -1.91
CA ILE D 547 -14.74 28.65 -1.68
C ILE D 547 -14.62 28.01 -0.30
N LYS D 548 -15.18 28.66 0.72
CA LYS D 548 -15.12 28.12 2.07
C LYS D 548 -15.85 26.78 2.17
N GLY D 549 -17.02 26.69 1.56
CA GLY D 549 -17.75 25.43 1.57
C GLY D 549 -17.04 24.31 0.84
N HIS D 550 -16.35 24.65 -0.26
CA HIS D 550 -15.65 23.63 -1.03
C HIS D 550 -14.39 23.15 -0.33
N PHE D 551 -13.65 24.05 0.31
CA PHE D 551 -12.40 23.66 0.96
C PHE D 551 -12.60 23.29 2.43
N GLN D 552 -13.09 24.23 3.23
CA GLN D 552 -13.09 24.07 4.69
C GLN D 552 -14.24 23.19 5.17
N ASP D 553 -14.21 21.94 4.72
CA ASP D 553 -15.11 20.92 5.23
C ASP D 553 -14.43 19.60 5.53
N ASP D 554 -13.20 19.38 5.07
CA ASP D 554 -12.44 18.18 5.37
C ASP D 554 -11.59 18.41 6.63
N ILE D 555 -10.62 17.54 6.86
CA ILE D 555 -9.76 17.65 8.03
C ILE D 555 -9.10 19.03 8.06
N ASP D 556 -9.15 19.67 9.23
CA ASP D 556 -8.64 21.03 9.36
C ASP D 556 -7.12 21.05 9.24
N PRO D 557 -6.56 22.12 8.69
CA PRO D 557 -5.11 22.29 8.70
C PRO D 557 -4.62 22.83 10.04
N PHE D 558 -3.30 22.84 10.19
CA PHE D 558 -2.69 23.32 11.42
C PHE D 558 -1.57 24.30 11.10
N THR D 559 -1.55 25.42 11.83
CA THR D 559 -0.48 26.40 11.75
C THR D 559 0.04 26.68 13.14
N ASN D 560 1.35 26.83 13.26
CA ASN D 560 1.98 27.05 14.55
C ASN D 560 2.03 28.55 14.85
N GLU D 561 2.76 28.92 15.90
CA GLU D 561 2.88 30.32 16.30
C GLU D 561 3.85 31.11 15.44
N ASN D 562 4.50 30.47 14.46
CA ASN D 562 5.48 31.14 13.61
C ASN D 562 5.05 31.15 12.15
N GLY D 563 3.77 30.92 11.86
CA GLY D 563 3.27 30.96 10.51
C GLY D 563 3.50 29.71 9.70
N ALA D 564 4.27 28.75 10.20
CA ALA D 564 4.47 27.51 9.46
C ALA D 564 3.17 26.73 9.37
N VAL D 565 2.94 26.12 8.21
CA VAL D 565 1.68 25.46 7.90
C VAL D 565 1.92 23.97 7.74
N LEU D 566 1.15 23.16 8.45
CA LEU D 566 1.16 21.71 8.31
C LEU D 566 -0.15 21.28 7.65
N LEU D 567 -0.04 20.49 6.59
CA LEU D 567 -1.23 20.09 5.88
C LEU D 567 -1.52 18.60 6.07
N PRO D 568 -2.79 18.21 6.13
CA PRO D 568 -3.11 16.81 6.41
C PRO D 568 -2.54 15.84 5.38
N ASN D 569 -2.52 16.22 4.10
CA ASN D 569 -2.00 15.32 3.08
C ASN D 569 -0.50 15.13 3.20
N ASN D 570 0.20 16.14 3.73
CA ASN D 570 1.65 16.07 3.89
C ASN D 570 2.08 15.43 5.20
N ALA D 571 1.12 15.06 6.07
CA ALA D 571 1.48 14.49 7.36
C ALA D 571 2.22 13.17 7.20
N LEU D 572 1.74 12.30 6.30
CA LEU D 572 2.41 11.02 6.07
C LEU D 572 3.82 11.22 5.53
N ALA D 573 3.97 12.13 4.56
CA ALA D 573 5.30 12.39 4.01
C ALA D 573 6.24 12.93 5.08
N ILE D 574 5.75 13.85 5.92
CA ILE D 574 6.58 14.41 6.98
C ILE D 574 7.00 13.33 7.95
N LEU D 575 6.07 12.47 8.35
CA LEU D 575 6.38 11.43 9.32
C LEU D 575 7.39 10.42 8.74
N HIS D 576 7.19 10.00 7.49
CA HIS D 576 8.13 9.06 6.89
C HIS D 576 9.51 9.69 6.72
N ARG D 577 9.55 10.97 6.33
CA ARG D 577 10.84 11.65 6.21
C ARG D 577 11.55 11.73 7.56
N TYR D 578 10.81 12.06 8.62
CA TYR D 578 11.41 12.14 9.94
C TYR D 578 11.91 10.78 10.39
N CYS D 579 11.16 9.72 10.09
CA CYS D 579 11.60 8.37 10.46
C CYS D 579 12.87 7.97 9.72
N GLN D 580 13.10 8.50 8.53
CA GLN D 580 14.30 8.12 7.77
C GLN D 580 15.55 8.75 8.36
N THR D 581 15.42 9.86 9.07
CA THR D 581 16.59 10.53 9.62
C THR D 581 17.12 9.87 10.88
N ILE D 582 16.25 9.24 11.67
CA ILE D 582 16.62 8.76 13.00
C ILE D 582 17.53 7.53 13.02
N PRO D 583 17.46 6.58 12.08
CA PRO D 583 18.30 5.38 12.23
C PRO D 583 19.78 5.72 12.19
N THR D 584 20.49 5.31 13.24
CA THR D 584 21.90 5.66 13.38
C THR D 584 22.82 4.85 12.48
N ASP D 585 22.34 3.71 11.96
CA ASP D 585 23.16 2.84 11.14
C ASP D 585 22.35 2.34 9.95
N ALA D 586 23.06 1.81 8.96
CA ALA D 586 22.40 1.34 7.74
C ALA D 586 21.53 0.10 7.98
N PHE D 587 21.73 -0.59 9.10
CA PHE D 587 20.93 -1.77 9.39
C PHE D 587 19.64 -1.45 10.14
N GLY D 588 19.65 -0.43 11.00
CA GLY D 588 18.51 -0.16 11.85
C GLY D 588 17.40 0.65 11.22
N PHE D 589 17.18 0.48 9.92
CA PHE D 589 16.09 1.18 9.26
C PHE D 589 14.76 0.59 9.67
N VAL D 590 13.82 1.45 10.05
CA VAL D 590 12.53 1.03 10.58
C VAL D 590 11.49 2.08 10.23
N ILE D 591 10.27 1.64 9.98
CA ILE D 591 9.19 2.50 9.51
C ILE D 591 8.05 2.43 10.53
N PRO D 592 7.15 3.41 10.54
CA PRO D 592 6.03 3.36 11.48
C PRO D 592 5.14 2.15 11.24
N TRP D 593 4.55 1.64 12.31
CA TRP D 593 3.68 0.48 12.26
C TRP D 593 2.23 0.94 12.37
N PHE D 594 1.56 1.05 11.22
CA PHE D 594 0.14 1.38 11.20
C PHE D 594 -0.68 0.14 11.52
N HIS D 595 -1.73 0.33 12.33
CA HIS D 595 -2.60 -0.77 12.71
C HIS D 595 -4.02 -0.25 12.84
N VAL D 596 -4.98 -1.09 12.47
CA VAL D 596 -6.39 -0.76 12.52
C VAL D 596 -7.02 -1.49 13.71
N LEU D 597 -7.71 -0.73 14.56
CA LEU D 597 -8.30 -1.31 15.76
C LEU D 597 -9.57 -2.09 15.43
N GLN D 598 -9.87 -3.07 16.26
CA GLN D 598 -11.06 -3.89 16.09
C GLN D 598 -12.22 -3.33 16.92
N GLU D 599 -13.42 -3.86 16.64
CA GLU D 599 -14.64 -3.27 17.19
C GLU D 599 -14.64 -3.29 18.72
N ASP D 600 -14.18 -4.38 19.32
CA ASP D 600 -14.09 -4.42 20.78
C ASP D 600 -13.13 -3.37 21.30
N GLU D 601 -11.97 -3.22 20.64
CA GLU D 601 -11.03 -2.17 21.00
C GLU D 601 -11.63 -0.79 20.75
N ARG D 602 -12.32 -0.62 19.62
CA ARG D 602 -12.96 0.65 19.33
C ARG D 602 -13.93 1.05 20.44
N ASP D 603 -14.76 0.10 20.88
CA ASP D 603 -15.66 0.37 21.99
C ASP D 603 -14.86 0.73 23.25
N ARG D 604 -13.94 -0.16 23.65
CA ARG D 604 -13.25 0.01 24.91
C ARG D 604 -12.48 1.33 24.98
N ILE D 605 -12.09 1.88 23.83
CA ILE D 605 -11.29 3.10 23.81
C ILE D 605 -12.16 4.34 23.61
N PHE D 606 -13.16 4.29 22.73
CA PHE D 606 -13.86 5.49 22.30
C PHE D 606 -15.31 5.58 22.75
N GLY D 607 -15.85 4.58 23.43
CA GLY D 607 -17.28 4.59 23.68
C GLY D 607 -18.06 4.20 22.44
N VAL D 608 -19.35 4.54 22.47
CA VAL D 608 -20.23 4.22 21.35
C VAL D 608 -19.98 5.14 20.15
N SER D 609 -19.36 6.30 20.37
CA SER D 609 -19.20 7.29 19.32
C SER D 609 -18.40 6.77 18.13
N ALA D 610 -17.60 5.73 18.32
CA ALA D 610 -16.79 5.17 17.23
C ALA D 610 -17.53 4.10 16.44
N LYS D 611 -18.81 3.85 16.75
CA LYS D 611 -19.57 2.82 16.05
C LYS D 611 -19.65 3.11 14.56
N GLY D 612 -19.20 2.15 13.76
CA GLY D 612 -19.32 2.26 12.32
C GLY D 612 -18.28 3.12 11.63
N LYS D 613 -17.27 3.60 12.37
CA LYS D 613 -16.21 4.42 11.78
C LYS D 613 -14.86 3.80 12.11
N HIS D 614 -13.95 3.84 11.14
CA HIS D 614 -12.63 3.24 11.31
C HIS D 614 -11.73 4.11 12.17
N VAL D 615 -10.81 3.45 12.88
CA VAL D 615 -9.76 4.11 13.63
C VAL D 615 -8.45 3.40 13.34
N ILE D 616 -7.36 4.17 13.27
CA ILE D 616 -6.04 3.64 12.96
C ILE D 616 -5.11 3.92 14.13
N SER D 617 -4.46 2.88 14.63
CA SER D 617 -3.44 2.99 15.66
C SER D 617 -2.06 2.93 14.99
N ILE D 618 -1.18 3.84 15.39
CA ILE D 618 0.16 3.92 14.83
C ILE D 618 1.17 3.73 15.94
N ASN D 619 2.15 2.85 15.72
CA ASN D 619 3.17 2.54 16.70
C ASN D 619 4.51 3.07 16.20
N MET D 620 5.11 3.95 17.00
CA MET D 620 6.32 4.64 16.62
C MET D 620 7.52 3.74 16.92
N PRO D 621 8.59 3.81 16.14
CA PRO D 621 9.76 2.98 16.44
C PRO D 621 10.45 3.39 17.73
N VAL D 622 11.17 2.42 18.30
CA VAL D 622 11.63 2.50 19.68
C VAL D 622 12.61 3.64 19.90
N ASN D 623 13.41 3.99 18.89
CA ASN D 623 14.37 5.07 19.07
C ASN D 623 13.71 6.42 19.27
N CYS D 624 12.50 6.60 18.75
CA CYS D 624 11.84 7.91 18.85
C CYS D 624 11.31 8.14 20.25
N MET D 625 10.89 9.39 20.47
CA MET D 625 10.33 9.79 21.76
C MET D 625 9.05 9.03 22.07
N LEU D 626 8.24 8.77 21.06
CA LEU D 626 6.88 8.25 21.27
C LEU D 626 6.87 6.74 21.49
N ARG D 627 6.16 6.31 22.53
CA ARG D 627 5.77 4.92 22.72
C ARG D 627 4.35 4.82 23.25
N ASP D 628 3.47 5.71 22.78
CA ASP D 628 2.10 5.79 23.28
C ASP D 628 1.07 5.25 22.30
N THR D 629 1.47 4.82 21.11
CA THR D 629 0.57 4.21 20.12
C THR D 629 -0.61 5.13 19.82
N ILE D 630 -0.28 6.27 19.23
CA ILE D 630 -1.28 7.31 18.95
C ILE D 630 -2.41 6.74 18.10
N TYR D 631 -3.64 7.03 18.49
CA TYR D 631 -4.83 6.62 17.77
C TYR D 631 -5.43 7.80 17.03
N SER D 632 -6.11 7.52 15.93
CA SER D 632 -6.81 8.54 15.17
C SER D 632 -8.27 8.62 15.59
N ASP D 633 -8.88 9.76 15.31
CA ASP D 633 -10.30 9.92 15.56
C ASP D 633 -11.09 9.05 14.58
N PRO D 634 -12.30 8.63 14.97
CA PRO D 634 -13.11 7.78 14.08
C PRO D 634 -13.47 8.48 12.78
N MET D 635 -12.90 8.03 11.67
CA MET D 635 -13.13 8.60 10.36
C MET D 635 -14.03 7.69 9.54
N ASP D 636 -14.66 8.28 8.52
CA ASP D 636 -15.59 7.54 7.68
C ASP D 636 -14.94 6.40 6.92
N ASN D 637 -13.63 6.46 6.69
CA ASN D 637 -12.92 5.43 5.98
C ASN D 637 -11.52 5.27 6.56
N VAL D 638 -10.91 4.12 6.26
CA VAL D 638 -9.61 3.81 6.83
C VAL D 638 -8.53 4.75 6.29
N LYS D 639 -8.65 5.20 5.05
CA LYS D 639 -7.67 6.13 4.50
C LYS D 639 -7.67 7.45 5.29
N THR D 640 -8.85 8.00 5.52
CA THR D 640 -8.95 9.22 6.31
C THR D 640 -8.49 8.99 7.74
N ALA D 641 -8.73 7.78 8.28
CA ALA D 641 -8.22 7.46 9.60
C ALA D 641 -6.70 7.48 9.63
N LYS D 642 -6.06 6.94 8.60
CA LYS D 642 -4.60 6.99 8.52
C LYS D 642 -4.11 8.42 8.41
N ILE D 643 -4.79 9.24 7.61
CA ILE D 643 -4.39 10.65 7.49
C ILE D 643 -4.50 11.34 8.84
N SER D 644 -5.59 11.10 9.56
CA SER D 644 -5.77 11.72 10.88
C SER D 644 -4.72 11.24 11.86
N ALA D 645 -4.38 9.95 11.82
CA ALA D 645 -3.35 9.42 12.71
C ALA D 645 -2.01 10.07 12.43
N ALA D 646 -1.64 10.20 11.16
CA ALA D 646 -0.39 10.86 10.82
C ALA D 646 -0.40 12.32 11.25
N PHE D 647 -1.54 13.00 11.06
CA PHE D 647 -1.66 14.39 11.46
C PHE D 647 -1.48 14.56 12.96
N LYS D 648 -2.12 13.69 13.74
CA LYS D 648 -1.99 13.75 15.19
C LYS D 648 -0.57 13.43 15.63
N ALA D 649 0.06 12.44 14.99
CA ALA D 649 1.43 12.10 15.33
C ALA D 649 2.38 13.26 15.06
N CYS D 650 2.19 13.94 13.91
CA CYS D 650 3.02 15.10 13.60
C CYS D 650 2.78 16.23 14.60
N LYS D 651 1.53 16.45 14.99
CA LYS D 651 1.25 17.47 15.99
C LYS D 651 1.93 17.15 17.31
N VAL D 652 1.88 15.88 17.74
CA VAL D 652 2.54 15.49 18.99
C VAL D 652 4.04 15.67 18.88
N LEU D 653 4.62 15.28 17.75
CA LEU D 653 6.06 15.46 17.54
C LEU D 653 6.44 16.93 17.63
N TYR D 654 5.61 17.80 17.05
CA TYR D 654 5.84 19.23 17.18
C TYR D 654 5.77 19.65 18.64
N SER D 655 4.81 19.08 19.39
CA SER D 655 4.66 19.44 20.80
C SER D 655 5.89 19.04 21.62
N LEU D 656 6.59 17.99 21.22
CA LEU D 656 7.76 17.52 21.94
C LEU D 656 9.07 18.12 21.41
N GLY D 657 9.01 19.01 20.43
CA GLY D 657 10.20 19.62 19.90
C GLY D 657 10.96 18.79 18.91
N GLU D 658 10.42 17.65 18.49
CA GLU D 658 11.11 16.82 17.50
C GLU D 658 11.08 17.45 16.11
N LEU D 659 10.31 18.52 15.92
CA LEU D 659 10.29 19.28 14.68
C LEU D 659 10.95 20.64 14.91
N ASN D 660 11.37 21.26 13.81
CA ASN D 660 12.17 22.48 13.85
C ASN D 660 11.32 23.74 13.81
N GLU D 661 10.13 23.71 14.41
CA GLU D 661 9.12 24.77 14.37
C GLU D 661 8.82 25.23 12.94
N ARG D 662 9.23 24.42 11.96
CA ARG D 662 8.82 24.61 10.57
C ARG D 662 8.35 23.30 9.95
N PHE D 663 8.01 22.32 10.80
CA PHE D 663 7.37 21.07 10.39
C PHE D 663 8.27 20.23 9.49
N VAL D 664 9.58 20.26 9.75
CA VAL D 664 10.49 19.26 9.18
C VAL D 664 11.34 18.74 10.33
N PRO D 665 11.88 17.52 10.26
CA PRO D 665 12.59 16.95 11.41
C PRO D 665 13.80 17.77 11.80
N LYS D 666 14.03 17.88 13.10
CA LYS D 666 15.15 18.65 13.62
C LYS D 666 16.47 18.01 13.23
N THR D 667 17.42 18.84 12.83
CA THR D 667 18.77 18.39 12.51
C THR D 667 19.66 18.50 13.73
N LEU D 668 20.83 17.86 13.64
CA LEU D 668 21.79 17.91 14.75
C LEU D 668 22.29 19.33 14.98
N LYS D 669 22.47 20.10 13.91
CA LYS D 669 23.03 21.44 14.03
C LYS D 669 22.16 22.32 14.92
N GLU D 670 20.84 22.33 14.67
CA GLU D 670 19.97 23.15 15.49
C GLU D 670 19.86 22.61 16.91
N ARG D 671 19.90 21.28 17.07
CA ARG D 671 19.81 20.70 18.40
C ARG D 671 20.99 21.13 19.27
N VAL D 672 22.19 21.13 18.70
CA VAL D 672 23.34 21.57 19.46
C VAL D 672 23.38 23.09 19.59
N ALA D 673 22.85 23.82 18.59
CA ALA D 673 22.86 25.28 18.68
C ALA D 673 21.94 25.77 19.78
N SER D 674 20.80 25.10 19.99
CA SER D 674 19.87 25.51 21.03
C SER D 674 20.48 25.38 22.43
N ILE D 675 21.58 24.64 22.57
CA ILE D 675 22.25 24.45 23.84
C ILE D 675 23.62 25.14 23.88
N ALA D 676 24.13 25.57 22.72
CA ALA D 676 25.42 26.23 22.67
C ALA D 676 25.44 27.47 23.55
N ASP D 677 24.38 28.28 23.50
CA ASP D 677 24.37 29.53 24.24
C ASP D 677 24.29 29.34 25.75
N VAL D 678 24.00 28.13 26.22
CA VAL D 678 23.89 27.88 27.65
C VAL D 678 25.05 27.04 28.19
N HIS D 679 25.68 26.20 27.36
CA HIS D 679 26.87 25.48 27.80
C HIS D 679 28.16 25.95 27.15
N PHE D 680 28.10 26.88 26.19
CA PHE D 680 29.29 27.41 25.55
C PHE D 680 29.21 28.92 25.39
N GLU D 681 28.45 29.58 26.28
CA GLU D 681 28.41 31.04 26.28
C GLU D 681 29.79 31.63 26.54
N HIS D 682 30.63 30.92 27.30
CA HIS D 682 31.97 31.41 27.59
C HIS D 682 32.84 31.52 26.34
N TRP D 683 32.44 30.88 25.23
CA TRP D 683 33.18 31.07 23.99
C TRP D 683 33.06 32.51 23.48
N ASN D 684 31.96 33.18 23.80
CA ASN D 684 31.72 34.51 23.26
C ASN D 684 32.75 35.52 23.75
N LYS D 685 33.11 35.46 25.03
CA LYS D 685 34.06 36.42 25.57
C LYS D 685 35.45 36.29 24.98
N TYR D 686 35.74 35.18 24.29
CA TYR D 686 36.96 35.04 23.51
C TYR D 686 36.75 35.26 22.03
N GLY D 687 35.60 35.81 21.65
CA GLY D 687 35.32 36.08 20.25
C GLY D 687 35.18 34.85 19.39
N ASP D 688 34.45 33.84 19.87
CA ASP D 688 34.25 32.63 19.08
C ASP D 688 32.90 32.02 19.43
N SER D 689 32.40 31.19 18.52
CA SER D 689 31.17 30.44 18.73
C SER D 689 31.40 29.00 18.33
N VAL D 690 30.91 28.07 19.16
CA VAL D 690 31.12 26.65 18.91
C VAL D 690 30.42 26.22 17.63
N THR D 691 29.35 26.90 17.24
CA THR D 691 28.65 26.54 16.01
C THR D 691 29.47 26.83 14.77
N ALA D 692 30.41 27.76 14.83
CA ALA D 692 31.20 28.11 13.67
C ALA D 692 32.22 27.01 13.34
N THR D 693 32.60 26.94 12.08
CA THR D 693 33.55 25.95 11.58
C THR D 693 34.87 26.57 11.14
N VAL D 694 34.83 27.72 10.45
CA VAL D 694 36.05 28.34 9.96
C VAL D 694 36.94 28.83 11.09
N ASN D 695 36.42 28.94 12.31
CA ASN D 695 37.21 29.41 13.44
C ASN D 695 38.31 28.42 13.82
N LYS D 696 38.22 27.18 13.38
CA LYS D 696 39.21 26.15 13.70
C LYS D 696 40.18 25.87 12.57
N ALA D 697 40.15 26.69 11.51
CA ALA D 697 41.10 26.53 10.41
C ALA D 697 42.54 26.82 10.83
N ASP D 698 42.74 27.59 11.89
CA ASP D 698 44.06 27.90 12.40
C ASP D 698 44.16 27.54 13.87
N LYS D 699 43.72 26.34 14.23
CA LYS D 699 43.64 25.93 15.63
C LYS D 699 45.01 25.83 16.29
N SER D 700 46.08 25.80 15.51
CA SER D 700 47.44 25.74 16.08
C SER D 700 47.89 27.04 16.70
N LYS D 701 46.99 28.02 16.86
CA LYS D 701 47.36 29.33 17.38
C LYS D 701 47.74 29.19 18.85
N ASP D 702 49.05 29.21 19.12
CA ASP D 702 49.54 29.11 20.49
C ASP D 702 49.18 30.38 21.26
N ARG D 703 48.75 30.20 22.51
CA ARG D 703 48.35 31.32 23.35
C ARG D 703 49.54 31.87 24.11
N THR D 704 49.62 33.19 24.18
CA THR D 704 50.71 33.90 24.83
C THR D 704 50.22 34.53 26.13
N TYR D 705 51.00 34.38 27.19
CA TYR D 705 50.60 34.86 28.51
C TYR D 705 51.71 35.65 29.17
N LYS D 706 51.31 36.64 29.95
CA LYS D 706 52.24 37.31 30.86
C LYS D 706 52.48 36.43 32.07
N THR D 707 53.73 36.01 32.26
CA THR D 707 54.05 35.18 33.40
C THR D 707 54.07 36.02 34.68
N GLU D 708 53.94 35.33 35.81
CA GLU D 708 53.95 35.99 37.10
C GLU D 708 54.54 35.06 38.15
N CYS D 709 54.94 35.64 39.26
CA CYS D 709 55.60 34.92 40.34
C CYS D 709 54.59 34.54 41.42
N PRO D 710 54.92 33.55 42.25
CA PRO D 710 54.00 33.17 43.34
C PRO D 710 53.84 34.25 44.39
N LEU D 711 53.02 33.97 45.41
CA LEU D 711 52.77 34.97 46.45
C LEU D 711 54.03 35.29 47.23
N GLU D 712 54.81 34.28 47.60
CA GLU D 712 56.01 34.51 48.39
C GLU D 712 57.06 35.28 47.60
N PHE D 713 57.05 35.13 46.27
CA PHE D 713 58.03 35.81 45.42
C PHE D 713 57.66 37.26 45.14
N TYR D 714 56.41 37.65 45.38
CA TYR D 714 55.97 39.01 45.07
C TYR D 714 56.33 39.94 46.21
N ASP D 715 57.05 41.02 45.88
CA ASP D 715 57.40 42.07 46.85
C ASP D 715 58.11 41.48 48.06
N ALA D 716 59.08 40.59 47.80
CA ALA D 716 59.87 39.98 48.84
C ALA D 716 61.25 40.63 48.99
N LEU D 717 61.50 41.73 48.28
CA LEU D 717 62.79 42.40 48.38
C LEU D 717 62.91 43.09 49.73
N PRO D 718 63.89 42.74 50.55
CA PRO D 718 63.96 43.34 51.89
C PRO D 718 64.40 44.80 51.84
N ARG D 719 63.84 45.60 52.73
CA ARG D 719 64.24 46.98 52.92
C ARG D 719 64.92 47.16 54.26
N VAL D 720 65.52 48.33 54.45
CA VAL D 720 66.25 48.61 55.68
C VAL D 720 65.27 48.84 56.82
N GLY D 721 65.50 48.16 57.94
CA GLY D 721 64.70 48.36 59.13
C GLY D 721 63.48 47.48 59.25
N GLU D 722 63.38 46.41 58.48
CA GLU D 722 62.27 45.48 58.56
C GLU D 722 62.78 44.06 58.74
N ILE D 723 62.06 43.28 59.53
CA ILE D 723 62.46 41.90 59.83
C ILE D 723 62.02 41.01 58.67
N CYS D 724 62.97 40.28 58.10
CA CYS D 724 62.71 39.33 57.02
C CYS D 724 63.18 37.93 57.43
N TYR D 725 62.95 36.97 56.55
CA TYR D 725 63.22 35.56 56.84
C TYR D 725 64.40 35.08 55.99
N ALA D 726 65.29 34.32 56.61
CA ALA D 726 66.43 33.70 55.94
C ALA D 726 66.22 32.19 55.90
N TYR D 727 66.22 31.63 54.70
CA TYR D 727 65.97 30.21 54.48
C TYR D 727 67.25 29.52 54.01
N GLU D 728 67.88 28.77 54.91
CA GLU D 728 69.06 28.01 54.55
C GLU D 728 68.67 26.83 53.65
N ILE D 729 69.55 26.49 52.72
CA ILE D 729 69.31 25.44 51.73
C ILE D 729 70.16 24.24 52.12
N PHE D 730 69.52 23.22 52.70
CA PHE D 730 70.18 21.96 52.99
C PHE D 730 70.15 21.05 51.77
N LEU D 731 71.22 20.28 51.59
CA LEU D 731 71.36 19.38 50.46
C LEU D 731 72.01 18.09 50.91
N GLU D 732 71.81 17.02 50.14
CA GLU D 732 72.30 15.70 50.49
C GLU D 732 72.82 14.99 49.24
N PRO D 733 74.13 14.97 49.02
CA PRO D 733 74.70 14.20 47.91
C PRO D 733 74.48 12.71 48.12
N GLN D 734 73.86 12.06 47.13
CA GLN D 734 73.49 10.66 47.23
C GLN D 734 74.39 9.72 46.46
N PHE D 735 75.22 10.22 45.56
CA PHE D 735 76.11 9.36 44.80
C PHE D 735 77.14 8.70 45.70
N GLU D 736 77.65 7.55 45.24
CA GLU D 736 78.60 6.77 46.03
C GLU D 736 79.87 7.57 46.32
N SER D 737 80.33 7.46 47.57
CA SER D 737 81.58 8.10 47.99
C SER D 737 82.75 7.32 47.43
N CYS D 738 83.48 7.93 46.50
CA CYS D 738 84.63 7.28 45.87
C CYS D 738 85.66 8.35 45.53
N GLU D 739 86.80 7.91 45.00
CA GLU D 739 87.87 8.84 44.66
C GLU D 739 87.40 9.89 43.65
N TYR D 740 86.54 9.52 42.72
CA TYR D 740 85.99 10.47 41.76
C TYR D 740 84.96 11.39 42.38
N THR D 741 84.41 11.04 43.55
CA THR D 741 83.37 11.82 44.18
C THR D 741 83.69 12.22 45.62
N GLU D 742 84.90 11.91 46.11
CA GLU D 742 85.24 12.16 47.51
C GLU D 742 85.19 13.64 47.87
N HIS D 743 85.42 14.54 46.91
CA HIS D 743 85.54 15.95 47.26
C HIS D 743 84.20 16.56 47.65
N MET D 744 83.26 16.63 46.70
CA MET D 744 82.02 17.34 46.95
C MET D 744 81.14 16.62 47.96
N TYR D 745 81.21 15.28 47.98
CA TYR D 745 80.34 14.50 48.86
C TYR D 745 80.49 14.91 50.31
N LEU D 746 81.72 15.17 50.75
CA LEU D 746 81.97 15.64 52.10
C LEU D 746 82.07 17.14 52.21
N ASN D 747 82.54 17.83 51.16
CA ASN D 747 82.78 19.26 51.25
C ASN D 747 81.51 20.10 51.10
N LEU D 748 80.44 19.52 50.53
CA LEU D 748 79.16 20.23 50.52
C LEU D 748 78.48 20.19 51.88
N GLN D 749 78.86 19.27 52.75
CA GLN D 749 78.28 19.12 54.07
C GLN D 749 78.94 20.01 55.11
N THR D 750 79.86 20.87 54.71
CA THR D 750 80.52 21.77 55.64
C THR D 750 79.51 22.76 56.21
N PRO D 751 79.74 23.28 57.42
CA PRO D 751 78.78 24.21 58.02
C PRO D 751 78.53 25.46 57.19
N ARG D 752 79.50 25.90 56.39
CA ARG D 752 79.31 27.06 55.54
C ARG D 752 78.30 26.76 54.45
N ASN D 753 77.32 27.64 54.29
CA ASN D 753 76.28 27.50 53.28
C ASN D 753 75.83 28.89 52.85
N TYR D 754 74.73 28.95 52.13
CA TYR D 754 74.07 30.21 51.79
C TYR D 754 72.56 30.06 51.96
N ALA D 755 71.89 31.19 52.16
CA ALA D 755 70.46 31.23 52.37
C ALA D 755 69.82 32.22 51.42
N ILE D 756 68.52 32.04 51.19
CA ILE D 756 67.72 32.94 50.36
C ILE D 756 66.92 33.86 51.28
N LEU D 757 66.91 35.14 50.94
CA LEU D 757 66.33 36.17 51.80
C LEU D 757 64.99 36.61 51.22
N LEU D 758 63.93 36.43 52.00
CA LEU D 758 62.58 36.85 51.63
C LEU D 758 61.93 37.56 52.80
N ARG D 759 61.20 38.64 52.49
CA ARG D 759 60.36 39.26 53.52
C ARG D 759 59.12 38.40 53.79
N ASN D 760 58.53 37.84 52.74
CA ASN D 760 57.38 36.97 52.90
C ASN D 760 57.81 35.64 53.52
N LYS D 761 56.86 34.99 54.19
CA LYS D 761 57.12 33.71 54.83
C LYS D 761 56.99 32.58 53.80
N LEU D 762 58.08 31.87 53.55
CA LEU D 762 58.06 30.75 52.63
C LEU D 762 57.54 29.51 53.34
N PRO D 763 56.46 28.89 52.87
CA PRO D 763 55.93 27.70 53.56
C PRO D 763 56.79 26.46 53.35
N ARG D 764 56.33 25.33 53.88
CA ARG D 764 57.06 24.08 53.74
C ARG D 764 57.14 23.67 52.28
N LEU D 765 58.22 22.97 51.92
CA LEU D 765 58.49 22.60 50.54
C LEU D 765 58.94 21.16 50.45
N ALA D 766 58.76 20.56 49.27
CA ALA D 766 59.18 19.20 49.00
C ALA D 766 60.64 19.17 48.56
N GLU D 767 61.33 18.09 48.92
CA GLU D 767 62.72 17.91 48.55
C GLU D 767 62.86 17.57 47.07
N MET D 768 64.00 17.97 46.50
CA MET D 768 64.25 17.85 45.07
C MET D 768 65.34 16.82 44.80
N PRO D 769 65.09 15.85 43.94
CA PRO D 769 66.19 15.02 43.42
C PRO D 769 66.87 15.70 42.24
N LEU D 770 68.19 15.52 42.19
CA LEU D 770 69.01 16.16 41.16
C LEU D 770 70.05 15.18 40.66
N PHE D 771 70.55 15.44 39.46
CA PHE D 771 71.59 14.63 38.84
C PHE D 771 72.77 15.52 38.47
N SER D 772 73.98 14.99 38.66
CA SER D 772 75.21 15.69 38.31
C SER D 772 76.15 14.69 37.66
N ASN D 773 77.31 15.21 37.21
CA ASN D 773 78.32 14.34 36.63
C ASN D 773 78.74 13.25 37.61
N GLN D 774 78.85 13.61 38.90
CA GLN D 774 79.19 12.61 39.91
C GLN D 774 78.00 11.72 40.25
N GLY D 775 76.78 12.23 40.11
CA GLY D 775 75.61 11.39 40.31
C GLY D 775 74.46 12.01 41.09
N LYS D 776 73.72 11.15 41.80
CA LYS D 776 72.49 11.57 42.45
C LYS D 776 72.75 12.62 43.52
N LEU D 777 71.96 13.69 43.51
CA LEU D 777 72.04 14.76 44.49
C LEU D 777 70.64 15.10 44.96
N HIS D 778 70.46 15.21 46.27
CA HIS D 778 69.19 15.64 46.86
C HIS D 778 69.40 16.92 47.64
N VAL D 779 68.33 17.71 47.74
CA VAL D 779 68.40 19.02 48.37
C VAL D 779 67.08 19.27 49.11
N ARG D 780 67.15 20.11 50.14
CA ARG D 780 65.99 20.41 50.97
C ARG D 780 66.08 21.85 51.45
N VAL D 781 65.11 22.67 51.04
CA VAL D 781 65.00 24.01 51.61
C VAL D 781 64.47 23.90 53.04
N ALA D 782 65.12 24.61 53.96
CA ALA D 782 64.77 24.49 55.37
C ALA D 782 63.32 24.92 55.62
N ASN D 783 62.63 24.15 56.45
CA ASN D 783 61.26 24.46 56.85
C ASN D 783 61.20 25.39 58.06
N ALA D 784 62.33 25.73 58.65
CA ALA D 784 62.39 26.62 59.81
C ALA D 784 63.37 27.74 59.51
N PRO D 785 62.90 28.89 59.08
CA PRO D 785 63.82 29.99 58.72
C PRO D 785 64.34 30.72 59.94
N LEU D 786 65.33 31.56 59.71
CA LEU D 786 65.92 32.41 60.73
C LEU D 786 65.55 33.86 60.43
N GLU D 787 65.00 34.55 61.43
CA GLU D 787 64.58 35.93 61.25
C GLU D 787 65.79 36.85 61.22
N VAL D 788 65.86 37.68 60.17
CA VAL D 788 66.98 38.60 59.99
C VAL D 788 66.42 39.97 59.63
N ILE D 789 67.26 41.00 59.82
CA ILE D 789 66.86 42.38 59.61
C ILE D 789 68.08 43.17 59.17
N ILE D 790 67.85 44.17 58.33
CA ILE D 790 68.91 45.04 57.80
C ILE D 790 68.88 46.36 58.56
N GLN D 791 70.05 46.82 59.01
CA GLN D 791 70.16 48.07 59.73
C GLN D 791 70.82 49.18 58.94
N ASN D 792 71.44 48.88 57.80
CA ASN D 792 72.15 49.88 57.02
C ASN D 792 71.71 49.81 55.57
N SER D 793 71.52 50.98 54.96
CA SER D 793 71.27 51.03 53.52
C SER D 793 72.47 50.49 52.75
N GLU D 794 73.67 50.72 53.26
CA GLU D 794 74.85 50.13 52.66
C GLU D 794 74.81 48.61 52.74
N GLN D 795 74.22 48.06 53.80
CA GLN D 795 74.08 46.61 53.90
C GLN D 795 73.14 46.07 52.82
N LEU D 796 72.03 46.75 52.58
CA LEU D 796 71.13 46.35 51.51
C LEU D 796 71.81 46.46 50.15
N GLU D 797 72.56 47.54 49.93
CA GLU D 797 73.31 47.69 48.70
C GLU D 797 74.34 46.57 48.54
N LEU D 798 74.99 46.19 49.64
CA LEU D 798 75.96 45.11 49.61
C LEU D 798 75.30 43.79 49.25
N LEU D 799 74.13 43.51 49.81
CA LEU D 799 73.43 42.27 49.51
C LEU D 799 72.99 42.23 48.05
N HIS D 800 72.43 43.34 47.55
CA HIS D 800 72.03 43.41 46.16
C HIS D 800 73.22 43.23 45.24
N GLN D 801 74.33 43.90 45.55
CA GLN D 801 75.52 43.82 44.72
C GLN D 801 76.14 42.43 44.77
N PHE D 802 76.04 41.74 45.90
CA PHE D 802 76.59 40.39 45.99
C PHE D 802 75.75 39.41 45.18
N HIS D 803 74.42 39.55 45.23
CA HIS D 803 73.57 38.74 44.36
C HIS D 803 73.91 38.99 42.89
N GLY D 804 74.05 40.27 42.53
CA GLY D 804 74.39 40.61 41.16
C GLY D 804 75.74 40.05 40.74
N MET D 805 76.75 40.18 41.61
CA MET D 805 78.08 39.70 41.25
C MET D 805 78.14 38.19 41.19
N VAL D 806 77.39 37.50 42.05
CA VAL D 806 77.28 36.05 41.93
C VAL D 806 76.75 35.68 40.55
N PHE D 807 75.58 36.20 40.20
CA PHE D 807 74.98 35.82 38.92
C PHE D 807 75.69 36.45 37.72
N ARG D 808 76.64 37.36 37.93
CA ARG D 808 77.33 38.01 36.84
C ARG D 808 78.73 37.45 36.57
N ASP D 809 79.45 37.06 37.61
CA ASP D 809 80.79 36.49 37.46
C ASP D 809 80.85 35.02 37.86
N ILE D 810 80.24 34.64 38.98
CA ILE D 810 80.27 33.25 39.39
C ILE D 810 79.39 32.41 38.47
N LEU D 811 78.19 32.90 38.17
CA LEU D 811 77.27 32.21 37.28
C LEU D 811 77.35 32.72 35.84
N LYS D 812 77.75 33.97 35.66
CA LYS D 812 77.91 34.60 34.35
C LYS D 812 76.59 34.62 33.56
N ILE D 813 75.47 34.39 34.25
CA ILE D 813 74.16 34.46 33.60
C ILE D 813 73.85 35.89 33.17
N TRP D 814 74.30 36.86 33.95
CA TRP D 814 74.13 38.28 33.66
C TRP D 814 74.51 38.63 32.23
N HIS D 815 73.53 39.14 31.48
CA HIS D 815 73.86 39.82 30.24
C HIS D 815 74.35 41.23 30.53
N PRO D 816 75.25 41.77 29.70
CA PRO D 816 75.84 43.07 30.00
C PRO D 816 74.82 44.20 30.14
N PHE D 817 73.68 44.09 29.46
CA PHE D 817 72.66 45.13 29.51
C PHE D 817 71.72 44.99 30.70
N PHE D 818 71.94 44.00 31.56
CA PHE D 818 71.09 43.82 32.72
C PHE D 818 71.25 44.98 33.70
N VAL D 819 70.29 45.11 34.62
CA VAL D 819 70.28 46.19 35.60
C VAL D 819 69.92 45.62 36.96
N LEU D 820 70.33 46.34 38.01
CA LEU D 820 69.96 45.99 39.38
C LEU D 820 68.47 46.25 39.57
N ASP D 821 67.68 45.17 39.63
CA ASP D 821 66.23 45.31 39.82
C ASP D 821 65.96 45.68 41.28
N ARG D 822 65.69 46.95 41.52
CA ARG D 822 65.33 47.46 42.84
C ARG D 822 63.86 47.87 42.91
N ARG D 823 63.05 47.42 41.94
CA ARG D 823 61.66 47.82 41.87
C ARG D 823 60.81 47.19 42.96
N SER D 824 61.31 46.15 43.63
CA SER D 824 60.63 45.47 44.73
C SER D 824 59.28 44.90 44.32
N LYS D 825 59.06 44.72 43.03
CA LYS D 825 57.84 44.10 42.52
C LYS D 825 58.09 42.60 42.37
N GLU D 826 57.23 41.92 41.59
CA GLU D 826 57.25 40.47 41.44
C GLU D 826 58.66 39.92 41.27
N ASN D 827 58.90 38.77 41.92
CA ASN D 827 60.15 38.02 41.78
C ASN D 827 61.35 38.83 42.22
N SER D 828 61.25 39.43 43.41
CA SER D 828 62.33 40.22 43.99
C SER D 828 62.79 39.54 45.28
N TYR D 829 64.01 39.00 45.27
CA TYR D 829 64.62 38.43 46.46
C TYR D 829 66.11 38.27 46.21
N LEU D 830 66.84 37.95 47.27
CA LEU D 830 68.29 37.89 47.24
C LEU D 830 68.79 36.61 47.88
N VAL D 831 70.06 36.31 47.62
CA VAL D 831 70.74 35.14 48.17
C VAL D 831 72.00 35.61 48.89
N VAL D 832 72.23 35.09 50.09
CA VAL D 832 73.35 35.51 50.92
C VAL D 832 74.08 34.28 51.46
N PRO D 833 75.41 34.29 51.52
CA PRO D 833 76.13 33.18 52.16
C PRO D 833 75.93 33.18 53.66
N LEU D 834 76.13 32.02 54.26
CA LEU D 834 75.95 31.82 55.69
C LEU D 834 77.21 31.27 56.33
N ILE D 835 77.41 31.64 57.60
CA ILE D 835 78.50 31.15 58.42
C ILE D 835 78.03 31.13 59.86
N LEU D 836 78.49 30.13 60.62
CA LEU D 836 78.13 30.02 62.03
C LEU D 836 78.65 31.23 62.80
N GLY D 837 77.74 32.06 63.30
CA GLY D 837 78.12 33.24 64.04
C GLY D 837 78.23 32.99 65.53
N ALA D 838 77.37 33.62 66.32
CA ALA D 838 77.39 33.44 67.76
C ALA D 838 77.00 32.02 68.13
N GLY D 839 77.98 31.21 68.53
CA GLY D 839 77.71 29.82 68.83
C GLY D 839 77.18 29.08 67.62
N GLU D 840 76.09 28.34 67.83
CA GLU D 840 75.49 27.58 66.74
C GLU D 840 74.73 28.48 65.77
N GLN D 841 74.27 29.65 66.24
CA GLN D 841 73.46 30.55 65.43
C GLN D 841 74.24 31.04 64.22
N LYS D 842 73.79 30.63 63.03
CA LYS D 842 74.46 31.02 61.80
C LYS D 842 74.18 32.49 61.47
N CYS D 843 75.11 33.10 60.75
CA CYS D 843 74.98 34.50 60.36
C CYS D 843 75.54 34.67 58.94
N PHE D 844 75.43 35.89 58.42
CA PHE D 844 75.92 36.18 57.08
C PHE D 844 77.44 36.16 57.06
N ASP D 845 78.00 35.77 55.91
CA ASP D 845 79.44 35.76 55.71
C ASP D 845 79.87 37.18 55.35
N TRP D 846 79.96 38.02 56.40
CA TRP D 846 80.19 39.45 56.20
C TRP D 846 81.55 39.72 55.57
N GLU D 847 82.58 38.99 55.99
CA GLU D 847 83.91 39.20 55.42
C GLU D 847 83.92 38.88 53.93
N LEU D 848 83.24 37.80 53.53
CA LEU D 848 83.15 37.45 52.13
C LEU D 848 82.46 38.55 51.32
N MET D 849 81.40 39.14 51.87
CA MET D 849 80.70 40.19 51.15
C MET D 849 81.53 41.46 51.08
N THR D 850 82.30 41.77 52.14
CA THR D 850 83.05 43.02 52.13
C THR D 850 84.34 42.92 51.32
N ASN D 851 84.90 41.72 51.13
CA ASN D 851 86.11 41.64 50.33
C ASN D 851 85.81 41.31 48.87
N PHE D 852 84.87 40.40 48.61
CA PHE D 852 84.48 40.06 47.24
C PHE D 852 83.21 40.81 46.85
N ARG D 853 83.38 42.12 46.66
CA ARG D 853 82.34 42.90 46.01
C ARG D 853 82.30 42.61 44.51
N ARG D 854 83.48 42.59 43.88
CA ARG D 854 83.64 42.23 42.48
C ARG D 854 84.58 41.03 42.37
N LEU D 855 84.48 40.33 41.24
CA LEU D 855 85.53 39.32 41.11
C LEU D 855 86.64 39.84 40.20
N PRO D 856 87.90 39.58 40.54
CA PRO D 856 89.00 40.07 39.72
C PRO D 856 89.12 39.32 38.40
N GLN D 857 89.78 39.96 37.44
CA GLN D 857 89.98 39.36 36.13
C GLN D 857 91.18 38.43 36.13
N SER D 858 91.06 37.34 35.36
CA SER D 858 92.14 36.37 35.25
C SER D 858 93.26 36.93 34.39
N HIS D 859 94.02 37.87 34.94
CA HIS D 859 95.07 38.55 34.19
C HIS D 859 96.22 37.61 33.88
N GLY D 860 96.94 37.92 32.80
CA GLY D 860 98.04 37.11 32.32
C GLY D 860 99.33 37.35 33.08
N SER D 861 99.44 36.76 34.27
CA SER D 861 100.55 37.04 35.18
C SER D 861 101.83 36.41 34.66
N ASN D 862 102.44 37.07 33.67
CA ASN D 862 103.79 36.72 33.26
C ASN D 862 104.78 37.12 34.38
N VAL D 863 106.04 36.70 34.20
CA VAL D 863 107.03 36.83 35.27
C VAL D 863 107.12 38.27 35.76
N GLN D 864 107.15 39.23 34.84
CA GLN D 864 107.23 40.65 35.22
C GLN D 864 106.00 41.10 35.99
N GLN D 865 104.88 40.39 35.87
CA GLN D 865 103.68 40.70 36.63
C GLN D 865 103.20 39.48 37.41
N ARG D 866 104.12 38.55 37.70
CA ARG D 866 103.87 37.44 38.61
C ARG D 866 104.86 37.39 39.77
N GLU D 867 106.03 38.02 39.64
CA GLU D 867 107.03 37.97 40.71
C GLU D 867 106.52 38.61 41.98
N GLN D 868 105.61 39.59 41.88
CA GLN D 868 105.08 40.26 43.06
C GLN D 868 104.20 39.36 43.92
N GLN D 869 103.77 38.22 43.40
CA GLN D 869 102.99 37.29 44.21
C GLN D 869 103.83 36.75 45.36
N PRO D 870 103.29 36.68 46.56
CA PRO D 870 104.04 36.11 47.69
C PRO D 870 104.18 34.61 47.55
N ALA D 871 105.06 34.05 48.38
CA ALA D 871 105.25 32.61 48.40
C ALA D 871 103.94 31.91 48.76
N PRO D 872 103.51 30.92 48.00
CA PRO D 872 102.22 30.28 48.29
C PRO D 872 102.23 29.57 49.63
N ARG D 873 101.09 29.58 50.30
CA ARG D 873 100.92 28.94 51.59
C ARG D 873 99.63 28.12 51.60
N PRO D 874 99.57 27.07 52.41
CA PRO D 874 98.38 26.20 52.41
C PRO D 874 97.09 26.93 52.74
N GLU D 875 97.13 27.93 53.62
CA GLU D 875 95.91 28.66 53.96
C GLU D 875 95.38 29.45 52.78
N ASP D 876 96.26 29.86 51.86
CA ASP D 876 95.86 30.58 50.66
C ASP D 876 95.21 29.68 49.61
N PHE D 877 95.32 28.36 49.75
CA PHE D 877 94.81 27.42 48.77
C PHE D 877 93.80 26.44 49.37
N GLU D 878 93.42 26.61 50.63
CA GLU D 878 92.53 25.68 51.32
C GLU D 878 91.12 25.82 50.76
N GLY D 879 90.73 24.90 49.88
CA GLY D 879 89.39 24.90 49.31
C GLY D 879 89.06 26.12 48.48
N LYS D 880 90.07 26.82 47.98
CA LYS D 880 89.85 28.05 47.22
C LYS D 880 89.44 27.73 45.79
N ILE D 881 89.31 28.78 44.98
CA ILE D 881 89.11 28.67 43.54
C ILE D 881 90.30 29.31 42.87
N VAL D 882 90.87 28.62 41.89
CA VAL D 882 92.05 29.08 41.17
C VAL D 882 91.77 29.07 39.68
N THR D 883 92.59 29.81 38.93
CA THR D 883 92.41 29.92 37.49
C THR D 883 93.78 30.08 36.83
N GLN D 884 93.86 29.64 35.57
CA GLN D 884 95.07 29.77 34.77
C GLN D 884 94.80 30.72 33.61
N TRP D 885 95.71 31.67 33.41
CA TRP D 885 95.56 32.70 32.39
C TRP D 885 96.15 32.28 31.04
N TYR D 886 97.30 31.61 31.06
CA TYR D 886 98.06 31.41 29.83
C TYR D 886 97.41 30.40 28.90
N ALA D 887 96.94 29.28 29.45
CA ALA D 887 96.49 28.18 28.62
C ALA D 887 95.19 28.54 27.91
N ASN D 888 94.92 27.81 26.82
CA ASN D 888 93.66 27.99 26.09
C ASN D 888 92.45 27.65 26.96
N TYR D 889 92.64 26.83 28.00
CA TYR D 889 91.59 26.57 28.98
C TYR D 889 91.65 27.65 30.06
N ASP D 890 91.24 28.86 29.66
CA ASP D 890 91.20 30.01 30.57
C ASP D 890 89.91 29.98 31.39
N LYS D 891 89.76 28.90 32.17
CA LYS D 891 88.60 28.70 33.01
C LYS D 891 89.06 28.39 34.43
N PRO D 892 88.36 28.90 35.44
CA PRO D 892 88.73 28.58 36.82
C PRO D 892 88.49 27.11 37.14
N MET D 893 89.27 26.60 38.10
CA MET D 893 89.10 25.23 38.58
C MET D 893 89.15 25.24 40.10
N LEU D 894 88.62 24.17 40.69
CA LEU D 894 88.55 24.03 42.14
C LEU D 894 89.78 23.27 42.63
N VAL D 895 90.51 23.90 43.56
CA VAL D 895 91.63 23.21 44.22
C VAL D 895 91.09 22.40 45.39
N THR D 896 91.51 21.14 45.47
CA THR D 896 91.03 20.25 46.52
C THR D 896 91.97 20.20 47.72
N LYS D 897 93.25 19.98 47.49
CA LYS D 897 94.21 19.86 48.58
C LYS D 897 95.61 20.16 48.07
N VAL D 898 96.52 20.39 49.01
CA VAL D 898 97.92 20.65 48.69
C VAL D 898 98.68 19.34 48.72
N HIS D 899 99.78 19.29 47.96
CA HIS D 899 100.62 18.09 47.84
C HIS D 899 102.06 18.50 48.10
N ARG D 900 102.48 18.38 49.37
CA ARG D 900 103.83 18.79 49.74
C ARG D 900 104.89 17.82 49.22
N GLU D 901 104.56 16.53 49.13
CA GLU D 901 105.58 15.51 48.87
C GLU D 901 105.97 15.39 47.40
N LEU D 902 105.16 15.92 46.49
CA LEU D 902 105.47 15.85 45.07
C LEU D 902 106.36 17.01 44.64
N THR D 903 106.87 16.93 43.41
CA THR D 903 107.82 17.90 42.87
C THR D 903 107.73 18.02 41.35
N PRO D 904 107.74 19.25 40.80
CA PRO D 904 107.84 19.40 39.34
C PRO D 904 109.15 18.85 38.79
N LEU D 905 109.28 18.88 37.46
CA LEU D 905 110.43 18.38 36.71
C LEU D 905 110.57 16.86 36.79
N SER D 906 109.73 16.19 37.57
CA SER D 906 109.68 14.74 37.59
C SER D 906 108.59 14.24 36.64
N TYR D 907 108.70 12.97 36.28
CA TYR D 907 107.75 12.39 35.33
C TYR D 907 106.33 12.45 35.88
N MET D 908 105.37 12.74 35.01
CA MET D 908 103.97 12.58 35.37
C MET D 908 103.71 11.12 35.72
N GLU D 909 103.03 10.89 36.84
CA GLU D 909 102.97 9.55 37.40
C GLU D 909 102.16 8.58 36.56
N LYS D 910 101.37 9.07 35.61
CA LYS D 910 100.51 8.20 34.81
C LYS D 910 100.55 8.62 33.34
N ASN D 911 100.47 7.62 32.46
CA ASN D 911 100.26 7.82 31.03
C ASN D 911 101.39 8.62 30.38
N GLN D 912 101.53 9.90 30.74
CA GLN D 912 102.49 10.80 30.12
C GLN D 912 103.84 10.80 30.83
N GLN D 913 104.24 9.65 31.40
CA GLN D 913 105.49 9.54 32.13
C GLN D 913 106.70 10.05 31.35
N ASP D 914 106.59 10.15 30.02
CA ASP D 914 107.72 10.64 29.23
C ASP D 914 108.00 12.12 29.52
N LYS D 915 106.98 12.90 29.87
CA LYS D 915 107.12 14.32 30.11
C LYS D 915 107.04 14.64 31.60
N THR D 916 107.35 15.88 31.93
CA THR D 916 107.36 16.36 33.30
C THR D 916 106.46 17.58 33.43
N TYR D 917 106.04 17.87 34.67
CA TYR D 917 105.17 19.01 34.94
C TYR D 917 105.85 20.34 34.60
N TYR D 918 107.16 20.36 34.43
CA TYR D 918 107.94 21.57 34.17
C TYR D 918 108.32 21.71 32.70
N GLU D 919 108.90 20.66 32.12
CA GLU D 919 109.29 20.70 30.71
C GLU D 919 108.07 20.78 29.80
N PHE D 920 106.93 20.21 30.22
CA PHE D 920 105.72 20.34 29.41
C PHE D 920 105.24 21.78 29.37
N THR D 921 105.24 22.47 30.52
CA THR D 921 104.85 23.88 30.54
C THR D 921 105.82 24.71 29.71
N MET D 922 107.12 24.44 29.80
CA MET D 922 108.05 25.07 28.88
C MET D 922 107.64 24.85 27.43
N SER D 923 107.66 23.59 26.98
CA SER D 923 107.46 23.27 25.57
C SER D 923 106.11 23.75 25.05
N LYS D 924 105.13 23.97 25.92
CA LYS D 924 103.83 24.43 25.43
C LYS D 924 103.67 25.94 25.47
N TYR D 925 103.95 26.60 26.62
CA TYR D 925 103.67 28.01 26.74
C TYR D 925 104.79 28.78 27.42
N GLY D 926 106.06 28.44 27.15
CA GLY D 926 107.15 29.12 27.81
C GLY D 926 107.21 30.61 27.50
N ASN D 927 106.96 30.97 26.25
CA ASN D 927 106.94 32.38 25.88
C ASN D 927 105.82 33.13 26.58
N ARG D 928 104.65 32.49 26.70
CA ARG D 928 103.51 33.15 27.32
C ARG D 928 103.72 33.32 28.82
N ILE D 929 104.27 32.31 29.49
CA ILE D 929 104.43 32.38 30.93
C ILE D 929 105.79 32.94 31.35
N GLY D 930 106.78 32.93 30.48
CA GLY D 930 108.10 33.46 30.82
C GLY D 930 109.01 32.52 31.57
N ASP D 931 108.53 31.93 32.66
CA ASP D 931 109.34 31.03 33.48
C ASP D 931 108.42 30.23 34.39
N VAL D 932 108.98 29.17 34.97
CA VAL D 932 108.30 28.35 35.97
C VAL D 932 109.16 28.30 37.22
N VAL D 933 108.50 28.34 38.38
CA VAL D 933 109.17 28.28 39.67
C VAL D 933 108.51 27.16 40.47
N HIS D 934 108.87 27.03 41.74
CA HIS D 934 108.22 26.08 42.66
C HIS D 934 108.54 24.64 42.27
N LYS D 935 109.82 24.38 41.94
CA LYS D 935 110.22 23.10 41.37
C LYS D 935 110.27 21.97 42.39
N ASP D 936 110.33 22.28 43.69
CA ASP D 936 110.43 21.22 44.68
C ASP D 936 109.55 21.44 45.90
N LYS D 937 108.64 22.42 45.87
CA LYS D 937 107.78 22.71 47.00
C LYS D 937 106.40 22.10 46.78
N PHE D 938 105.45 22.46 47.65
CA PHE D 938 104.13 21.85 47.63
C PHE D 938 103.33 22.27 46.40
N MET D 939 102.63 21.31 45.80
CA MET D 939 101.70 21.57 44.71
C MET D 939 100.29 21.73 45.26
N ILE D 940 99.31 21.74 44.36
CA ILE D 940 97.89 21.76 44.71
C ILE D 940 97.17 20.76 43.83
N GLU D 941 96.23 20.02 44.42
CA GLU D 941 95.39 19.09 43.68
C GLU D 941 94.08 19.79 43.31
N VAL D 942 93.70 19.67 42.03
CA VAL D 942 92.62 20.47 41.48
C VAL D 942 91.58 19.57 40.83
N ARG D 943 90.34 20.05 40.84
CA ARG D 943 89.25 19.43 40.09
C ARG D 943 88.49 20.52 39.36
N ASP D 944 87.93 20.16 38.20
CA ASP D 944 87.42 21.12 37.23
C ASP D 944 85.90 21.14 37.22
N LEU D 945 85.35 22.35 37.18
CA LEU D 945 83.90 22.53 37.09
C LEU D 945 83.41 22.22 35.68
N THR D 946 82.10 22.25 35.50
CA THR D 946 81.46 21.96 34.23
C THR D 946 80.63 23.15 33.76
N GLU D 947 80.58 23.34 32.44
CA GLU D 947 79.78 24.42 31.87
C GLU D 947 78.30 24.08 31.76
N GLN D 948 77.94 22.81 31.87
CA GLN D 948 76.54 22.40 31.77
C GLN D 948 75.82 22.76 33.07
N LEU D 949 74.96 23.77 33.00
CA LEU D 949 74.26 24.27 34.17
C LEU D 949 72.90 23.63 34.40
N THR D 950 72.51 22.68 33.55
CA THR D 950 71.25 21.97 33.71
C THR D 950 71.51 20.64 34.40
N PHE D 951 70.75 20.37 35.46
CA PHE D 951 71.00 19.23 36.33
C PHE D 951 69.75 18.39 36.55
N TYR D 952 68.85 18.36 35.58
CA TYR D 952 67.62 17.58 35.71
C TYR D 952 67.75 16.18 35.11
N VAL D 953 68.10 16.08 33.83
CA VAL D 953 68.13 14.78 33.16
C VAL D 953 69.30 13.96 33.69
N HIS D 954 69.14 12.64 33.66
CA HIS D 954 70.21 11.73 34.06
C HIS D 954 71.40 11.88 33.13
N ASN D 955 72.59 11.99 33.71
CA ASN D 955 73.83 12.07 32.93
C ASN D 955 74.35 10.71 32.50
N ARG D 956 73.47 9.91 31.88
CA ARG D 956 73.82 8.58 31.43
C ARG D 956 74.45 8.60 30.04
N GLY D 957 75.43 7.73 29.83
CA GLY D 957 75.99 7.55 28.50
C GLY D 957 77.17 8.42 28.14
N LYS D 958 77.01 9.24 27.09
CA LYS D 958 78.13 9.93 26.46
C LYS D 958 78.82 10.95 27.36
N PHE D 959 78.21 11.32 28.49
CA PHE D 959 78.90 12.22 29.42
C PHE D 959 80.20 11.61 29.91
N ASN D 960 80.26 10.29 30.02
CA ASN D 960 81.51 9.52 30.14
C ASN D 960 82.39 10.04 31.28
N ALA D 961 81.87 9.87 32.51
CA ALA D 961 82.69 10.18 33.69
C ALA D 961 83.87 9.21 33.82
N LYS D 962 83.70 7.97 33.33
CA LYS D 962 84.77 6.98 33.44
C LYS D 962 86.00 7.40 32.67
N SER D 963 85.83 8.16 31.58
CA SER D 963 86.98 8.68 30.85
C SER D 963 87.52 9.96 31.49
N LYS D 964 86.61 10.83 31.95
CA LYS D 964 87.04 12.09 32.55
C LYS D 964 87.85 11.86 33.82
N ALA D 965 87.58 10.77 34.55
CA ALA D 965 88.28 10.51 35.79
C ALA D 965 89.78 10.32 35.60
N LYS D 966 90.21 9.97 34.38
CA LYS D 966 91.63 9.82 34.09
C LYS D 966 92.34 11.16 33.96
N MET D 967 91.62 12.23 33.64
CA MET D 967 92.23 13.51 33.33
C MET D 967 92.68 14.24 34.60
N LYS D 968 93.60 13.60 35.31
CA LYS D 968 94.20 14.21 36.49
C LYS D 968 95.15 15.34 36.06
N VAL D 969 95.07 16.47 36.75
CA VAL D 969 95.87 17.64 36.44
C VAL D 969 96.67 18.02 37.68
N ILE D 970 97.98 18.17 37.50
CA ILE D 970 98.89 18.57 38.57
C ILE D 970 99.33 19.99 38.28
N LEU D 971 99.02 20.92 39.18
CA LEU D 971 99.24 22.34 38.95
C LEU D 971 100.18 22.92 40.01
N ILE D 972 101.02 23.84 39.57
CA ILE D 972 101.92 24.57 40.47
C ILE D 972 101.16 25.74 41.09
N PRO D 973 101.20 25.91 42.41
CA PRO D 973 100.39 26.96 43.04
C PRO D 973 100.69 28.36 42.55
N GLU D 974 101.95 28.67 42.19
CA GLU D 974 102.28 30.02 41.77
C GLU D 974 101.78 30.33 40.37
N LEU D 975 101.45 29.32 39.57
CA LEU D 975 100.95 29.52 38.22
C LEU D 975 99.44 29.76 38.18
N CYS D 976 98.83 30.14 39.29
CA CYS D 976 97.40 30.38 39.35
C CYS D 976 97.12 31.50 40.34
N PHE D 977 95.97 32.14 40.16
CA PHE D 977 95.50 33.19 41.05
C PHE D 977 94.39 32.64 41.92
N ASN D 978 94.45 32.91 43.23
CA ASN D 978 93.54 32.33 44.18
C ASN D 978 92.32 33.21 44.39
N PHE D 979 91.15 32.57 44.51
CA PHE D 979 89.92 33.23 44.91
C PHE D 979 89.59 32.76 46.32
N ASN D 980 89.44 33.72 47.24
CA ASN D 980 89.20 33.39 48.65
C ASN D 980 87.89 32.65 48.85
N PHE D 981 86.99 32.70 47.88
CA PHE D 981 85.67 32.11 48.04
C PHE D 981 85.79 30.58 47.98
N PRO D 982 85.30 29.86 48.97
CA PRO D 982 85.42 28.39 48.95
C PRO D 982 84.66 27.76 47.80
N GLY D 983 85.19 26.62 47.32
CA GLY D 983 84.67 25.98 46.13
C GLY D 983 83.41 25.16 46.31
N ASP D 984 83.11 24.73 47.53
CA ASP D 984 81.85 24.04 47.77
C ASP D 984 80.68 24.96 47.42
N LEU D 985 80.76 26.22 47.84
CA LEU D 985 79.71 27.16 47.49
C LEU D 985 79.80 27.57 46.03
N TRP D 986 80.99 27.51 45.41
CA TRP D 986 81.07 27.61 43.96
C TRP D 986 80.18 26.58 43.29
N LEU D 987 80.34 25.30 43.65
CA LEU D 987 79.54 24.25 43.02
C LEU D 987 78.06 24.39 43.36
N LYS D 988 77.76 24.79 44.59
CA LYS D 988 76.35 24.92 44.96
C LYS D 988 75.70 26.11 44.26
N LEU D 989 76.45 27.19 44.01
CA LEU D 989 75.95 28.28 43.19
C LEU D 989 75.79 27.84 41.74
N ILE D 990 76.68 26.96 41.27
CA ILE D 990 76.48 26.36 39.95
C ILE D 990 75.17 25.58 39.93
N PHE D 991 74.84 24.92 41.04
CA PHE D 991 73.59 24.17 41.13
C PHE D 991 72.36 25.04 41.32
N LEU D 992 72.53 26.32 41.69
CA LEU D 992 71.36 27.21 41.85
C LEU D 992 70.34 27.14 40.73
N PRO D 993 70.67 27.36 39.46
CA PRO D 993 69.60 27.58 38.46
C PRO D 993 68.53 26.50 38.46
N SER D 994 68.95 25.24 38.53
CA SER D 994 68.00 24.14 38.58
C SER D 994 67.08 24.26 39.79
N ILE D 995 67.66 24.45 40.98
CA ILE D 995 66.85 24.44 42.19
C ILE D 995 65.94 25.65 42.24
N LEU D 996 66.41 26.81 41.74
CA LEU D 996 65.58 28.01 41.80
C LEU D 996 64.39 27.90 40.85
N ASN D 997 64.61 27.35 39.65
CA ASN D 997 63.47 27.10 38.77
C ASN D 997 62.53 26.09 39.42
N ARG D 998 63.09 25.08 40.07
CA ARG D 998 62.28 24.06 40.74
C ARG D 998 61.39 24.67 41.81
N MET D 999 61.96 25.48 42.71
CA MET D 999 61.11 26.04 43.76
C MET D 999 60.18 27.12 43.21
N TYR D 1000 60.54 27.79 42.13
CA TYR D 1000 59.60 28.72 41.49
C TYR D 1000 58.32 27.97 41.10
N PHE D 1001 58.47 26.97 40.23
CA PHE D 1001 57.29 26.21 39.81
C PHE D 1001 56.69 25.44 40.98
N LEU D 1002 57.49 25.16 42.01
CA LEU D 1002 56.98 24.42 43.16
C LEU D 1002 56.07 25.28 44.02
N LEU D 1003 56.41 26.55 44.21
CA LEU D 1003 55.51 27.46 44.90
C LEU D 1003 54.26 27.72 44.07
N HIS D 1004 54.38 27.76 42.74
CA HIS D 1004 53.15 27.81 41.93
C HIS D 1004 52.27 26.59 42.19
N ALA D 1005 52.87 25.41 42.23
CA ALA D 1005 52.09 24.20 42.50
C ALA D 1005 51.48 24.24 43.90
N GLU D 1006 52.24 24.74 44.88
CA GLU D 1006 51.73 24.82 46.25
C GLU D 1006 50.56 25.80 46.34
N ALA D 1007 50.65 26.94 45.66
CA ALA D 1007 49.54 27.87 45.64
C ALA D 1007 48.31 27.24 45.00
N LEU D 1008 48.51 26.51 43.90
CA LEU D 1008 47.38 25.83 43.27
C LEU D 1008 46.77 24.80 44.20
N ARG D 1009 47.61 24.06 44.92
CA ARG D 1009 47.13 23.07 45.87
C ARG D 1009 46.30 23.72 46.97
N LYS D 1010 46.80 24.82 47.53
CA LYS D 1010 46.08 25.49 48.60
C LYS D 1010 44.76 26.06 48.10
N ARG D 1011 44.76 26.64 46.89
CA ARG D 1011 43.52 27.16 46.31
C ARG D 1011 42.51 26.04 46.11
N PHE D 1012 42.95 24.89 45.59
CA PHE D 1012 42.05 23.77 45.40
C PHE D 1012 41.48 23.28 46.73
N ASN D 1013 42.35 23.07 47.72
CA ASN D 1013 41.88 22.60 49.01
C ASN D 1013 40.89 23.58 49.64
N THR D 1014 41.11 24.87 49.44
CA THR D 1014 40.13 25.86 49.91
C THR D 1014 38.80 25.70 49.18
N TYR D 1015 38.84 25.52 47.86
CA TYR D 1015 37.60 25.33 47.11
C TYR D 1015 36.99 23.97 47.41
N LEU D 1016 37.81 22.92 47.51
CA LEU D 1016 37.29 21.59 47.84
C LEU D 1016 36.62 21.54 49.20
N ASN D 1017 36.90 22.50 50.07
CA ASN D 1017 36.47 22.50 51.47
C ASN D 1017 37.07 21.34 52.26
N LEU D 1018 37.99 20.60 51.66
CA LEU D 1018 38.67 19.48 52.31
C LEU D 1018 39.93 19.91 53.04
N HIS D 1019 40.22 21.21 53.09
CA HIS D 1019 41.38 21.71 53.80
C HIS D 1019 41.33 21.39 55.29
N LEU D 1020 40.13 21.17 55.84
CA LEU D 1020 40.01 20.82 57.25
C LEU D 1020 40.48 19.40 57.54
N LEU D 1021 40.72 18.59 56.52
CA LEU D 1021 41.25 17.25 56.75
C LEU D 1021 42.67 17.35 57.29
N PRO D 1022 42.99 16.67 58.39
CA PRO D 1022 44.35 16.78 58.94
C PRO D 1022 45.42 16.31 57.97
N PHE D 1023 45.10 15.37 57.08
CA PHE D 1023 46.06 14.92 56.08
C PHE D 1023 46.40 16.01 55.07
N ASN D 1024 45.50 16.99 54.89
CA ASN D 1024 45.77 18.15 54.04
C ASN D 1024 45.59 19.46 54.79
N GLY D 1025 45.71 19.43 56.12
CA GLY D 1025 45.51 20.62 56.92
C GLY D 1025 46.71 21.55 56.88
N THR D 1026 46.67 22.54 57.76
CA THR D 1026 47.76 23.51 57.83
C THR D 1026 49.07 22.88 58.28
N ASP D 1027 49.02 21.68 58.85
CA ASP D 1027 50.22 20.95 59.26
C ASP D 1027 50.61 19.88 58.24
N TYR D 1028 50.18 20.04 56.98
CA TYR D 1028 50.51 19.07 55.95
C TYR D 1028 52.00 19.05 55.67
N MET D 1029 52.53 17.85 55.46
CA MET D 1029 53.96 17.65 55.20
C MET D 1029 54.12 17.08 53.79
N PRO D 1030 54.91 17.71 52.92
CA PRO D 1030 55.00 17.24 51.53
C PRO D 1030 55.94 16.04 51.39
N ARG D 1031 55.48 15.04 50.63
CA ARG D 1031 56.35 13.97 50.21
C ARG D 1031 57.31 14.45 49.12
N PRO D 1032 58.54 13.95 49.11
CA PRO D 1032 59.45 14.27 48.00
C PRO D 1032 58.92 13.73 46.69
N LEU D 1033 59.24 14.43 45.61
CA LEU D 1033 58.81 14.03 44.28
C LEU D 1033 59.47 12.71 43.88
N GLU D 1034 58.76 11.95 43.05
CA GLU D 1034 59.16 10.60 42.68
C GLU D 1034 59.66 10.57 41.25
N ILE D 1035 60.81 9.93 41.03
CA ILE D 1035 61.37 9.78 39.69
C ILE D 1035 60.62 8.67 38.98
N ASP D 1036 59.97 9.00 37.87
CA ASP D 1036 59.22 8.03 37.09
C ASP D 1036 60.17 7.40 36.08
N TYR D 1037 60.64 6.19 36.40
CA TYR D 1037 61.58 5.48 35.54
C TYR D 1037 60.95 5.01 34.23
N SER D 1038 59.62 5.05 34.11
CA SER D 1038 58.97 4.63 32.88
C SER D 1038 59.22 5.58 31.73
N LEU D 1039 59.65 6.81 32.00
CA LEU D 1039 59.91 7.77 30.94
C LEU D 1039 61.15 7.38 30.15
N LYS D 1040 61.15 7.76 28.87
CA LYS D 1040 62.26 7.40 27.99
C LYS D 1040 63.56 8.04 28.43
N ARG D 1041 63.52 9.30 28.85
CA ARG D 1041 64.72 10.01 29.25
C ARG D 1041 65.32 9.50 30.56
N ASN D 1042 64.58 8.71 31.34
CA ASN D 1042 65.09 8.18 32.60
C ASN D 1042 65.62 6.77 32.43
N GLY D 1169 42.00 -15.81 41.11
CA GLY D 1169 41.67 -15.40 42.46
C GLY D 1169 40.75 -14.20 42.50
N LYS D 1170 40.41 -13.76 43.71
CA LYS D 1170 39.54 -12.60 43.86
C LYS D 1170 40.24 -11.34 43.34
N VAL D 1171 39.49 -10.51 42.63
CA VAL D 1171 40.06 -9.31 42.03
C VAL D 1171 40.45 -8.31 43.12
N LYS D 1172 41.53 -7.59 42.87
CA LYS D 1172 41.93 -6.50 43.74
C LYS D 1172 41.03 -5.29 43.50
N PRO D 1173 40.34 -4.79 44.52
CA PRO D 1173 39.49 -3.61 44.31
C PRO D 1173 40.31 -2.38 43.96
N LEU D 1174 39.72 -1.50 43.16
CA LEU D 1174 40.38 -0.26 42.80
C LEU D 1174 40.43 0.68 43.99
N LEU D 1175 41.64 1.16 44.31
CA LEU D 1175 41.79 2.07 45.44
C LEU D 1175 41.05 3.39 45.20
N ILE D 1176 40.88 3.79 43.93
CA ILE D 1176 40.04 4.94 43.62
C ILE D 1176 38.59 4.65 44.01
N LEU D 1177 38.07 3.50 43.58
CA LEU D 1177 36.72 3.11 43.96
C LEU D 1177 36.63 2.93 45.47
N GLN D 1178 37.70 2.43 46.09
CA GLN D 1178 37.73 2.26 47.53
C GLN D 1178 37.61 3.60 48.25
N LYS D 1179 38.27 4.64 47.73
CA LYS D 1179 38.12 5.97 48.33
C LYS D 1179 36.75 6.57 48.06
N THR D 1180 36.15 6.27 46.91
CA THR D 1180 34.83 6.82 46.62
C THR D 1180 33.78 6.23 47.54
N VAL D 1181 33.81 4.90 47.72
CA VAL D 1181 32.82 4.27 48.57
C VAL D 1181 33.10 4.54 50.05
N SER D 1182 34.35 4.80 50.42
CA SER D 1182 34.72 4.98 51.81
C SER D 1182 35.76 6.08 51.93
N LYS D 1183 35.49 7.06 52.79
CA LYS D 1183 36.43 8.17 53.00
C LYS D 1183 37.67 7.74 53.77
N GLU D 1184 37.69 6.54 54.34
CA GLU D 1184 38.81 6.12 55.16
C GLU D 1184 40.11 6.03 54.37
N HIS D 1185 40.00 5.82 53.06
CA HIS D 1185 41.18 5.61 52.21
C HIS D 1185 41.58 6.85 51.43
N ILE D 1186 40.97 8.00 51.71
CA ILE D 1186 41.22 9.19 50.92
C ILE D 1186 42.68 9.61 51.06
N THR D 1187 43.37 9.73 49.93
CA THR D 1187 44.79 10.08 49.93
C THR D 1187 44.95 11.60 49.88
N PRO D 1188 45.67 12.18 50.83
CA PRO D 1188 45.92 13.62 50.78
C PRO D 1188 46.69 14.02 49.53
N ALA D 1189 46.34 15.18 48.98
CA ALA D 1189 47.00 15.65 47.77
C ALA D 1189 48.44 16.05 48.05
N GLU D 1190 49.31 15.80 47.08
CA GLU D 1190 50.74 16.05 47.23
C GLU D 1190 51.16 17.24 46.38
N GLN D 1191 52.00 18.09 46.97
CA GLN D 1191 52.59 19.21 46.24
C GLN D 1191 53.28 18.72 44.97
N GLY D 1192 54.02 17.61 45.07
CA GLY D 1192 54.67 17.06 43.89
C GLY D 1192 53.69 16.62 42.82
N GLU D 1193 52.53 16.11 43.22
CA GLU D 1193 51.52 15.73 42.23
C GLU D 1193 51.01 16.93 41.46
N PHE D 1194 50.75 18.05 42.16
CA PHE D 1194 50.35 19.26 41.46
C PHE D 1194 51.46 19.76 40.54
N LEU D 1195 52.71 19.71 41.01
CA LEU D 1195 53.82 20.14 40.17
C LEU D 1195 53.92 19.27 38.91
N ALA D 1196 53.73 17.97 39.06
CA ALA D 1196 53.72 17.08 37.90
C ALA D 1196 52.58 17.41 36.96
N ALA D 1197 51.42 17.76 37.51
CA ALA D 1197 50.31 18.19 36.69
C ALA D 1197 50.57 19.51 35.98
N ILE D 1198 51.49 20.33 36.52
CA ILE D 1198 51.79 21.61 35.90
C ILE D 1198 52.93 21.50 34.88
N THR D 1199 53.94 20.69 35.16
CA THR D 1199 55.13 20.61 34.32
C THR D 1199 54.78 19.95 32.99
N ALA D 1200 54.83 20.73 31.92
CA ALA D 1200 54.41 20.25 30.61
C ALA D 1200 55.39 19.23 30.04
N SER D 1201 54.90 18.48 29.06
CA SER D 1201 55.75 17.52 28.36
C SER D 1201 56.89 18.21 27.61
N SER D 1202 56.60 19.38 27.04
CA SER D 1202 57.62 20.12 26.29
C SER D 1202 58.79 20.53 27.16
N ALA D 1203 58.60 20.60 28.48
CA ALA D 1203 59.69 20.97 29.37
C ALA D 1203 60.73 19.86 29.43
N ALA D 1204 62.00 20.25 29.52
CA ALA D 1204 63.11 19.31 29.63
C ALA D 1204 63.31 18.95 31.10
N ASP D 1205 62.34 18.22 31.64
CA ASP D 1205 62.32 17.86 33.05
C ASP D 1205 62.16 16.36 33.19
N VAL D 1206 62.28 15.90 34.44
CA VAL D 1206 62.34 14.46 34.73
C VAL D 1206 60.95 13.85 34.90
N PHE D 1207 59.90 14.65 34.99
CA PHE D 1207 58.54 14.17 35.16
C PHE D 1207 57.58 14.96 34.26
N ASP D 1208 56.37 14.43 34.14
CA ASP D 1208 55.45 14.88 33.09
C ASP D 1208 54.01 14.66 33.54
N MET D 1209 53.08 15.28 32.80
CA MET D 1209 51.66 15.18 33.10
C MET D 1209 50.98 13.95 32.49
N GLU D 1210 51.60 13.34 31.48
CA GLU D 1210 50.88 12.43 30.60
C GLU D 1210 50.32 11.24 31.36
N ARG D 1211 51.10 10.68 32.29
CA ARG D 1211 50.63 9.55 33.07
C ARG D 1211 49.37 9.91 33.85
N LEU D 1212 49.35 11.10 34.44
CA LEU D 1212 48.16 11.60 35.11
C LEU D 1212 47.13 12.09 34.10
N GLU D 1213 47.60 12.56 32.94
CA GLU D 1213 46.71 13.12 31.94
C GLU D 1213 45.74 12.09 31.40
N ILE D 1214 46.20 10.85 31.21
CA ILE D 1214 45.30 9.84 30.65
C ILE D 1214 44.16 9.54 31.61
N LEU D 1215 44.48 9.41 32.91
CA LEU D 1215 43.43 9.16 33.89
C LEU D 1215 42.46 10.34 33.97
N GLY D 1216 43.01 11.57 33.94
CA GLY D 1216 42.13 12.73 33.95
C GLY D 1216 41.22 12.77 32.74
N ASN D 1217 41.76 12.43 31.57
CA ASN D 1217 40.95 12.43 30.35
C ASN D 1217 39.83 11.41 30.44
N SER D 1218 40.14 10.21 30.91
CA SER D 1218 39.10 9.18 31.04
C SER D 1218 38.02 9.62 32.04
N PHE D 1219 38.44 10.19 33.17
CA PHE D 1219 37.45 10.65 34.14
C PHE D 1219 36.58 11.76 33.57
N LEU D 1220 37.19 12.69 32.82
CA LEU D 1220 36.42 13.78 32.24
C LEU D 1220 35.43 13.27 31.22
N LYS D 1221 35.83 12.29 30.40
CA LYS D 1221 34.91 11.69 29.45
C LYS D 1221 33.73 11.04 30.19
N LEU D 1222 34.03 10.30 31.26
CA LEU D 1222 32.95 9.68 32.04
C LEU D 1222 32.02 10.73 32.62
N SER D 1223 32.59 11.79 33.18
CA SER D 1223 31.77 12.82 33.83
C SER D 1223 30.89 13.54 32.81
N ALA D 1224 31.45 13.88 31.65
CA ALA D 1224 30.65 14.53 30.62
C ALA D 1224 29.54 13.61 30.12
N THR D 1225 29.86 12.33 29.90
CA THR D 1225 28.85 11.38 29.46
C THR D 1225 27.72 11.28 30.46
N LEU D 1226 28.06 11.15 31.74
CA LEU D 1226 27.05 11.01 32.79
C LEU D 1226 26.20 12.27 32.89
N TYR D 1227 26.84 13.44 32.89
CA TYR D 1227 26.10 14.69 33.01
C TYR D 1227 25.13 14.88 31.86
N LEU D 1228 25.58 14.59 30.63
CA LEU D 1228 24.72 14.80 29.48
C LEU D 1228 23.61 13.75 29.40
N ALA D 1229 23.89 12.51 29.80
CA ALA D 1229 22.85 11.49 29.78
C ALA D 1229 21.82 11.73 30.88
N SER D 1230 22.23 12.29 32.01
CA SER D 1230 21.29 12.57 33.09
C SER D 1230 20.45 13.81 32.81
N LYS D 1231 21.09 14.90 32.39
CA LYS D 1231 20.37 16.14 32.14
C LYS D 1231 19.37 15.97 31.01
N TYR D 1232 19.86 15.71 29.80
CA TYR D 1232 19.01 15.56 28.62
C TYR D 1232 18.70 14.07 28.42
N SER D 1233 17.84 13.57 29.30
CA SER D 1233 17.63 12.13 29.40
C SER D 1233 16.98 11.55 28.15
N ASP D 1234 16.13 12.32 27.47
CA ASP D 1234 15.35 11.80 26.36
C ASP D 1234 15.93 12.16 24.99
N TRP D 1235 17.16 12.62 24.94
CA TRP D 1235 17.77 12.94 23.65
C TRP D 1235 18.17 11.67 22.90
N ASN D 1236 18.24 11.80 21.58
CA ASN D 1236 18.81 10.75 20.75
C ASN D 1236 20.32 10.66 21.01
N GLU D 1237 20.86 9.44 20.87
CA GLU D 1237 22.25 9.22 21.24
C GLU D 1237 23.22 9.99 20.37
N GLY D 1238 22.88 10.24 19.10
CA GLY D 1238 23.78 10.98 18.24
C GLY D 1238 24.03 12.39 18.72
N THR D 1239 22.97 13.07 19.14
CA THR D 1239 23.13 14.42 19.69
C THR D 1239 23.86 14.39 21.02
N LEU D 1240 23.62 13.34 21.82
CA LEU D 1240 24.33 13.22 23.10
C LEU D 1240 25.83 13.08 22.87
N THR D 1241 26.25 12.22 21.94
CA THR D 1241 27.68 12.07 21.69
C THR D 1241 28.26 13.31 21.02
N GLU D 1242 27.48 14.01 20.19
CA GLU D 1242 27.99 15.23 19.60
C GLU D 1242 28.24 16.30 20.66
N VAL D 1243 27.29 16.50 21.56
CA VAL D 1243 27.48 17.48 22.62
C VAL D 1243 28.55 17.04 23.60
N LYS D 1244 28.74 15.73 23.77
CA LYS D 1244 29.84 15.23 24.57
C LYS D 1244 31.18 15.59 23.93
N SER D 1245 31.29 15.37 22.62
CA SER D 1245 32.52 15.73 21.92
C SER D 1245 32.80 17.22 22.01
N LYS D 1246 31.74 18.04 21.91
CA LYS D 1246 31.92 19.47 22.10
C LYS D 1246 32.40 19.79 23.52
N LEU D 1247 31.85 19.11 24.52
CA LEU D 1247 32.28 19.35 25.89
C LEU D 1247 33.71 18.90 26.12
N VAL D 1248 34.09 17.75 25.56
CA VAL D 1248 35.44 17.22 25.78
C VAL D 1248 36.37 17.74 24.69
N SER D 1249 35.87 18.65 23.87
CA SER D 1249 36.69 19.25 22.83
C SER D 1249 37.82 20.05 23.45
N ASN D 1250 38.94 20.12 22.73
CA ASN D 1250 40.10 20.84 23.23
C ASN D 1250 39.77 22.31 23.48
N ARG D 1251 39.01 22.93 22.57
CA ARG D 1251 38.75 24.35 22.66
C ARG D 1251 37.92 24.69 23.90
N ASN D 1252 36.95 23.85 24.24
CA ASN D 1252 36.13 24.11 25.43
C ASN D 1252 36.99 24.06 26.69
N LEU D 1253 37.86 23.05 26.79
CA LEU D 1253 38.73 22.93 27.95
C LEU D 1253 39.68 24.11 28.02
N LEU D 1254 40.26 24.50 26.88
CA LEU D 1254 41.01 25.74 26.80
C LEU D 1254 40.24 26.88 27.43
N PHE D 1255 39.10 27.24 26.82
CA PHE D 1255 38.36 28.43 27.21
C PHE D 1255 37.95 28.39 28.67
N CYS D 1256 37.77 27.18 29.21
CA CYS D 1256 37.59 27.07 30.66
C CYS D 1256 38.86 27.45 31.40
N LEU D 1257 40.02 27.02 30.89
CA LEU D 1257 41.25 27.28 31.63
C LEU D 1257 41.73 28.73 31.50
N ILE D 1258 41.45 29.42 30.40
CA ILE D 1258 41.86 30.83 30.30
C ILE D 1258 41.23 31.65 31.43
N ASP D 1259 39.92 31.55 31.59
CA ASP D 1259 39.29 32.29 32.69
C ASP D 1259 39.37 31.56 34.02
N ALA D 1260 39.89 30.33 34.04
CA ALA D 1260 40.32 29.76 35.30
C ALA D 1260 41.62 30.38 35.80
N ASP D 1261 42.31 31.16 34.96
CA ASP D 1261 43.52 31.92 35.28
C ASP D 1261 44.72 31.02 35.60
N ILE D 1262 44.65 29.73 35.27
CA ILE D 1262 45.70 28.77 35.59
C ILE D 1262 46.89 28.82 34.63
N PRO D 1263 46.69 28.82 33.28
CA PRO D 1263 47.81 28.52 32.37
C PRO D 1263 48.95 29.53 32.42
N LYS D 1264 48.80 30.58 33.22
CA LYS D 1264 49.88 31.54 33.41
C LYS D 1264 51.08 30.94 34.13
N THR D 1265 50.91 29.81 34.82
CA THR D 1265 51.94 29.24 35.67
C THR D 1265 52.52 27.93 35.13
N LEU D 1266 52.15 27.52 33.92
CA LEU D 1266 52.59 26.24 33.41
C LEU D 1266 54.09 26.23 33.15
N ASN D 1267 54.74 25.14 33.55
CA ASN D 1267 56.16 24.92 33.25
C ASN D 1267 56.24 24.21 31.90
N THR D 1268 56.58 24.96 30.86
CA THR D 1268 56.63 24.42 29.51
C THR D 1268 57.93 24.70 28.78
N ILE D 1269 58.65 25.76 29.11
CA ILE D 1269 59.91 26.06 28.43
C ILE D 1269 60.98 25.08 28.84
N GLN D 1270 61.83 24.71 27.89
CA GLN D 1270 63.02 23.91 28.20
C GLN D 1270 64.00 24.80 28.96
N PHE D 1271 64.14 24.56 30.25
CA PHE D 1271 64.82 25.50 31.13
C PHE D 1271 66.28 25.69 30.74
N THR D 1272 66.62 26.89 30.32
CA THR D 1272 68.01 27.29 30.07
C THR D 1272 68.24 28.62 30.75
N PRO D 1273 68.98 28.66 31.86
CA PRO D 1273 69.10 29.93 32.61
C PRO D 1273 69.97 30.95 31.92
N ARG D 1274 71.02 30.51 31.22
CA ARG D 1274 71.96 31.45 30.62
C ARG D 1274 71.33 32.28 29.51
N TYR D 1275 70.36 31.72 28.80
CA TYR D 1275 69.84 32.36 27.60
C TYR D 1275 68.35 32.66 27.61
N THR D 1276 67.57 32.02 28.49
CA THR D 1276 66.11 32.18 28.45
C THR D 1276 65.55 32.37 29.85
N TRP D 1277 66.25 33.10 30.70
CA TRP D 1277 65.76 33.33 32.05
C TRP D 1277 66.42 34.57 32.63
N LEU D 1278 65.70 35.21 33.56
CA LEU D 1278 66.18 36.40 34.24
C LEU D 1278 66.29 36.13 35.74
N PRO D 1279 67.39 36.50 36.39
CA PRO D 1279 67.51 36.30 37.83
C PRO D 1279 66.57 37.20 38.61
N PRO D 1280 66.27 36.87 39.87
CA PRO D 1280 65.23 37.62 40.59
C PRO D 1280 65.58 39.08 40.84
N GLY D 1281 66.77 39.37 41.33
CA GLY D 1281 67.15 40.73 41.66
C GLY D 1281 67.66 41.54 40.49
N ILE D 1282 67.58 40.99 39.28
CA ILE D 1282 68.13 41.63 38.09
C ILE D 1282 67.08 41.59 36.99
N SER D 1283 67.06 42.62 36.15
CA SER D 1283 66.10 42.69 35.06
C SER D 1283 66.68 43.57 33.95
N LEU D 1284 65.86 43.80 32.92
CA LEU D 1284 66.21 44.75 31.88
C LEU D 1284 66.11 46.16 32.45
N PRO D 1285 66.80 47.12 31.84
CA PRO D 1285 66.70 48.51 32.32
C PRO D 1285 65.28 49.02 32.30
N HIS D 1286 64.96 49.88 33.27
CA HIS D 1286 63.57 50.29 33.48
C HIS D 1286 63.02 51.05 32.29
N ASN D 1287 63.83 51.92 31.66
CA ASN D 1287 63.35 52.70 30.53
C ASN D 1287 63.05 51.80 29.33
N VAL D 1288 63.95 50.86 29.02
CA VAL D 1288 63.66 49.97 27.89
C VAL D 1288 62.51 49.03 28.22
N LEU D 1289 62.37 48.63 29.49
CA LEU D 1289 61.21 47.83 29.88
C LEU D 1289 59.91 48.60 29.67
N ALA D 1290 59.91 49.89 30.02
CA ALA D 1290 58.74 50.72 29.74
C ALA D 1290 58.50 50.81 28.24
N LEU D 1291 59.57 50.89 27.45
CA LEU D 1291 59.41 50.91 26.00
C LEU D 1291 58.75 49.63 25.49
N TRP D 1292 59.17 48.48 26.03
CA TRP D 1292 58.49 47.22 25.70
C TRP D 1292 57.01 47.28 26.08
N ARG D 1293 56.72 47.62 27.33
CA ARG D 1293 55.36 47.51 27.83
C ARG D 1293 54.45 48.62 27.37
N GLU D 1294 55.01 49.75 26.91
CA GLU D 1294 54.18 50.82 26.38
C GLU D 1294 53.93 50.68 24.87
N ASN D 1295 54.86 50.09 24.14
CA ASN D 1295 54.75 49.93 22.68
C ASN D 1295 55.01 48.48 22.30
N PRO D 1296 54.06 47.58 22.58
CA PRO D 1296 54.20 46.21 22.08
C PRO D 1296 54.25 46.13 20.56
N GLU D 1297 53.56 47.04 19.87
CA GLU D 1297 53.58 47.02 18.41
C GLU D 1297 54.97 47.29 17.85
N PHE D 1298 55.76 48.11 18.53
CA PHE D 1298 57.14 48.34 18.09
C PHE D 1298 58.04 47.16 18.46
N ALA D 1299 57.65 46.40 19.49
CA ALA D 1299 58.42 45.23 19.89
C ALA D 1299 58.42 44.13 18.84
N LYS D 1300 57.67 44.30 17.75
CA LYS D 1300 57.60 43.28 16.70
C LYS D 1300 58.97 42.98 16.10
N ILE D 1301 59.76 44.02 15.85
CA ILE D 1301 60.97 43.87 15.05
C ILE D 1301 62.23 44.06 15.89
N ILE D 1302 62.15 43.74 17.17
CA ILE D 1302 63.31 43.83 18.06
C ILE D 1302 64.06 42.51 17.97
N GLY D 1303 65.15 42.49 17.22
CA GLY D 1303 65.94 41.29 17.04
C GLY D 1303 66.93 41.04 18.17
N PRO D 1304 67.42 39.81 18.26
CA PRO D 1304 68.49 39.54 19.23
C PRO D 1304 69.76 40.32 18.94
N HIS D 1305 70.04 40.62 17.67
CA HIS D 1305 71.14 41.52 17.35
C HIS D 1305 70.89 42.90 17.95
N ASN D 1306 69.64 43.37 17.89
CA ASN D 1306 69.28 44.60 18.59
C ASN D 1306 69.43 44.42 20.10
N LEU D 1307 69.04 43.24 20.60
CA LEU D 1307 69.26 42.93 22.01
C LEU D 1307 70.74 42.97 22.37
N ARG D 1308 71.61 42.71 21.40
CA ARG D 1308 73.05 42.80 21.62
C ARG D 1308 73.62 44.18 21.33
N ASP D 1309 72.80 45.12 20.88
CA ASP D 1309 73.29 46.48 20.64
C ASP D 1309 73.60 47.22 21.93
N LEU D 1310 73.04 46.78 23.05
CA LEU D 1310 73.29 47.43 24.35
C LEU D 1310 74.64 46.98 24.89
N ALA D 1311 75.66 47.78 24.61
CA ALA D 1311 76.95 47.65 25.29
C ALA D 1311 76.90 48.49 26.57
N LEU D 1312 76.01 48.07 27.47
CA LEU D 1312 75.68 48.86 28.65
C LEU D 1312 76.85 48.96 29.60
N GLY D 1313 77.08 50.16 30.11
CA GLY D 1313 78.17 50.39 31.04
C GLY D 1313 77.82 49.99 32.46
N ASP D 1314 78.83 50.03 33.32
CA ASP D 1314 78.63 49.71 34.72
C ASP D 1314 77.71 50.72 35.40
N GLU D 1315 77.86 52.00 35.05
CA GLU D 1315 77.05 53.04 35.68
C GLU D 1315 75.56 52.80 35.43
N GLU D 1316 75.18 52.63 34.16
CA GLU D 1316 73.78 52.38 33.84
C GLU D 1316 73.29 51.09 34.49
N SER D 1317 74.14 50.07 34.54
CA SER D 1317 73.72 48.78 35.09
C SER D 1317 73.44 48.87 36.59
N LEU D 1318 74.26 49.62 37.32
CA LEU D 1318 74.21 49.61 38.78
C LEU D 1318 73.72 50.90 39.40
N VAL D 1319 74.38 52.03 39.11
CA VAL D 1319 74.16 53.24 39.89
C VAL D 1319 72.82 53.88 39.56
N LYS D 1320 72.51 54.02 38.26
CA LYS D 1320 71.32 54.76 37.86
C LYS D 1320 70.09 53.87 37.74
N GLY D 1321 70.19 52.77 37.01
CA GLY D 1321 69.07 51.89 36.80
C GLY D 1321 68.42 51.98 35.43
N ASN D 1322 69.00 52.73 34.50
CA ASN D 1322 68.44 52.85 33.16
C ASN D 1322 69.56 53.17 32.18
N CYS D 1323 69.30 52.88 30.90
CA CYS D 1323 70.28 53.12 29.86
C CYS D 1323 70.30 54.61 29.49
N SER D 1324 71.46 55.05 29.00
CA SER D 1324 71.60 56.44 28.59
C SER D 1324 70.75 56.74 27.38
N ASP D 1325 70.34 58.01 27.26
CA ASP D 1325 69.47 58.41 26.16
C ASP D 1325 70.17 58.26 24.82
N ILE D 1326 71.49 58.40 24.77
CA ILE D 1326 72.21 58.15 23.53
C ILE D 1326 72.07 56.69 23.13
N ASN D 1327 72.18 55.78 24.10
CA ASN D 1327 71.97 54.36 23.82
C ASN D 1327 70.51 54.05 23.56
N TYR D 1328 69.60 54.76 24.22
CA TYR D 1328 68.17 54.58 23.97
C TYR D 1328 67.83 54.91 22.52
N ASN D 1329 68.30 56.06 22.03
CA ASN D 1329 68.05 56.46 20.66
C ASN D 1329 68.78 55.55 19.67
N ARG D 1330 70.00 55.13 20.01
CA ARG D 1330 70.72 54.21 19.14
C ARG D 1330 69.95 52.90 19.00
N PHE D 1331 69.41 52.39 20.12
CA PHE D 1331 68.62 51.16 20.09
C PHE D 1331 67.37 51.33 19.25
N VAL D 1332 66.63 52.42 19.44
CA VAL D 1332 65.37 52.56 18.70
C VAL D 1332 65.66 52.72 17.21
N GLU D 1333 66.72 53.46 16.84
CA GLU D 1333 67.06 53.60 15.44
C GLU D 1333 67.54 52.28 14.84
N GLY D 1334 68.35 51.51 15.57
CA GLY D 1334 68.79 50.23 15.06
C GLY D 1334 67.65 49.24 14.90
N CYS D 1335 66.69 49.27 15.82
CA CYS D 1335 65.52 48.41 15.69
C CYS D 1335 64.65 48.81 14.51
N ARG D 1336 64.43 50.12 14.32
CA ARG D 1336 63.66 50.56 13.16
C ARG D 1336 64.41 50.27 11.85
N ALA D 1337 65.73 50.17 11.92
CA ALA D 1337 66.52 49.85 10.72
C ALA D 1337 66.22 48.48 10.17
N ASN D 1338 65.62 47.58 10.96
CA ASN D 1338 65.26 46.26 10.47
C ASN D 1338 64.14 46.32 9.43
N GLY D 1339 63.44 47.45 9.31
CA GLY D 1339 62.39 47.60 8.33
C GLY D 1339 62.87 47.80 6.90
N GLN D 1340 64.17 48.05 6.72
CA GLN D 1340 64.78 48.21 5.41
C GLN D 1340 65.81 47.11 5.15
N SER D 1341 65.51 45.90 5.61
CA SER D 1341 66.38 44.75 5.40
C SER D 1341 65.52 43.50 5.34
N PHE D 1342 66.16 42.36 5.06
CA PHE D 1342 65.44 41.11 4.95
C PHE D 1342 64.88 40.61 6.27
N TYR D 1343 65.32 41.17 7.40
CA TYR D 1343 64.78 40.79 8.69
C TYR D 1343 63.34 41.24 8.89
N ALA D 1344 62.84 42.13 8.04
CA ALA D 1344 61.48 42.63 8.19
C ALA D 1344 60.47 41.50 8.05
N GLY D 1345 59.45 41.53 8.91
CA GLY D 1345 58.39 40.54 8.89
C GLY D 1345 58.68 39.26 9.65
N ALA D 1346 59.88 39.12 10.22
CA ALA D 1346 60.22 37.92 10.97
C ALA D 1346 59.74 38.03 12.41
N ASP D 1347 59.68 36.88 13.08
CA ASP D 1347 59.28 36.80 14.47
C ASP D 1347 60.51 36.71 15.36
N PHE D 1348 60.60 37.60 16.35
CA PHE D 1348 61.75 37.67 17.22
C PHE D 1348 61.40 37.44 18.68
N SER D 1349 60.11 37.35 19.03
CA SER D 1349 59.72 37.24 20.43
C SER D 1349 60.05 35.86 21.01
N SER D 1350 60.19 34.85 20.15
CA SER D 1350 60.40 33.50 20.63
C SER D 1350 61.65 33.35 21.47
N GLU D 1351 62.62 34.24 21.32
CA GLU D 1351 63.86 34.19 22.08
C GLU D 1351 64.05 35.38 23.02
N VAL D 1352 63.08 36.28 23.11
CA VAL D 1352 63.17 37.44 23.98
C VAL D 1352 61.97 37.61 24.89
N ASN D 1353 60.99 36.71 24.83
CA ASN D 1353 59.79 36.85 25.66
C ASN D 1353 60.11 36.73 27.14
N PHE D 1354 61.18 36.01 27.49
CA PHE D 1354 61.59 35.94 28.88
C PHE D 1354 62.09 37.28 29.39
N CYS D 1355 62.64 38.11 28.51
CA CYS D 1355 63.12 39.42 28.92
C CYS D 1355 61.98 40.28 29.44
N VAL D 1356 60.83 40.24 28.78
CA VAL D 1356 59.66 40.95 29.26
C VAL D 1356 58.85 40.11 30.24
N GLY D 1357 58.89 38.79 30.09
CA GLY D 1357 58.12 37.90 30.92
C GLY D 1357 56.98 37.18 30.24
N LEU D 1358 57.01 37.05 28.91
CA LEU D 1358 55.96 36.40 28.16
C LEU D 1358 56.35 34.97 27.82
N VAL D 1359 55.36 34.17 27.43
CA VAL D 1359 55.60 32.77 27.08
C VAL D 1359 54.52 32.35 26.10
N THR D 1360 54.89 31.45 25.19
CA THR D 1360 53.97 30.86 24.23
C THR D 1360 53.75 29.40 24.56
N ILE D 1361 52.49 28.97 24.55
CA ILE D 1361 52.13 27.61 24.96
C ILE D 1361 51.14 27.04 23.95
N PRO D 1362 51.36 25.82 23.45
CA PRO D 1362 50.38 25.21 22.56
C PRO D 1362 49.08 24.88 23.29
N ASN D 1363 48.00 24.81 22.51
CA ASN D 1363 46.68 24.52 23.08
C ASN D 1363 46.64 23.14 23.71
N LYS D 1364 47.25 22.15 23.05
CA LYS D 1364 47.25 20.79 23.57
C LYS D 1364 47.90 20.73 24.94
N VAL D 1365 48.93 21.53 25.19
CA VAL D 1365 49.54 21.57 26.52
C VAL D 1365 48.53 22.06 27.54
N ILE D 1366 47.75 23.07 27.20
CA ILE D 1366 46.71 23.58 28.10
C ILE D 1366 45.70 22.49 28.42
N ALA D 1367 45.21 21.80 27.38
CA ALA D 1367 44.23 20.74 27.60
C ALA D 1367 44.82 19.63 28.47
N ASP D 1368 46.05 19.23 28.19
CA ASP D 1368 46.67 18.15 28.96
C ASP D 1368 46.88 18.54 30.40
N THR D 1369 47.28 19.79 30.67
CA THR D 1369 47.53 20.17 32.05
C THR D 1369 46.21 20.28 32.83
N LEU D 1370 45.15 20.76 32.18
CA LEU D 1370 43.85 20.75 32.86
C LEU D 1370 43.37 19.34 33.15
N GLU D 1371 43.53 18.43 32.18
CA GLU D 1371 43.12 17.05 32.40
C GLU D 1371 43.98 16.39 33.48
N ALA D 1372 45.25 16.76 33.57
CA ALA D 1372 46.11 16.23 34.63
C ALA D 1372 45.69 16.76 36.00
N LEU D 1373 45.27 18.02 36.06
CA LEU D 1373 44.75 18.54 37.32
C LEU D 1373 43.49 17.78 37.75
N LEU D 1374 42.59 17.55 36.80
CA LEU D 1374 41.40 16.77 37.11
C LEU D 1374 41.78 15.35 37.55
N GLY D 1375 42.80 14.78 36.91
CA GLY D 1375 43.23 13.44 37.27
C GLY D 1375 43.82 13.36 38.65
N VAL D 1376 44.62 14.36 39.05
CA VAL D 1376 45.19 14.31 40.39
C VAL D 1376 44.10 14.49 41.43
N ILE D 1377 43.12 15.36 41.14
CA ILE D 1377 41.99 15.49 42.07
C ILE D 1377 41.26 14.17 42.19
N VAL D 1378 41.05 13.47 41.08
CA VAL D 1378 40.43 12.15 41.13
C VAL D 1378 41.24 11.22 42.02
N LYS D 1379 42.51 11.00 41.65
CA LYS D 1379 43.36 10.05 42.36
C LYS D 1379 43.46 10.37 43.85
N ASN D 1380 43.32 11.63 44.22
CA ASN D 1380 43.48 11.97 45.62
C ASN D 1380 42.18 11.92 46.41
N TYR D 1381 41.04 12.32 45.83
CA TYR D 1381 39.83 12.49 46.62
C TYR D 1381 38.59 11.83 46.00
N GLY D 1382 38.75 10.86 45.11
CA GLY D 1382 37.60 10.15 44.60
C GLY D 1382 36.71 10.95 43.67
N LEU D 1383 35.88 10.25 42.91
CA LEU D 1383 34.99 10.90 41.95
C LEU D 1383 34.03 11.87 42.64
N GLN D 1384 33.67 11.58 43.89
CA GLN D 1384 32.75 12.47 44.62
C GLN D 1384 33.28 13.90 44.66
N HIS D 1385 34.46 14.09 45.24
CA HIS D 1385 35.03 15.42 45.31
C HIS D 1385 35.63 15.86 43.99
N ALA D 1386 35.87 14.94 43.05
CA ALA D 1386 36.36 15.34 41.74
C ALA D 1386 35.28 16.00 40.91
N PHE D 1387 34.02 15.59 41.10
CA PHE D 1387 32.94 16.11 40.28
C PHE D 1387 32.77 17.62 40.42
N LYS D 1388 33.11 18.17 41.58
CA LYS D 1388 32.92 19.60 41.82
C LYS D 1388 33.82 20.46 40.94
N MET D 1389 34.92 19.91 40.42
CA MET D 1389 35.79 20.70 39.55
C MET D 1389 35.09 21.11 38.27
N LEU D 1390 34.15 20.29 37.79
CA LEU D 1390 33.40 20.66 36.58
C LEU D 1390 32.64 21.96 36.80
N GLU D 1391 31.99 22.10 37.96
CA GLU D 1391 31.41 23.39 38.31
C GLU D 1391 32.48 24.44 38.50
N TYR D 1392 33.60 24.08 39.12
CA TYR D 1392 34.69 25.03 39.32
C TYR D 1392 35.23 25.53 38.00
N PHE D 1393 35.44 24.62 37.04
CA PHE D 1393 35.88 25.01 35.71
C PHE D 1393 34.71 25.40 34.81
N LYS D 1394 33.48 25.34 35.33
CA LYS D 1394 32.28 25.74 34.60
C LYS D 1394 32.12 24.96 33.30
N ILE D 1395 32.60 23.71 33.29
CA ILE D 1395 32.40 22.85 32.13
C ILE D 1395 30.93 22.45 32.04
N CYS D 1396 30.33 22.06 33.16
CA CYS D 1396 28.92 21.76 33.26
C CYS D 1396 28.19 22.98 33.83
N ARG D 1397 26.91 22.80 34.16
CA ARG D 1397 26.12 23.82 34.83
C ARG D 1397 25.23 23.14 35.86
N ALA D 1398 25.45 23.45 37.13
CA ALA D 1398 24.75 22.76 38.20
C ALA D 1398 23.29 23.20 38.28
N ASP D 1399 22.49 22.41 38.99
CA ASP D 1399 21.10 22.71 39.27
C ASP D 1399 20.78 22.29 40.69
N ILE D 1400 19.74 22.90 41.26
CA ILE D 1400 19.38 22.62 42.64
C ILE D 1400 18.88 21.18 42.79
N ASP D 1401 18.18 20.67 41.77
CA ASP D 1401 17.64 19.32 41.85
C ASP D 1401 18.71 18.24 41.72
N LYS D 1402 19.93 18.60 41.33
CA LYS D 1402 20.98 17.60 41.18
C LYS D 1402 22.36 18.24 41.32
N PRO D 1403 22.89 18.32 42.55
CA PRO D 1403 24.27 18.79 42.71
C PRO D 1403 25.26 17.83 42.08
N LEU D 1404 26.42 18.38 41.70
CA LEU D 1404 27.40 17.59 40.96
C LEU D 1404 27.90 16.39 41.77
N THR D 1405 27.87 16.47 43.10
CA THR D 1405 28.35 15.37 43.92
C THR D 1405 27.46 14.14 43.81
N GLN D 1406 26.25 14.27 43.30
CA GLN D 1406 25.30 13.18 43.20
C GLN D 1406 25.26 12.54 41.82
N LEU D 1407 26.23 12.84 40.96
CA LEU D 1407 26.25 12.24 39.63
C LEU D 1407 26.37 10.73 39.68
N LEU D 1408 27.03 10.18 40.71
CA LEU D 1408 27.14 8.74 40.83
C LEU D 1408 25.76 8.09 40.94
N ASN D 1409 24.77 8.82 41.46
CA ASN D 1409 23.41 8.33 41.59
C ASN D 1409 22.56 8.76 40.39
N LEU D 1410 22.98 8.33 39.21
CA LEU D 1410 22.24 8.63 38.00
C LEU D 1410 20.88 7.92 38.01
N GLU D 1411 19.88 8.61 37.48
CA GLU D 1411 18.54 8.05 37.32
C GLU D 1411 18.21 7.93 35.84
N LEU D 1412 17.54 6.84 35.48
CA LEU D 1412 17.08 6.60 34.12
C LEU D 1412 15.70 7.19 33.87
N GLY D 1413 15.33 8.23 34.63
CA GLY D 1413 14.00 8.81 34.61
C GLY D 1413 13.46 9.12 33.23
N GLY D 1414 12.14 9.03 33.09
CA GLY D 1414 11.46 9.27 31.83
C GLY D 1414 10.46 8.19 31.53
N LYS D 1415 9.71 8.41 30.44
CA LYS D 1415 8.73 7.43 29.98
C LYS D 1415 9.38 6.18 29.41
N LYS D 1416 10.70 6.18 29.21
CA LYS D 1416 11.42 5.07 28.63
C LYS D 1416 11.59 3.90 29.58
N MET D 1417 10.92 3.91 30.74
CA MET D 1417 11.03 2.86 31.74
C MET D 1417 9.62 2.45 32.15
N ARG D 1418 9.18 1.29 31.68
CA ARG D 1418 7.85 0.77 31.99
C ARG D 1418 7.94 -0.12 33.22
N ALA D 1419 7.61 0.43 34.39
CA ALA D 1419 7.65 -0.32 35.64
C ALA D 1419 6.40 -1.15 35.88
N ASN D 1420 5.33 -0.94 35.12
CA ASN D 1420 4.07 -1.63 35.38
C ASN D 1420 4.11 -3.10 34.99
N VAL D 1421 5.03 -3.49 34.12
CA VAL D 1421 5.05 -4.84 33.56
C VAL D 1421 5.63 -5.81 34.58
N ASN D 1422 5.17 -7.06 34.54
CA ASN D 1422 5.59 -8.08 35.48
C ASN D 1422 6.76 -8.89 34.93
N THR D 1423 7.19 -9.88 35.71
CA THR D 1423 8.31 -10.72 35.30
C THR D 1423 7.96 -11.59 34.10
N THR D 1424 6.73 -12.11 34.07
CA THR D 1424 6.34 -13.02 33.00
C THR D 1424 6.35 -12.34 31.63
N GLU D 1425 5.81 -11.12 31.54
CA GLU D 1425 5.73 -10.47 30.25
C GLU D 1425 7.09 -10.00 29.75
N ILE D 1426 7.97 -9.55 30.66
CA ILE D 1426 9.31 -9.18 30.25
C ILE D 1426 10.12 -10.43 29.86
N ASP D 1427 9.89 -11.54 30.56
CA ASP D 1427 10.51 -12.80 30.17
C ASP D 1427 9.92 -13.34 28.88
N GLY D 1428 8.76 -12.84 28.46
CA GLY D 1428 8.24 -13.20 27.15
C GLY D 1428 9.22 -12.90 26.03
N PHE D 1429 10.06 -11.89 26.22
CA PHE D 1429 11.20 -11.65 25.34
C PHE D 1429 12.49 -12.26 25.87
N LEU D 1430 12.66 -12.30 27.19
CA LEU D 1430 13.90 -12.74 27.83
C LEU D 1430 13.85 -14.25 28.02
N ILE D 1431 14.67 -14.98 27.28
CA ILE D 1431 14.67 -16.43 27.28
C ILE D 1431 16.00 -16.93 27.82
N ASN D 1432 15.94 -17.96 28.67
CA ASN D 1432 17.12 -18.55 29.30
C ASN D 1432 17.85 -17.54 30.17
N HIS D 1433 17.14 -17.06 31.19
CA HIS D 1433 17.68 -16.07 32.11
C HIS D 1433 18.92 -16.61 32.83
N TYR D 1434 18.82 -17.84 33.35
CA TYR D 1434 19.92 -18.37 34.17
C TYR D 1434 21.19 -18.57 33.35
N TYR D 1435 21.05 -18.95 32.08
CA TYR D 1435 22.22 -19.14 31.23
C TYR D 1435 23.00 -17.84 31.08
N LEU D 1436 22.29 -16.74 30.78
CA LEU D 1436 22.96 -15.46 30.62
C LEU D 1436 23.52 -14.95 31.94
N GLU D 1437 22.78 -15.14 33.03
CA GLU D 1437 23.29 -14.71 34.34
C GLU D 1437 24.56 -15.46 34.72
N LYS D 1438 24.61 -16.76 34.43
CA LYS D 1438 25.81 -17.54 34.68
C LYS D 1438 26.96 -17.09 33.79
N ASN D 1439 26.68 -16.84 32.51
CA ASN D 1439 27.74 -16.40 31.61
C ASN D 1439 28.34 -15.07 32.04
N LEU D 1440 27.48 -14.13 32.43
CA LEU D 1440 27.97 -12.84 32.94
C LEU D 1440 28.51 -12.95 34.35
N GLY D 1441 28.07 -13.95 35.11
CA GLY D 1441 28.45 -14.04 36.50
C GLY D 1441 27.75 -13.04 37.40
N TYR D 1442 26.61 -12.52 36.98
CA TYR D 1442 25.86 -11.53 37.72
C TYR D 1442 24.45 -12.05 38.02
N THR D 1443 23.71 -11.29 38.81
CA THR D 1443 22.32 -11.59 39.14
C THR D 1443 21.53 -10.30 39.04
N PHE D 1444 20.57 -10.25 38.11
CA PHE D 1444 19.82 -9.03 37.86
C PHE D 1444 18.62 -8.94 38.79
N LYS D 1445 18.53 -7.86 39.55
CA LYS D 1445 17.37 -7.57 40.37
C LYS D 1445 16.28 -6.84 39.60
N ASP D 1446 16.53 -6.50 38.33
CA ASP D 1446 15.52 -5.87 37.50
C ASP D 1446 15.86 -6.24 36.05
N ARG D 1447 15.07 -7.12 35.46
CA ARG D 1447 15.40 -7.68 34.17
C ARG D 1447 15.13 -6.75 33.00
N ARG D 1448 14.45 -5.61 33.22
CA ARG D 1448 14.17 -4.72 32.10
C ARG D 1448 15.44 -4.04 31.58
N TYR D 1449 16.41 -3.78 32.46
CA TYR D 1449 17.68 -3.23 32.00
C TYR D 1449 18.36 -4.19 31.05
N LEU D 1450 18.35 -5.48 31.38
CA LEU D 1450 19.00 -6.48 30.54
C LEU D 1450 18.36 -6.54 29.16
N LEU D 1451 17.03 -6.52 29.09
CA LEU D 1451 16.36 -6.60 27.80
C LEU D 1451 16.52 -5.31 27.01
N GLN D 1452 16.57 -4.17 27.69
CA GLN D 1452 16.87 -2.92 26.99
C GLN D 1452 18.27 -2.97 26.39
N ALA D 1453 19.23 -3.51 27.14
CA ALA D 1453 20.57 -3.71 26.61
C ALA D 1453 20.56 -4.68 25.43
N LEU D 1454 19.67 -5.67 25.47
CA LEU D 1454 19.51 -6.58 24.34
C LEU D 1454 18.61 -6.03 23.25
N THR D 1455 17.95 -4.89 23.49
CA THR D 1455 17.00 -4.33 22.55
C THR D 1455 17.76 -3.58 21.46
N HIS D 1456 17.95 -4.24 20.32
CA HIS D 1456 18.47 -3.55 19.16
C HIS D 1456 17.47 -2.50 18.68
N PRO D 1457 17.95 -1.38 18.13
CA PRO D 1457 17.01 -0.35 17.64
C PRO D 1457 16.06 -0.86 16.57
N SER D 1458 16.38 -1.95 15.89
CA SER D 1458 15.50 -2.52 14.88
C SER D 1458 14.46 -3.46 15.47
N TYR D 1459 14.44 -3.64 16.78
CA TYR D 1459 13.54 -4.61 17.41
C TYR D 1459 12.11 -4.06 17.40
N PRO D 1460 11.17 -4.73 16.74
CA PRO D 1460 9.84 -4.15 16.55
C PRO D 1460 8.83 -4.46 17.66
N THR D 1461 9.04 -5.55 18.40
CA THR D 1461 8.02 -6.04 19.30
C THR D 1461 8.19 -5.58 20.75
N ASN D 1462 9.23 -4.80 21.04
CA ASN D 1462 9.37 -4.23 22.38
C ASN D 1462 8.57 -2.95 22.50
N ARG D 1463 7.94 -2.77 23.66
CA ARG D 1463 7.26 -1.52 23.96
C ARG D 1463 7.50 -1.03 25.38
N ILE D 1464 8.34 -1.69 26.16
CA ILE D 1464 8.50 -1.36 27.57
C ILE D 1464 9.76 -0.52 27.78
N THR D 1465 10.76 -0.74 26.94
CA THR D 1465 12.02 0.00 27.03
C THR D 1465 12.50 0.36 25.63
N GLY D 1466 13.42 1.32 25.58
CA GLY D 1466 14.05 1.73 24.34
C GLY D 1466 15.21 0.83 23.96
N SER D 1467 15.92 1.28 22.92
CA SER D 1467 17.06 0.52 22.42
C SER D 1467 18.22 0.58 23.40
N TYR D 1468 19.26 -0.21 23.11
CA TYR D 1468 20.45 -0.25 23.96
C TYR D 1468 21.31 0.98 23.84
N GLN D 1469 21.02 1.88 22.89
CA GLN D 1469 21.89 3.02 22.63
C GLN D 1469 22.04 3.89 23.87
N GLU D 1470 20.94 4.16 24.57
CA GLU D 1470 21.00 4.96 25.78
C GLU D 1470 21.87 4.29 26.84
N LEU D 1471 21.74 2.97 26.99
CA LEU D 1471 22.55 2.26 27.97
C LEU D 1471 24.01 2.21 27.55
N GLU D 1472 24.28 1.86 26.29
CA GLU D 1472 25.66 1.74 25.87
C GLU D 1472 26.38 3.08 25.90
N PHE D 1473 25.64 4.18 25.77
CA PHE D 1473 26.27 5.49 25.79
C PHE D 1473 26.98 5.74 27.13
N ILE D 1474 26.37 5.32 28.23
CA ILE D 1474 27.03 5.44 29.53
C ILE D 1474 27.93 4.24 29.82
N GLY D 1475 27.61 3.07 29.26
CA GLY D 1475 28.46 1.91 29.46
C GLY D 1475 29.85 2.11 28.90
N ASN D 1476 29.96 2.79 27.76
CA ASN D 1476 31.27 3.07 27.19
C ASN D 1476 32.12 3.89 28.15
N ALA D 1477 31.53 4.94 28.71
CA ALA D 1477 32.26 5.78 29.66
C ALA D 1477 32.65 4.99 30.90
N ILE D 1478 31.73 4.17 31.41
CA ILE D 1478 32.01 3.39 32.62
C ILE D 1478 33.18 2.44 32.37
N LEU D 1479 33.13 1.70 31.26
CA LEU D 1479 34.19 0.76 30.94
C LEU D 1479 35.52 1.49 30.77
N ASP D 1480 35.51 2.58 30.01
CA ASP D 1480 36.75 3.33 29.77
C ASP D 1480 37.35 3.82 31.08
N PHE D 1481 36.52 4.42 31.94
CA PHE D 1481 37.05 4.99 33.18
C PHE D 1481 37.59 3.90 34.09
N LEU D 1482 36.84 2.82 34.26
CA LEU D 1482 37.31 1.76 35.16
C LEU D 1482 38.59 1.12 34.65
N ILE D 1483 38.66 0.84 33.35
CA ILE D 1483 39.85 0.18 32.81
C ILE D 1483 41.04 1.11 32.86
N SER D 1484 40.84 2.41 32.62
CA SER D 1484 41.93 3.37 32.72
C SER D 1484 42.41 3.49 34.15
N ALA D 1485 41.49 3.51 35.12
CA ALA D 1485 41.87 3.56 36.51
C ALA D 1485 42.68 2.33 36.89
N TYR D 1486 42.28 1.16 36.41
CA TYR D 1486 43.03 -0.06 36.71
C TYR D 1486 44.43 -0.01 36.13
N ILE D 1487 44.56 0.34 34.85
CA ILE D 1487 45.87 0.32 34.21
C ILE D 1487 46.78 1.39 34.79
N PHE D 1488 46.23 2.55 35.17
CA PHE D 1488 47.03 3.56 35.86
C PHE D 1488 47.41 3.11 37.25
N GLU D 1489 46.55 2.32 37.91
CA GLU D 1489 46.81 1.90 39.27
C GLU D 1489 47.89 0.82 39.33
N ASN D 1490 47.95 -0.06 38.33
CA ASN D 1490 48.87 -1.19 38.41
C ASN D 1490 49.99 -1.15 37.39
N ASN D 1491 49.71 -0.77 36.14
CA ASN D 1491 50.72 -0.83 35.08
C ASN D 1491 51.56 0.43 35.03
N THR D 1492 52.33 0.64 36.10
CA THR D 1492 53.23 1.79 36.18
C THR D 1492 54.65 1.39 35.77
N LYS D 1493 54.76 0.88 34.55
CA LYS D 1493 56.07 0.43 34.05
C LYS D 1493 56.37 0.97 32.66
N MET D 1494 55.34 1.24 31.86
CA MET D 1494 55.54 1.67 30.48
C MET D 1494 55.36 3.17 30.34
N ASN D 1495 55.80 3.69 29.20
CA ASN D 1495 55.64 5.11 28.90
C ASN D 1495 54.17 5.43 28.62
N PRO D 1496 53.78 6.69 28.78
CA PRO D 1496 52.37 7.05 28.56
C PRO D 1496 51.87 6.74 27.16
N GLY D 1497 52.72 6.80 26.14
CA GLY D 1497 52.27 6.45 24.80
C GLY D 1497 51.85 5.00 24.69
N ALA D 1498 52.69 4.09 25.22
CA ALA D 1498 52.31 2.69 25.25
C ALA D 1498 51.08 2.48 26.13
N LEU D 1499 50.96 3.23 27.22
CA LEU D 1499 49.81 3.11 28.09
C LEU D 1499 48.52 3.47 27.37
N THR D 1500 48.53 4.57 26.61
CA THR D 1500 47.32 4.96 25.90
C THR D 1500 47.07 4.04 24.71
N ASP D 1501 48.11 3.48 24.10
CA ASP D 1501 47.90 2.46 23.08
C ASP D 1501 47.19 1.25 23.67
N LEU D 1502 47.63 0.81 24.85
CA LEU D 1502 46.97 -0.30 25.53
C LEU D 1502 45.52 0.02 25.87
N ARG D 1503 45.29 1.23 26.39
CA ARG D 1503 43.94 1.63 26.75
C ARG D 1503 43.02 1.64 25.53
N SER D 1504 43.50 2.17 24.41
CA SER D 1504 42.71 2.15 23.18
C SER D 1504 42.47 0.72 22.72
N ALA D 1505 43.48 -0.14 22.82
CA ALA D 1505 43.34 -1.52 22.35
C ALA D 1505 42.27 -2.26 23.14
N LEU D 1506 42.27 -2.11 24.47
CA LEU D 1506 41.26 -2.78 25.27
C LEU D 1506 39.86 -2.23 25.00
N VAL D 1507 39.72 -0.90 25.00
CA VAL D 1507 38.40 -0.29 24.82
C VAL D 1507 37.92 -0.37 23.37
N ASN D 1508 38.78 -0.78 22.45
CA ASN D 1508 38.40 -0.84 21.05
C ASN D 1508 37.23 -1.80 20.86
N ASN D 1509 36.35 -1.46 19.91
CA ASN D 1509 35.11 -2.21 19.74
C ASN D 1509 35.37 -3.67 19.36
N THR D 1510 36.43 -3.93 18.60
CA THR D 1510 36.73 -5.31 18.21
C THR D 1510 37.05 -6.17 19.42
N THR D 1511 37.80 -5.63 20.38
CA THR D 1511 38.06 -6.37 21.61
C THR D 1511 36.76 -6.69 22.34
N LEU D 1512 35.83 -5.73 22.37
CA LEU D 1512 34.55 -5.96 23.01
C LEU D 1512 33.77 -7.05 22.29
N ALA D 1513 33.82 -7.06 20.95
CA ALA D 1513 33.14 -8.11 20.19
C ALA D 1513 33.72 -9.47 20.50
N CYS D 1514 35.06 -9.56 20.55
CA CYS D 1514 35.69 -10.84 20.87
C CYS D 1514 35.30 -11.32 22.26
N ILE D 1515 35.28 -10.41 23.24
CA ILE D 1515 34.91 -10.79 24.60
C ILE D 1515 33.44 -11.23 24.65
N CYS D 1516 32.57 -10.51 23.93
CA CYS D 1516 31.15 -10.87 23.93
C CYS D 1516 30.93 -12.25 23.32
N VAL D 1517 31.61 -12.54 22.22
CA VAL D 1517 31.46 -13.86 21.59
C VAL D 1517 32.05 -14.95 22.47
N ARG D 1518 33.20 -14.65 23.12
CA ARG D 1518 33.87 -15.66 23.93
C ARG D 1518 32.99 -16.17 25.06
N HIS D 1519 32.11 -15.32 25.58
CA HIS D 1519 31.16 -15.72 26.61
C HIS D 1519 29.78 -16.06 26.03
N ARG D 1520 29.62 -15.97 24.71
CA ARG D 1520 28.42 -16.44 24.01
C ARG D 1520 27.16 -15.68 24.42
N LEU D 1521 27.25 -14.35 24.43
CA LEU D 1521 26.08 -13.51 24.65
C LEU D 1521 25.38 -13.11 23.36
N HIS D 1522 25.94 -13.42 22.20
CA HIS D 1522 25.28 -13.09 20.94
C HIS D 1522 24.00 -13.89 20.72
N PHE D 1523 23.82 -14.99 21.47
CA PHE D 1523 22.58 -15.74 21.38
C PHE D 1523 21.39 -14.91 21.82
N PHE D 1524 21.58 -14.10 22.85
CA PHE D 1524 20.50 -13.33 23.46
C PHE D 1524 20.19 -12.04 22.72
N ILE D 1525 20.96 -11.70 21.69
CA ILE D 1525 20.71 -10.47 20.95
C ILE D 1525 19.35 -10.54 20.26
N LEU D 1526 18.72 -9.38 20.10
CA LEU D 1526 17.40 -9.28 19.49
C LEU D 1526 17.50 -8.37 18.26
N ALA D 1527 17.80 -8.97 17.11
CA ALA D 1527 17.99 -8.21 15.88
C ALA D 1527 17.15 -8.82 14.76
N GLU D 1528 16.63 -7.93 13.91
CA GLU D 1528 15.79 -8.31 12.78
C GLU D 1528 16.28 -7.68 11.49
N ASN D 1529 17.54 -7.90 11.15
CA ASN D 1529 18.03 -7.72 9.80
C ASN D 1529 18.79 -8.98 9.42
N ALA D 1530 18.45 -9.55 8.25
CA ALA D 1530 19.15 -10.74 7.80
C ALA D 1530 20.64 -10.46 7.60
N LYS D 1531 20.96 -9.26 7.09
CA LYS D 1531 22.36 -8.88 6.95
C LYS D 1531 23.09 -8.93 8.29
N LEU D 1532 22.51 -8.30 9.32
CA LEU D 1532 23.19 -8.21 10.60
C LEU D 1532 23.35 -9.59 11.24
N SER D 1533 22.29 -10.40 11.19
CA SER D 1533 22.40 -11.74 11.77
C SER D 1533 23.39 -12.60 11.00
N GLU D 1534 23.44 -12.46 9.68
CA GLU D 1534 24.39 -13.22 8.88
C GLU D 1534 25.83 -12.80 9.20
N ILE D 1535 26.06 -11.50 9.38
CA ILE D 1535 27.40 -11.02 9.74
C ILE D 1535 27.78 -11.53 11.13
N ILE D 1536 26.83 -11.52 12.07
CA ILE D 1536 27.11 -12.03 13.41
C ILE D 1536 27.46 -13.50 13.35
N SER D 1537 26.73 -14.28 12.55
CA SER D 1537 27.02 -15.69 12.39
C SER D 1537 28.41 -15.91 11.80
N LYS D 1538 28.76 -15.14 10.77
CA LYS D 1538 30.08 -15.26 10.18
C LYS D 1538 31.18 -14.94 11.19
N PHE D 1539 30.98 -13.88 11.98
CA PHE D 1539 31.99 -13.50 12.96
C PHE D 1539 32.13 -14.54 14.05
N VAL D 1540 31.02 -15.10 14.54
CA VAL D 1540 31.13 -16.10 15.59
C VAL D 1540 31.75 -17.38 15.04
N ASN D 1541 31.48 -17.70 13.76
CA ASN D 1541 32.16 -18.83 13.13
C ASN D 1541 33.66 -18.59 13.06
N PHE D 1542 34.08 -17.38 12.70
CA PHE D 1542 35.50 -17.08 12.67
C PHE D 1542 36.11 -17.17 14.07
N GLN D 1543 35.41 -16.68 15.08
CA GLN D 1543 35.91 -16.76 16.45
C GLN D 1543 36.06 -18.20 16.90
N GLU D 1544 35.08 -19.05 16.57
CA GLU D 1544 35.21 -20.47 16.90
C GLU D 1544 36.37 -21.11 16.14
N SER D 1545 36.60 -20.65 14.90
CA SER D 1545 37.77 -21.13 14.16
C SER D 1545 39.06 -20.76 14.86
N GLN D 1546 39.12 -19.55 15.41
CA GLN D 1546 40.28 -19.10 16.18
C GLN D 1546 40.23 -19.54 17.64
N GLY D 1547 39.18 -20.25 18.04
CA GLY D 1547 39.09 -20.72 19.41
C GLY D 1547 38.87 -19.63 20.43
N HIS D 1548 38.29 -18.49 20.02
CA HIS D 1548 38.00 -17.34 20.86
C HIS D 1548 39.25 -16.67 21.41
N ARG D 1549 40.43 -17.10 20.97
CA ARG D 1549 41.67 -16.42 21.31
C ARG D 1549 41.77 -15.15 20.45
N VAL D 1550 41.84 -14.00 21.10
CA VAL D 1550 41.80 -12.72 20.39
C VAL D 1550 43.05 -12.60 19.53
N THR D 1551 42.86 -12.51 18.21
CA THR D 1551 43.95 -12.39 17.25
C THR D 1551 43.57 -11.32 16.24
N ASN D 1552 44.47 -11.08 15.29
CA ASN D 1552 44.17 -10.16 14.20
C ASN D 1552 42.99 -10.68 13.37
N TYR D 1553 42.19 -9.74 12.89
CA TYR D 1553 40.92 -10.08 12.24
C TYR D 1553 41.12 -10.23 10.74
N VAL D 1554 41.84 -11.29 10.37
CA VAL D 1554 42.09 -11.64 8.98
C VAL D 1554 41.85 -13.13 8.79
N ARG D 1555 41.17 -13.48 7.71
CA ARG D 1555 41.07 -14.86 7.26
C ARG D 1555 42.11 -15.07 6.16
N ILE D 1556 42.87 -16.14 6.27
CA ILE D 1556 43.87 -16.46 5.24
C ILE D 1556 43.16 -17.20 4.12
N LEU D 1557 43.18 -16.62 2.92
CA LEU D 1557 42.42 -17.19 1.82
C LEU D 1557 43.12 -18.45 1.31
N LEU D 1558 44.35 -18.31 0.82
CA LEU D 1558 45.15 -19.44 0.41
C LEU D 1558 46.62 -19.12 0.68
N GLU D 1559 47.38 -20.14 1.05
CA GLU D 1559 48.79 -20.00 1.41
C GLU D 1559 48.97 -19.02 2.56
N VAL D 1594 42.84 -25.29 6.94
CA VAL D 1594 44.09 -24.89 6.32
C VAL D 1594 43.84 -24.27 4.94
N PRO D 1595 44.42 -23.08 4.70
CA PRO D 1595 44.26 -22.45 3.41
C PRO D 1595 44.97 -23.23 2.33
N PRO D 1596 44.45 -23.23 1.10
CA PRO D 1596 45.12 -23.95 0.01
C PRO D 1596 46.42 -23.28 -0.42
N LYS D 1597 47.03 -23.81 -1.48
CA LYS D 1597 48.28 -23.28 -2.03
C LYS D 1597 48.04 -22.85 -3.47
N GLY D 1598 48.65 -21.75 -3.87
CA GLY D 1598 48.43 -21.24 -5.21
C GLY D 1598 49.57 -20.35 -5.66
N GLU D 1599 49.34 -19.69 -6.81
CA GLU D 1599 50.38 -18.85 -7.40
C GLU D 1599 50.64 -17.60 -6.57
N PHE D 1600 49.65 -17.13 -5.83
CA PHE D 1600 49.77 -15.88 -5.09
C PHE D 1600 49.23 -16.08 -3.68
N ASN D 1601 49.66 -15.20 -2.78
CA ASN D 1601 49.29 -15.26 -1.37
C ASN D 1601 48.47 -14.03 -1.04
N MET D 1602 47.23 -14.23 -0.59
CA MET D 1602 46.34 -13.13 -0.26
C MET D 1602 45.47 -13.48 0.93
N SER D 1603 44.92 -12.43 1.55
CA SER D 1603 44.02 -12.57 2.68
C SER D 1603 43.14 -11.33 2.74
N THR D 1604 42.13 -11.38 3.60
CA THR D 1604 41.19 -10.26 3.73
C THR D 1604 40.72 -10.14 5.17
N ASN D 1605 40.20 -8.97 5.50
CA ASN D 1605 39.71 -8.69 6.84
C ASN D 1605 38.31 -9.24 7.03
N VAL D 1606 38.04 -9.76 8.22
CA VAL D 1606 36.69 -10.15 8.61
C VAL D 1606 35.99 -8.93 9.18
N ASP D 1607 34.72 -8.76 8.78
CA ASP D 1607 33.95 -7.58 9.18
C ASP D 1607 33.39 -7.79 10.59
N VAL D 1608 33.90 -7.02 11.55
CA VAL D 1608 33.42 -7.10 12.92
C VAL D 1608 32.15 -6.26 13.06
N PRO D 1609 31.04 -6.86 13.51
CA PRO D 1609 29.82 -6.07 13.72
C PRO D 1609 29.89 -5.30 15.03
N LYS D 1610 29.52 -4.02 14.99
CA LYS D 1610 29.63 -3.16 16.16
C LYS D 1610 28.60 -3.55 17.23
N ALA D 1611 27.48 -4.14 16.82
CA ALA D 1611 26.42 -4.45 17.78
C ALA D 1611 26.91 -5.41 18.86
N LEU D 1612 27.86 -6.28 18.53
CA LEU D 1612 28.37 -7.23 19.51
C LEU D 1612 29.07 -6.52 20.67
N GLY D 1613 29.84 -5.48 20.37
CA GLY D 1613 30.42 -4.69 21.45
C GLY D 1613 29.42 -3.79 22.11
N ASP D 1614 28.47 -3.26 21.34
CA ASP D 1614 27.47 -2.34 21.90
C ASP D 1614 26.61 -3.03 22.95
N VAL D 1615 26.20 -4.28 22.68
CA VAL D 1615 25.34 -4.97 23.63
C VAL D 1615 26.09 -5.25 24.92
N LEU D 1616 27.38 -5.60 24.84
CA LEU D 1616 28.16 -5.84 26.05
C LEU D 1616 28.36 -4.55 26.83
N GLU D 1617 28.60 -3.44 26.14
CA GLU D 1617 28.70 -2.15 26.84
C GLU D 1617 27.39 -1.81 27.54
N ALA D 1618 26.26 -2.04 26.86
CA ALA D 1618 24.97 -1.77 27.47
C ALA D 1618 24.72 -2.68 28.67
N LEU D 1619 25.17 -3.94 28.60
CA LEU D 1619 25.03 -4.84 29.74
C LEU D 1619 25.87 -4.36 30.92
N ILE D 1620 27.08 -3.88 30.66
CA ILE D 1620 27.90 -3.33 31.74
C ILE D 1620 27.20 -2.14 32.38
N ALA D 1621 26.63 -1.26 31.55
CA ALA D 1621 25.89 -0.12 32.09
C ALA D 1621 24.69 -0.57 32.90
N ALA D 1622 23.97 -1.60 32.43
CA ALA D 1622 22.83 -2.12 33.17
C ALA D 1622 23.27 -2.70 34.51
N VAL D 1623 24.40 -3.40 34.52
CA VAL D 1623 24.95 -3.91 35.78
C VAL D 1623 25.22 -2.77 36.74
N TYR D 1624 25.82 -1.69 36.24
CA TYR D 1624 26.07 -0.53 37.09
C TYR D 1624 24.78 0.05 37.64
N LEU D 1625 23.77 0.21 36.77
CA LEU D 1625 22.51 0.81 37.19
C LEU D 1625 21.77 -0.07 38.19
N ASP D 1626 21.94 -1.39 38.10
CA ASP D 1626 21.22 -2.29 39.00
C ASP D 1626 21.93 -2.41 40.34
N CYS D 1627 23.22 -2.76 40.32
CA CYS D 1627 23.93 -2.95 41.58
C CYS D 1627 24.21 -1.63 42.28
N ARG D 1628 24.52 -0.59 41.51
CA ARG D 1628 24.91 0.72 42.05
C ARG D 1628 26.13 0.61 42.95
N ASP D 1629 26.99 -0.37 42.67
CA ASP D 1629 28.26 -0.53 43.36
C ASP D 1629 29.36 -0.55 42.30
N LEU D 1630 30.30 0.38 42.40
CA LEU D 1630 31.40 0.42 41.44
C LEU D 1630 32.28 -0.81 41.57
N GLN D 1631 32.45 -1.31 42.79
CA GLN D 1631 33.28 -2.51 42.99
C GLN D 1631 32.67 -3.72 42.30
N ARG D 1632 31.35 -3.89 42.39
CA ARG D 1632 30.70 -5.02 41.74
C ARG D 1632 30.85 -4.96 40.23
N THR D 1633 30.64 -3.77 39.65
CA THR D 1633 30.83 -3.60 38.21
C THR D 1633 32.27 -3.86 37.82
N TRP D 1634 33.22 -3.43 38.65
CA TRP D 1634 34.63 -3.69 38.38
C TRP D 1634 34.90 -5.19 38.40
N GLU D 1635 34.31 -5.91 39.36
CA GLU D 1635 34.49 -7.36 39.42
C GLU D 1635 33.96 -8.02 38.16
N VAL D 1636 32.77 -7.61 37.72
CA VAL D 1636 32.19 -8.20 36.51
C VAL D 1636 33.08 -7.92 35.30
N ILE D 1637 33.55 -6.67 35.19
CA ILE D 1637 34.37 -6.28 34.05
C ILE D 1637 35.68 -7.04 34.05
N PHE D 1638 36.31 -7.19 35.23
CA PHE D 1638 37.55 -7.94 35.30
C PHE D 1638 37.33 -9.41 34.95
N ASN D 1639 36.22 -10.00 35.42
CA ASN D 1639 35.93 -11.38 35.06
C ASN D 1639 35.77 -11.53 33.55
N LEU D 1640 35.19 -10.53 32.90
CA LEU D 1640 35.05 -10.58 31.45
C LEU D 1640 36.36 -10.32 30.73
N PHE D 1641 37.25 -9.53 31.33
CA PHE D 1641 38.40 -8.97 30.62
C PHE D 1641 39.74 -9.61 30.98
N GLU D 1642 39.77 -10.54 31.94
CA GLU D 1642 41.05 -11.01 32.46
C GLU D 1642 41.98 -11.59 31.40
N PRO D 1643 41.54 -12.49 30.51
CA PRO D 1643 42.49 -12.99 29.49
C PRO D 1643 43.07 -11.89 28.61
N GLU D 1644 42.23 -10.96 28.16
CA GLU D 1644 42.73 -9.87 27.32
C GLU D 1644 43.58 -8.89 28.12
N LEU D 1645 43.24 -8.67 29.40
CA LEU D 1645 44.08 -7.84 30.23
C LEU D 1645 45.47 -8.44 30.38
N GLN D 1646 45.55 -9.74 30.62
CA GLN D 1646 46.85 -10.39 30.77
C GLN D 1646 47.62 -10.38 29.45
N GLU D 1647 46.95 -10.71 28.35
CA GLU D 1647 47.64 -10.79 27.06
C GLU D 1647 48.16 -9.42 26.62
N PHE D 1648 47.34 -8.38 26.76
CA PHE D 1648 47.71 -7.08 26.25
C PHE D 1648 48.80 -6.42 27.09
N THR D 1649 48.79 -6.65 28.41
CA THR D 1649 49.86 -6.12 29.24
C THR D 1649 51.21 -6.72 28.86
N ARG D 1650 51.23 -8.04 28.59
CA ARG D 1650 52.46 -8.66 28.12
C ARG D 1650 52.88 -8.12 26.76
N LYS D 1651 51.94 -7.96 25.85
CA LYS D 1651 52.22 -7.47 24.50
C LYS D 1651 51.14 -6.48 24.12
N VAL D 1652 51.49 -5.20 24.12
CA VAL D 1652 50.53 -4.12 23.85
C VAL D 1652 50.15 -4.14 22.37
N PRO D 1653 48.87 -4.25 22.04
CA PRO D 1653 48.47 -4.18 20.64
C PRO D 1653 48.56 -2.75 20.12
N ILE D 1654 49.04 -2.62 18.89
CA ILE D 1654 49.16 -1.34 18.23
C ILE D 1654 48.67 -1.48 16.79
N ASN D 1655 48.56 -0.34 16.11
CA ASN D 1655 48.03 -0.34 14.75
C ASN D 1655 48.91 -1.18 13.84
N HIS D 1656 48.25 -1.98 12.98
CA HIS D 1656 48.95 -3.05 12.29
C HIS D 1656 49.96 -2.52 11.27
N ILE D 1657 49.55 -1.59 10.41
CA ILE D 1657 50.49 -1.00 9.45
C ILE D 1657 51.52 -0.14 10.18
N ARG D 1658 51.11 0.54 11.25
CA ARG D 1658 52.08 1.27 12.05
C ARG D 1658 53.07 0.33 12.71
N GLN D 1659 52.59 -0.84 13.16
CA GLN D 1659 53.48 -1.85 13.72
C GLN D 1659 54.46 -2.35 12.66
N LEU D 1660 53.98 -2.59 11.45
CA LEU D 1660 54.84 -3.07 10.38
C LEU D 1660 55.90 -2.03 10.00
N VAL D 1661 55.51 -0.76 9.96
CA VAL D 1661 56.48 0.30 9.71
C VAL D 1661 57.47 0.40 10.86
N GLU D 1662 56.99 0.30 12.10
CA GLU D 1662 57.89 0.32 13.25
C GLU D 1662 58.79 -0.91 13.28
N HIS D 1663 58.41 -1.99 12.60
CA HIS D 1663 59.32 -3.10 12.36
C HIS D 1663 60.12 -2.80 11.09
N LYS D 1664 61.08 -1.87 11.24
CA LYS D 1664 61.85 -1.37 10.11
C LYS D 1664 62.66 -2.47 9.43
N HIS D 1665 62.94 -3.57 10.14
CA HIS D 1665 63.74 -4.65 9.55
C HIS D 1665 63.01 -5.30 8.38
N ALA D 1666 61.67 -5.33 8.42
CA ALA D 1666 60.91 -5.95 7.34
C ALA D 1666 60.94 -5.12 6.07
N LYS D 1667 61.00 -3.80 6.19
CA LYS D 1667 60.98 -2.86 5.07
C LYS D 1667 59.82 -3.17 4.13
N PRO D 1668 58.58 -2.97 4.57
CA PRO D 1668 57.42 -3.33 3.74
C PRO D 1668 57.31 -2.43 2.52
N VAL D 1669 57.42 -3.02 1.33
CA VAL D 1669 57.33 -2.29 0.07
C VAL D 1669 55.94 -2.56 -0.49
N PHE D 1670 55.00 -1.66 -0.16
CA PHE D 1670 53.65 -1.74 -0.69
C PHE D 1670 53.57 -1.11 -2.07
N SER D 1671 53.03 -1.85 -3.03
CA SER D 1671 52.81 -1.30 -4.36
C SER D 1671 51.54 -0.46 -4.39
N SER D 1672 51.38 0.29 -5.46
CA SER D 1672 50.19 1.11 -5.61
C SER D 1672 48.96 0.23 -5.80
N PRO D 1673 47.82 0.58 -5.19
CA PRO D 1673 46.61 -0.23 -5.37
C PRO D 1673 46.08 -0.14 -6.80
N ILE D 1674 45.43 -1.23 -7.21
CA ILE D 1674 44.70 -1.26 -8.48
C ILE D 1674 43.30 -1.80 -8.18
N VAL D 1675 42.34 -1.41 -9.02
CA VAL D 1675 40.93 -1.71 -8.80
C VAL D 1675 40.39 -2.49 -9.99
N GLU D 1676 39.67 -3.57 -9.69
CA GLU D 1676 38.88 -4.29 -10.69
C GLU D 1676 37.46 -4.38 -10.16
N GLY D 1677 36.51 -3.89 -10.94
CA GLY D 1677 35.14 -3.84 -10.45
C GLY D 1677 35.04 -2.89 -9.27
N GLU D 1678 34.56 -3.41 -8.14
CA GLU D 1678 34.41 -2.61 -6.92
C GLU D 1678 35.35 -3.10 -5.82
N THR D 1679 36.29 -3.99 -6.16
CA THR D 1679 37.24 -4.52 -5.20
C THR D 1679 38.64 -4.05 -5.56
N VAL D 1680 39.43 -3.72 -4.53
CA VAL D 1680 40.75 -3.12 -4.70
C VAL D 1680 41.79 -4.06 -4.12
N MET D 1681 42.91 -4.20 -4.82
CA MET D 1681 43.99 -5.10 -4.43
C MET D 1681 45.25 -4.28 -4.16
N VAL D 1682 45.89 -4.55 -3.02
CA VAL D 1682 47.17 -3.94 -2.68
C VAL D 1682 48.19 -5.06 -2.51
N SER D 1683 49.26 -5.01 -3.31
CA SER D 1683 50.33 -5.99 -3.23
C SER D 1683 51.50 -5.42 -2.45
N CYS D 1684 52.09 -6.26 -1.59
CA CYS D 1684 53.20 -5.84 -0.74
C CYS D 1684 54.33 -6.85 -0.84
N GLN D 1685 55.56 -6.36 -0.81
CA GLN D 1685 56.76 -7.18 -0.74
C GLN D 1685 57.58 -6.72 0.46
N PHE D 1686 57.82 -7.63 1.40
CA PHE D 1686 58.52 -7.28 2.62
C PHE D 1686 59.54 -8.37 2.94
N THR D 1687 60.65 -7.95 3.56
CA THR D 1687 61.72 -8.88 3.93
C THR D 1687 61.28 -9.64 5.16
N CYS D 1688 60.83 -10.88 4.96
CA CYS D 1688 60.33 -11.71 6.06
C CYS D 1688 61.47 -12.44 6.76
N MET D 1689 62.51 -11.68 7.09
CA MET D 1689 63.67 -12.10 7.88
C MET D 1689 64.56 -13.08 7.14
N GLU D 1690 64.08 -13.60 6.00
CA GLU D 1690 64.95 -14.34 5.08
C GLU D 1690 64.66 -14.09 3.61
N LYS D 1691 63.50 -13.53 3.25
CA LYS D 1691 63.09 -13.42 1.87
C LYS D 1691 62.17 -12.23 1.71
N THR D 1692 62.05 -11.75 0.46
CA THR D 1692 61.12 -10.67 0.12
C THR D 1692 59.79 -11.32 -0.28
N ILE D 1693 59.01 -11.68 0.75
CA ILE D 1693 57.74 -12.34 0.51
C ILE D 1693 56.74 -11.34 -0.05
N LYS D 1694 55.96 -11.79 -1.03
CA LYS D 1694 54.96 -10.95 -1.69
C LYS D 1694 53.57 -11.37 -1.22
N VAL D 1695 52.79 -10.41 -0.75
CA VAL D 1695 51.46 -10.66 -0.23
C VAL D 1695 50.49 -9.68 -0.89
N TYR D 1696 49.21 -10.08 -0.95
CA TYR D 1696 48.17 -9.28 -1.59
C TYR D 1696 47.02 -9.07 -0.62
N GLY D 1697 46.57 -7.83 -0.50
CA GLY D 1697 45.41 -7.49 0.31
C GLY D 1697 44.23 -7.15 -0.59
N PHE D 1698 43.09 -7.76 -0.28
CA PHE D 1698 41.87 -7.57 -1.04
C PHE D 1698 40.80 -6.96 -0.14
N GLY D 1699 40.16 -5.89 -0.63
CA GLY D 1699 39.11 -5.22 0.11
C GLY D 1699 38.32 -4.30 -0.79
N SER D 1700 37.25 -3.76 -0.23
CA SER D 1700 36.37 -2.88 -0.97
C SER D 1700 36.92 -1.45 -1.09
N ASN D 1701 38.00 -1.13 -0.38
CA ASN D 1701 38.57 0.20 -0.38
C ASN D 1701 40.09 0.08 -0.40
N LYS D 1702 40.75 1.11 -0.93
CA LYS D 1702 42.21 1.07 -1.01
C LYS D 1702 42.85 0.93 0.36
N ASP D 1703 42.35 1.68 1.35
CA ASP D 1703 42.86 1.51 2.71
C ASP D 1703 42.51 0.15 3.28
N GLN D 1704 41.35 -0.39 2.92
CA GLN D 1704 40.96 -1.71 3.40
C GLN D 1704 41.94 -2.77 2.88
N ALA D 1705 42.28 -2.70 1.60
CA ALA D 1705 43.26 -3.63 1.04
C ALA D 1705 44.64 -3.41 1.64
N LYS D 1706 45.01 -2.14 1.86
CA LYS D 1706 46.26 -1.82 2.54
C LYS D 1706 46.33 -2.52 3.89
N LEU D 1707 45.27 -2.40 4.68
CA LEU D 1707 45.24 -3.00 6.02
C LEU D 1707 45.25 -4.52 5.94
N SER D 1708 44.53 -5.10 4.97
CA SER D 1708 44.51 -6.55 4.84
C SER D 1708 45.90 -7.08 4.50
N ALA D 1709 46.57 -6.45 3.54
CA ALA D 1709 47.92 -6.87 3.18
C ALA D 1709 48.88 -6.68 4.35
N ALA D 1710 48.74 -5.57 5.08
CA ALA D 1710 49.60 -5.33 6.23
C ALA D 1710 49.43 -6.40 7.29
N LYS D 1711 48.19 -6.76 7.60
CA LYS D 1711 47.95 -7.78 8.62
C LYS D 1711 48.45 -9.14 8.17
N HIS D 1712 48.26 -9.47 6.89
CA HIS D 1712 48.74 -10.77 6.40
C HIS D 1712 50.27 -10.83 6.42
N ALA D 1713 50.93 -9.74 6.02
CA ALA D 1713 52.38 -9.68 6.12
C ALA D 1713 52.83 -9.80 7.57
N LEU D 1714 52.10 -9.15 8.48
CA LEU D 1714 52.45 -9.23 9.91
C LEU D 1714 52.33 -10.66 10.42
N GLN D 1715 51.27 -11.37 10.04
CA GLN D 1715 51.11 -12.74 10.51
C GLN D 1715 52.17 -13.66 9.91
N GLN D 1716 52.53 -13.44 8.64
CA GLN D 1716 53.60 -14.23 8.04
C GLN D 1716 54.92 -13.97 8.75
N LEU D 1717 55.21 -12.71 9.05
CA LEU D 1717 56.44 -12.37 9.77
C LEU D 1717 56.43 -12.97 11.18
N SER D 1718 55.27 -12.98 11.83
CA SER D 1718 55.17 -13.58 13.15
C SER D 1718 55.42 -15.08 13.09
N LYS D 1719 54.89 -15.75 12.08
CA LYS D 1719 55.12 -17.19 11.93
C LYS D 1719 56.60 -17.49 11.67
N CYS D 1720 57.25 -16.66 10.85
CA CYS D 1720 58.69 -16.84 10.63
C CYS D 1720 59.48 -16.53 11.90
N ASP D 1721 59.01 -15.59 12.71
CA ASP D 1721 59.66 -15.26 13.98
C ASP D 1721 59.14 -16.16 15.09
N ALA D 1722 59.34 -17.46 14.89
CA ALA D 1722 58.90 -18.46 15.86
C ALA D 1722 60.05 -18.86 16.78
N GLU E 188 55.11 -7.18 -23.31
CA GLU E 188 53.76 -6.81 -22.91
C GLU E 188 53.77 -5.95 -21.65
N SER E 189 53.09 -4.81 -21.70
CA SER E 189 52.93 -3.94 -20.54
C SER E 189 51.49 -3.83 -20.09
N MET E 190 50.59 -3.46 -21.00
CA MET E 190 49.16 -3.42 -20.68
C MET E 190 48.55 -4.82 -20.63
N GLU E 191 49.03 -5.73 -21.48
CA GLU E 191 48.49 -7.08 -21.50
C GLU E 191 48.78 -7.82 -20.20
N GLU E 192 50.00 -7.68 -19.66
CA GLU E 192 50.31 -8.29 -18.39
C GLU E 192 49.46 -7.70 -17.26
N LEU E 193 49.32 -6.37 -17.25
CA LEU E 193 48.52 -5.71 -16.23
C LEU E 193 47.09 -6.22 -16.23
N GLU E 194 46.59 -6.66 -17.39
CA GLU E 194 45.25 -7.22 -17.46
C GLU E 194 45.24 -8.69 -17.04
N ALA E 195 46.11 -9.50 -17.63
CA ALA E 195 46.06 -10.94 -17.42
C ALA E 195 46.40 -11.33 -15.98
N LEU E 196 47.41 -10.69 -15.39
CA LEU E 196 47.80 -11.03 -14.02
C LEU E 196 46.69 -10.73 -13.03
N ARG E 197 46.07 -9.55 -13.15
CA ARG E 197 44.97 -9.24 -12.24
C ARG E 197 43.74 -10.08 -12.57
N ARG E 198 43.57 -10.48 -13.83
CA ARG E 198 42.53 -11.44 -14.15
C ARG E 198 42.71 -12.72 -13.35
N LYS E 199 43.92 -13.29 -13.40
CA LYS E 199 44.19 -14.52 -12.66
C LYS E 199 43.97 -14.32 -11.17
N LYS E 200 44.52 -13.23 -10.62
CA LYS E 200 44.43 -12.99 -9.19
C LYS E 200 42.99 -12.85 -8.75
N PHE E 201 42.21 -12.02 -9.45
CA PHE E 201 40.85 -11.73 -9.03
C PHE E 201 39.94 -12.93 -9.27
N THR E 202 40.17 -13.68 -10.35
CA THR E 202 39.39 -14.90 -10.58
C THR E 202 39.64 -15.92 -9.47
N THR E 203 40.90 -16.11 -9.06
CA THR E 203 41.18 -17.00 -7.95
C THR E 203 40.52 -16.49 -6.67
N TYR E 204 40.58 -15.18 -6.44
CA TYR E 204 39.96 -14.59 -5.26
C TYR E 204 38.46 -14.87 -5.22
N TRP E 205 37.76 -14.61 -6.32
CA TRP E 205 36.32 -14.82 -6.35
C TRP E 205 35.98 -16.31 -6.26
N GLU E 206 36.78 -17.16 -6.90
CA GLU E 206 36.54 -18.60 -6.82
C GLU E 206 36.67 -19.09 -5.38
N LEU E 207 37.65 -18.58 -4.65
CA LEU E 207 37.80 -18.99 -3.26
C LEU E 207 36.76 -18.33 -2.35
N LYS E 208 36.26 -17.15 -2.72
CA LYS E 208 35.26 -16.46 -1.92
C LYS E 208 33.88 -17.09 -2.06
N GLU E 209 33.51 -17.52 -3.27
CA GLU E 209 32.13 -17.93 -3.54
C GLU E 209 32.00 -19.30 -4.19
N ALA E 210 33.08 -19.87 -4.75
CA ALA E 210 33.06 -21.15 -5.46
C ALA E 210 32.29 -21.05 -6.77
N GLY E 211 31.73 -19.89 -7.05
CA GLY E 211 31.03 -19.64 -8.29
C GLY E 211 31.15 -18.16 -8.62
N SER E 212 30.21 -17.66 -9.41
CA SER E 212 30.10 -16.25 -9.78
C SER E 212 31.30 -15.75 -10.57
N VAL E 213 32.19 -16.64 -11.00
CA VAL E 213 33.36 -16.26 -11.78
C VAL E 213 33.02 -16.50 -13.26
N ASP E 214 32.99 -15.41 -14.02
CA ASP E 214 32.69 -15.47 -15.45
C ASP E 214 33.99 -15.46 -16.23
N HIS E 215 34.37 -16.63 -16.75
CA HIS E 215 35.53 -16.73 -17.63
C HIS E 215 35.17 -17.50 -18.90
N THR E 216 33.90 -17.42 -19.31
CA THR E 216 33.48 -18.06 -20.56
C THR E 216 33.97 -17.30 -21.78
N GLY E 217 34.24 -16.01 -21.64
CA GLY E 217 34.74 -15.22 -22.75
C GLY E 217 33.71 -14.80 -23.77
N MET E 218 32.42 -14.96 -23.47
CA MET E 218 31.35 -14.63 -24.40
C MET E 218 30.60 -13.39 -23.93
N ARG E 219 30.13 -12.60 -24.89
CA ARG E 219 29.34 -11.43 -24.59
C ARG E 219 28.00 -11.83 -23.99
N LEU E 220 27.52 -11.03 -23.02
CA LEU E 220 26.28 -11.36 -22.34
C LEU E 220 25.09 -11.39 -23.31
N CYS E 221 25.18 -10.66 -24.43
CA CYS E 221 24.15 -10.76 -25.45
C CYS E 221 24.14 -12.12 -26.13
N ASP E 222 25.23 -12.89 -26.01
CA ASP E 222 25.30 -14.20 -26.64
C ASP E 222 25.90 -15.26 -25.73
N ARG E 223 25.97 -15.04 -24.42
CA ARG E 223 26.54 -16.03 -23.52
C ARG E 223 25.71 -17.31 -23.48
N HIS E 224 24.44 -17.25 -23.86
CA HIS E 224 23.59 -18.43 -23.88
C HIS E 224 24.06 -19.48 -24.89
N ASN E 225 24.90 -19.09 -25.84
CA ASN E 225 25.46 -20.04 -26.80
C ASN E 225 26.59 -20.89 -26.24
N TYR E 226 26.81 -20.83 -24.92
CA TYR E 226 27.90 -21.58 -24.30
C TYR E 226 27.75 -23.08 -24.53
N PHE E 227 26.58 -23.64 -24.21
CA PHE E 227 26.37 -25.06 -24.36
C PHE E 227 26.34 -25.47 -25.83
N LYS E 228 26.02 -24.54 -26.73
CA LYS E 228 26.00 -24.88 -28.14
C LYS E 228 27.40 -25.01 -28.72
N ASN E 229 28.38 -24.31 -28.14
CA ASN E 229 29.71 -24.20 -28.72
C ASN E 229 30.70 -25.21 -28.15
N PHE E 230 30.22 -26.24 -27.46
CA PHE E 230 31.10 -27.31 -27.03
C PHE E 230 31.55 -28.16 -28.23
N TYR E 231 32.50 -29.05 -27.97
CA TYR E 231 32.89 -30.00 -28.99
C TYR E 231 31.72 -30.94 -29.30
N PRO E 232 31.60 -31.39 -30.55
CA PRO E 232 30.54 -32.36 -30.86
C PRO E 232 30.67 -33.66 -30.09
N THR E 233 31.87 -33.99 -29.61
CA THR E 233 32.10 -35.26 -28.92
C THR E 233 31.16 -35.41 -27.73
N LEU E 234 31.10 -34.39 -26.87
CA LEU E 234 30.19 -34.43 -25.73
C LEU E 234 28.74 -34.26 -26.18
N LYS E 235 28.51 -33.35 -27.13
CA LYS E 235 27.15 -32.92 -27.46
C LYS E 235 26.34 -34.06 -28.07
N LYS E 236 26.91 -34.80 -29.01
CA LYS E 236 26.14 -35.82 -29.70
C LYS E 236 25.71 -36.93 -28.75
N GLU E 237 26.63 -37.39 -27.90
CA GLU E 237 26.27 -38.45 -26.96
C GLU E 237 25.33 -37.92 -25.89
N ALA E 238 25.48 -36.66 -25.47
CA ALA E 238 24.58 -36.11 -24.47
C ALA E 238 23.16 -36.00 -25.02
N ILE E 239 23.02 -35.54 -26.28
CA ILE E 239 21.67 -35.42 -26.84
C ILE E 239 21.09 -36.80 -27.12
N GLU E 240 21.94 -37.77 -27.48
CA GLU E 240 21.45 -39.14 -27.63
C GLU E 240 20.92 -39.67 -26.30
N ALA E 241 21.64 -39.40 -25.21
CA ALA E 241 21.17 -39.83 -23.89
C ALA E 241 19.87 -39.14 -23.50
N ILE E 242 19.79 -37.82 -23.71
CA ILE E 242 18.60 -37.09 -23.28
C ILE E 242 17.41 -37.42 -24.16
N ASN E 243 17.64 -37.91 -25.38
CA ASN E 243 16.56 -38.35 -26.25
C ASN E 243 16.18 -39.80 -26.02
N SER E 244 16.92 -40.54 -25.19
CA SER E 244 16.65 -41.94 -24.95
C SER E 244 15.54 -42.09 -23.92
N ASP E 245 14.54 -42.91 -24.23
CA ASP E 245 13.36 -43.05 -23.40
C ASP E 245 13.41 -44.26 -22.46
N GLU E 246 14.35 -45.17 -22.65
CA GLU E 246 14.41 -46.38 -21.84
C GLU E 246 14.90 -46.13 -20.42
N TYR E 247 15.31 -44.90 -20.10
CA TYR E 247 15.96 -44.62 -18.84
C TYR E 247 15.08 -45.01 -17.65
N GLU E 248 15.72 -45.50 -16.60
CA GLU E 248 15.01 -46.08 -15.47
C GLU E 248 14.12 -45.05 -14.79
N SER E 249 14.63 -43.83 -14.59
CA SER E 249 13.88 -42.79 -13.92
C SER E 249 14.39 -41.44 -14.40
N SER E 250 13.63 -40.39 -14.09
CA SER E 250 14.04 -39.04 -14.46
C SER E 250 15.34 -38.66 -13.77
N LYS E 251 15.51 -39.05 -12.51
CA LYS E 251 16.75 -38.75 -11.82
C LYS E 251 17.93 -39.44 -12.50
N ASP E 252 17.76 -40.70 -12.86
CA ASP E 252 18.83 -41.45 -13.50
C ASP E 252 19.20 -40.83 -14.83
N LYS E 253 18.18 -40.43 -15.60
CA LYS E 253 18.40 -39.76 -16.88
C LYS E 253 19.15 -38.47 -16.68
N ALA E 254 18.76 -37.67 -15.68
CA ALA E 254 19.43 -36.41 -15.40
C ALA E 254 20.88 -36.63 -15.03
N MET E 255 21.14 -37.58 -14.13
CA MET E 255 22.50 -37.85 -13.70
C MET E 255 23.36 -38.33 -14.86
N ASP E 256 22.82 -39.23 -15.68
CA ASP E 256 23.60 -39.74 -16.81
C ASP E 256 23.90 -38.65 -17.82
N VAL E 257 22.91 -37.80 -18.11
CA VAL E 257 23.14 -36.71 -19.05
C VAL E 257 24.18 -35.73 -18.49
N MET E 258 24.07 -35.40 -17.21
CA MET E 258 25.01 -34.46 -16.60
C MET E 258 26.43 -35.02 -16.59
N SER E 259 26.57 -36.31 -16.27
CA SER E 259 27.88 -36.94 -16.34
C SER E 259 28.39 -37.02 -17.77
N SER E 260 27.48 -37.13 -18.75
CA SER E 260 27.88 -37.20 -20.14
C SER E 260 28.64 -35.95 -20.56
N LEU E 261 28.14 -34.79 -20.18
CA LEU E 261 28.81 -33.53 -20.44
C LEU E 261 29.94 -33.25 -19.46
N LYS E 262 30.30 -34.23 -18.64
CA LYS E 262 31.36 -34.14 -17.64
C LYS E 262 31.11 -33.04 -16.62
N ILE E 263 29.88 -32.52 -16.54
CA ILE E 263 29.58 -31.42 -15.65
C ILE E 263 29.25 -31.99 -14.27
N THR E 264 29.98 -31.55 -13.26
CA THR E 264 29.80 -32.09 -11.92
C THR E 264 28.54 -31.52 -11.28
N PRO E 265 27.78 -32.33 -10.54
CA PRO E 265 26.61 -31.83 -9.83
C PRO E 265 26.98 -31.18 -8.52
N LYS E 266 26.04 -30.39 -8.00
CA LYS E 266 26.14 -29.82 -6.66
C LYS E 266 24.72 -29.51 -6.22
N ILE E 267 24.19 -30.30 -5.30
CA ILE E 267 22.82 -30.17 -4.84
C ILE E 267 22.84 -29.84 -3.35
N SER E 268 22.11 -28.81 -2.96
CA SER E 268 22.02 -28.38 -1.57
C SER E 268 20.58 -28.10 -1.22
N GLU E 269 20.27 -28.19 0.08
CA GLU E 269 18.91 -28.00 0.58
C GLU E 269 18.73 -26.54 0.97
N VAL E 270 17.91 -25.82 0.20
CA VAL E 270 17.55 -24.45 0.53
C VAL E 270 16.49 -24.46 1.62
N GLU E 271 16.64 -23.59 2.61
CA GLU E 271 15.64 -23.48 3.66
C GLU E 271 14.32 -23.00 3.07
N SER E 272 13.22 -23.53 3.61
CA SER E 272 11.91 -23.21 3.06
C SER E 272 10.84 -23.53 4.09
N SER E 273 9.65 -22.96 3.87
CA SER E 273 8.49 -23.27 4.68
C SER E 273 7.72 -24.48 4.17
N SER E 274 8.06 -24.98 2.99
CA SER E 274 7.39 -26.15 2.44
C SER E 274 7.83 -27.42 3.16
N LEU E 275 6.87 -28.30 3.40
CA LEU E 275 7.20 -29.60 3.99
C LEU E 275 8.08 -30.42 3.06
N VAL E 276 7.75 -30.45 1.78
CA VAL E 276 8.63 -31.08 0.80
C VAL E 276 9.88 -30.22 0.63
N PRO E 277 11.09 -30.78 0.77
CA PRO E 277 12.30 -29.95 0.73
C PRO E 277 12.45 -29.22 -0.59
N LEU E 278 12.94 -27.99 -0.51
CA LEU E 278 13.17 -27.14 -1.66
C LEU E 278 14.67 -27.17 -1.97
N LEU E 279 15.04 -27.89 -3.02
CA LEU E 279 16.45 -28.18 -3.31
C LEU E 279 16.93 -27.38 -4.50
N SER E 280 18.13 -26.84 -4.38
CA SER E 280 18.80 -26.12 -5.47
C SER E 280 19.97 -26.93 -5.98
N VAL E 281 20.24 -26.81 -7.28
CA VAL E 281 21.34 -27.51 -7.93
C VAL E 281 22.25 -26.48 -8.59
N GLU E 282 23.55 -26.62 -8.36
CA GLU E 282 24.56 -25.79 -9.01
C GLU E 282 25.42 -26.69 -9.89
N LEU E 283 25.76 -26.20 -11.08
CA LEU E 283 26.45 -27.03 -12.05
C LEU E 283 27.97 -26.88 -11.97
N ASN E 284 28.47 -25.80 -11.37
CA ASN E 284 29.89 -25.56 -11.10
C ASN E 284 30.72 -25.36 -12.37
N CYS E 285 30.09 -25.29 -13.54
CA CYS E 285 30.85 -25.05 -14.76
C CYS E 285 31.19 -23.56 -14.88
N ALA E 286 32.00 -23.25 -15.90
CA ALA E 286 32.42 -21.85 -16.11
C ALA E 286 31.22 -20.94 -16.30
N PHE E 287 30.17 -21.42 -16.95
CA PHE E 287 28.92 -20.69 -17.08
C PHE E 287 28.16 -20.77 -15.76
N ASP E 288 27.97 -19.63 -15.10
CA ASP E 288 27.24 -19.59 -13.84
C ASP E 288 25.78 -19.94 -14.11
N VAL E 289 25.36 -21.13 -13.68
CA VAL E 289 24.00 -21.60 -13.88
C VAL E 289 23.53 -22.30 -12.60
N VAL E 290 22.31 -21.99 -12.19
CA VAL E 290 21.70 -22.59 -11.01
C VAL E 290 20.23 -22.86 -11.29
N LEU E 291 19.74 -24.02 -10.86
CA LEU E 291 18.34 -24.40 -10.99
C LEU E 291 17.83 -24.89 -9.65
N MET E 292 16.54 -24.71 -9.41
CA MET E 292 15.97 -25.14 -8.15
C MET E 292 14.47 -25.39 -8.30
N ALA E 293 13.99 -26.39 -7.57
CA ALA E 293 12.58 -26.75 -7.51
C ALA E 293 12.41 -27.73 -6.35
N LYS E 294 11.22 -28.33 -6.25
CA LYS E 294 11.03 -29.46 -5.36
C LYS E 294 11.87 -30.63 -5.84
N GLU E 295 12.39 -31.42 -4.90
CA GLU E 295 13.29 -32.52 -5.27
C GLU E 295 12.61 -33.54 -6.17
N THR E 296 11.27 -33.60 -6.14
CA THR E 296 10.55 -34.44 -7.09
C THR E 296 10.60 -33.88 -8.51
N ASP E 297 10.93 -32.60 -8.67
CA ASP E 297 10.98 -31.97 -9.98
C ASP E 297 12.35 -31.48 -10.40
N ILE E 298 13.33 -31.41 -9.49
CA ILE E 298 14.63 -30.87 -9.84
C ILE E 298 15.27 -31.68 -10.96
N TYR E 299 15.09 -33.00 -10.93
CA TYR E 299 15.70 -33.83 -11.97
C TYR E 299 15.04 -33.60 -13.32
N ASP E 300 13.71 -33.54 -13.36
CA ASP E 300 13.02 -33.25 -14.61
C ASP E 300 13.29 -31.81 -15.06
N HIS E 301 13.47 -30.90 -14.10
CA HIS E 301 13.86 -29.54 -14.45
C HIS E 301 15.22 -29.51 -15.13
N ILE E 302 16.17 -30.30 -14.63
CA ILE E 302 17.48 -30.42 -15.27
C ILE E 302 17.33 -31.03 -16.66
N ILE E 303 16.45 -32.03 -16.78
CA ILE E 303 16.16 -32.61 -18.09
C ILE E 303 15.70 -31.53 -19.06
N ASP E 304 14.74 -30.71 -18.64
CA ASP E 304 14.21 -29.67 -19.53
C ASP E 304 15.28 -28.64 -19.87
N TYR E 305 16.06 -28.21 -18.88
CA TYR E 305 17.10 -27.22 -19.11
C TYR E 305 18.11 -27.71 -20.14
N PHE E 306 18.65 -28.92 -19.94
CA PHE E 306 19.65 -29.42 -20.87
C PHE E 306 19.03 -29.82 -22.20
N ARG E 307 17.73 -30.15 -22.23
CA ARG E 307 17.08 -30.35 -23.51
C ARG E 307 17.01 -29.06 -24.30
N THR E 308 16.73 -27.94 -23.63
CA THR E 308 16.61 -26.67 -24.33
C THR E 308 17.97 -26.13 -24.76
N MET E 309 18.98 -26.22 -23.87
CA MET E 309 20.27 -25.57 -24.14
C MET E 309 21.08 -26.32 -25.19
N LEU E 310 21.09 -27.65 -25.15
CA LEU E 310 22.12 -28.41 -25.84
C LEU E 310 22.07 -28.31 -27.36
N ILE E 311 20.98 -27.81 -27.94
CA ILE E 311 20.98 -27.61 -29.38
C ILE E 311 21.80 -26.37 -29.72
#